data_7RFE
#
_entry.id   7RFE
#
_cell.length_a   1.00
_cell.length_b   1.00
_cell.length_c   1.00
_cell.angle_alpha   90.00
_cell.angle_beta   90.00
_cell.angle_gamma   90.00
#
_symmetry.space_group_name_H-M   'P 1'
#
loop_
_entity.id
_entity.type
_entity.pdbx_description
1 polymer "Inosine-5'-monophosphate dehydrogenase 1"
2 non-polymer "GUANOSINE-5'-TRIPHOSPHATE"
3 non-polymer "ADENOSINE-5'-TRIPHOSPHATE"
4 non-polymer 'INOSINIC ACID'
#
_entity_poly.entity_id   1
_entity_poly.type   'polypeptide(L)'
_entity_poly.pdbx_seq_one_letter_code
;GYVPEDGLTAQQLFASADGLTYNDFLILPGFIDFIADEVDLTSALTRKITLKTPLISSPMDTVTEADMAIAMALMGGIGF
IHHNCTPEFQANEVRKVKKFEQGFITDPVVLSPSHTVGDVLEAKMRHGFSGIPITETGTMGSKLVGIVTSRDIDFLAEKD
HTTLLSEVMTPRIELVVAPAGVTLKEANEILQRSKKGKLPIVNDCDELVAIIARTDLKKNRDYPLASKDSQKQLLCGAAV
GTREDDKYRLDLLTQAGVDVIVLDSSQGNSVYQIAMVHYIKQKYPHLQVIGGNVVTAAQAKNLIDAGVDGLRVGMGCGSI
CITQEVMACGRPQGTAVYKVAEYARRFGVPIIADGGIQTVGHVVKALALGASTVMMGSLLAATTEAPGEYFFSDGVRLKK
YRGMGSLDAMEKSSSSQKRYFSEGDKVKIAQGVSGSIQDKGSIQKFVPYLIAGIQHGCQDIGARSLSVLRSMMYSGELKF
EKRTMSAQIEGGVHGLHSYEKRLY
;
_entity_poly.pdbx_strand_id   A,B,C,D,E,F,G,H
#
# COMPACT_ATOMS: atom_id res chain seq x y z
N GLY A 1 -21.83 -23.10 -9.01
CA GLY A 1 -20.38 -23.21 -8.77
C GLY A 1 -19.71 -21.84 -8.85
N TYR A 2 -18.60 -21.67 -8.13
CA TYR A 2 -17.90 -20.38 -8.04
C TYR A 2 -16.41 -20.51 -8.39
N VAL A 3 -15.91 -19.60 -9.22
CA VAL A 3 -14.48 -19.42 -9.49
C VAL A 3 -14.02 -18.07 -8.97
N PRO A 4 -12.89 -17.99 -8.26
CA PRO A 4 -12.30 -16.72 -7.86
C PRO A 4 -11.88 -15.91 -9.09
N GLU A 5 -11.79 -14.59 -8.92
CA GLU A 5 -11.56 -13.66 -10.03
C GLU A 5 -10.10 -13.65 -10.50
N ASP A 6 -9.77 -14.24 -11.65
CA ASP A 6 -8.42 -14.23 -12.23
C ASP A 6 -8.03 -12.88 -12.84
N GLY A 7 -6.88 -12.32 -12.48
CA GLY A 7 -6.26 -11.20 -13.18
C GLY A 7 -6.85 -9.82 -12.90
N LEU A 8 -6.22 -8.81 -13.50
CA LEU A 8 -6.55 -7.38 -13.36
C LEU A 8 -7.52 -6.96 -14.45
N THR A 9 -8.40 -6.01 -14.19
CA THR A 9 -9.09 -5.29 -15.28
C THR A 9 -8.14 -4.30 -15.95
N ALA A 10 -8.49 -3.73 -17.09
CA ALA A 10 -7.65 -2.69 -17.71
C ALA A 10 -7.54 -1.46 -16.79
N GLN A 11 -8.61 -1.11 -16.10
CA GLN A 11 -8.60 -0.03 -15.13
C GLN A 11 -7.58 -0.28 -14.02
N GLN A 12 -7.51 -1.48 -13.45
CA GLN A 12 -6.52 -1.84 -12.43
C GLN A 12 -5.09 -1.95 -12.98
N LEU A 13 -4.94 -2.49 -14.19
CA LEU A 13 -3.67 -2.61 -14.88
C LEU A 13 -3.01 -1.23 -15.05
N PHE A 14 -3.77 -0.21 -15.41
CA PHE A 14 -3.28 1.17 -15.58
C PHE A 14 -3.45 2.11 -14.38
N ALA A 15 -4.22 1.77 -13.36
CA ALA A 15 -4.20 2.51 -12.09
C ALA A 15 -2.86 2.33 -11.34
N SER A 16 -2.23 1.16 -11.52
CA SER A 16 -0.84 0.87 -11.14
C SER A 16 0.11 1.87 -11.82
N ALA A 17 0.93 2.61 -11.06
CA ALA A 17 1.56 3.85 -11.56
C ALA A 17 2.60 3.69 -12.71
N ASP A 18 3.23 2.53 -12.87
CA ASP A 18 4.24 2.38 -13.91
C ASP A 18 3.63 2.39 -15.31
N GLY A 19 4.24 3.13 -16.24
CA GLY A 19 3.76 3.17 -17.61
C GLY A 19 4.15 1.90 -18.36
N LEU A 20 3.15 1.23 -18.93
CA LEU A 20 3.27 -0.07 -19.56
C LEU A 20 3.30 0.05 -21.07
N THR A 21 4.19 -0.70 -21.66
CA THR A 21 4.17 -1.06 -23.09
C THR A 21 3.32 -2.28 -23.33
N TYR A 22 3.03 -2.59 -24.58
CA TYR A 22 2.43 -3.86 -24.96
C TYR A 22 3.20 -5.09 -24.45
N ASN A 23 4.53 -5.02 -24.38
CA ASN A 23 5.33 -6.12 -23.86
C ASN A 23 5.12 -6.38 -22.37
N ASP A 24 4.68 -5.40 -21.58
CA ASP A 24 4.54 -5.51 -20.12
C ASP A 24 3.31 -6.28 -19.60
N PHE A 25 2.40 -6.71 -20.46
CA PHE A 25 1.20 -7.40 -20.01
C PHE A 25 0.75 -8.45 -21.02
N LEU A 26 -0.08 -9.36 -20.56
CA LEU A 26 -0.82 -10.36 -21.33
C LEU A 26 -2.30 -10.14 -21.13
N ILE A 27 -3.10 -10.57 -22.09
CA ILE A 27 -4.52 -10.74 -21.90
C ILE A 27 -4.73 -12.18 -21.42
N LEU A 28 -5.57 -12.38 -20.41
CA LEU A 28 -5.95 -13.72 -19.99
C LEU A 28 -6.99 -14.31 -20.97
N PRO A 29 -6.89 -15.59 -21.32
CA PRO A 29 -7.83 -16.24 -22.22
C PRO A 29 -9.23 -16.34 -21.63
N GLY A 30 -10.24 -16.27 -22.48
CA GLY A 30 -11.65 -16.37 -22.13
C GLY A 30 -12.25 -17.73 -22.48
N PHE A 31 -13.50 -17.72 -22.91
CA PHE A 31 -14.24 -18.87 -23.38
C PHE A 31 -14.45 -18.79 -24.89
N ILE A 32 -14.13 -19.85 -25.61
CA ILE A 32 -14.30 -19.95 -27.06
C ILE A 32 -15.61 -20.66 -27.37
N ASP A 33 -16.58 -19.96 -27.94
CA ASP A 33 -17.83 -20.52 -28.45
C ASP A 33 -18.04 -20.35 -29.97
N PHE A 34 -17.02 -19.90 -30.69
CA PHE A 34 -17.10 -19.47 -32.10
C PHE A 34 -15.81 -19.75 -32.86
N ILE A 35 -15.87 -19.78 -34.19
CA ILE A 35 -14.73 -19.98 -35.09
C ILE A 35 -13.96 -18.66 -35.29
N ALA A 36 -12.63 -18.68 -35.33
CA ALA A 36 -11.85 -17.46 -35.50
C ALA A 36 -12.24 -16.68 -36.76
N ASP A 37 -12.49 -17.35 -37.89
CA ASP A 37 -12.92 -16.68 -39.13
C ASP A 37 -14.26 -15.93 -39.01
N GLU A 38 -15.11 -16.26 -38.03
CA GLU A 38 -16.35 -15.54 -37.75
C GLU A 38 -16.15 -14.29 -36.86
N VAL A 39 -14.92 -14.02 -36.39
CA VAL A 39 -14.62 -12.78 -35.67
C VAL A 39 -14.70 -11.55 -36.57
N ASP A 40 -15.53 -10.58 -36.21
CA ASP A 40 -15.70 -9.31 -36.92
C ASP A 40 -14.59 -8.28 -36.58
N LEU A 41 -13.79 -7.89 -37.57
CA LEU A 41 -12.73 -6.88 -37.46
C LEU A 41 -13.16 -5.47 -37.94
N THR A 42 -14.45 -5.22 -38.12
CA THR A 42 -14.97 -3.90 -38.49
C THR A 42 -14.60 -2.82 -37.48
N SER A 43 -14.04 -1.71 -37.97
CA SER A 43 -13.33 -0.74 -37.14
C SER A 43 -13.65 0.71 -37.52
N ALA A 44 -13.99 1.57 -36.57
CA ALA A 44 -14.06 3.01 -36.82
C ALA A 44 -12.64 3.59 -36.98
N LEU A 45 -12.35 4.23 -38.11
CA LEU A 45 -11.14 5.03 -38.33
C LEU A 45 -11.33 6.45 -37.82
N THR A 46 -12.49 7.02 -38.11
CA THR A 46 -12.93 8.33 -37.66
C THR A 46 -14.42 8.25 -37.37
N ARG A 47 -15.04 9.32 -36.85
CA ARG A 47 -16.50 9.41 -36.65
C ARG A 47 -17.35 8.87 -37.82
N LYS A 48 -16.98 9.20 -39.08
CA LYS A 48 -17.73 8.84 -40.31
C LYS A 48 -17.09 7.77 -41.20
N ILE A 49 -15.83 7.37 -41.00
CA ILE A 49 -15.19 6.30 -41.80
C ILE A 49 -15.04 5.04 -40.97
N THR A 50 -15.59 3.94 -41.46
CA THR A 50 -15.43 2.59 -40.97
C THR A 50 -14.66 1.74 -41.98
N LEU A 51 -13.73 0.93 -41.48
CA LEU A 51 -12.92 0.01 -42.26
C LEU A 51 -13.35 -1.41 -41.91
N LYS A 52 -13.34 -2.35 -42.85
CA LYS A 52 -13.63 -3.77 -42.54
C LYS A 52 -12.48 -4.44 -41.78
N THR A 53 -11.39 -3.72 -41.54
CA THR A 53 -10.20 -4.20 -40.87
C THR A 53 -9.52 -3.06 -40.11
N PRO A 54 -8.91 -3.29 -38.94
CA PRO A 54 -8.37 -2.23 -38.09
C PRO A 54 -7.09 -1.58 -38.63
N LEU A 55 -6.53 -2.01 -39.77
CA LEU A 55 -5.12 -1.84 -40.07
C LEU A 55 -4.85 -0.63 -40.95
N ILE A 56 -3.86 0.16 -40.59
CA ILE A 56 -3.50 1.39 -41.27
C ILE A 56 -2.01 1.39 -41.60
N SER A 57 -1.63 1.76 -42.82
CA SER A 57 -0.23 2.05 -43.11
C SER A 57 0.11 3.49 -42.78
N SER A 58 1.17 3.64 -42.02
CA SER A 58 1.63 4.92 -41.53
C SER A 58 2.09 5.86 -42.65
N PRO A 59 1.81 7.18 -42.56
CA PRO A 59 2.28 8.19 -43.49
C PRO A 59 3.77 8.46 -43.39
N MET A 60 4.57 7.53 -43.90
CA MET A 60 6.01 7.65 -43.99
C MET A 60 6.51 7.44 -45.40
N ASP A 61 7.53 8.21 -45.75
CA ASP A 61 8.30 8.19 -47.00
C ASP A 61 8.71 6.78 -47.47
N THR A 62 8.89 5.88 -46.53
CA THR A 62 9.37 4.51 -46.70
C THR A 62 8.31 3.47 -46.38
N VAL A 63 7.05 3.88 -46.18
CA VAL A 63 5.91 2.98 -45.97
C VAL A 63 4.78 3.26 -46.95
N THR A 64 4.26 4.47 -47.08
CA THR A 64 2.99 4.70 -47.78
C THR A 64 3.08 5.72 -48.90
N GLU A 65 3.22 5.24 -50.11
CA GLU A 65 2.81 5.92 -51.35
C GLU A 65 1.60 5.19 -51.96
N ALA A 66 1.23 5.41 -53.22
CA ALA A 66 -0.02 4.89 -53.78
C ALA A 66 -0.14 3.37 -53.76
N ASP A 67 0.93 2.61 -54.02
CA ASP A 67 0.88 1.15 -54.09
C ASP A 67 0.52 0.53 -52.74
N MET A 68 1.06 1.09 -51.66
CA MET A 68 0.73 0.72 -50.30
C MET A 68 -0.69 1.13 -49.97
N ALA A 69 -1.08 2.36 -50.28
CA ALA A 69 -2.44 2.79 -49.99
C ALA A 69 -3.51 2.00 -50.75
N ILE A 70 -3.26 1.61 -52.00
CA ILE A 70 -4.09 0.67 -52.76
C ILE A 70 -4.14 -0.68 -52.04
N ALA A 71 -2.99 -1.29 -51.76
CA ALA A 71 -2.97 -2.61 -51.16
C ALA A 71 -3.59 -2.63 -49.75
N MET A 72 -3.42 -1.58 -48.96
CA MET A 72 -4.10 -1.44 -47.68
C MET A 72 -5.60 -1.29 -47.85
N ALA A 73 -6.08 -0.39 -48.71
CA ALA A 73 -7.50 -0.22 -48.95
C ALA A 73 -8.15 -1.48 -49.51
N LEU A 74 -7.51 -2.20 -50.44
CA LEU A 74 -8.02 -3.47 -50.95
C LEU A 74 -8.14 -4.54 -49.87
N MET A 75 -7.14 -4.65 -49.00
CA MET A 75 -7.21 -5.56 -47.86
C MET A 75 -8.14 -5.10 -46.73
N GLY A 76 -8.86 -3.99 -46.89
CA GLY A 76 -9.87 -3.50 -45.94
C GLY A 76 -9.34 -2.63 -44.82
N GLY A 77 -8.08 -2.25 -44.87
CA GLY A 77 -7.46 -1.19 -44.09
C GLY A 77 -7.52 0.13 -44.84
N ILE A 78 -6.55 1.02 -44.60
CA ILE A 78 -6.37 2.25 -45.36
C ILE A 78 -4.88 2.63 -45.33
N GLY A 79 -4.39 3.37 -46.31
CA GLY A 79 -3.08 3.99 -46.22
C GLY A 79 -3.19 5.49 -46.13
N PHE A 80 -2.39 6.13 -45.29
CA PHE A 80 -2.21 7.57 -45.33
C PHE A 80 -0.95 7.88 -46.10
N ILE A 81 -1.08 8.55 -47.22
CA ILE A 81 0.06 8.88 -48.05
C ILE A 81 0.91 9.94 -47.37
N HIS A 82 2.22 9.70 -47.32
CA HIS A 82 3.17 10.60 -46.67
C HIS A 82 3.28 11.98 -47.35
N HIS A 83 3.83 12.96 -46.65
CA HIS A 83 3.97 14.35 -47.15
C HIS A 83 5.42 14.84 -47.27
N ASN A 84 6.41 13.93 -47.20
CA ASN A 84 7.82 14.19 -47.49
C ASN A 84 8.12 14.14 -49.01
N CYS A 85 7.30 14.88 -49.75
CA CYS A 85 7.25 14.99 -51.19
C CYS A 85 6.55 16.31 -51.51
N THR A 86 6.60 16.80 -52.74
CA THR A 86 5.87 18.01 -53.14
C THR A 86 4.36 17.83 -52.99
N PRO A 87 3.60 18.92 -52.81
CA PRO A 87 2.14 18.88 -52.84
C PRO A 87 1.57 18.16 -54.07
N GLU A 88 2.10 18.46 -55.26
CA GLU A 88 1.64 17.89 -56.53
C GLU A 88 1.93 16.40 -56.61
N PHE A 89 3.11 15.95 -56.15
CA PHE A 89 3.42 14.53 -56.05
C PHE A 89 2.43 13.81 -55.15
N GLN A 90 2.20 14.33 -53.94
CA GLN A 90 1.31 13.69 -52.98
C GLN A 90 -0.12 13.57 -53.51
N ALA A 91 -0.64 14.64 -54.11
CA ALA A 91 -1.97 14.65 -54.72
C ALA A 91 -2.07 13.67 -55.89
N ASN A 92 -1.01 13.48 -56.67
CA ASN A 92 -0.96 12.44 -57.69
C ASN A 92 -0.92 11.03 -57.10
N GLU A 93 -0.23 10.79 -55.98
CA GLU A 93 -0.30 9.51 -55.29
C GLU A 93 -1.70 9.25 -54.76
N VAL A 94 -2.38 10.24 -54.20
CA VAL A 94 -3.80 10.15 -53.81
C VAL A 94 -4.69 9.85 -55.02
N ARG A 95 -4.52 10.56 -56.13
CA ARG A 95 -5.25 10.32 -57.37
C ARG A 95 -5.07 8.89 -57.88
N LYS A 96 -3.87 8.32 -57.86
CA LYS A 96 -3.65 6.90 -58.20
C LYS A 96 -4.45 5.94 -57.31
N VAL A 97 -4.62 6.22 -56.01
CA VAL A 97 -5.49 5.41 -55.15
C VAL A 97 -6.95 5.59 -55.53
N LYS A 98 -7.42 6.83 -55.62
CA LYS A 98 -8.82 7.14 -55.94
C LYS A 98 -9.24 6.64 -57.33
N LYS A 99 -8.34 6.57 -58.30
CA LYS A 99 -8.59 6.03 -59.64
C LYS A 99 -8.41 4.52 -59.75
N PHE A 100 -7.88 3.81 -58.75
CA PHE A 100 -7.57 2.39 -58.91
C PHE A 100 -8.79 1.50 -59.14
N GLU A 101 -9.86 1.69 -58.36
CA GLU A 101 -11.13 0.98 -58.50
C GLU A 101 -12.22 2.04 -58.66
N GLN A 102 -13.22 1.80 -59.49
CA GLN A 102 -14.26 2.78 -59.80
C GLN A 102 -15.64 2.14 -59.89
N GLY A 103 -16.64 2.90 -59.42
CA GLY A 103 -18.04 2.72 -59.81
C GLY A 103 -18.26 3.28 -61.20
N PHE A 104 -19.04 4.36 -61.31
CA PHE A 104 -19.06 5.19 -62.50
C PHE A 104 -17.73 5.93 -62.64
N ILE A 105 -17.00 5.72 -63.73
CA ILE A 105 -15.91 6.62 -64.11
C ILE A 105 -16.57 7.85 -64.71
N THR A 106 -16.65 8.94 -63.94
CA THR A 106 -17.28 10.21 -64.31
C THR A 106 -16.40 11.10 -65.21
N ASP A 107 -15.15 10.67 -65.41
CA ASP A 107 -14.08 11.42 -66.05
C ASP A 107 -13.04 10.50 -66.73
N PRO A 108 -13.47 9.54 -67.59
CA PRO A 108 -12.56 8.66 -68.27
C PRO A 108 -11.61 9.41 -69.20
N VAL A 109 -10.47 8.79 -69.50
CA VAL A 109 -9.58 9.25 -70.58
C VAL A 109 -10.29 9.05 -71.92
N VAL A 110 -10.89 10.12 -72.46
CA VAL A 110 -11.44 10.17 -73.83
C VAL A 110 -10.38 10.63 -74.85
N LEU A 111 -10.56 10.23 -76.11
CA LEU A 111 -9.89 10.79 -77.29
C LEU A 111 -10.90 11.10 -78.40
N SER A 112 -10.52 11.95 -79.36
CA SER A 112 -11.29 12.20 -80.57
C SER A 112 -11.10 11.08 -81.59
N PRO A 113 -12.09 10.76 -82.45
CA PRO A 113 -11.86 9.89 -83.60
C PRO A 113 -10.75 10.38 -84.54
N SER A 114 -10.40 11.67 -84.48
CA SER A 114 -9.27 12.28 -85.19
C SER A 114 -7.88 11.83 -84.69
N HIS A 115 -7.75 11.42 -83.42
CA HIS A 115 -6.49 10.92 -82.83
C HIS A 115 -6.01 9.57 -83.43
N THR A 116 -4.70 9.30 -83.39
CA THR A 116 -4.11 8.04 -83.88
C THR A 116 -3.97 6.96 -82.79
N VAL A 117 -3.78 5.70 -83.18
CA VAL A 117 -3.49 4.59 -82.25
C VAL A 117 -2.22 4.85 -81.41
N GLY A 118 -1.29 5.68 -81.90
CA GLY A 118 -0.17 6.17 -81.11
C GLY A 118 -0.60 7.00 -79.90
N ASP A 119 -1.71 7.74 -79.98
CA ASP A 119 -2.26 8.51 -78.86
C ASP A 119 -2.96 7.59 -77.84
N VAL A 120 -3.56 6.48 -78.30
CA VAL A 120 -4.09 5.43 -77.41
C VAL A 120 -2.95 4.73 -76.66
N LEU A 121 -1.81 4.47 -77.31
CA LEU A 121 -0.61 3.93 -76.70
C LEU A 121 0.11 4.92 -75.78
N GLU A 122 0.10 6.21 -76.09
CA GLU A 122 0.59 7.26 -75.19
C GLU A 122 -0.26 7.30 -73.91
N ALA A 123 -1.59 7.21 -74.05
CA ALA A 123 -2.50 7.12 -72.93
C ALA A 123 -2.26 5.83 -72.13
N LYS A 124 -2.09 4.68 -72.78
CA LYS A 124 -1.72 3.41 -72.14
C LYS A 124 -0.42 3.54 -71.36
N MET A 125 0.62 4.15 -71.94
CA MET A 125 1.92 4.34 -71.28
C MET A 125 1.82 5.25 -70.05
N ARG A 126 1.10 6.37 -70.12
CA ARG A 126 1.04 7.32 -68.99
C ARG A 126 -0.05 7.03 -67.95
N HIS A 127 -1.20 6.50 -68.37
CA HIS A 127 -2.35 6.20 -67.49
C HIS A 127 -2.48 4.74 -67.09
N GLY A 128 -1.85 3.80 -67.80
CA GLY A 128 -1.88 2.37 -67.46
C GLY A 128 -3.08 1.57 -67.96
N PHE A 129 -3.98 2.14 -68.76
CA PHE A 129 -5.09 1.42 -69.41
C PHE A 129 -5.26 1.87 -70.87
N SER A 130 -5.49 0.92 -71.78
CA SER A 130 -5.80 1.18 -73.19
C SER A 130 -7.30 1.30 -73.47
N GLY A 131 -8.19 1.09 -72.50
CA GLY A 131 -9.63 1.18 -72.70
C GLY A 131 -10.13 2.62 -72.72
N ILE A 132 -10.31 3.21 -73.91
CA ILE A 132 -10.51 4.65 -74.10
C ILE A 132 -11.76 4.90 -74.96
N PRO A 133 -12.86 5.42 -74.39
CA PRO A 133 -14.03 5.81 -75.18
C PRO A 133 -13.69 6.99 -76.10
N ILE A 134 -14.24 6.95 -77.31
CA ILE A 134 -13.96 7.94 -78.34
C ILE A 134 -15.18 8.82 -78.52
N THR A 135 -15.04 10.12 -78.29
CA THR A 135 -16.11 11.10 -78.45
C THR A 135 -15.71 12.11 -79.50
N GLU A 136 -16.66 12.64 -80.29
CA GLU A 136 -16.31 13.45 -81.47
C GLU A 136 -15.36 14.63 -81.14
N THR A 137 -15.66 15.36 -80.06
CA THR A 137 -14.84 16.50 -79.57
C THR A 137 -13.49 16.07 -78.96
N GLY A 138 -13.33 14.80 -78.59
CA GLY A 138 -12.18 14.33 -77.80
C GLY A 138 -12.13 14.84 -76.37
N THR A 139 -13.28 15.28 -75.87
CA THR A 139 -13.51 15.79 -74.51
C THR A 139 -14.77 15.14 -73.96
N MET A 140 -14.94 15.14 -72.64
CA MET A 140 -15.80 14.16 -71.95
C MET A 140 -17.27 14.20 -72.39
N GLY A 141 -17.98 15.31 -72.15
CA GLY A 141 -19.42 15.45 -72.39
C GLY A 141 -19.84 15.57 -73.86
N SER A 142 -19.05 15.06 -74.80
CA SER A 142 -19.30 15.06 -76.26
C SER A 142 -20.05 13.81 -76.72
N LYS A 143 -20.68 13.86 -77.91
CA LYS A 143 -21.28 12.69 -78.57
C LYS A 143 -20.29 11.53 -78.72
N LEU A 144 -20.72 10.33 -78.34
CA LEU A 144 -19.93 9.10 -78.42
C LEU A 144 -19.85 8.58 -79.87
N VAL A 145 -18.64 8.28 -80.35
CA VAL A 145 -18.35 7.85 -81.73
C VAL A 145 -17.90 6.40 -81.79
N GLY A 146 -17.24 5.90 -80.76
CA GLY A 146 -16.77 4.52 -80.66
C GLY A 146 -16.05 4.25 -79.33
N ILE A 147 -15.48 3.06 -79.22
CA ILE A 147 -14.64 2.62 -78.11
C ILE A 147 -13.41 1.94 -78.71
N VAL A 148 -12.21 2.26 -78.19
CA VAL A 148 -10.95 1.58 -78.54
C VAL A 148 -10.35 0.96 -77.29
N THR A 149 -9.89 -0.29 -77.37
CA THR A 149 -9.30 -1.03 -76.27
C THR A 149 -8.08 -1.87 -76.69
N SER A 150 -7.42 -2.51 -75.73
CA SER A 150 -6.31 -3.46 -75.90
C SER A 150 -6.42 -4.32 -77.17
N ARG A 151 -7.52 -5.09 -77.33
CA ARG A 151 -7.74 -5.98 -78.49
C ARG A 151 -7.90 -5.25 -79.83
N ASP A 152 -8.35 -4.00 -79.84
CA ASP A 152 -8.46 -3.18 -81.06
C ASP A 152 -7.10 -2.66 -81.54
N ILE A 153 -6.09 -2.63 -80.66
CA ILE A 153 -4.72 -2.18 -80.96
C ILE A 153 -3.72 -3.24 -80.44
N VAL A 168 -10.16 0.89 -86.86
CA VAL A 168 -9.64 0.45 -85.53
C VAL A 168 -10.73 0.29 -84.47
N MET A 169 -11.51 1.32 -84.14
CA MET A 169 -12.52 1.29 -83.08
C MET A 169 -13.59 0.23 -83.26
N THR A 170 -14.23 -0.15 -82.16
CA THR A 170 -15.61 -0.64 -82.23
C THR A 170 -16.54 0.59 -82.33
N PRO A 171 -17.35 0.76 -83.39
CA PRO A 171 -18.11 2.00 -83.65
C PRO A 171 -19.37 2.12 -82.79
N ARG A 172 -19.90 3.34 -82.58
CA ARG A 172 -21.00 3.57 -81.61
C ARG A 172 -22.28 2.79 -81.92
N ILE A 173 -22.53 2.50 -83.20
CA ILE A 173 -23.67 1.69 -83.65
C ILE A 173 -23.65 0.23 -83.15
N GLU A 174 -22.46 -0.31 -82.87
CA GLU A 174 -22.27 -1.72 -82.50
C GLU A 174 -22.08 -1.91 -80.98
N LEU A 175 -21.59 -0.88 -80.28
CA LEU A 175 -21.37 -0.97 -78.83
C LEU A 175 -22.66 -1.01 -77.99
N VAL A 176 -22.57 -1.71 -76.85
CA VAL A 176 -23.63 -1.83 -75.84
C VAL A 176 -23.53 -0.63 -74.90
N VAL A 177 -24.67 -0.09 -74.49
CA VAL A 177 -24.74 1.21 -73.80
C VAL A 177 -25.83 1.19 -72.71
N ALA A 178 -25.76 2.10 -71.74
CA ALA A 178 -26.82 2.34 -70.79
C ALA A 178 -27.18 3.84 -70.70
N PRO A 179 -28.42 4.20 -70.35
CA PRO A 179 -28.84 5.60 -70.31
C PRO A 179 -28.34 6.33 -69.06
N ALA A 180 -28.01 7.61 -69.20
CA ALA A 180 -27.77 8.50 -68.06
C ALA A 180 -28.93 8.45 -67.04
N GLY A 181 -28.61 8.46 -65.74
CA GLY A 181 -29.60 8.26 -64.66
C GLY A 181 -29.85 6.80 -64.28
N VAL A 182 -29.24 5.82 -64.97
CA VAL A 182 -29.13 4.42 -64.51
C VAL A 182 -28.37 4.35 -63.18
N THR A 183 -28.79 3.50 -62.25
CA THR A 183 -28.03 3.30 -60.99
C THR A 183 -26.88 2.32 -61.20
N LEU A 184 -25.82 2.36 -60.38
CA LEU A 184 -24.64 1.53 -60.60
C LEU A 184 -24.96 0.03 -60.65
N LYS A 185 -25.85 -0.43 -59.78
CA LYS A 185 -26.35 -1.83 -59.72
C LYS A 185 -27.04 -2.25 -61.04
N GLU A 186 -27.81 -1.35 -61.68
CA GLU A 186 -28.41 -1.60 -63.00
C GLU A 186 -27.34 -1.64 -64.10
N ALA A 187 -26.40 -0.69 -64.12
CA ALA A 187 -25.32 -0.64 -65.11
C ALA A 187 -24.39 -1.86 -64.99
N ASN A 188 -24.09 -2.32 -63.76
CA ASN A 188 -23.35 -3.56 -63.54
C ASN A 188 -24.07 -4.76 -64.15
N GLU A 189 -25.38 -4.88 -63.94
CA GLU A 189 -26.19 -5.96 -64.52
C GLU A 189 -26.23 -5.88 -66.06
N ILE A 190 -26.31 -4.68 -66.64
CA ILE A 190 -26.17 -4.48 -68.09
C ILE A 190 -24.81 -4.99 -68.58
N LEU A 191 -23.71 -4.62 -67.92
CA LEU A 191 -22.36 -5.05 -68.26
C LEU A 191 -22.15 -6.57 -68.06
N GLN A 192 -22.74 -7.15 -67.02
CA GLN A 192 -22.68 -8.58 -66.69
C GLN A 192 -23.43 -9.44 -67.71
N ARG A 193 -24.60 -8.99 -68.19
CA ARG A 193 -25.34 -9.65 -69.28
C ARG A 193 -24.71 -9.41 -70.64
N SER A 194 -24.16 -8.22 -70.85
CA SER A 194 -23.50 -7.79 -72.10
C SER A 194 -22.27 -8.60 -72.49
N LYS A 195 -21.57 -9.16 -71.50
CA LYS A 195 -20.30 -9.89 -71.66
C LYS A 195 -19.15 -9.09 -72.30
N LYS A 196 -19.24 -7.76 -72.30
CA LYS A 196 -18.16 -6.82 -72.70
C LYS A 196 -17.32 -6.33 -71.52
N GLY A 197 -16.15 -5.77 -71.79
CA GLY A 197 -15.24 -5.26 -70.77
C GLY A 197 -15.52 -3.82 -70.34
N LYS A 198 -16.24 -3.02 -71.14
CA LYS A 198 -16.65 -1.65 -70.81
C LYS A 198 -18.16 -1.48 -71.05
N LEU A 199 -18.76 -0.49 -70.40
CA LEU A 199 -20.13 -0.05 -70.70
C LEU A 199 -20.20 1.47 -70.60
N PRO A 200 -20.26 2.22 -71.72
CA PRO A 200 -20.52 3.65 -71.70
C PRO A 200 -21.93 3.98 -71.19
N ILE A 201 -22.04 5.13 -70.55
CA ILE A 201 -23.29 5.69 -70.05
C ILE A 201 -23.54 6.98 -70.84
N VAL A 202 -24.68 7.07 -71.53
CA VAL A 202 -24.95 8.15 -72.49
C VAL A 202 -26.27 8.86 -72.21
N ASN A 203 -26.29 10.18 -72.37
CA ASN A 203 -27.52 10.97 -72.24
C ASN A 203 -28.38 10.91 -73.52
N ASP A 204 -29.48 11.67 -73.55
CA ASP A 204 -30.45 11.69 -74.65
C ASP A 204 -29.84 12.12 -76.01
N CYS A 205 -28.78 12.92 -76.01
CA CYS A 205 -28.01 13.33 -77.18
C CYS A 205 -26.89 12.34 -77.58
N ASP A 206 -26.87 11.13 -77.02
CA ASP A 206 -25.78 10.14 -77.15
C ASP A 206 -24.41 10.68 -76.71
N GLU A 207 -24.38 11.67 -75.84
CA GLU A 207 -23.15 12.19 -75.24
C GLU A 207 -22.75 11.40 -74.00
N LEU A 208 -21.45 11.10 -73.91
CA LEU A 208 -20.87 10.29 -72.86
C LEU A 208 -20.88 11.05 -71.52
N VAL A 209 -21.52 10.50 -70.48
CA VAL A 209 -21.57 11.11 -69.14
C VAL A 209 -20.79 10.32 -68.09
N ALA A 210 -20.63 9.00 -68.29
CA ALA A 210 -19.77 8.13 -67.49
C ALA A 210 -19.41 6.87 -68.31
N ILE A 211 -18.50 6.05 -67.81
CA ILE A 211 -18.24 4.68 -68.30
C ILE A 211 -17.98 3.77 -67.10
N ILE A 212 -18.16 2.47 -67.23
CA ILE A 212 -17.80 1.48 -66.21
C ILE A 212 -16.99 0.33 -66.85
N ALA A 213 -16.22 -0.40 -66.04
CA ALA A 213 -15.37 -1.48 -66.52
C ALA A 213 -15.64 -2.79 -65.77
N ARG A 214 -15.59 -3.91 -66.50
CA ARG A 214 -15.68 -5.27 -65.95
C ARG A 214 -14.54 -5.56 -64.96
N THR A 215 -13.42 -4.89 -65.15
CA THR A 215 -12.27 -4.87 -64.25
C THR A 215 -12.64 -4.42 -62.84
N ASP A 216 -13.50 -3.43 -62.67
CA ASP A 216 -13.95 -3.02 -61.35
C ASP A 216 -14.86 -4.05 -60.69
N LEU A 217 -15.74 -4.71 -61.43
CA LEU A 217 -16.50 -5.83 -60.88
C LEU A 217 -15.59 -6.97 -60.44
N LYS A 218 -14.52 -7.26 -61.18
CA LYS A 218 -13.54 -8.27 -60.81
C LYS A 218 -12.71 -7.87 -59.58
N LYS A 219 -12.32 -6.60 -59.46
CA LYS A 219 -11.69 -6.07 -58.25
C LYS A 219 -12.62 -6.18 -57.05
N ASN A 220 -13.88 -5.79 -57.21
CA ASN A 220 -14.94 -6.01 -56.23
C ASN A 220 -15.01 -7.50 -55.81
N ARG A 221 -15.03 -8.43 -56.77
CA ARG A 221 -15.09 -9.86 -56.50
C ARG A 221 -13.89 -10.36 -55.73
N ASP A 222 -12.69 -9.97 -56.16
CA ASP A 222 -11.41 -10.45 -55.64
C ASP A 222 -11.05 -9.81 -54.28
N TYR A 223 -11.64 -8.66 -53.93
CA TYR A 223 -11.33 -7.91 -52.71
C TYR A 223 -12.59 -7.61 -51.87
N PRO A 224 -13.18 -8.60 -51.19
CA PRO A 224 -14.42 -8.43 -50.43
C PRO A 224 -14.30 -7.49 -49.23
N LEU A 225 -13.10 -7.35 -48.69
CA LEU A 225 -12.84 -6.48 -47.55
C LEU A 225 -12.63 -5.02 -47.97
N ALA A 226 -12.51 -4.68 -49.25
CA ALA A 226 -11.96 -3.39 -49.68
C ALA A 226 -12.67 -2.17 -49.09
N SER A 227 -11.86 -1.25 -48.58
CA SER A 227 -12.28 0.03 -48.04
C SER A 227 -12.62 0.99 -49.16
N LYS A 228 -13.91 1.23 -49.40
CA LYS A 228 -14.41 2.06 -50.51
C LYS A 228 -15.33 3.18 -50.05
N ASP A 229 -15.36 4.28 -50.80
CA ASP A 229 -16.38 5.31 -50.63
C ASP A 229 -17.69 4.95 -51.35
N SER A 230 -18.67 5.85 -51.27
CA SER A 230 -19.97 5.72 -51.94
C SER A 230 -19.87 5.59 -53.47
N GLN A 231 -18.89 6.23 -54.12
CA GLN A 231 -18.58 6.11 -55.54
C GLN A 231 -17.81 4.82 -55.89
N LYS A 232 -17.64 3.90 -54.93
CA LYS A 232 -16.88 2.66 -55.03
C LYS A 232 -15.38 2.84 -55.32
N GLN A 233 -14.82 4.02 -55.07
CA GLN A 233 -13.39 4.26 -55.15
C GLN A 233 -12.73 3.84 -53.85
N LEU A 234 -11.48 3.41 -53.90
CA LEU A 234 -10.74 3.10 -52.67
C LEU A 234 -10.66 4.34 -51.80
N LEU A 235 -10.80 4.16 -50.48
CA LEU A 235 -10.49 5.21 -49.53
C LEU A 235 -9.00 5.49 -49.48
N CYS A 236 -8.64 6.75 -49.42
CA CYS A 236 -7.26 7.19 -49.26
C CYS A 236 -7.14 8.20 -48.12
N GLY A 237 -6.13 8.03 -47.27
CA GLY A 237 -5.72 9.07 -46.38
C GLY A 237 -4.55 9.86 -46.93
N ALA A 238 -4.30 11.05 -46.39
CA ALA A 238 -3.04 11.73 -46.61
C ALA A 238 -2.58 12.49 -45.38
N ALA A 239 -1.28 12.55 -45.14
CA ALA A 239 -0.74 13.44 -44.14
C ALA A 239 -0.61 14.87 -44.64
N VAL A 240 -0.75 15.84 -43.76
CA VAL A 240 -0.29 17.21 -43.99
C VAL A 240 0.35 17.73 -42.72
N GLY A 241 1.28 18.66 -42.83
CA GLY A 241 1.74 19.40 -41.66
C GLY A 241 0.74 20.47 -41.22
N THR A 242 1.16 21.34 -40.32
CA THR A 242 0.30 22.42 -39.77
C THR A 242 0.80 23.83 -40.09
N ARG A 243 1.68 23.96 -41.10
CA ARG A 243 2.20 25.23 -41.59
C ARG A 243 1.19 25.98 -42.47
N GLU A 244 1.52 27.19 -42.90
CA GLU A 244 0.77 27.84 -43.99
C GLU A 244 0.93 27.12 -45.32
N ASP A 245 2.12 26.63 -45.63
CA ASP A 245 2.41 25.86 -46.85
C ASP A 245 1.47 24.65 -47.03
N ASP A 246 1.03 24.05 -45.91
CA ASP A 246 0.14 22.90 -45.90
C ASP A 246 -1.28 23.19 -46.33
N LYS A 247 -1.73 24.45 -46.35
CA LYS A 247 -3.03 24.85 -46.90
C LYS A 247 -3.11 24.63 -48.42
N TYR A 248 -2.02 24.90 -49.14
CA TYR A 248 -1.96 24.60 -50.57
C TYR A 248 -1.96 23.08 -50.82
N ARG A 249 -1.15 22.33 -50.05
CA ARG A 249 -1.12 20.86 -50.08
C ARG A 249 -2.50 20.27 -49.85
N LEU A 250 -3.18 20.70 -48.81
CA LEU A 250 -4.54 20.28 -48.50
C LEU A 250 -5.54 20.58 -49.62
N ASP A 251 -5.40 21.73 -50.28
CA ASP A 251 -6.23 22.03 -51.44
C ASP A 251 -5.99 21.05 -52.61
N LEU A 252 -4.75 20.74 -52.93
CA LEU A 252 -4.47 19.70 -53.92
C LEU A 252 -4.98 18.31 -53.51
N LEU A 253 -4.80 17.89 -52.26
CA LEU A 253 -5.26 16.59 -51.77
C LEU A 253 -6.79 16.46 -51.79
N THR A 254 -7.52 17.54 -51.48
CA THR A 254 -8.98 17.55 -51.54
C THR A 254 -9.50 17.64 -52.97
N GLN A 255 -8.78 18.29 -53.90
CA GLN A 255 -9.07 18.18 -55.34
C GLN A 255 -8.82 16.76 -55.87
N ALA A 256 -7.75 16.09 -55.41
CA ALA A 256 -7.45 14.70 -55.73
C ALA A 256 -8.48 13.70 -55.15
N GLY A 257 -9.33 14.14 -54.23
CA GLY A 257 -10.44 13.34 -53.67
C GLY A 257 -10.08 12.56 -52.40
N VAL A 258 -9.08 13.00 -51.63
CA VAL A 258 -8.71 12.34 -50.38
C VAL A 258 -9.89 12.32 -49.40
N ASP A 259 -10.07 11.22 -48.69
CA ASP A 259 -11.21 11.01 -47.79
C ASP A 259 -10.95 11.45 -46.36
N VAL A 260 -9.70 11.31 -45.91
CA VAL A 260 -9.28 11.61 -44.55
C VAL A 260 -7.90 12.22 -44.53
N ILE A 261 -7.71 13.25 -43.74
CA ILE A 261 -6.44 13.91 -43.50
C ILE A 261 -5.92 13.49 -42.13
N VAL A 262 -4.64 13.17 -42.03
CA VAL A 262 -3.96 13.11 -40.75
C VAL A 262 -3.02 14.29 -40.61
N LEU A 263 -3.14 15.04 -39.52
CA LEU A 263 -2.22 16.13 -39.19
C LEU A 263 -0.96 15.53 -38.55
N ASP A 264 0.15 15.64 -39.24
CA ASP A 264 1.40 14.97 -38.90
C ASP A 264 2.24 15.85 -37.96
N SER A 265 2.42 15.38 -36.73
CA SER A 265 3.19 16.02 -35.67
C SER A 265 3.65 14.96 -34.68
N SER A 266 4.72 15.17 -33.93
CA SER A 266 5.05 14.30 -32.80
C SER A 266 4.30 14.69 -31.52
N GLN A 267 3.82 15.93 -31.42
CA GLN A 267 3.14 16.49 -30.26
C GLN A 267 2.03 17.41 -30.77
N GLY A 268 0.85 16.85 -30.99
CA GLY A 268 -0.23 17.56 -31.68
C GLY A 268 -1.06 18.48 -30.82
N ASN A 269 -0.83 18.57 -29.52
CA ASN A 269 -1.49 19.55 -28.67
C ASN A 269 -0.83 20.92 -28.78
N SER A 270 -1.07 21.61 -29.88
CA SER A 270 -0.47 22.89 -30.19
C SER A 270 -1.49 23.84 -30.76
N VAL A 271 -1.26 25.14 -30.55
CA VAL A 271 -2.04 26.21 -31.19
C VAL A 271 -2.02 26.06 -32.72
N TYR A 272 -0.91 25.67 -33.32
CA TYR A 272 -0.77 25.50 -34.78
C TYR A 272 -1.65 24.38 -35.30
N GLN A 273 -1.69 23.27 -34.60
CA GLN A 273 -2.55 22.18 -35.00
C GLN A 273 -4.02 22.46 -34.73
N ILE A 274 -4.38 23.03 -33.60
CA ILE A 274 -5.78 23.42 -33.32
C ILE A 274 -6.27 24.40 -34.38
N ALA A 275 -5.47 25.41 -34.72
CA ALA A 275 -5.73 26.32 -35.81
C ALA A 275 -5.91 25.60 -37.15
N MET A 276 -5.07 24.62 -37.47
CA MET A 276 -5.19 23.82 -38.68
C MET A 276 -6.50 23.01 -38.70
N VAL A 277 -6.87 22.30 -37.62
CA VAL A 277 -8.15 21.59 -37.56
C VAL A 277 -9.34 22.54 -37.77
N HIS A 278 -9.35 23.71 -37.13
CA HIS A 278 -10.36 24.74 -37.37
C HIS A 278 -10.42 25.19 -38.82
N TYR A 279 -9.28 25.44 -39.47
CA TYR A 279 -9.24 25.77 -40.89
C TYR A 279 -9.81 24.66 -41.78
N ILE A 280 -9.39 23.41 -41.58
CA ILE A 280 -9.92 22.30 -42.37
C ILE A 280 -11.43 22.14 -42.17
N LYS A 281 -11.92 22.16 -40.94
CA LYS A 281 -13.35 21.94 -40.66
C LYS A 281 -14.24 23.07 -41.20
N GLN A 282 -13.77 24.31 -41.32
CA GLN A 282 -14.54 25.36 -41.97
C GLN A 282 -14.45 25.31 -43.50
N LYS A 283 -13.26 25.08 -44.07
CA LYS A 283 -13.09 25.12 -45.53
C LYS A 283 -13.56 23.84 -46.23
N TYR A 284 -13.24 22.67 -45.66
CA TYR A 284 -13.51 21.34 -46.21
C TYR A 284 -14.39 20.53 -45.26
N PRO A 285 -15.62 20.95 -44.93
CA PRO A 285 -16.41 20.36 -43.83
C PRO A 285 -16.75 18.87 -44.01
N HIS A 286 -16.72 18.36 -45.25
CA HIS A 286 -16.93 16.94 -45.57
C HIS A 286 -15.72 16.05 -45.21
N LEU A 287 -14.55 16.65 -45.07
CA LEU A 287 -13.28 15.97 -44.92
C LEU A 287 -13.06 15.49 -43.48
N GLN A 288 -12.69 14.23 -43.30
CA GLN A 288 -12.40 13.69 -41.99
C GLN A 288 -10.99 14.10 -41.55
N VAL A 289 -10.82 14.57 -40.34
CA VAL A 289 -9.51 14.97 -39.81
C VAL A 289 -9.14 14.09 -38.64
N ILE A 290 -8.03 13.41 -38.78
CA ILE A 290 -7.37 12.72 -37.69
C ILE A 290 -6.31 13.69 -37.20
N GLY A 291 -6.50 14.21 -36.01
CA GLY A 291 -5.48 15.05 -35.44
C GLY A 291 -4.57 14.27 -34.53
N GLY A 292 -3.58 15.00 -34.08
CA GLY A 292 -2.92 14.81 -32.84
C GLY A 292 -2.21 13.53 -32.65
N ASN A 293 -0.89 13.48 -32.81
CA ASN A 293 -0.21 12.48 -32.00
C ASN A 293 -0.34 12.99 -30.57
N VAL A 294 -1.09 12.28 -29.75
CA VAL A 294 -1.34 12.61 -28.36
C VAL A 294 -1.10 11.38 -27.51
N VAL A 295 -0.83 11.57 -26.24
CA VAL A 295 -0.66 10.48 -25.28
C VAL A 295 -1.39 10.70 -23.98
N THR A 296 -2.03 11.84 -23.79
CA THR A 296 -2.77 12.21 -22.60
C THR A 296 -4.18 12.63 -22.95
N ALA A 297 -5.11 12.47 -22.01
CA ALA A 297 -6.46 12.96 -22.18
C ALA A 297 -6.49 14.50 -22.29
N ALA A 298 -5.63 15.21 -21.57
CA ALA A 298 -5.49 16.66 -21.68
C ALA A 298 -5.19 17.12 -23.12
N GLN A 299 -4.27 16.46 -23.83
CA GLN A 299 -4.01 16.74 -25.24
C GLN A 299 -5.19 16.34 -26.12
N ALA A 300 -5.81 15.20 -25.87
CA ALA A 300 -6.95 14.71 -26.63
C ALA A 300 -8.13 15.68 -26.56
N LYS A 301 -8.45 16.21 -25.37
CA LYS A 301 -9.48 17.24 -25.12
C LYS A 301 -9.35 18.41 -26.08
N ASN A 302 -8.19 19.06 -26.17
CA ASN A 302 -8.04 20.24 -27.01
C ASN A 302 -8.32 19.97 -28.48
N LEU A 303 -7.99 18.79 -28.98
CA LEU A 303 -8.21 18.43 -30.38
C LEU A 303 -9.63 17.94 -30.64
N ILE A 304 -10.26 17.28 -29.69
CA ILE A 304 -11.70 16.95 -29.74
C ILE A 304 -12.53 18.23 -29.68
N ASP A 305 -12.15 19.19 -28.82
CA ASP A 305 -12.70 20.55 -28.83
C ASP A 305 -12.45 21.28 -30.15
N ALA A 306 -11.26 21.16 -30.76
CA ALA A 306 -11.00 21.72 -32.09
C ALA A 306 -11.84 21.08 -33.19
N GLY A 307 -12.38 19.89 -32.96
CA GLY A 307 -13.28 19.19 -33.87
C GLY A 307 -12.68 18.02 -34.62
N VAL A 308 -11.59 17.39 -34.17
CA VAL A 308 -11.07 16.20 -34.87
C VAL A 308 -12.08 15.06 -34.88
N ASP A 309 -12.03 14.26 -35.93
CA ASP A 309 -12.84 13.09 -36.15
C ASP A 309 -12.15 11.78 -35.72
N GLY A 310 -10.86 11.81 -35.42
CA GLY A 310 -10.06 10.72 -34.87
C GLY A 310 -8.79 11.27 -34.26
N LEU A 311 -8.08 10.45 -33.49
CA LEU A 311 -6.79 10.82 -32.89
C LEU A 311 -5.73 9.77 -33.17
N ARG A 312 -4.46 10.18 -33.36
CA ARG A 312 -3.33 9.24 -33.31
C ARG A 312 -2.72 9.21 -31.93
N VAL A 313 -2.46 8.04 -31.41
CA VAL A 313 -1.90 7.89 -30.08
C VAL A 313 -0.54 7.28 -30.17
N GLY A 314 0.44 7.96 -29.59
CA GLY A 314 1.81 7.50 -29.64
C GLY A 314 2.78 8.66 -29.61
N MET A 315 3.81 8.56 -28.79
CA MET A 315 4.88 9.53 -28.77
C MET A 315 6.14 8.86 -28.22
N GLY A 316 7.16 8.74 -29.06
CA GLY A 316 8.41 8.07 -28.70
C GLY A 316 8.44 6.59 -29.03
N CYS A 317 7.32 5.89 -28.86
CA CYS A 317 7.12 4.59 -29.50
C CYS A 317 7.20 4.77 -31.03
N GLY A 318 7.53 3.69 -31.73
CA GLY A 318 7.81 3.76 -33.14
C GLY A 318 9.23 3.27 -33.38
N SER A 319 9.41 2.25 -34.20
CA SER A 319 10.67 1.57 -34.40
C SER A 319 11.85 2.50 -34.67
N ILE A 320 11.64 3.49 -35.55
CA ILE A 320 12.63 4.48 -36.00
C ILE A 320 12.71 5.72 -35.11
N CYS A 321 11.88 5.83 -34.08
CA CYS A 321 11.72 7.06 -33.34
C CYS A 321 12.76 7.23 -32.23
N ILE A 322 13.21 8.46 -31.99
CA ILE A 322 14.11 8.85 -30.87
C ILE A 322 13.69 10.16 -30.17
N THR A 323 12.42 10.56 -30.26
CA THR A 323 11.94 11.78 -29.59
C THR A 323 12.06 11.74 -28.08
N GLN A 324 11.88 10.59 -27.44
CA GLN A 324 12.04 10.45 -25.98
C GLN A 324 13.50 10.64 -25.52
N GLU A 325 14.48 10.55 -26.42
CA GLU A 325 15.91 10.72 -26.13
C GLU A 325 16.50 12.01 -26.71
N VAL A 326 15.82 12.70 -27.62
CA VAL A 326 16.23 14.03 -28.10
C VAL A 326 15.45 15.13 -27.39
N MET A 327 14.13 15.05 -27.43
CA MET A 327 13.29 15.64 -26.41
C MET A 327 13.26 14.67 -25.20
N ALA A 328 12.58 15.00 -24.10
CA ALA A 328 12.36 14.02 -23.02
C ALA A 328 10.91 13.46 -23.00
N CYS A 329 10.09 13.86 -23.97
CA CYS A 329 8.65 13.63 -23.96
C CYS A 329 8.23 12.31 -24.55
N GLY A 330 7.21 11.73 -23.95
CA GLY A 330 6.42 10.68 -24.55
C GLY A 330 5.59 9.98 -23.50
N ARG A 331 5.07 8.80 -23.81
CA ARG A 331 4.44 7.91 -22.85
C ARG A 331 4.59 6.46 -23.28
N PRO A 332 4.69 5.50 -22.35
CA PRO A 332 4.61 4.08 -22.71
C PRO A 332 3.30 3.81 -23.46
N GLN A 333 3.39 3.14 -24.59
CA GLN A 333 2.32 3.18 -25.59
C GLN A 333 1.04 2.47 -25.15
N GLY A 334 1.13 1.37 -24.41
CA GLY A 334 -0.05 0.70 -23.85
C GLY A 334 -0.82 1.63 -22.94
N THR A 335 -0.16 2.26 -21.97
CA THR A 335 -0.78 3.29 -21.15
C THR A 335 -1.38 4.43 -21.95
N ALA A 336 -0.67 4.97 -22.94
CA ALA A 336 -1.18 6.04 -23.78
C ALA A 336 -2.45 5.65 -24.53
N VAL A 337 -2.47 4.47 -25.16
CA VAL A 337 -3.62 3.95 -25.89
C VAL A 337 -4.81 3.79 -24.96
N TYR A 338 -4.63 3.15 -23.82
CA TYR A 338 -5.71 2.99 -22.85
C TYR A 338 -6.22 4.33 -22.33
N LYS A 339 -5.34 5.22 -21.85
CA LYS A 339 -5.74 6.51 -21.26
C LYS A 339 -6.50 7.39 -22.24
N VAL A 340 -5.98 7.54 -23.46
CA VAL A 340 -6.60 8.37 -24.47
C VAL A 340 -7.88 7.75 -24.99
N ALA A 341 -7.91 6.46 -25.28
CA ALA A 341 -9.13 5.81 -25.75
C ALA A 341 -10.26 5.83 -24.72
N GLU A 342 -9.95 5.66 -23.44
CA GLU A 342 -10.97 5.69 -22.39
C GLU A 342 -11.57 7.09 -22.24
N TYR A 343 -10.78 8.14 -22.46
CA TYR A 343 -11.29 9.50 -22.57
C TYR A 343 -12.05 9.77 -23.89
N ALA A 344 -11.45 9.51 -25.04
CA ALA A 344 -11.98 9.82 -26.37
C ALA A 344 -13.28 9.08 -26.70
N ARG A 345 -13.53 7.88 -26.14
CA ARG A 345 -14.79 7.13 -26.35
C ARG A 345 -16.03 7.87 -25.82
N ARG A 346 -15.85 8.72 -24.81
CA ARG A 346 -16.91 9.56 -24.23
C ARG A 346 -17.45 10.57 -25.23
N PHE A 347 -16.64 10.92 -26.23
CA PHE A 347 -16.94 11.85 -27.31
C PHE A 347 -17.23 11.16 -28.63
N GLY A 348 -17.20 9.83 -28.68
CA GLY A 348 -17.37 9.04 -29.89
C GLY A 348 -16.20 9.18 -30.89
N VAL A 349 -15.00 9.46 -30.40
CA VAL A 349 -13.82 9.74 -31.24
C VAL A 349 -12.95 8.48 -31.29
N PRO A 350 -12.74 7.86 -32.47
CA PRO A 350 -11.89 6.69 -32.59
C PRO A 350 -10.41 7.00 -32.39
N ILE A 351 -9.69 6.05 -31.83
CA ILE A 351 -8.27 6.12 -31.58
C ILE A 351 -7.51 5.24 -32.54
N ILE A 352 -6.44 5.77 -33.10
CA ILE A 352 -5.42 4.99 -33.77
C ILE A 352 -4.28 4.77 -32.78
N ALA A 353 -3.92 3.53 -32.52
CA ALA A 353 -2.66 3.25 -31.84
C ALA A 353 -1.54 3.29 -32.89
N ASP A 354 -0.61 4.23 -32.77
CA ASP A 354 0.39 4.51 -33.79
C ASP A 354 1.81 4.24 -33.29
N GLY A 355 2.51 3.29 -33.91
CA GLY A 355 3.92 3.01 -33.66
C GLY A 355 4.21 2.12 -32.47
N GLY A 356 5.26 1.30 -32.59
CA GLY A 356 5.62 0.27 -31.62
C GLY A 356 4.89 -1.07 -31.81
N ILE A 357 4.20 -1.26 -32.93
CA ILE A 357 3.54 -2.50 -33.30
C ILE A 357 4.53 -3.43 -34.01
N GLN A 358 5.20 -4.29 -33.27
CA GLN A 358 6.21 -5.21 -33.80
C GLN A 358 5.62 -6.56 -34.22
N THR A 359 4.47 -6.93 -33.67
CA THR A 359 3.89 -8.28 -33.73
C THR A 359 2.36 -8.18 -33.79
N VAL A 360 1.67 -9.22 -34.22
CA VAL A 360 0.21 -9.26 -34.26
C VAL A 360 -0.41 -9.28 -32.85
N GLY A 361 0.29 -9.84 -31.86
CA GLY A 361 -0.10 -9.75 -30.46
C GLY A 361 -0.13 -8.32 -29.96
N HIS A 362 0.77 -7.46 -30.41
CA HIS A 362 0.71 -6.01 -30.15
C HIS A 362 -0.48 -5.34 -30.80
N VAL A 363 -0.90 -5.78 -31.98
CA VAL A 363 -2.15 -5.28 -32.58
C VAL A 363 -3.34 -5.65 -31.73
N VAL A 364 -3.42 -6.89 -31.29
CA VAL A 364 -4.55 -7.35 -30.48
C VAL A 364 -4.57 -6.65 -29.14
N LYS A 365 -3.41 -6.43 -28.52
CA LYS A 365 -3.27 -5.62 -27.31
C LYS A 365 -3.70 -4.19 -27.53
N ALA A 366 -3.26 -3.53 -28.59
CA ALA A 366 -3.67 -2.18 -28.90
C ALA A 366 -5.19 -2.08 -29.03
N LEU A 367 -5.80 -3.00 -29.76
CA LEU A 367 -7.26 -3.06 -29.95
C LEU A 367 -8.01 -3.37 -28.65
N ALA A 368 -7.50 -4.29 -27.85
CA ALA A 368 -8.03 -4.63 -26.54
C ALA A 368 -7.95 -3.44 -25.59
N LEU A 369 -6.88 -2.64 -25.60
CA LEU A 369 -6.73 -1.43 -24.80
C LEU A 369 -7.61 -0.27 -25.23
N GLY A 370 -8.35 -0.37 -26.34
CA GLY A 370 -9.31 0.62 -26.73
C GLY A 370 -9.00 1.31 -28.04
N ALA A 371 -7.87 1.01 -28.69
CA ALA A 371 -7.65 1.49 -30.05
C ALA A 371 -8.74 0.94 -30.97
N SER A 372 -9.29 1.80 -31.80
CA SER A 372 -10.27 1.42 -32.81
C SER A 372 -9.58 0.87 -34.04
N THR A 373 -8.43 1.43 -34.38
CA THR A 373 -7.57 1.05 -35.48
C THR A 373 -6.11 1.12 -35.03
N VAL A 374 -5.22 0.48 -35.78
CA VAL A 374 -3.80 0.37 -35.46
C VAL A 374 -2.99 0.78 -36.68
N MET A 375 -2.03 1.66 -36.48
CA MET A 375 -1.15 2.18 -37.52
C MET A 375 0.25 1.61 -37.40
N MET A 376 0.72 1.03 -38.51
CA MET A 376 2.04 0.41 -38.60
C MET A 376 2.94 1.11 -39.59
N GLY A 377 4.17 1.31 -39.13
CA GLY A 377 5.28 1.71 -39.94
C GLY A 377 6.15 0.53 -40.31
N SER A 378 7.09 0.19 -39.45
CA SER A 378 8.10 -0.85 -39.61
C SER A 378 7.50 -2.21 -39.94
N LEU A 379 6.32 -2.57 -39.45
CA LEU A 379 5.69 -3.85 -39.73
C LEU A 379 5.27 -3.98 -41.21
N LEU A 380 5.07 -2.88 -41.92
CA LEU A 380 4.73 -2.84 -43.34
C LEU A 380 5.90 -2.39 -44.22
N ALA A 381 6.93 -1.77 -43.65
CA ALA A 381 8.18 -1.51 -44.35
C ALA A 381 8.82 -2.84 -44.83
N ALA A 382 9.55 -2.77 -45.94
CA ALA A 382 10.09 -3.96 -46.59
C ALA A 382 9.02 -5.00 -47.04
N THR A 383 7.74 -4.64 -47.07
CA THR A 383 6.82 -5.26 -48.02
C THR A 383 7.09 -4.73 -49.43
N THR A 384 6.57 -5.42 -50.42
CA THR A 384 6.74 -5.16 -51.85
C THR A 384 6.15 -3.80 -52.24
N GLU A 385 4.99 -3.45 -51.68
CA GLU A 385 4.24 -2.25 -51.94
C GLU A 385 4.80 -1.02 -51.23
N ALA A 386 5.71 -1.20 -50.26
CA ALA A 386 6.41 -0.09 -49.63
C ALA A 386 7.37 0.63 -50.62
N PRO A 387 7.52 1.96 -50.59
CA PRO A 387 8.31 2.75 -51.53
C PRO A 387 9.79 2.36 -51.67
N GLY A 388 10.40 2.70 -52.79
CA GLY A 388 11.82 2.46 -53.04
C GLY A 388 12.14 1.00 -53.38
N GLU A 389 13.40 0.62 -53.21
CA GLU A 389 13.94 -0.64 -53.73
C GLU A 389 14.76 -1.41 -52.71
N TYR A 390 14.76 -2.74 -52.90
CA TYR A 390 15.53 -3.65 -52.07
C TYR A 390 17.03 -3.59 -52.40
N PHE A 391 17.85 -3.93 -51.41
CA PHE A 391 19.30 -4.03 -51.49
C PHE A 391 19.80 -5.17 -50.58
N PHE A 392 21.03 -5.62 -50.80
CA PHE A 392 21.75 -6.54 -49.92
C PHE A 392 22.96 -5.83 -49.31
N SER A 393 23.21 -6.02 -48.02
CA SER A 393 24.42 -5.49 -47.35
C SER A 393 25.22 -6.61 -46.68
N ASP A 394 24.59 -7.38 -45.81
CA ASP A 394 25.02 -8.73 -45.41
C ASP A 394 24.36 -9.78 -46.35
N GLY A 395 24.26 -11.05 -45.95
CA GLY A 395 23.47 -12.08 -46.66
C GLY A 395 21.94 -11.91 -46.56
N VAL A 396 21.45 -10.67 -46.49
CA VAL A 396 20.09 -10.29 -46.09
C VAL A 396 19.49 -9.33 -47.13
N ARG A 397 18.27 -9.60 -47.60
CA ARG A 397 17.50 -8.68 -48.46
C ARG A 397 16.79 -7.66 -47.58
N LEU A 398 17.09 -6.39 -47.81
CA LEU A 398 16.66 -5.26 -46.99
C LEU A 398 15.97 -4.21 -47.85
N LYS A 399 15.04 -3.45 -47.27
CA LYS A 399 14.52 -2.19 -47.82
C LYS A 399 14.74 -1.11 -46.75
N LYS A 400 14.98 0.13 -47.17
CA LYS A 400 15.16 1.29 -46.28
C LYS A 400 13.87 1.57 -45.49
N TYR A 401 14.01 2.13 -44.28
CA TYR A 401 12.91 2.56 -43.43
C TYR A 401 13.34 3.76 -42.56
N ARG A 402 12.87 4.97 -42.91
CA ARG A 402 13.52 6.22 -42.51
C ARG A 402 13.09 6.77 -41.15
N GLY A 403 11.79 7.01 -41.00
CA GLY A 403 11.30 7.96 -39.98
C GLY A 403 11.30 9.39 -40.54
N MET A 404 10.19 10.08 -40.44
CA MET A 404 9.92 11.33 -41.18
C MET A 404 10.66 12.55 -40.64
N GLY A 405 11.12 12.46 -39.38
CA GLY A 405 12.06 13.38 -38.75
C GLY A 405 13.48 12.83 -38.73
N SER A 406 13.80 11.75 -39.46
CA SER A 406 15.19 11.41 -39.79
C SER A 406 15.77 12.48 -40.70
N LEU A 407 17.05 12.78 -40.56
CA LEU A 407 17.63 13.94 -41.22
C LEU A 407 17.84 13.74 -42.73
N ASP A 408 17.82 12.50 -43.19
CA ASP A 408 17.78 12.13 -44.61
C ASP A 408 16.37 12.31 -45.20
N ALA A 409 15.30 12.07 -44.42
CA ALA A 409 13.94 12.44 -44.78
C ALA A 409 13.76 13.97 -44.80
N MET A 410 14.28 14.67 -43.78
CA MET A 410 13.96 16.07 -43.47
C MET A 410 14.25 17.02 -44.65
N LYS A 426 22.20 22.92 -36.02
CA LYS A 426 21.31 23.80 -35.21
C LYS A 426 19.85 23.74 -35.69
N VAL A 427 19.54 24.29 -36.86
CA VAL A 427 18.15 24.57 -37.31
C VAL A 427 17.30 23.36 -37.72
N LYS A 428 17.85 22.13 -37.73
CA LYS A 428 17.13 20.87 -38.03
C LYS A 428 17.47 19.80 -36.98
N ILE A 429 16.66 19.67 -35.94
CA ILE A 429 16.76 18.60 -34.93
C ILE A 429 16.19 17.28 -35.49
N ALA A 430 17.02 16.25 -35.59
CA ALA A 430 16.58 14.89 -35.95
C ALA A 430 15.74 14.27 -34.84
N GLN A 431 14.61 13.66 -35.22
CA GLN A 431 13.70 12.90 -34.37
C GLN A 431 13.58 11.41 -34.78
N GLY A 432 14.26 10.98 -35.85
CA GLY A 432 14.25 9.61 -36.39
C GLY A 432 15.62 9.14 -36.91
N VAL A 433 15.74 7.91 -37.42
CA VAL A 433 17.07 7.23 -37.47
C VAL A 433 17.47 6.43 -38.73
N SER A 434 16.74 6.45 -39.85
CA SER A 434 17.25 5.85 -41.11
C SER A 434 17.70 4.40 -40.98
N GLY A 435 16.76 3.50 -40.71
CA GLY A 435 17.02 2.09 -40.57
C GLY A 435 16.90 1.27 -41.87
N SER A 436 17.13 -0.02 -41.69
CA SER A 436 16.86 -1.07 -42.67
C SER A 436 15.89 -2.09 -42.08
N ILE A 437 14.98 -2.65 -42.88
CA ILE A 437 14.04 -3.71 -42.50
C ILE A 437 14.17 -4.86 -43.52
N GLN A 438 14.09 -6.11 -43.05
CA GLN A 438 14.23 -7.31 -43.88
C GLN A 438 12.94 -7.65 -44.64
N ASP A 439 13.05 -8.15 -45.88
CA ASP A 439 11.93 -8.38 -46.82
C ASP A 439 10.78 -9.21 -46.22
N LYS A 440 9.54 -8.74 -46.41
CA LYS A 440 8.30 -9.35 -45.89
C LYS A 440 7.43 -9.98 -46.98
N GLY A 441 7.73 -9.78 -48.27
CA GLY A 441 6.80 -10.14 -49.35
C GLY A 441 5.69 -9.10 -49.52
N SER A 442 4.47 -9.51 -49.86
CA SER A 442 3.40 -8.61 -50.31
C SER A 442 2.38 -8.32 -49.23
N ILE A 443 1.94 -7.07 -49.11
CA ILE A 443 0.76 -6.65 -48.33
C ILE A 443 -0.47 -7.51 -48.60
N GLN A 444 -0.69 -7.98 -49.81
CA GLN A 444 -1.86 -8.82 -50.14
C GLN A 444 -1.77 -10.25 -49.59
N LYS A 445 -0.61 -10.67 -49.07
CA LYS A 445 -0.43 -11.88 -48.26
C LYS A 445 -0.25 -11.56 -46.80
N PHE A 446 0.58 -10.56 -46.47
CA PHE A 446 0.89 -10.18 -45.10
C PHE A 446 -0.28 -9.56 -44.32
N VAL A 447 -1.12 -8.72 -44.92
CA VAL A 447 -2.30 -8.18 -44.21
C VAL A 447 -3.37 -9.24 -43.95
N PRO A 448 -3.64 -10.21 -44.85
CA PRO A 448 -4.45 -11.37 -44.48
C PRO A 448 -3.85 -12.25 -43.38
N TYR A 449 -2.52 -12.33 -43.27
CA TYR A 449 -1.86 -12.92 -42.11
C TYR A 449 -2.12 -12.12 -40.82
N LEU A 450 -1.99 -10.79 -40.84
CA LEU A 450 -2.36 -9.94 -39.71
C LEU A 450 -3.81 -10.14 -39.32
N ILE A 451 -4.73 -10.08 -40.27
CA ILE A 451 -6.16 -10.25 -40.05
C ILE A 451 -6.45 -11.57 -39.34
N ALA A 452 -5.95 -12.69 -39.84
CA ALA A 452 -6.19 -13.98 -39.24
C ALA A 452 -5.52 -14.11 -37.87
N GLY A 453 -4.36 -13.50 -37.64
CA GLY A 453 -3.74 -13.45 -36.32
C GLY A 453 -4.56 -12.63 -35.31
N ILE A 454 -5.14 -11.51 -35.75
CA ILE A 454 -6.04 -10.69 -34.92
C ILE A 454 -7.31 -11.47 -34.58
N GLN A 455 -7.92 -12.14 -35.55
CA GLN A 455 -9.08 -12.98 -35.32
C GLN A 455 -8.80 -14.13 -34.35
N HIS A 456 -7.69 -14.84 -34.48
CA HIS A 456 -7.37 -15.89 -33.52
C HIS A 456 -7.05 -15.32 -32.13
N GLY A 457 -6.45 -14.13 -32.04
CA GLY A 457 -6.24 -13.44 -30.76
C GLY A 457 -7.54 -13.11 -30.07
N CYS A 458 -8.51 -12.55 -30.80
CA CYS A 458 -9.85 -12.34 -30.29
C CYS A 458 -10.56 -13.63 -29.92
N GLN A 459 -10.38 -14.69 -30.69
CA GLN A 459 -10.94 -15.99 -30.37
C GLN A 459 -10.38 -16.56 -29.06
N ASP A 460 -9.08 -16.58 -28.82
CA ASP A 460 -8.52 -17.00 -27.53
C ASP A 460 -9.05 -16.20 -26.35
N ILE A 461 -9.29 -14.91 -26.56
CA ILE A 461 -9.92 -14.01 -25.60
C ILE A 461 -11.41 -14.30 -25.41
N GLY A 462 -12.08 -14.94 -26.38
CA GLY A 462 -13.54 -15.10 -26.37
C GLY A 462 -14.32 -13.88 -26.84
N ALA A 463 -13.69 -12.94 -27.53
CA ALA A 463 -14.37 -11.81 -28.16
C ALA A 463 -14.78 -12.11 -29.63
N ARG A 464 -16.07 -12.10 -29.95
CA ARG A 464 -16.60 -12.32 -31.32
C ARG A 464 -16.33 -11.18 -32.30
N SER A 465 -15.94 -10.01 -31.82
CA SER A 465 -15.84 -8.76 -32.55
C SER A 465 -14.86 -7.84 -31.83
N LEU A 466 -14.26 -6.88 -32.52
CA LEU A 466 -13.42 -5.87 -31.88
C LEU A 466 -14.20 -4.89 -30.99
N SER A 467 -15.44 -4.59 -31.33
CA SER A 467 -16.31 -3.76 -30.48
C SER A 467 -16.76 -4.52 -29.23
N VAL A 468 -17.02 -5.82 -29.35
CA VAL A 468 -17.20 -6.73 -28.21
C VAL A 468 -15.95 -6.80 -27.34
N LEU A 469 -14.76 -6.98 -27.92
CA LEU A 469 -13.48 -6.97 -27.22
C LEU A 469 -13.31 -5.70 -26.37
N ARG A 470 -13.53 -4.53 -26.95
CA ARG A 470 -13.45 -3.27 -26.20
C ARG A 470 -14.54 -3.14 -25.14
N SER A 471 -15.77 -3.57 -25.42
CA SER A 471 -16.82 -3.57 -24.41
C SER A 471 -16.47 -4.48 -23.22
N MET A 472 -15.92 -5.69 -23.46
CA MET A 472 -15.40 -6.57 -22.40
C MET A 472 -14.27 -5.90 -21.61
N MET A 473 -13.43 -5.10 -22.26
CA MET A 473 -12.37 -4.38 -21.60
C MET A 473 -12.92 -3.28 -20.69
N TYR A 474 -13.76 -2.37 -21.18
CA TYR A 474 -14.35 -1.32 -20.36
C TYR A 474 -15.27 -1.85 -19.26
N SER A 475 -15.93 -2.97 -19.52
CA SER A 475 -16.71 -3.76 -18.56
C SER A 475 -15.88 -4.33 -17.39
N GLY A 476 -14.60 -4.60 -17.61
CA GLY A 476 -13.78 -5.36 -16.69
C GLY A 476 -13.91 -6.87 -16.84
N GLU A 477 -14.71 -7.35 -17.78
CA GLU A 477 -14.76 -8.77 -18.14
C GLU A 477 -13.43 -9.29 -18.70
N LEU A 478 -12.81 -8.49 -19.58
CA LEU A 478 -11.49 -8.78 -20.10
C LEU A 478 -10.44 -8.58 -19.01
N LYS A 479 -9.60 -9.59 -18.82
CA LYS A 479 -8.62 -9.60 -17.74
C LYS A 479 -7.21 -9.63 -18.28
N PHE A 480 -6.30 -9.03 -17.55
CA PHE A 480 -4.93 -8.84 -17.92
C PHE A 480 -4.03 -9.35 -16.80
N GLU A 481 -2.85 -9.78 -17.14
CA GLU A 481 -1.80 -10.06 -16.17
C GLU A 481 -0.60 -9.16 -16.53
N LYS A 482 0.08 -8.55 -15.56
CA LYS A 482 1.39 -8.01 -15.80
C LYS A 482 2.42 -9.12 -16.05
N ARG A 483 3.44 -8.81 -16.83
CA ARG A 483 4.60 -9.66 -17.08
C ARG A 483 5.81 -9.05 -16.43
N THR A 484 6.45 -9.77 -15.51
CA THR A 484 7.86 -9.52 -15.15
C THR A 484 8.73 -9.56 -16.40
N MET A 485 9.93 -8.97 -16.39
CA MET A 485 10.84 -9.09 -17.55
C MET A 485 11.08 -10.58 -17.93
N SER A 486 11.22 -11.47 -16.94
CA SER A 486 11.32 -12.92 -17.17
C SER A 486 10.09 -13.57 -17.79
N ALA A 487 8.88 -13.05 -17.57
CA ALA A 487 7.71 -13.51 -18.31
C ALA A 487 7.74 -13.09 -19.77
N GLN A 488 8.36 -11.97 -20.10
CA GLN A 488 8.58 -11.52 -21.46
C GLN A 488 9.63 -12.42 -22.15
N ILE A 489 10.68 -12.82 -21.43
CA ILE A 489 11.64 -13.84 -21.89
C ILE A 489 10.95 -15.20 -22.11
N GLU A 490 10.11 -15.65 -21.18
CA GLU A 490 9.37 -16.91 -21.26
C GLU A 490 8.35 -16.92 -22.41
N GLY A 491 7.70 -15.80 -22.70
CA GLY A 491 6.65 -15.71 -23.70
C GLY A 491 7.14 -15.78 -25.15
N GLY A 492 8.30 -15.18 -25.46
CA GLY A 492 8.97 -15.33 -26.75
C GLY A 492 9.65 -16.70 -26.95
N VAL A 493 10.20 -16.93 -28.14
CA VAL A 493 11.06 -18.10 -28.37
C VAL A 493 12.31 -18.02 -27.47
N HIS A 494 12.67 -19.10 -26.79
CA HIS A 494 13.77 -19.13 -25.82
C HIS A 494 14.35 -20.54 -25.68
N GLY A 495 15.58 -20.68 -25.19
CA GLY A 495 16.23 -21.98 -24.90
C GLY A 495 16.57 -22.81 -26.14
N LEU A 496 16.48 -22.22 -27.33
CA LEU A 496 16.78 -22.79 -28.64
C LEU A 496 18.22 -22.40 -29.06
N HIS A 497 18.97 -23.30 -29.69
CA HIS A 497 20.27 -22.96 -30.30
C HIS A 497 20.07 -22.00 -31.48
N SER A 498 19.11 -22.33 -32.34
CA SER A 498 18.71 -21.59 -33.53
C SER A 498 17.23 -21.83 -33.80
N TYR A 499 16.62 -20.98 -34.61
CA TYR A 499 15.19 -20.62 -34.55
C TYR A 499 14.77 -20.13 -35.95
N GLU A 500 13.95 -20.92 -36.66
CA GLU A 500 13.48 -20.64 -38.00
C GLU A 500 12.04 -20.09 -37.96
N LYS A 501 11.88 -18.79 -37.70
CA LYS A 501 10.54 -18.16 -37.70
C LYS A 501 9.91 -18.25 -39.10
N ARG A 502 8.68 -18.77 -39.16
CA ARG A 502 7.86 -18.86 -40.36
C ARG A 502 6.42 -18.51 -40.00
N LEU A 503 6.19 -17.22 -39.78
CA LEU A 503 4.84 -16.66 -39.85
C LEU A 503 4.39 -16.76 -41.33
N TYR A 504 3.14 -17.19 -41.58
CA TYR A 504 2.43 -17.25 -42.89
C TYR A 504 3.04 -18.05 -44.05
N GLY B 1 -15.64 21.91 -19.19
CA GLY B 1 -15.19 20.53 -19.47
C GLY B 1 -14.09 20.09 -18.53
N TYR B 2 -14.00 18.79 -18.27
CA TYR B 2 -13.08 18.20 -17.29
C TYR B 2 -12.24 17.07 -17.90
N VAL B 3 -10.95 17.10 -17.58
CA VAL B 3 -9.98 16.06 -17.91
C VAL B 3 -9.41 15.47 -16.63
N PRO B 4 -9.38 14.13 -16.50
CA PRO B 4 -8.75 13.47 -15.37
C PRO B 4 -7.24 13.73 -15.36
N GLU B 5 -6.62 13.72 -14.19
CA GLU B 5 -5.21 14.08 -14.03
C GLU B 5 -4.26 13.00 -14.58
N ASP B 6 -3.58 13.24 -15.70
CA ASP B 6 -2.59 12.33 -16.28
C ASP B 6 -1.25 12.35 -15.51
N GLY B 7 -0.70 11.20 -15.14
CA GLY B 7 0.70 11.06 -14.70
C GLY B 7 1.02 11.53 -13.28
N LEU B 8 2.26 11.34 -12.87
CA LEU B 8 2.81 11.65 -11.55
C LEU B 8 3.39 13.05 -11.52
N THR B 9 3.33 13.76 -10.40
CA THR B 9 4.20 14.93 -10.17
C THR B 9 5.63 14.47 -9.89
N ALA B 10 6.62 15.36 -9.94
CA ALA B 10 7.99 14.99 -9.54
C ALA B 10 8.06 14.53 -8.09
N GLN B 11 7.28 15.15 -7.20
CA GLN B 11 7.16 14.73 -5.82
C GLN B 11 6.65 13.29 -5.68
N GLN B 12 5.61 12.89 -6.43
CA GLN B 12 5.10 11.51 -6.42
C GLN B 12 6.05 10.51 -7.10
N LEU B 13 6.69 10.93 -8.20
CA LEU B 13 7.69 10.15 -8.92
C LEU B 13 8.83 9.76 -7.97
N PHE B 14 9.31 10.68 -7.13
CA PHE B 14 10.42 10.43 -6.18
C PHE B 14 10.00 10.04 -4.75
N ALA B 15 8.75 10.21 -4.33
CA ALA B 15 8.24 9.60 -3.10
C ALA B 15 8.19 8.07 -3.17
N SER B 16 7.94 7.55 -4.38
CA SER B 16 8.10 6.14 -4.75
C SER B 16 9.56 5.70 -4.48
N ALA B 17 9.79 4.67 -3.66
CA ALA B 17 11.09 4.50 -3.00
C ALA B 17 12.27 4.08 -3.89
N ASP B 18 12.04 3.52 -5.08
CA ASP B 18 13.15 3.09 -5.92
C ASP B 18 13.91 4.31 -6.49
N GLY B 19 15.24 4.27 -6.47
CA GLY B 19 16.05 5.34 -7.03
C GLY B 19 16.06 5.26 -8.55
N LEU B 20 15.67 6.36 -9.19
CA LEU B 20 15.45 6.47 -10.61
C LEU B 20 16.61 7.18 -11.29
N THR B 21 17.02 6.63 -12.42
CA THR B 21 17.84 7.31 -13.42
C THR B 21 16.98 8.08 -14.40
N TYR B 22 17.59 8.90 -15.22
CA TYR B 22 16.89 9.53 -16.35
C TYR B 22 16.23 8.51 -17.27
N ASN B 23 16.78 7.33 -17.45
CA ASN B 23 16.16 6.32 -18.30
C ASN B 23 14.85 5.77 -17.73
N ASP B 24 14.60 5.85 -16.42
CA ASP B 24 13.44 5.25 -15.76
C ASP B 24 12.13 6.03 -15.86
N PHE B 25 12.12 7.23 -16.42
CA PHE B 25 10.90 8.04 -16.51
C PHE B 25 10.85 8.83 -17.82
N LEU B 26 9.66 9.29 -18.16
CA LEU B 26 9.38 10.24 -19.22
C LEU B 26 8.73 11.46 -18.65
N ILE B 27 8.81 12.57 -19.35
CA ILE B 27 7.99 13.74 -19.07
C ILE B 27 6.76 13.64 -19.98
N LEU B 28 5.56 13.82 -19.45
CA LEU B 28 4.36 13.88 -20.27
C LEU B 28 4.29 15.21 -21.04
N PRO B 29 3.90 15.22 -22.32
CA PRO B 29 3.78 16.44 -23.11
C PRO B 29 2.69 17.38 -22.58
N GLY B 30 2.91 18.68 -22.74
CA GLY B 30 1.97 19.73 -22.36
C GLY B 30 1.24 20.34 -23.55
N PHE B 31 1.02 21.66 -23.48
CA PHE B 31 0.41 22.44 -24.56
C PHE B 31 1.45 23.34 -25.21
N ILE B 32 1.51 23.34 -26.53
CA ILE B 32 2.43 24.18 -27.29
C ILE B 32 1.73 25.44 -27.77
N ASP B 33 2.11 26.59 -27.26
CA ASP B 33 1.63 27.90 -27.69
C ASP B 33 2.71 28.84 -28.24
N PHE B 34 3.93 28.34 -28.44
CA PHE B 34 5.13 29.10 -28.81
C PHE B 34 6.05 28.27 -29.71
N ILE B 35 6.94 28.93 -30.46
CA ILE B 35 7.96 28.32 -31.31
C ILE B 35 9.17 27.90 -30.45
N ALA B 36 9.83 26.78 -30.76
CA ALA B 36 10.96 26.29 -29.97
C ALA B 36 12.10 27.32 -29.84
N ASP B 37 12.37 28.11 -30.87
CA ASP B 37 13.35 29.19 -30.81
C ASP B 37 13.04 30.29 -29.79
N GLU B 38 11.78 30.44 -29.39
CA GLU B 38 11.38 31.35 -28.31
C GLU B 38 11.81 30.83 -26.93
N VAL B 39 12.17 29.54 -26.78
CA VAL B 39 12.47 28.98 -25.47
C VAL B 39 13.77 29.56 -24.92
N ASP B 40 13.66 30.20 -23.76
CA ASP B 40 14.78 30.78 -23.03
C ASP B 40 15.58 29.72 -22.23
N LEU B 41 16.84 29.52 -22.60
CA LEU B 41 17.75 28.60 -21.90
C LEU B 41 18.65 29.28 -20.86
N THR B 42 18.36 30.52 -20.47
CA THR B 42 19.14 31.26 -19.48
C THR B 42 19.14 30.53 -18.14
N SER B 43 20.33 30.32 -17.58
CA SER B 43 20.59 29.36 -16.52
C SER B 43 21.50 29.92 -15.44
N ALA B 44 21.16 29.78 -14.17
CA ALA B 44 22.09 30.09 -13.07
C ALA B 44 23.12 28.95 -12.94
N LEU B 45 24.41 29.27 -13.02
CA LEU B 45 25.50 28.36 -12.71
C LEU B 45 25.84 28.38 -11.22
N THR B 46 25.85 29.58 -10.66
CA THR B 46 26.03 29.84 -9.24
C THR B 46 25.15 31.02 -8.86
N ARG B 47 25.09 31.38 -7.58
CA ARG B 47 24.37 32.57 -7.09
C ARG B 47 24.54 33.83 -7.96
N LYS B 48 25.77 34.13 -8.40
CA LYS B 48 26.15 35.32 -9.17
C LYS B 48 26.49 35.12 -10.64
N ILE B 49 26.67 33.89 -11.14
CA ILE B 49 26.96 33.66 -12.56
C ILE B 49 25.73 33.06 -13.25
N THR B 50 25.25 33.74 -14.28
CA THR B 50 24.20 33.28 -15.18
C THR B 50 24.77 33.04 -16.58
N LEU B 51 24.49 31.89 -17.16
CA LEU B 51 24.85 31.50 -18.52
C LEU B 51 23.64 31.65 -19.43
N LYS B 52 23.83 32.00 -20.71
CA LYS B 52 22.71 32.00 -21.68
C LYS B 52 22.25 30.60 -22.09
N THR B 53 22.93 29.57 -21.61
CA THR B 53 22.70 28.17 -21.94
C THR B 53 23.08 27.29 -20.76
N PRO B 54 22.38 26.17 -20.48
CA PRO B 54 22.60 25.36 -19.28
C PRO B 54 23.88 24.52 -19.27
N LEU B 55 24.72 24.59 -20.30
CA LEU B 55 25.65 23.50 -20.62
C LEU B 55 27.05 23.77 -20.11
N ILE B 56 27.64 22.76 -19.48
CA ILE B 56 28.96 22.85 -18.88
C ILE B 56 29.83 21.71 -19.39
N SER B 57 31.07 21.99 -19.79
CA SER B 57 32.05 20.92 -20.00
C SER B 57 32.72 20.57 -18.69
N SER B 58 32.72 19.29 -18.40
CA SER B 58 33.27 18.72 -17.17
C SER B 58 34.79 18.91 -17.05
N PRO B 59 35.31 19.19 -15.84
CA PRO B 59 36.74 19.31 -15.59
C PRO B 59 37.46 17.97 -15.65
N MET B 60 37.66 17.46 -16.84
CA MET B 60 38.43 16.24 -17.07
C MET B 60 39.55 16.46 -18.06
N ASP B 61 40.66 15.76 -17.81
CA ASP B 61 41.88 15.68 -18.63
C ASP B 61 41.63 15.46 -20.13
N THR B 62 40.54 14.79 -20.44
CA THR B 62 40.12 14.34 -21.76
C THR B 62 38.87 15.08 -22.25
N VAL B 63 38.40 16.10 -21.54
CA VAL B 63 37.27 16.94 -21.94
C VAL B 63 37.62 18.43 -21.97
N THR B 64 38.16 19.02 -20.91
CA THR B 64 38.23 20.50 -20.80
C THR B 64 39.62 21.03 -20.52
N GLU B 65 40.31 21.45 -21.57
CA GLU B 65 41.37 22.45 -21.54
C GLU B 65 40.88 23.74 -22.21
N ALA B 66 41.75 24.69 -22.57
CA ALA B 66 41.33 26.02 -23.03
C ALA B 66 40.45 26.00 -24.27
N ASP B 67 40.71 25.15 -25.27
CA ASP B 67 39.93 25.11 -26.50
C ASP B 67 38.46 24.74 -26.25
N MET B 68 38.23 23.77 -25.37
CA MET B 68 36.88 23.40 -24.93
C MET B 68 36.25 24.52 -24.12
N ALA B 69 36.96 25.09 -23.15
CA ALA B 69 36.41 26.16 -22.33
C ALA B 69 36.07 27.41 -23.16
N ILE B 70 36.87 27.76 -24.18
CA ILE B 70 36.55 28.82 -25.15
C ILE B 70 35.29 28.43 -25.91
N ALA B 71 35.24 27.26 -26.53
CA ALA B 71 34.12 26.87 -27.36
C ALA B 71 32.82 26.75 -26.54
N MET B 72 32.88 26.28 -25.29
CA MET B 72 31.74 26.27 -24.38
C MET B 72 31.30 27.68 -24.02
N ALA B 73 32.21 28.55 -23.58
CA ALA B 73 31.86 29.92 -23.24
C ALA B 73 31.29 30.68 -24.44
N LEU B 74 31.85 30.53 -25.65
CA LEU B 74 31.30 31.14 -26.87
C LEU B 74 29.90 30.64 -27.21
N MET B 75 29.63 29.35 -27.05
CA MET B 75 28.29 28.79 -27.23
C MET B 75 27.33 29.10 -26.07
N GLY B 76 27.74 29.88 -25.08
CA GLY B 76 26.91 30.36 -23.98
C GLY B 76 26.80 29.40 -22.80
N GLY B 77 27.60 28.33 -22.80
CA GLY B 77 27.89 27.50 -21.65
C GLY B 77 29.11 28.00 -20.89
N ILE B 78 29.82 27.11 -20.23
CA ILE B 78 31.12 27.37 -19.61
C ILE B 78 31.94 26.08 -19.62
N GLY B 79 33.26 26.18 -19.60
CA GLY B 79 34.11 25.03 -19.32
C GLY B 79 34.81 25.18 -17.99
N PHE B 80 34.89 24.10 -17.22
CA PHE B 80 35.75 24.05 -16.06
C PHE B 80 37.03 23.34 -16.45
N ILE B 81 38.16 24.04 -16.41
CA ILE B 81 39.44 23.47 -16.80
C ILE B 81 39.89 22.46 -15.75
N HIS B 82 40.28 21.28 -16.20
CA HIS B 82 40.72 20.18 -15.35
C HIS B 82 41.99 20.51 -14.55
N HIS B 83 42.28 19.75 -13.49
CA HIS B 83 43.44 19.96 -12.62
C HIS B 83 44.43 18.79 -12.60
N ASN B 84 44.32 17.84 -13.53
CA ASN B 84 45.26 16.74 -13.74
C ASN B 84 46.47 17.21 -14.59
N CYS B 85 47.06 18.30 -14.15
CA CYS B 85 48.13 19.06 -14.77
C CYS B 85 48.77 19.93 -13.69
N THR B 86 49.95 20.50 -13.93
CA THR B 86 50.58 21.40 -12.96
C THR B 86 49.73 22.64 -12.72
N PRO B 87 49.84 23.29 -11.55
CA PRO B 87 49.21 24.57 -11.29
C PRO B 87 49.47 25.61 -12.39
N GLU B 88 50.72 25.73 -12.85
CA GLU B 88 51.12 26.69 -13.87
C GLU B 88 50.50 26.38 -15.23
N PHE B 89 50.44 25.10 -15.62
CA PHE B 89 49.76 24.69 -16.84
C PHE B 89 48.28 25.08 -16.79
N GLN B 90 47.60 24.75 -15.69
CA GLN B 90 46.19 25.02 -15.55
C GLN B 90 45.87 26.51 -15.60
N ALA B 91 46.65 27.33 -14.89
CA ALA B 91 46.52 28.78 -14.92
C ALA B 91 46.77 29.36 -16.31
N ASN B 92 47.69 28.79 -17.09
CA ASN B 92 47.89 29.17 -18.48
C ASN B 92 46.71 28.77 -19.38
N GLU B 93 46.08 27.61 -19.17
CA GLU B 93 44.85 27.26 -19.86
C GLU B 93 43.71 28.23 -19.50
N VAL B 94 43.56 28.63 -18.25
CA VAL B 94 42.62 29.69 -17.82
C VAL B 94 42.94 31.02 -18.49
N ARG B 95 44.21 31.45 -18.51
CA ARG B 95 44.66 32.67 -19.18
C ARG B 95 44.29 32.65 -20.66
N LYS B 96 44.48 31.55 -21.38
CA LYS B 96 44.05 31.42 -22.78
C LYS B 96 42.56 31.64 -22.98
N VAL B 97 41.70 31.17 -22.07
CA VAL B 97 40.26 31.47 -22.11
C VAL B 97 40.01 32.95 -21.85
N LYS B 98 40.55 33.49 -20.75
CA LYS B 98 40.33 34.89 -20.37
C LYS B 98 40.89 35.88 -21.39
N LYS B 99 41.92 35.54 -22.16
CA LYS B 99 42.48 36.35 -23.24
C LYS B 99 41.80 36.18 -24.59
N PHE B 100 40.92 35.20 -24.81
CA PHE B 100 40.39 34.93 -26.16
C PHE B 100 39.54 36.06 -26.75
N GLU B 101 38.63 36.62 -25.99
CA GLU B 101 37.79 37.77 -26.35
C GLU B 101 38.00 38.84 -25.29
N GLN B 102 38.08 40.10 -25.68
CA GLN B 102 38.44 41.20 -24.76
C GLN B 102 37.58 42.42 -24.99
N GLY B 103 37.19 43.10 -23.91
CA GLY B 103 36.73 44.49 -23.97
C GLY B 103 37.94 45.40 -24.19
N PHE B 104 38.31 46.18 -23.18
CA PHE B 104 39.63 46.81 -23.13
C PHE B 104 40.71 45.77 -22.87
N ILE B 105 41.67 45.62 -23.78
CA ILE B 105 42.92 44.90 -23.49
C ILE B 105 43.77 45.85 -22.66
N THR B 106 43.83 45.64 -21.34
CA THR B 106 44.63 46.44 -20.40
C THR B 106 46.01 45.85 -20.14
N ASP B 107 46.31 44.68 -20.70
CA ASP B 107 47.59 43.98 -20.64
C ASP B 107 48.18 43.64 -22.03
N PRO B 108 48.10 44.51 -23.05
CA PRO B 108 48.46 44.12 -24.40
C PRO B 108 49.95 43.80 -24.51
N VAL B 109 50.29 42.92 -25.47
CA VAL B 109 51.69 42.66 -25.83
C VAL B 109 52.25 43.90 -26.55
N VAL B 110 52.93 44.76 -25.79
CA VAL B 110 53.70 45.92 -26.30
C VAL B 110 55.14 45.53 -26.64
N LEU B 111 55.74 46.28 -27.56
CA LEU B 111 57.18 46.26 -27.84
C LEU B 111 57.72 47.70 -27.94
N SER B 112 59.04 47.86 -27.85
CA SER B 112 59.71 49.15 -28.09
C SER B 112 59.91 49.37 -29.59
N PRO B 113 60.07 50.62 -30.06
CA PRO B 113 60.45 50.87 -31.45
C PRO B 113 61.85 50.36 -31.80
N SER B 114 62.67 50.04 -30.79
CA SER B 114 64.01 49.45 -30.94
C SER B 114 63.95 47.95 -31.24
N HIS B 115 62.89 47.23 -30.84
CA HIS B 115 62.68 45.82 -31.19
C HIS B 115 62.56 45.62 -32.71
N THR B 116 63.01 44.46 -33.20
CA THR B 116 62.96 44.09 -34.63
C THR B 116 61.61 43.46 -35.04
N VAL B 117 61.28 43.43 -36.33
CA VAL B 117 60.17 42.61 -36.86
C VAL B 117 60.27 41.12 -36.49
N GLY B 118 61.48 40.63 -36.21
CA GLY B 118 61.69 39.30 -35.63
C GLY B 118 61.03 39.14 -34.24
N ASP B 119 61.01 40.18 -33.41
CA ASP B 119 60.35 40.18 -32.11
C ASP B 119 58.83 40.22 -32.25
N VAL B 120 58.32 40.91 -33.27
CA VAL B 120 56.89 40.88 -33.63
C VAL B 120 56.48 39.47 -34.07
N LEU B 121 57.32 38.78 -34.85
CA LEU B 121 57.12 37.38 -35.24
C LEU B 121 57.27 36.39 -34.07
N GLU B 122 58.20 36.62 -33.14
CA GLU B 122 58.31 35.83 -31.91
C GLU B 122 57.03 35.97 -31.07
N ALA B 123 56.53 37.20 -30.90
CA ALA B 123 55.25 37.45 -30.25
C ALA B 123 54.08 36.78 -31.00
N LYS B 124 54.02 36.86 -32.33
CA LYS B 124 53.00 36.14 -33.11
C LYS B 124 53.09 34.62 -32.86
N MET B 125 54.28 34.04 -32.93
CA MET B 125 54.47 32.60 -32.72
C MET B 125 54.02 32.15 -31.31
N ARG B 126 54.37 32.89 -30.25
CA ARG B 126 54.05 32.47 -28.88
C ARG B 126 52.68 32.93 -28.36
N HIS B 127 52.19 34.11 -28.76
CA HIS B 127 50.91 34.69 -28.31
C HIS B 127 49.75 34.55 -29.32
N GLY B 128 50.04 34.24 -30.58
CA GLY B 128 49.03 34.05 -31.63
C GLY B 128 48.65 35.31 -32.42
N PHE B 129 49.13 36.50 -32.09
CA PHE B 129 48.75 37.76 -32.77
C PHE B 129 49.94 38.68 -33.09
N SER B 130 49.95 39.29 -34.29
CA SER B 130 50.89 40.35 -34.67
C SER B 130 50.44 41.76 -34.30
N GLY B 131 49.22 41.99 -33.80
CA GLY B 131 48.74 43.33 -33.49
C GLY B 131 49.35 43.88 -32.20
N ILE B 132 50.46 44.61 -32.30
CA ILE B 132 51.35 44.93 -31.18
C ILE B 132 51.59 46.45 -31.12
N PRO B 133 50.99 47.17 -30.17
CA PRO B 133 51.25 48.59 -30.01
C PRO B 133 52.68 48.83 -29.56
N ILE B 134 53.29 49.89 -30.08
CA ILE B 134 54.69 50.21 -29.83
C ILE B 134 54.76 51.44 -28.93
N THR B 135 55.41 51.30 -27.79
CA THR B 135 55.59 52.37 -26.81
C THR B 135 57.07 52.65 -26.60
N GLU B 136 57.47 53.87 -26.30
CA GLU B 136 58.90 54.24 -26.31
C GLU B 136 59.75 53.41 -25.31
N THR B 137 59.19 53.04 -24.15
CA THR B 137 59.84 52.12 -23.19
C THR B 137 59.71 50.64 -23.58
N GLY B 138 58.78 50.29 -24.47
CA GLY B 138 58.42 48.90 -24.78
C GLY B 138 57.71 48.15 -23.65
N THR B 139 57.12 48.89 -22.71
CA THR B 139 56.35 48.42 -21.57
C THR B 139 55.07 49.25 -21.47
N MET B 140 54.06 48.74 -20.76
CA MET B 140 52.65 49.10 -21.02
C MET B 140 52.33 50.58 -20.86
N GLY B 141 52.52 51.14 -19.66
CA GLY B 141 52.13 52.53 -19.33
C GLY B 141 53.01 53.64 -19.92
N SER B 142 53.80 53.35 -20.95
CA SER B 142 54.71 54.27 -21.64
C SER B 142 54.03 55.05 -22.78
N LYS B 143 54.65 56.13 -23.27
CA LYS B 143 54.15 56.93 -24.40
C LYS B 143 54.07 56.12 -25.69
N LEU B 144 52.91 56.18 -26.36
CA LEU B 144 52.64 55.48 -27.60
C LEU B 144 53.38 56.13 -28.78
N VAL B 145 54.16 55.35 -29.55
CA VAL B 145 54.97 55.86 -30.67
C VAL B 145 54.63 55.23 -32.02
N GLY B 146 53.90 54.11 -32.03
CA GLY B 146 53.39 53.49 -33.25
C GLY B 146 52.57 52.24 -32.97
N ILE B 147 52.13 51.57 -34.03
CA ILE B 147 51.42 50.29 -34.01
C ILE B 147 51.96 49.42 -35.15
N VAL B 148 52.19 48.13 -34.90
CA VAL B 148 52.55 47.13 -35.94
C VAL B 148 51.51 46.01 -35.93
N THR B 149 51.20 45.47 -37.11
CA THR B 149 50.18 44.45 -37.34
C THR B 149 50.61 43.50 -38.45
N SER B 150 49.91 42.38 -38.65
CA SER B 150 50.30 41.38 -39.65
C SER B 150 50.45 41.96 -41.07
N ARG B 151 49.66 42.98 -41.48
CA ARG B 151 49.83 43.67 -42.78
C ARG B 151 51.11 44.51 -42.87
N ASP B 152 51.57 45.07 -41.75
CA ASP B 152 52.81 45.86 -41.68
C ASP B 152 54.09 44.99 -41.71
N ILE B 153 53.96 43.68 -41.49
CA ILE B 153 55.06 42.71 -41.60
C ILE B 153 54.66 41.55 -42.52
N VAL B 168 58.66 50.41 -40.90
CA VAL B 168 57.66 49.30 -40.76
C VAL B 168 56.35 49.72 -40.10
N MET B 169 56.36 50.34 -38.91
CA MET B 169 55.14 50.69 -38.16
C MET B 169 54.21 51.65 -38.91
N THR B 170 52.95 51.70 -38.50
CA THR B 170 52.12 52.89 -38.63
C THR B 170 52.49 53.81 -37.45
N PRO B 171 53.02 55.03 -37.68
CA PRO B 171 53.56 55.88 -36.61
C PRO B 171 52.45 56.58 -35.82
N ARG B 172 52.72 57.02 -34.58
CA ARG B 172 51.65 57.57 -33.71
C ARG B 172 50.99 58.82 -34.28
N ILE B 173 51.72 59.59 -35.09
CA ILE B 173 51.23 60.77 -35.80
C ILE B 173 50.17 60.46 -36.89
N GLU B 174 49.92 59.20 -37.22
CA GLU B 174 48.96 58.79 -38.26
C GLU B 174 47.84 57.88 -37.72
N LEU B 175 47.99 57.30 -36.52
CA LEU B 175 46.98 56.39 -35.95
C LEU B 175 45.78 57.11 -35.32
N VAL B 176 44.64 56.44 -35.33
CA VAL B 176 43.38 56.84 -34.70
C VAL B 176 43.39 56.39 -33.24
N VAL B 177 42.89 57.21 -32.33
CA VAL B 177 43.04 57.03 -30.88
C VAL B 177 41.77 57.43 -30.13
N ALA B 178 41.61 56.97 -28.89
CA ALA B 178 40.57 57.45 -27.98
C ALA B 178 41.16 57.83 -26.61
N PRO B 179 40.58 58.80 -25.89
CA PRO B 179 41.11 59.24 -24.61
C PRO B 179 40.84 58.22 -23.47
N ALA B 180 41.77 58.08 -22.53
CA ALA B 180 41.54 57.35 -21.29
C ALA B 180 40.30 57.89 -20.56
N GLY B 181 39.52 56.98 -19.95
CA GLY B 181 38.20 57.30 -19.37
C GLY B 181 37.04 57.24 -20.36
N VAL B 182 37.29 57.00 -21.66
CA VAL B 182 36.25 56.58 -22.62
C VAL B 182 35.57 55.28 -22.15
N THR B 183 34.26 55.14 -22.32
CA THR B 183 33.58 53.86 -22.02
C THR B 183 33.70 52.88 -23.19
N LEU B 184 33.57 51.57 -22.97
CA LEU B 184 33.80 50.61 -24.04
C LEU B 184 32.89 50.85 -25.25
N LYS B 185 31.61 51.16 -25.01
CA LYS B 185 30.61 51.48 -26.04
C LYS B 185 31.01 52.69 -26.91
N GLU B 186 31.64 53.71 -26.33
CA GLU B 186 32.17 54.86 -27.07
C GLU B 186 33.41 54.48 -27.88
N ALA B 187 34.33 53.69 -27.32
CA ALA B 187 35.51 53.20 -28.04
C ALA B 187 35.10 52.25 -29.18
N ASN B 188 34.07 51.42 -29.00
CA ASN B 188 33.52 50.60 -30.08
C ASN B 188 32.97 51.47 -31.22
N GLU B 189 32.25 52.55 -30.92
CA GLU B 189 31.81 53.54 -31.91
C GLU B 189 33.01 54.17 -32.64
N ILE B 190 34.06 54.58 -31.92
CA ILE B 190 35.27 55.14 -32.51
C ILE B 190 35.91 54.14 -33.46
N LEU B 191 36.11 52.89 -33.04
CA LEU B 191 36.67 51.82 -33.87
C LEU B 191 35.79 51.44 -35.08
N GLN B 192 34.48 51.39 -34.90
CA GLN B 192 33.51 51.07 -35.95
C GLN B 192 33.51 52.10 -37.08
N ARG B 193 33.56 53.39 -36.75
CA ARG B 193 33.65 54.48 -37.73
C ARG B 193 35.07 54.73 -38.26
N SER B 194 36.10 54.41 -37.47
CA SER B 194 37.52 54.48 -37.86
C SER B 194 37.88 53.55 -39.02
N LYS B 195 37.18 52.42 -39.17
CA LYS B 195 37.46 51.35 -40.16
C LYS B 195 38.86 50.70 -40.04
N LYS B 196 39.56 50.89 -38.91
CA LYS B 196 40.80 50.19 -38.54
C LYS B 196 40.54 48.93 -37.69
N GLY B 197 41.56 48.08 -37.56
CA GLY B 197 41.50 46.82 -36.81
C GLY B 197 41.86 46.94 -35.34
N LYS B 198 42.62 47.95 -34.92
CA LYS B 198 42.90 48.26 -33.52
C LYS B 198 42.53 49.71 -33.22
N LEU B 199 42.27 50.01 -31.95
CA LEU B 199 42.14 51.37 -31.43
C LEU B 199 42.87 51.46 -30.08
N PRO B 200 44.05 52.11 -30.02
CA PRO B 200 44.69 52.44 -28.76
C PRO B 200 43.88 53.45 -27.96
N ILE B 201 43.92 53.29 -26.65
CA ILE B 201 43.33 54.19 -25.67
C ILE B 201 44.50 54.85 -24.94
N VAL B 202 44.56 56.18 -24.96
CA VAL B 202 45.70 56.93 -24.43
C VAL B 202 45.26 58.02 -23.47
N ASN B 203 46.00 58.25 -22.39
CA ASN B 203 45.76 59.40 -21.53
C ASN B 203 46.20 60.72 -22.22
N ASP B 204 45.98 61.86 -21.56
CA ASP B 204 46.39 63.19 -22.05
C ASP B 204 47.93 63.37 -22.17
N CYS B 205 48.70 62.43 -21.64
CA CYS B 205 50.15 62.29 -21.79
C CYS B 205 50.54 61.43 -23.03
N ASP B 206 49.57 60.97 -23.83
CA ASP B 206 49.75 60.00 -24.92
C ASP B 206 50.36 58.66 -24.45
N GLU B 207 50.26 58.32 -23.17
CA GLU B 207 50.62 56.99 -22.68
C GLU B 207 49.49 55.99 -22.95
N LEU B 208 49.86 54.80 -23.39
CA LEU B 208 48.93 53.72 -23.67
C LEU B 208 48.33 53.15 -22.38
N VAL B 209 47.02 53.29 -22.18
CA VAL B 209 46.32 52.74 -21.00
C VAL B 209 45.58 51.43 -21.31
N ALA B 210 45.14 51.25 -22.56
CA ALA B 210 44.48 50.06 -23.07
C ALA B 210 44.50 50.05 -24.61
N ILE B 211 44.10 48.96 -25.22
CA ILE B 211 43.83 48.86 -26.66
C ILE B 211 42.60 47.99 -26.89
N ILE B 212 41.89 48.14 -27.99
CA ILE B 212 40.76 47.30 -28.37
C ILE B 212 40.91 46.83 -29.81
N ALA B 213 40.25 45.73 -30.19
CA ALA B 213 40.35 45.13 -31.51
C ALA B 213 39.00 44.92 -32.19
N ARG B 214 38.98 45.09 -33.51
CA ARG B 214 37.80 44.89 -34.35
C ARG B 214 37.34 43.44 -34.35
N THR B 215 38.25 42.50 -34.13
CA THR B 215 37.90 41.07 -33.98
C THR B 215 37.19 40.75 -32.68
N ASP B 216 37.33 41.52 -31.61
CA ASP B 216 36.44 41.38 -30.47
C ASP B 216 35.03 41.83 -30.81
N LEU B 217 34.84 42.89 -31.61
CA LEU B 217 33.51 43.22 -32.12
C LEU B 217 32.94 42.10 -32.99
N LYS B 218 33.78 41.47 -33.82
CA LYS B 218 33.39 40.37 -34.69
C LYS B 218 33.08 39.09 -33.91
N LYS B 219 33.84 38.75 -32.88
CA LYS B 219 33.55 37.64 -31.96
C LYS B 219 32.22 37.88 -31.25
N ASN B 220 32.01 39.08 -30.73
CA ASN B 220 30.72 39.51 -30.20
C ASN B 220 29.59 39.27 -31.22
N ARG B 221 29.75 39.72 -32.47
CA ARG B 221 28.75 39.56 -33.53
C ARG B 221 28.45 38.09 -33.80
N ASP B 222 29.49 37.28 -33.96
CA ASP B 222 29.41 35.88 -34.36
C ASP B 222 28.94 34.95 -33.23
N TYR B 223 29.06 35.36 -31.97
CA TYR B 223 28.72 34.55 -30.80
C TYR B 223 27.75 35.27 -29.84
N PRO B 224 26.45 35.40 -30.20
CA PRO B 224 25.47 36.14 -29.40
C PRO B 224 25.19 35.53 -28.02
N LEU B 225 25.38 34.20 -27.89
CA LEU B 225 25.15 33.51 -26.63
C LEU B 225 26.32 33.62 -25.67
N ALA B 226 27.48 34.16 -26.06
CA ALA B 226 28.72 33.96 -25.32
C ALA B 226 28.67 34.40 -23.86
N SER B 227 29.17 33.53 -23.00
CA SER B 227 29.30 33.73 -21.56
C SER B 227 30.49 34.61 -21.23
N LYS B 228 30.22 35.88 -20.91
CA LYS B 228 31.23 36.91 -20.67
C LYS B 228 31.10 37.55 -19.30
N ASP B 229 32.21 37.99 -18.75
CA ASP B 229 32.24 38.87 -17.58
C ASP B 229 32.00 40.35 -17.97
N SER B 230 32.04 41.24 -16.98
CA SER B 230 31.87 42.69 -17.15
C SER B 230 32.95 43.32 -18.06
N GLN B 231 34.19 42.81 -18.02
CA GLN B 231 35.29 43.17 -18.92
C GLN B 231 35.16 42.56 -20.33
N LYS B 232 34.02 41.94 -20.64
CA LYS B 232 33.72 41.25 -21.91
C LYS B 232 34.68 40.09 -22.22
N GLN B 233 35.40 39.57 -21.23
CA GLN B 233 36.20 38.36 -21.39
C GLN B 233 35.33 37.14 -21.21
N LEU B 234 35.68 36.03 -21.86
CA LEU B 234 34.96 34.78 -21.65
C LEU B 234 35.03 34.34 -20.19
N LEU B 235 33.94 33.82 -19.65
CA LEU B 235 33.94 33.18 -18.35
C LEU B 235 34.72 31.87 -18.43
N CYS B 236 35.52 31.59 -17.41
CA CYS B 236 36.23 30.35 -17.28
C CYS B 236 36.04 29.79 -15.88
N GLY B 237 35.77 28.49 -15.80
CA GLY B 237 35.85 27.76 -14.56
C GLY B 237 37.17 27.03 -14.44
N ALA B 238 37.53 26.61 -13.25
CA ALA B 238 38.62 25.65 -13.04
C ALA B 238 38.32 24.72 -11.87
N ALA B 239 38.74 23.47 -11.98
CA ALA B 239 38.75 22.56 -10.85
C ALA B 239 39.95 22.80 -9.94
N VAL B 240 39.78 22.58 -8.64
CA VAL B 240 40.88 22.37 -7.70
C VAL B 240 40.51 21.23 -6.77
N GLY B 241 41.51 20.54 -6.24
CA GLY B 241 41.30 19.61 -5.13
C GLY B 241 41.14 20.36 -3.80
N THR B 242 41.16 19.63 -2.70
CA THR B 242 40.96 20.18 -1.35
C THR B 242 42.19 20.01 -0.46
N ARG B 243 43.36 19.70 -1.04
CA ARG B 243 44.63 19.58 -0.31
C ARG B 243 45.19 20.94 0.08
N GLU B 244 46.28 20.95 0.84
CA GLU B 244 47.10 22.16 1.00
C GLU B 244 47.75 22.58 -0.33
N ASP B 245 48.23 21.63 -1.14
CA ASP B 245 48.82 21.89 -2.46
C ASP B 245 47.89 22.72 -3.36
N ASP B 246 46.57 22.55 -3.22
CA ASP B 246 45.56 23.24 -4.00
C ASP B 246 45.42 24.74 -3.66
N LYS B 247 45.91 25.21 -2.52
CA LYS B 247 45.94 26.64 -2.21
C LYS B 247 46.89 27.42 -3.13
N TYR B 248 48.02 26.83 -3.51
CA TYR B 248 48.91 27.44 -4.49
C TYR B 248 48.28 27.44 -5.89
N ARG B 249 47.69 26.33 -6.30
CA ARG B 249 46.90 26.22 -7.55
C ARG B 249 45.83 27.28 -7.64
N LEU B 250 45.00 27.41 -6.62
CA LEU B 250 43.97 28.44 -6.53
C LEU B 250 44.52 29.87 -6.64
N ASP B 251 45.67 30.14 -6.04
CA ASP B 251 46.31 31.45 -6.17
C ASP B 251 46.73 31.74 -7.63
N LEU B 252 47.32 30.78 -8.33
CA LEU B 252 47.59 30.94 -9.75
C LEU B 252 46.31 31.11 -10.57
N LEU B 253 45.26 30.32 -10.33
CA LEU B 253 44.01 30.41 -11.09
C LEU B 253 43.30 31.75 -10.88
N THR B 254 43.34 32.30 -9.68
CA THR B 254 42.77 33.62 -9.38
C THR B 254 43.62 34.76 -9.92
N GLN B 255 44.95 34.63 -10.01
CA GLN B 255 45.80 35.56 -10.76
C GLN B 255 45.50 35.50 -12.27
N ALA B 256 45.29 34.30 -12.82
CA ALA B 256 44.88 34.11 -14.22
C ALA B 256 43.48 34.66 -14.51
N GLY B 257 42.69 34.98 -13.49
CA GLY B 257 41.37 35.61 -13.62
C GLY B 257 40.21 34.63 -13.76
N VAL B 258 40.32 33.42 -13.20
CA VAL B 258 39.21 32.45 -13.19
C VAL B 258 37.99 33.03 -12.46
N ASP B 259 36.79 32.78 -12.98
CA ASP B 259 35.54 33.34 -12.46
C ASP B 259 34.86 32.46 -11.42
N VAL B 260 35.01 31.14 -11.58
CA VAL B 260 34.37 30.14 -10.74
C VAL B 260 35.30 28.96 -10.53
N ILE B 261 35.32 28.46 -9.32
CA ILE B 261 36.05 27.26 -8.91
C ILE B 261 35.06 26.15 -8.67
N VAL B 262 35.36 24.94 -9.13
CA VAL B 262 34.69 23.75 -8.65
C VAL B 262 35.64 22.94 -7.79
N LEU B 263 35.22 22.55 -6.59
CA LEU B 263 35.99 21.66 -5.75
C LEU B 263 35.77 20.22 -6.22
N ASP B 264 36.80 19.62 -6.77
CA ASP B 264 36.73 18.32 -7.43
C ASP B 264 36.86 17.19 -6.41
N SER B 265 35.76 16.50 -6.14
CA SER B 265 35.68 15.34 -5.26
C SER B 265 34.51 14.46 -5.67
N SER B 266 34.61 13.15 -5.50
CA SER B 266 33.47 12.25 -5.69
C SER B 266 32.51 12.27 -4.51
N GLN B 267 32.93 12.77 -3.33
CA GLN B 267 32.12 12.85 -2.13
C GLN B 267 32.47 14.15 -1.41
N GLY B 268 31.78 15.23 -1.76
CA GLY B 268 32.06 16.59 -1.30
C GLY B 268 31.72 16.89 0.15
N ASN B 269 30.97 16.03 0.84
CA ASN B 269 30.60 16.23 2.24
C ASN B 269 31.73 15.77 3.17
N SER B 270 32.78 16.57 3.23
CA SER B 270 33.97 16.27 4.03
C SER B 270 34.46 17.50 4.77
N VAL B 271 35.12 17.28 5.90
CA VAL B 271 35.82 18.35 6.64
C VAL B 271 36.83 19.06 5.75
N TYR B 272 37.54 18.34 4.89
CA TYR B 272 38.55 18.91 3.98
C TYR B 272 37.92 19.86 2.96
N GLN B 273 36.79 19.49 2.38
CA GLN B 273 36.11 20.37 1.45
C GLN B 273 35.47 21.56 2.13
N ILE B 274 34.80 21.37 3.27
CA ILE B 274 34.20 22.48 4.02
C ILE B 274 35.29 23.49 4.42
N ALA B 275 36.43 23.02 4.91
CA ALA B 275 37.58 23.83 5.21
C ALA B 275 38.11 24.57 3.97
N MET B 276 38.14 23.92 2.81
CA MET B 276 38.55 24.56 1.56
C MET B 276 37.57 25.64 1.13
N VAL B 277 36.26 25.41 1.15
CA VAL B 277 35.26 26.45 0.85
C VAL B 277 35.41 27.64 1.79
N HIS B 278 35.57 27.42 3.09
CA HIS B 278 35.83 28.48 4.06
C HIS B 278 37.09 29.27 3.70
N TYR B 279 38.22 28.62 3.40
CA TYR B 279 39.42 29.31 2.94
C TYR B 279 39.20 30.18 1.68
N ILE B 280 38.56 29.63 0.64
CA ILE B 280 38.32 30.39 -0.59
C ILE B 280 37.43 31.61 -0.29
N LYS B 281 36.34 31.45 0.45
CA LYS B 281 35.43 32.56 0.78
C LYS B 281 36.07 33.62 1.67
N GLN B 282 37.09 33.30 2.45
CA GLN B 282 37.87 34.30 3.17
C GLN B 282 38.84 35.04 2.23
N LYS B 283 39.71 34.31 1.53
CA LYS B 283 40.84 34.89 0.77
C LYS B 283 40.42 35.53 -0.55
N TYR B 284 39.49 34.90 -1.28
CA TYR B 284 39.02 35.29 -2.60
C TYR B 284 37.51 35.53 -2.58
N PRO B 285 36.99 36.51 -1.82
CA PRO B 285 35.55 36.66 -1.56
C PRO B 285 34.72 36.90 -2.84
N HIS B 286 35.34 37.44 -3.89
CA HIS B 286 34.73 37.66 -5.22
C HIS B 286 34.50 36.38 -6.02
N LEU B 287 35.20 35.30 -5.68
CA LEU B 287 35.27 34.08 -6.46
C LEU B 287 34.07 33.18 -6.17
N GLN B 288 33.41 32.69 -7.22
CA GLN B 288 32.30 31.77 -7.06
C GLN B 288 32.81 30.36 -6.80
N VAL B 289 32.26 29.65 -5.81
CA VAL B 289 32.69 28.29 -5.47
C VAL B 289 31.54 27.32 -5.66
N ILE B 290 31.80 26.26 -6.42
CA ILE B 290 30.88 25.16 -6.60
C ILE B 290 31.36 24.00 -5.73
N GLY B 291 30.50 23.57 -4.84
CA GLY B 291 30.73 22.43 -3.97
C GLY B 291 30.75 21.13 -4.75
N GLY B 292 31.74 20.32 -4.45
CA GLY B 292 32.00 18.99 -5.01
C GLY B 292 30.89 18.03 -4.71
N ASN B 293 31.00 16.83 -5.28
CA ASN B 293 29.79 16.09 -5.59
C ASN B 293 28.98 15.67 -4.36
N VAL B 294 27.69 15.96 -4.41
CA VAL B 294 26.70 15.55 -3.40
C VAL B 294 25.55 14.84 -4.09
N VAL B 295 24.82 14.01 -3.35
CA VAL B 295 23.62 13.32 -3.85
C VAL B 295 22.50 13.35 -2.85
N THR B 296 22.70 13.88 -1.65
CA THR B 296 21.68 14.00 -0.60
C THR B 296 21.57 15.43 -0.12
N ALA B 297 20.41 15.81 0.40
CA ALA B 297 20.22 17.11 1.04
C ALA B 297 21.12 17.28 2.27
N ALA B 298 21.43 16.22 3.02
CA ALA B 298 22.35 16.23 4.17
C ALA B 298 23.77 16.70 3.78
N GLN B 299 24.29 16.19 2.67
CA GLN B 299 25.55 16.65 2.13
C GLN B 299 25.47 18.09 1.62
N ALA B 300 24.40 18.43 0.91
CA ALA B 300 24.17 19.75 0.37
C ALA B 300 24.13 20.81 1.48
N LYS B 301 23.44 20.55 2.59
CA LYS B 301 23.36 21.40 3.79
C LYS B 301 24.74 21.83 4.26
N ASN B 302 25.66 20.91 4.50
CA ASN B 302 26.99 21.24 4.99
C ASN B 302 27.78 22.14 4.05
N LEU B 303 27.65 21.98 2.73
CA LEU B 303 28.34 22.84 1.77
C LEU B 303 27.66 24.19 1.60
N ILE B 304 26.35 24.27 1.68
CA ILE B 304 25.60 25.54 1.68
C ILE B 304 25.91 26.31 2.98
N ASP B 305 25.98 25.65 4.12
CA ASP B 305 26.46 26.21 5.38
C ASP B 305 27.93 26.67 5.28
N ALA B 306 28.81 25.92 4.60
CA ALA B 306 30.18 26.34 4.33
C ALA B 306 30.27 27.58 3.41
N GLY B 307 29.21 27.87 2.66
CA GLY B 307 29.09 29.06 1.83
C GLY B 307 29.24 28.82 0.33
N VAL B 308 29.06 27.60 -0.19
CA VAL B 308 29.14 27.39 -1.65
C VAL B 308 28.06 28.18 -2.40
N ASP B 309 28.40 28.59 -3.61
CA ASP B 309 27.57 29.34 -4.52
C ASP B 309 26.84 28.46 -5.55
N GLY B 310 27.19 27.19 -5.65
CA GLY B 310 26.57 26.17 -6.48
C GLY B 310 26.96 24.79 -5.97
N LEU B 311 26.31 23.73 -6.43
CA LEU B 311 26.63 22.34 -6.07
C LEU B 311 26.70 21.47 -7.32
N ARG B 312 27.67 20.56 -7.41
CA ARG B 312 27.62 19.44 -8.33
C ARG B 312 26.90 18.25 -7.72
N VAL B 313 25.99 17.69 -8.50
CA VAL B 313 25.19 16.55 -8.08
C VAL B 313 25.49 15.38 -8.97
N GLY B 314 25.79 14.24 -8.35
CA GLY B 314 26.06 13.00 -9.04
C GLY B 314 27.15 12.21 -8.36
N MET B 315 26.96 10.90 -8.19
CA MET B 315 27.97 10.04 -7.60
C MET B 315 27.76 8.64 -8.13
N GLY B 316 28.72 8.15 -8.91
CA GLY B 316 28.66 6.84 -9.54
C GLY B 316 28.12 6.85 -10.96
N CYS B 317 27.11 7.68 -11.23
CA CYS B 317 26.79 8.11 -12.58
C CYS B 317 28.01 8.80 -13.22
N GLY B 318 28.08 8.76 -14.53
CA GLY B 318 29.27 9.21 -15.25
C GLY B 318 29.80 8.05 -16.06
N SER B 319 29.89 8.20 -17.36
CA SER B 319 30.24 7.15 -18.32
C SER B 319 31.46 6.34 -17.92
N ILE B 320 32.51 7.00 -17.47
CA ILE B 320 33.82 6.41 -17.09
C ILE B 320 33.92 6.02 -15.61
N CYS B 321 32.86 6.22 -14.83
CA CYS B 321 32.92 6.11 -13.39
C CYS B 321 32.65 4.67 -12.93
N ILE B 322 33.37 4.21 -11.89
CA ILE B 322 33.16 2.93 -11.22
C ILE B 322 33.15 3.05 -9.68
N THR B 323 32.87 4.24 -9.12
CA THR B 323 32.83 4.39 -7.65
C THR B 323 31.79 3.50 -6.99
N GLN B 324 30.61 3.33 -7.57
CA GLN B 324 29.55 2.47 -7.03
C GLN B 324 29.90 0.97 -7.02
N GLU B 325 31.00 0.56 -7.66
CA GLU B 325 31.44 -0.83 -7.68
C GLU B 325 32.85 -1.01 -7.10
N VAL B 326 33.65 0.05 -6.98
CA VAL B 326 34.87 0.06 -6.14
C VAL B 326 34.52 0.34 -4.67
N MET B 327 33.40 1.00 -4.43
CA MET B 327 32.84 1.36 -3.14
C MET B 327 31.34 1.17 -3.23
N ALA B 328 30.61 0.99 -2.14
CA ALA B 328 29.17 0.74 -2.24
C ALA B 328 28.34 2.01 -2.55
N CYS B 329 28.99 3.15 -2.80
CA CYS B 329 28.46 4.45 -2.50
C CYS B 329 28.00 5.23 -3.74
N GLY B 330 26.80 5.79 -3.67
CA GLY B 330 26.30 6.73 -4.68
C GLY B 330 24.79 6.90 -4.62
N ARG B 331 24.19 7.41 -5.68
CA ARG B 331 22.74 7.48 -5.83
C ARG B 331 22.33 7.46 -7.30
N PRO B 332 21.16 6.92 -7.67
CA PRO B 332 20.61 7.07 -9.02
C PRO B 332 20.41 8.55 -9.35
N GLN B 333 20.91 8.98 -10.50
CA GLN B 333 21.18 10.38 -10.75
C GLN B 333 19.91 11.23 -10.85
N GLY B 334 18.81 10.73 -11.41
CA GLY B 334 17.55 11.45 -11.44
C GLY B 334 17.04 11.75 -10.04
N THR B 335 17.01 10.76 -9.17
CA THR B 335 16.69 10.99 -7.75
C THR B 335 17.63 11.99 -7.09
N ALA B 336 18.95 11.87 -7.27
CA ALA B 336 19.90 12.79 -6.69
C ALA B 336 19.67 14.23 -7.14
N VAL B 337 19.48 14.46 -8.43
CA VAL B 337 19.21 15.78 -8.98
C VAL B 337 17.95 16.36 -8.38
N TYR B 338 16.83 15.61 -8.39
CA TYR B 338 15.60 16.09 -7.80
C TYR B 338 15.72 16.37 -6.29
N LYS B 339 16.26 15.45 -5.49
CA LYS B 339 16.38 15.61 -4.03
C LYS B 339 17.24 16.80 -3.65
N VAL B 340 18.42 16.92 -4.26
CA VAL B 340 19.34 18.00 -3.95
C VAL B 340 18.80 19.32 -4.47
N ALA B 341 18.29 19.40 -5.70
CA ALA B 341 17.74 20.65 -6.20
C ALA B 341 16.53 21.15 -5.41
N GLU B 342 15.66 20.25 -4.96
CA GLU B 342 14.48 20.65 -4.19
C GLU B 342 14.88 21.22 -2.84
N TYR B 343 15.96 20.70 -2.22
CA TYR B 343 16.55 21.29 -1.03
C TYR B 343 17.31 22.58 -1.30
N ALA B 344 18.27 22.59 -2.24
CA ALA B 344 19.15 23.71 -2.53
C ALA B 344 18.41 24.96 -3.02
N ARG B 345 17.26 24.83 -3.69
CA ARG B 345 16.47 25.98 -4.15
C ARG B 345 15.95 26.86 -3.01
N ARG B 346 15.79 26.30 -1.82
CA ARG B 346 15.34 27.01 -0.61
C ARG B 346 16.38 28.01 -0.14
N PHE B 347 17.64 27.80 -0.50
CA PHE B 347 18.79 28.64 -0.21
C PHE B 347 19.24 29.45 -1.42
N GLY B 348 18.54 29.37 -2.55
CA GLY B 348 18.91 30.06 -3.78
C GLY B 348 20.19 29.51 -4.43
N VAL B 349 20.52 28.23 -4.22
CA VAL B 349 21.78 27.63 -4.67
C VAL B 349 21.55 26.81 -5.93
N PRO B 350 22.14 27.15 -7.08
CA PRO B 350 21.98 26.39 -8.30
C PRO B 350 22.65 25.02 -8.25
N ILE B 351 22.02 24.07 -8.91
CA ILE B 351 22.48 22.68 -9.05
C ILE B 351 23.01 22.45 -10.44
N ILE B 352 24.17 21.80 -10.50
CA ILE B 352 24.69 21.19 -11.70
C ILE B 352 24.36 19.71 -11.64
N ALA B 353 23.64 19.19 -12.62
CA ALA B 353 23.54 17.75 -12.78
C ALA B 353 24.79 17.25 -13.51
N ASP B 354 25.62 16.46 -12.85
CA ASP B 354 26.93 16.07 -13.34
C ASP B 354 27.04 14.56 -13.62
N GLY B 355 27.24 14.21 -14.88
CA GLY B 355 27.55 12.84 -15.29
C GLY B 355 26.34 11.96 -15.50
N GLY B 356 26.45 11.05 -16.46
CA GLY B 356 25.34 10.21 -16.91
C GLY B 356 24.45 10.86 -17.97
N ILE B 357 24.86 11.98 -18.54
CA ILE B 357 24.16 12.66 -19.63
C ILE B 357 24.62 12.05 -20.95
N GLN B 358 23.85 11.11 -21.51
CA GLN B 358 24.20 10.41 -22.76
C GLN B 358 23.50 11.02 -23.98
N THR B 359 22.40 11.72 -23.79
CA THR B 359 21.48 12.18 -24.82
C THR B 359 20.89 13.53 -24.44
N VAL B 360 20.31 14.28 -25.38
CA VAL B 360 19.66 15.58 -25.11
C VAL B 360 18.41 15.43 -24.24
N GLY B 361 17.69 14.32 -24.37
CA GLY B 361 16.59 13.97 -23.50
C GLY B 361 16.99 13.87 -22.04
N HIS B 362 18.19 13.35 -21.75
CA HIS B 362 18.75 13.36 -20.39
C HIS B 362 19.06 14.75 -19.89
N VAL B 363 19.49 15.66 -20.76
CA VAL B 363 19.66 17.08 -20.41
C VAL B 363 18.33 17.70 -20.01
N VAL B 364 17.30 17.49 -20.81
CA VAL B 364 15.97 18.04 -20.55
C VAL B 364 15.37 17.47 -19.27
N LYS B 365 15.57 16.17 -19.02
CA LYS B 365 15.19 15.52 -17.76
C LYS B 365 15.94 16.11 -16.58
N ALA B 366 17.25 16.28 -16.66
CA ALA B 366 18.03 16.89 -15.59
C ALA B 366 17.52 18.29 -15.25
N LEU B 367 17.29 19.12 -16.24
CA LEU B 367 16.76 20.48 -16.08
C LEU B 367 15.34 20.47 -15.53
N ALA B 368 14.48 19.60 -16.05
CA ALA B 368 13.13 19.41 -15.56
C ALA B 368 13.10 18.98 -14.10
N LEU B 369 13.99 18.09 -13.66
CA LEU B 369 14.12 17.66 -12.27
C LEU B 369 14.68 18.72 -11.33
N GLY B 370 15.12 19.88 -11.83
CA GLY B 370 15.53 21.00 -11.01
C GLY B 370 16.99 21.37 -11.13
N ALA B 371 17.79 20.66 -11.93
CA ALA B 371 19.12 21.15 -12.24
C ALA B 371 19.02 22.49 -12.94
N SER B 372 19.86 23.44 -12.55
CA SER B 372 19.93 24.75 -13.17
C SER B 372 20.84 24.70 -14.38
N THR B 373 21.89 23.89 -14.32
CA THR B 373 22.85 23.64 -15.40
C THR B 373 23.20 22.17 -15.42
N VAL B 374 23.78 21.70 -16.51
CA VAL B 374 24.09 20.29 -16.75
C VAL B 374 25.54 20.18 -17.21
N MET B 375 26.30 19.31 -16.57
CA MET B 375 27.70 19.08 -16.85
C MET B 375 27.89 17.75 -17.56
N MET B 376 28.61 17.81 -18.68
CA MET B 376 28.87 16.67 -19.55
C MET B 376 30.35 16.39 -19.66
N GLY B 377 30.69 15.12 -19.54
CA GLY B 377 31.97 14.55 -19.86
C GLY B 377 31.98 13.90 -21.22
N SER B 378 31.57 12.63 -21.26
CA SER B 378 31.56 11.76 -22.44
C SER B 378 30.81 12.34 -23.62
N LEU B 379 29.74 13.09 -23.40
CA LEU B 379 28.97 13.70 -24.48
C LEU B 379 29.77 14.79 -25.22
N LEU B 380 30.79 15.39 -24.60
CA LEU B 380 31.68 16.35 -25.24
C LEU B 380 33.06 15.78 -25.55
N ALA B 381 33.44 14.64 -24.98
CA ALA B 381 34.62 13.90 -25.37
C ALA B 381 34.54 13.49 -26.84
N ALA B 382 35.68 13.40 -27.52
CA ALA B 382 35.72 13.16 -28.97
C ALA B 382 35.04 14.23 -29.83
N THR B 383 34.70 15.39 -29.28
CA THR B 383 34.64 16.60 -30.07
C THR B 383 36.07 17.07 -30.40
N THR B 384 36.17 17.96 -31.37
CA THR B 384 37.41 18.51 -31.92
C THR B 384 38.18 19.28 -30.85
N GLU B 385 37.47 20.03 -30.03
CA GLU B 385 37.99 20.90 -28.98
C GLU B 385 38.39 20.14 -27.71
N ALA B 386 38.00 18.88 -27.57
CA ALA B 386 38.44 18.03 -26.45
C ALA B 386 39.95 17.74 -26.56
N PRO B 387 40.70 17.65 -25.46
CA PRO B 387 42.16 17.48 -25.44
C PRO B 387 42.68 16.23 -26.15
N GLY B 388 43.95 16.26 -26.55
CA GLY B 388 44.63 15.12 -27.16
C GLY B 388 44.25 14.89 -28.64
N GLU B 389 44.36 13.65 -29.10
CA GLU B 389 44.31 13.34 -30.54
C GLU B 389 43.52 12.10 -30.87
N TYR B 390 42.93 12.11 -32.06
CA TYR B 390 42.19 10.97 -32.60
C TYR B 390 43.13 9.84 -33.04
N PHE B 391 42.61 8.62 -32.97
CA PHE B 391 43.23 7.40 -33.43
C PHE B 391 42.17 6.49 -34.02
N PHE B 392 42.57 5.47 -34.77
CA PHE B 392 41.67 4.47 -35.34
C PHE B 392 41.86 3.11 -34.67
N SER B 393 40.75 2.49 -34.23
CA SER B 393 40.69 1.08 -33.84
C SER B 393 39.43 0.44 -34.38
N ASP B 394 39.53 -0.79 -34.90
CA ASP B 394 38.40 -1.60 -35.38
C ASP B 394 37.49 -0.89 -36.42
N GLY B 395 38.08 -0.01 -37.25
CA GLY B 395 37.41 0.79 -38.28
C GLY B 395 36.74 2.09 -37.80
N VAL B 396 36.92 2.48 -36.52
CA VAL B 396 36.27 3.62 -35.88
C VAL B 396 37.29 4.70 -35.57
N ARG B 397 36.97 5.97 -35.89
CA ARG B 397 37.71 7.15 -35.41
C ARG B 397 37.36 7.45 -33.96
N LEU B 398 38.33 7.41 -33.08
CA LEU B 398 38.16 7.46 -31.63
C LEU B 398 39.04 8.54 -31.03
N LYS B 399 38.62 9.15 -29.92
CA LYS B 399 39.46 9.93 -29.02
C LYS B 399 39.40 9.31 -27.63
N LYS B 400 40.48 9.38 -26.85
CA LYS B 400 40.57 8.86 -25.49
C LYS B 400 39.61 9.62 -24.57
N TYR B 401 39.11 8.95 -23.54
CA TYR B 401 38.25 9.55 -22.52
C TYR B 401 38.43 8.84 -21.17
N ARG B 402 39.10 9.51 -20.21
CA ARG B 402 39.77 8.82 -19.09
C ARG B 402 38.91 8.59 -17.86
N GLY B 403 38.38 9.67 -17.32
CA GLY B 403 37.97 9.70 -15.91
C GLY B 403 39.16 10.06 -15.01
N MET B 404 38.99 11.05 -14.15
CA MET B 404 40.08 11.70 -13.43
C MET B 404 40.66 10.88 -12.28
N GLY B 405 39.89 9.91 -11.80
CA GLY B 405 40.30 8.84 -10.91
C GLY B 405 40.64 7.54 -11.64
N SER B 406 40.74 7.53 -12.97
CA SER B 406 41.40 6.42 -13.67
C SER B 406 42.88 6.41 -13.31
N LEU B 407 43.49 5.23 -13.26
CA LEU B 407 44.87 5.13 -12.78
C LEU B 407 45.90 5.70 -13.78
N ASP B 408 45.54 5.80 -15.06
CA ASP B 408 46.30 6.52 -16.08
C ASP B 408 46.20 8.04 -15.91
N ALA B 409 45.06 8.58 -15.47
CA ALA B 409 44.93 9.98 -15.08
C ALA B 409 45.74 10.27 -13.80
N MET B 410 45.66 9.42 -12.77
CA MET B 410 46.42 9.62 -11.53
C MET B 410 47.94 9.70 -11.77
N LYS B 426 48.01 -0.86 -3.77
CA LYS B 426 47.57 -0.37 -2.43
C LYS B 426 47.23 1.12 -2.42
N VAL B 427 48.23 2.02 -2.52
CA VAL B 427 48.15 3.46 -2.21
C VAL B 427 47.38 4.33 -3.23
N LYS B 428 46.91 3.78 -4.36
CA LYS B 428 46.12 4.47 -5.38
C LYS B 428 44.92 3.60 -5.81
N ILE B 429 43.74 3.85 -5.22
CA ILE B 429 42.48 3.21 -5.62
C ILE B 429 41.90 3.90 -6.86
N ALA B 430 41.82 3.18 -7.98
CA ALA B 430 41.17 3.65 -9.20
C ALA B 430 39.66 3.79 -9.00
N GLN B 431 39.10 4.92 -9.44
CA GLN B 431 37.68 5.22 -9.45
C GLN B 431 37.10 5.40 -10.87
N GLY B 432 37.93 5.27 -11.92
CA GLY B 432 37.58 5.48 -13.34
C GLY B 432 38.29 4.50 -14.28
N VAL B 433 38.06 4.55 -15.60
CA VAL B 433 38.29 3.37 -16.49
C VAL B 433 38.94 3.59 -17.86
N SER B 434 39.46 4.76 -18.24
CA SER B 434 40.25 4.88 -19.48
C SER B 434 39.55 4.35 -20.74
N GLY B 435 38.42 4.98 -21.09
CA GLY B 435 37.66 4.62 -22.27
C GLY B 435 38.14 5.23 -23.58
N SER B 436 37.42 4.87 -24.63
CA SER B 436 37.46 5.50 -25.95
C SER B 436 36.05 5.96 -26.34
N ILE B 437 35.93 7.11 -27.03
CA ILE B 437 34.66 7.69 -27.50
C ILE B 437 34.80 8.00 -29.00
N GLN B 438 33.77 7.78 -29.79
CA GLN B 438 33.74 7.99 -31.24
C GLN B 438 33.54 9.47 -31.62
N ASP B 439 34.21 9.93 -32.67
CA ASP B 439 34.27 11.34 -33.10
C ASP B 439 32.90 12.02 -33.28
N LYS B 440 32.77 13.25 -32.76
CA LYS B 440 31.52 14.04 -32.74
C LYS B 440 31.57 15.31 -33.57
N GLY B 441 32.70 15.67 -34.18
CA GLY B 441 32.87 16.98 -34.82
C GLY B 441 33.14 18.09 -33.81
N SER B 442 32.63 19.30 -34.03
CA SER B 442 33.00 20.50 -33.28
C SER B 442 31.93 20.91 -32.28
N ILE B 443 32.34 21.32 -31.09
CA ILE B 443 31.50 21.98 -30.07
C ILE B 443 30.69 23.13 -30.65
N GLN B 444 31.25 23.90 -31.58
CA GLN B 444 30.56 25.03 -32.20
C GLN B 444 29.42 24.62 -33.14
N LYS B 445 29.27 23.34 -33.46
CA LYS B 445 28.09 22.77 -34.14
C LYS B 445 27.27 21.85 -33.24
N PHE B 446 27.93 21.03 -32.42
CA PHE B 446 27.27 20.11 -31.50
C PHE B 446 26.56 20.80 -30.33
N VAL B 447 27.10 21.88 -29.75
CA VAL B 447 26.38 22.58 -28.68
C VAL B 447 25.15 23.35 -29.19
N PRO B 448 25.15 23.94 -30.39
CA PRO B 448 23.90 24.41 -30.99
C PRO B 448 22.88 23.30 -31.29
N TYR B 449 23.32 22.07 -31.58
CA TYR B 449 22.44 20.91 -31.63
C TYR B 449 21.85 20.56 -30.25
N LEU B 450 22.66 20.55 -29.19
CA LEU B 450 22.16 20.37 -27.84
C LEU B 450 21.14 21.45 -27.49
N ILE B 451 21.45 22.72 -27.73
CA ILE B 451 20.57 23.86 -27.47
C ILE B 451 19.23 23.71 -28.16
N ALA B 452 19.23 23.43 -29.47
CA ALA B 452 17.97 23.30 -30.20
C ALA B 452 17.19 22.04 -29.77
N GLY B 453 17.84 20.93 -29.38
CA GLY B 453 17.17 19.76 -28.81
C GLY B 453 16.58 20.04 -27.41
N ILE B 454 17.24 20.85 -26.58
CA ILE B 454 16.72 21.29 -25.28
C ILE B 454 15.51 22.19 -25.49
N GLN B 455 15.58 23.14 -26.41
CA GLN B 455 14.45 24.01 -26.75
C GLN B 455 13.26 23.22 -27.28
N HIS B 456 13.46 22.23 -28.14
CA HIS B 456 12.37 21.38 -28.61
C HIS B 456 11.79 20.51 -27.49
N GLY B 457 12.62 20.01 -26.56
CA GLY B 457 12.16 19.29 -25.37
C GLY B 457 11.27 20.14 -24.49
N CYS B 458 11.68 21.35 -24.19
CA CYS B 458 10.85 22.31 -23.46
C CYS B 458 9.58 22.66 -24.22
N GLN B 459 9.64 22.80 -25.54
CA GLN B 459 8.45 23.08 -26.34
C GLN B 459 7.44 21.93 -26.30
N ASP B 460 7.84 20.67 -26.47
CA ASP B 460 6.91 19.53 -26.32
C ASP B 460 6.25 19.48 -24.94
N ILE B 461 6.99 19.85 -23.91
CA ILE B 461 6.53 20.02 -22.53
C ILE B 461 5.59 21.22 -22.37
N GLY B 462 5.66 22.23 -23.24
CA GLY B 462 4.94 23.47 -23.07
C GLY B 462 5.62 24.47 -22.12
N ALA B 463 6.91 24.30 -21.81
CA ALA B 463 7.65 25.29 -21.02
C ALA B 463 8.36 26.32 -21.92
N ARG B 464 8.03 27.62 -21.79
CA ARG B 464 8.68 28.73 -22.54
C ARG B 464 10.12 29.03 -22.16
N SER B 465 10.58 28.50 -21.04
CA SER B 465 11.84 28.85 -20.39
C SER B 465 12.23 27.71 -19.45
N LEU B 466 13.50 27.59 -19.10
CA LEU B 466 13.97 26.61 -18.11
C LEU B 466 13.53 26.93 -16.69
N SER B 467 13.42 28.19 -16.31
CA SER B 467 12.87 28.61 -15.01
C SER B 467 11.35 28.35 -14.93
N VAL B 468 10.63 28.52 -16.05
CA VAL B 468 9.23 28.11 -16.19
C VAL B 468 9.08 26.59 -16.09
N LEU B 469 9.92 25.81 -16.77
CA LEU B 469 9.97 24.35 -16.68
C LEU B 469 10.14 23.89 -15.23
N ARG B 470 11.09 24.45 -14.48
CA ARG B 470 11.27 24.10 -13.08
C ARG B 470 10.11 24.54 -12.20
N SER B 471 9.55 25.72 -12.42
CA SER B 471 8.37 26.15 -11.67
C SER B 471 7.17 25.22 -11.94
N MET B 472 6.94 24.77 -13.17
CA MET B 472 5.92 23.77 -13.49
C MET B 472 6.19 22.46 -12.78
N MET B 473 7.44 22.07 -12.64
CA MET B 473 7.83 20.88 -11.92
C MET B 473 7.55 21.00 -10.42
N TYR B 474 8.03 22.05 -9.73
CA TYR B 474 7.77 22.20 -8.29
C TYR B 474 6.29 22.45 -8.00
N SER B 475 5.57 23.09 -8.92
CA SER B 475 4.12 23.27 -8.92
C SER B 475 3.34 21.96 -9.00
N GLY B 476 3.89 20.93 -9.62
CA GLY B 476 3.19 19.70 -9.98
C GLY B 476 2.38 19.80 -11.28
N GLU B 477 2.45 20.92 -12.00
CA GLU B 477 1.91 21.05 -13.34
C GLU B 477 2.60 20.14 -14.34
N LEU B 478 3.92 20.05 -14.27
CA LEU B 478 4.73 19.11 -15.04
C LEU B 478 4.49 17.70 -14.54
N LYS B 479 4.14 16.78 -15.45
CA LYS B 479 3.81 15.39 -15.12
C LYS B 479 4.81 14.44 -15.72
N PHE B 480 4.99 13.31 -15.07
CA PHE B 480 5.96 12.30 -15.39
C PHE B 480 5.26 10.95 -15.45
N GLU B 481 5.82 10.03 -16.21
CA GLU B 481 5.42 8.62 -16.17
C GLU B 481 6.67 7.80 -15.89
N LYS B 482 6.59 6.78 -15.05
CA LYS B 482 7.64 5.78 -14.96
C LYS B 482 7.67 4.94 -16.25
N ARG B 483 8.84 4.43 -16.60
CA ARG B 483 9.06 3.48 -17.69
C ARG B 483 9.45 2.14 -17.08
N THR B 484 8.69 1.09 -17.38
CA THR B 484 9.17 -0.29 -17.28
C THR B 484 10.43 -0.46 -18.13
N MET B 485 11.27 -1.47 -17.90
CA MET B 485 12.38 -1.79 -18.81
C MET B 485 11.91 -1.82 -20.28
N SER B 486 10.79 -2.45 -20.57
CA SER B 486 10.19 -2.53 -21.91
C SER B 486 9.76 -1.18 -22.50
N ALA B 487 9.35 -0.19 -21.69
CA ALA B 487 9.16 1.18 -22.19
C ALA B 487 10.46 1.86 -22.57
N GLN B 488 11.57 1.50 -21.94
CA GLN B 488 12.90 1.98 -22.30
C GLN B 488 13.36 1.35 -23.62
N ILE B 489 13.10 0.05 -23.83
CA ILE B 489 13.24 -0.64 -25.12
C ILE B 489 12.38 0.00 -26.22
N GLU B 490 11.09 0.24 -25.95
CA GLU B 490 10.15 0.86 -26.89
C GLU B 490 10.51 2.31 -27.24
N GLY B 491 11.07 3.08 -26.30
CA GLY B 491 11.39 4.48 -26.51
C GLY B 491 12.61 4.73 -27.40
N GLY B 492 13.65 3.91 -27.27
CA GLY B 492 14.80 3.93 -28.18
C GLY B 492 14.51 3.34 -29.57
N VAL B 493 15.46 3.42 -30.49
CA VAL B 493 15.36 2.71 -31.77
C VAL B 493 15.30 1.18 -31.53
N HIS B 494 14.37 0.49 -32.19
CA HIS B 494 14.13 -0.96 -31.98
C HIS B 494 13.52 -1.61 -33.22
N GLY B 495 13.60 -2.94 -33.34
CA GLY B 495 12.95 -3.70 -34.43
C GLY B 495 13.57 -3.49 -35.82
N LEU B 496 14.67 -2.74 -35.91
CA LEU B 496 15.45 -2.46 -37.13
C LEU B 496 16.59 -3.48 -37.29
N HIS B 497 16.88 -3.91 -38.52
CA HIS B 497 18.06 -4.75 -38.80
C HIS B 497 19.36 -3.96 -38.59
N SER B 498 19.42 -2.73 -39.13
CA SER B 498 20.51 -1.77 -38.97
C SER B 498 19.95 -0.36 -38.94
N TYR B 499 20.74 0.60 -38.46
CA TYR B 499 20.28 1.83 -37.83
C TYR B 499 21.35 2.91 -38.07
N GLU B 500 21.08 3.84 -38.98
CA GLU B 500 21.98 4.94 -39.34
C GLU B 500 21.64 6.23 -38.56
N LYS B 501 22.05 6.31 -37.29
CA LYS B 501 21.83 7.50 -36.47
C LYS B 501 22.51 8.72 -37.10
N ARG B 502 21.77 9.83 -37.20
CA ARG B 502 22.25 11.12 -37.69
C ARG B 502 21.61 12.23 -36.85
N LEU B 503 22.10 12.37 -35.62
CA LEU B 503 21.88 13.57 -34.83
C LEU B 503 22.70 14.70 -35.48
N TYR B 504 22.02 15.77 -35.90
CA TYR B 504 22.58 17.04 -36.43
C TYR B 504 23.35 17.00 -37.77
N GLY C 1 19.07 24.08 12.06
CA GLY C 1 18.60 23.82 10.67
C GLY C 1 18.18 22.38 10.47
N TYR C 2 17.21 22.15 9.60
CA TYR C 2 16.62 20.84 9.34
C TYR C 2 16.85 20.34 7.91
N VAL C 3 17.28 19.10 7.79
CA VAL C 3 17.34 18.35 6.54
C VAL C 3 16.31 17.21 6.56
N PRO C 4 15.49 17.06 5.51
CA PRO C 4 14.56 15.95 5.40
C PRO C 4 15.31 14.62 5.34
N GLU C 5 14.73 13.57 5.89
CA GLU C 5 15.37 12.25 5.97
C GLU C 5 15.50 11.64 4.55
N ASP C 6 16.69 11.21 4.16
CA ASP C 6 16.99 10.78 2.79
C ASP C 6 17.33 9.28 2.71
N GLY C 7 16.68 8.52 1.83
CA GLY C 7 16.92 7.08 1.66
C GLY C 7 16.27 6.18 2.72
N LEU C 8 16.39 4.88 2.51
CA LEU C 8 15.83 3.81 3.34
C LEU C 8 16.83 3.37 4.39
N THR C 9 16.40 2.95 5.57
CA THR C 9 17.26 2.16 6.45
C THR C 9 17.42 0.72 5.92
N ALA C 10 18.37 -0.06 6.41
CA ALA C 10 18.47 -1.47 6.03
C ALA C 10 17.20 -2.25 6.37
N GLN C 11 16.57 -1.95 7.51
CA GLN C 11 15.32 -2.57 7.91
C GLN C 11 14.19 -2.27 6.91
N GLN C 12 14.08 -1.05 6.39
CA GLN C 12 13.10 -0.70 5.34
C GLN C 12 13.45 -1.28 3.97
N LEU C 13 14.74 -1.27 3.59
CA LEU C 13 15.25 -1.85 2.37
C LEU C 13 14.86 -3.32 2.26
N PHE C 14 14.95 -4.08 3.35
CA PHE C 14 14.59 -5.50 3.39
C PHE C 14 13.17 -5.84 3.87
N ALA C 15 12.42 -4.92 4.48
CA ALA C 15 10.98 -5.12 4.73
C ALA C 15 10.19 -5.17 3.42
N SER C 16 10.65 -4.42 2.43
CA SER C 16 10.24 -4.50 1.03
C SER C 16 10.44 -5.94 0.49
N ALA C 17 9.38 -6.59 0.03
CA ALA C 17 9.37 -8.06 -0.11
C ALA C 17 10.32 -8.67 -1.16
N ASP C 18 10.73 -7.93 -2.19
CA ASP C 18 11.61 -8.51 -3.21
C ASP C 18 13.01 -8.80 -2.67
N GLY C 19 13.55 -9.99 -2.96
CA GLY C 19 14.89 -10.37 -2.52
C GLY C 19 15.95 -9.64 -3.34
N LEU C 20 16.83 -8.93 -2.65
CA LEU C 20 17.82 -8.06 -3.24
C LEU C 20 19.20 -8.71 -3.23
N THR C 21 19.88 -8.55 -4.34
CA THR C 21 21.32 -8.75 -4.49
C THR C 21 22.07 -7.50 -4.11
N TYR C 22 23.39 -7.59 -3.97
CA TYR C 22 24.24 -6.41 -3.87
C TYR C 22 24.07 -5.43 -5.03
N ASN C 23 23.79 -5.89 -6.24
CA ASN C 23 23.60 -5.02 -7.37
C ASN C 23 22.32 -4.17 -7.26
N ASP C 24 21.31 -4.60 -6.51
CA ASP C 24 20.00 -3.93 -6.42
C ASP C 24 19.91 -2.69 -5.52
N PHE C 25 20.96 -2.32 -4.82
CA PHE C 25 20.96 -1.17 -3.94
C PHE C 25 22.31 -0.46 -3.91
N LEU C 26 22.29 0.78 -3.46
CA LEU C 26 23.44 1.61 -3.12
C LEU C 26 23.39 1.99 -1.66
N ILE C 27 24.53 2.36 -1.10
CA ILE C 27 24.61 3.03 0.17
C ILE C 27 24.72 4.52 -0.12
N LEU C 28 23.92 5.32 0.54
CA LEU C 28 24.03 6.79 0.43
C LEU C 28 25.27 7.28 1.18
N PRO C 29 26.02 8.23 0.64
CA PRO C 29 27.20 8.79 1.29
C PRO C 29 26.87 9.54 2.57
N GLY C 30 27.77 9.50 3.54
CA GLY C 30 27.65 10.23 4.81
C GLY C 30 28.54 11.46 4.87
N PHE C 31 29.11 11.70 6.04
CA PHE C 31 30.04 12.79 6.29
C PHE C 31 31.45 12.24 6.51
N ILE C 32 32.44 12.81 5.84
CA ILE C 32 33.84 12.42 5.97
C ILE C 32 34.55 13.36 6.93
N ASP C 33 35.00 12.86 8.07
CA ASP C 33 35.83 13.61 9.05
C ASP C 33 37.22 12.98 9.31
N PHE C 34 37.61 11.99 8.51
CA PHE C 34 38.77 11.13 8.73
C PHE C 34 39.40 10.67 7.40
N ILE C 35 40.65 10.22 7.44
CA ILE C 35 41.39 9.70 6.28
C ILE C 35 41.03 8.22 6.06
N ALA C 36 40.92 7.77 4.81
CA ALA C 36 40.57 6.38 4.49
C ALA C 36 41.54 5.36 5.13
N ASP C 37 42.83 5.63 5.13
CA ASP C 37 43.82 4.75 5.75
C ASP C 37 43.65 4.57 7.27
N GLU C 38 42.96 5.50 7.95
CA GLU C 38 42.64 5.38 9.38
C GLU C 38 41.37 4.54 9.63
N VAL C 39 40.67 4.05 8.59
CA VAL C 39 39.51 3.16 8.75
C VAL C 39 39.95 1.79 9.24
N ASP C 40 39.43 1.36 10.38
CA ASP C 40 39.69 0.06 10.99
C ASP C 40 38.89 -1.10 10.36
N LEU C 41 39.56 -2.05 9.72
CA LEU C 41 38.97 -3.24 9.11
C LEU C 41 38.99 -4.48 10.00
N THR C 42 39.24 -4.35 11.30
CA THR C 42 39.26 -5.47 12.25
C THR C 42 37.91 -6.17 12.30
N SER C 43 37.90 -7.49 12.15
CA SER C 43 36.72 -8.26 11.83
C SER C 43 36.64 -9.54 12.65
N ALA C 44 35.52 -9.85 13.28
CA ALA C 44 35.30 -11.16 13.87
C ALA C 44 35.05 -12.21 12.78
N LEU C 45 35.82 -13.28 12.75
CA LEU C 45 35.58 -14.45 11.90
C LEU C 45 34.65 -15.45 12.59
N THR C 46 34.90 -15.66 13.88
CA THR C 46 34.11 -16.50 14.78
C THR C 46 34.10 -15.82 16.15
N ARG C 47 33.35 -16.37 17.12
CA ARG C 47 33.34 -15.89 18.51
C ARG C 47 34.72 -15.55 19.08
N LYS C 48 35.73 -16.41 18.87
CA LYS C 48 37.10 -16.29 19.41
C LYS C 48 38.19 -15.86 18.42
N ILE C 49 37.96 -15.87 17.11
CA ILE C 49 38.98 -15.46 16.11
C ILE C 49 38.60 -14.11 15.53
N THR C 50 39.50 -13.16 15.65
CA THR C 50 39.45 -11.84 15.02
C THR C 50 40.58 -11.72 14.00
N LEU C 51 40.26 -11.20 12.82
CA LEU C 51 41.20 -10.91 11.74
C LEU C 51 41.41 -9.39 11.67
N LYS C 52 42.60 -8.92 11.32
CA LYS C 52 42.83 -7.50 11.04
C LYS C 52 42.18 -7.03 9.72
N THR C 53 41.55 -7.93 8.98
CA THR C 53 40.93 -7.64 7.69
C THR C 53 39.74 -8.57 7.46
N PRO C 54 38.64 -8.15 6.80
CA PRO C 54 37.43 -8.95 6.67
C PRO C 54 37.51 -10.13 5.69
N LEU C 55 38.64 -10.38 5.04
CA LEU C 55 38.70 -11.08 3.76
C LEU C 55 39.08 -12.54 3.94
N ILE C 56 38.33 -13.44 3.32
CA ILE C 56 38.53 -14.88 3.42
C ILE C 56 38.63 -15.49 2.03
N SER C 57 39.61 -16.36 1.80
CA SER C 57 39.59 -17.19 0.59
C SER C 57 38.76 -18.44 0.81
N SER C 58 37.85 -18.67 -0.12
CA SER C 58 36.90 -19.75 -0.08
C SER C 58 37.56 -21.14 -0.17
N PRO C 59 37.06 -22.15 0.56
CA PRO C 59 37.55 -23.53 0.49
C PRO C 59 37.19 -24.24 -0.82
N MET C 60 37.84 -23.85 -1.90
CA MET C 60 37.69 -24.48 -3.20
C MET C 60 39.01 -24.95 -3.77
N ASP C 61 38.95 -26.08 -4.44
CA ASP C 61 40.03 -26.78 -5.19
C ASP C 61 40.88 -25.86 -6.08
N THR C 62 40.26 -24.81 -6.58
CA THR C 62 40.78 -23.84 -7.53
C THR C 62 41.00 -22.46 -6.90
N VAL C 63 40.84 -22.32 -5.58
CA VAL C 63 41.10 -21.08 -4.83
C VAL C 63 42.08 -21.30 -3.69
N THR C 64 41.86 -22.24 -2.76
CA THR C 64 42.61 -22.25 -1.49
C THR C 64 43.28 -23.59 -1.20
N GLU C 65 44.58 -23.67 -1.54
CA GLU C 65 45.55 -24.55 -0.90
C GLU C 65 46.54 -23.71 -0.05
N ALA C 66 47.69 -24.24 0.39
CA ALA C 66 48.56 -23.55 1.35
C ALA C 66 49.06 -22.19 0.88
N ASP C 67 49.43 -22.00 -0.39
CA ASP C 67 49.97 -20.72 -0.88
C ASP C 67 48.97 -19.58 -0.75
N MET C 68 47.70 -19.86 -1.05
CA MET C 68 46.60 -18.93 -0.86
C MET C 68 46.36 -18.68 0.62
N ALA C 69 46.28 -19.74 1.43
CA ALA C 69 46.04 -19.57 2.86
C ALA C 69 47.16 -18.80 3.57
N ILE C 70 48.42 -19.00 3.18
CA ILE C 70 49.55 -18.19 3.63
C ILE C 70 49.35 -16.75 3.20
N ALA C 71 49.14 -16.49 1.90
CA ALA C 71 49.04 -15.12 1.42
C ALA C 71 47.82 -14.39 2.00
N MET C 72 46.71 -15.07 2.23
CA MET C 72 45.55 -14.51 2.91
C MET C 72 45.84 -14.19 4.37
N ALA C 73 46.41 -15.12 5.12
CA ALA C 73 46.75 -14.90 6.50
C ALA C 73 47.79 -13.77 6.65
N LEU C 74 48.83 -13.70 5.80
CA LEU C 74 49.80 -12.62 5.81
C LEU C 74 49.17 -11.25 5.54
N MET C 75 48.24 -11.16 4.59
CA MET C 75 47.48 -9.94 4.33
C MET C 75 46.39 -9.64 5.37
N GLY C 76 46.29 -10.42 6.43
CA GLY C 76 45.39 -10.18 7.56
C GLY C 76 43.97 -10.70 7.38
N GLY C 77 43.73 -11.48 6.34
CA GLY C 77 42.54 -12.32 6.18
C GLY C 77 42.81 -13.73 6.69
N ILE C 78 42.16 -14.73 6.11
CA ILE C 78 42.43 -16.16 6.36
C ILE C 78 42.07 -16.96 5.11
N GLY C 79 42.69 -18.13 4.91
CA GLY C 79 42.22 -19.08 3.92
C GLY C 79 41.67 -20.32 4.58
N PHE C 80 40.57 -20.83 4.06
CA PHE C 80 40.07 -22.15 4.42
C PHE C 80 40.51 -23.12 3.35
N ILE C 81 41.35 -24.07 3.70
CA ILE C 81 41.88 -25.05 2.75
C ILE C 81 40.78 -26.01 2.35
N HIS C 82 40.62 -26.19 1.03
CA HIS C 82 39.59 -27.06 0.45
C HIS C 82 39.76 -28.53 0.86
N HIS C 83 38.70 -29.34 0.70
CA HIS C 83 38.68 -30.75 1.08
C HIS C 83 38.46 -31.71 -0.09
N ASN C 84 38.56 -31.23 -1.34
CA ASN C 84 38.52 -32.04 -2.55
C ASN C 84 39.91 -32.62 -2.89
N CYS C 85 40.47 -33.27 -1.89
CA CYS C 85 41.78 -33.87 -1.80
C CYS C 85 41.75 -34.89 -0.66
N THR C 86 42.72 -35.80 -0.57
CA THR C 86 42.76 -36.76 0.55
C THR C 86 42.93 -36.06 1.90
N PRO C 87 42.49 -36.66 3.01
CA PRO C 87 42.73 -36.14 4.34
C PRO C 87 44.20 -35.79 4.60
N GLU C 88 45.14 -36.64 4.23
CA GLU C 88 46.56 -36.45 4.45
C GLU C 88 47.12 -35.29 3.62
N PHE C 89 46.67 -35.13 2.37
CA PHE C 89 47.00 -33.96 1.55
C PHE C 89 46.54 -32.67 2.22
N GLN C 90 45.28 -32.62 2.64
CA GLN C 90 44.71 -31.42 3.26
C GLN C 90 45.44 -31.04 4.55
N ALA C 91 45.71 -32.01 5.42
CA ALA C 91 46.45 -31.80 6.65
C ALA C 91 47.89 -31.32 6.36
N ASN C 92 48.55 -31.79 5.30
CA ASN C 92 49.83 -31.27 4.88
C ASN C 92 49.74 -29.82 4.37
N GLU C 93 48.69 -29.46 3.63
CA GLU C 93 48.47 -28.07 3.22
C GLU C 93 48.26 -27.18 4.46
N VAL C 94 47.49 -27.62 5.47
CA VAL C 94 47.36 -26.92 6.76
C VAL C 94 48.71 -26.80 7.47
N ARG C 95 49.49 -27.87 7.54
CA ARG C 95 50.84 -27.89 8.11
C ARG C 95 51.74 -26.86 7.43
N LYS C 96 51.73 -26.75 6.10
CA LYS C 96 52.50 -25.72 5.39
C LYS C 96 52.12 -24.31 5.79
N VAL C 97 50.83 -24.00 6.03
CA VAL C 97 50.39 -22.71 6.59
C VAL C 97 50.89 -22.52 8.02
N LYS C 98 50.63 -23.50 8.91
CA LYS C 98 51.01 -23.40 10.32
C LYS C 98 52.53 -23.33 10.54
N LYS C 99 53.34 -23.91 9.64
CA LYS C 99 54.81 -23.82 9.67
C LYS C 99 55.39 -22.58 8.97
N PHE C 100 54.62 -21.77 8.24
CA PHE C 100 55.22 -20.68 7.44
C PHE C 100 55.89 -19.58 8.27
N GLU C 101 55.25 -19.10 9.32
CA GLU C 101 55.79 -18.11 10.27
C GLU C 101 55.72 -18.72 11.66
N GLN C 102 56.70 -18.46 12.50
CA GLN C 102 56.83 -19.13 13.79
C GLN C 102 57.28 -18.19 14.90
N GLY C 103 56.72 -18.36 16.09
CA GLY C 103 57.32 -17.87 17.33
C GLY C 103 58.48 -18.79 17.73
N PHE C 104 58.35 -19.49 18.84
CA PHE C 104 59.20 -20.64 19.13
C PHE C 104 58.91 -21.79 18.17
N ILE C 105 59.90 -22.22 17.39
CA ILE C 105 59.82 -23.51 16.70
C ILE C 105 60.08 -24.59 17.76
N THR C 106 59.01 -25.21 18.24
CA THR C 106 59.02 -26.25 19.28
C THR C 106 59.39 -27.64 18.78
N ASP C 107 59.52 -27.79 17.46
CA ASP C 107 59.77 -29.06 16.78
C ASP C 107 60.51 -28.84 15.45
N PRO C 108 61.68 -28.17 15.46
CA PRO C 108 62.47 -27.93 14.27
C PRO C 108 62.95 -29.23 13.63
N VAL C 109 63.26 -29.17 12.34
CA VAL C 109 64.02 -30.22 11.66
C VAL C 109 65.42 -30.25 12.27
N VAL C 110 65.77 -31.37 12.89
CA VAL C 110 67.06 -31.65 13.55
C VAL C 110 67.75 -32.82 12.89
N LEU C 111 69.08 -32.84 12.93
CA LEU C 111 69.91 -33.97 12.50
C LEU C 111 71.00 -34.26 13.53
N SER C 112 71.58 -35.45 13.48
CA SER C 112 72.73 -35.85 14.31
C SER C 112 74.02 -35.32 13.69
N PRO C 113 75.09 -35.01 14.46
CA PRO C 113 76.41 -34.74 13.88
C PRO C 113 76.94 -35.91 13.03
N SER C 114 76.38 -37.12 13.19
CA SER C 114 76.65 -38.30 12.37
C SER C 114 76.13 -38.20 10.93
N HIS C 115 75.10 -37.38 10.64
CA HIS C 115 74.54 -37.15 9.30
C HIS C 115 75.48 -36.36 8.37
N THR C 116 75.34 -36.52 7.05
CA THR C 116 76.12 -35.81 6.02
C THR C 116 75.46 -34.49 5.56
N VAL C 117 76.20 -33.59 4.92
CA VAL C 117 75.63 -32.42 4.21
C VAL C 117 74.59 -32.79 3.14
N GLY C 118 74.66 -34.03 2.62
CA GLY C 118 73.61 -34.56 1.74
C GLY C 118 72.26 -34.67 2.43
N ASP C 119 72.23 -34.98 3.73
CA ASP C 119 71.01 -35.04 4.53
C ASP C 119 70.44 -33.65 4.82
N VAL C 120 71.30 -32.65 4.98
CA VAL C 120 70.90 -31.24 5.06
C VAL C 120 70.26 -30.78 3.75
N LEU C 121 70.80 -31.18 2.61
CA LEU C 121 70.23 -30.90 1.28
C LEU C 121 68.95 -31.68 0.98
N GLU C 122 68.81 -32.91 1.45
CA GLU C 122 67.55 -33.66 1.37
C GLU C 122 66.45 -32.96 2.19
N ALA C 123 66.80 -32.53 3.41
CA ALA C 123 65.92 -31.69 4.21
C ALA C 123 65.61 -30.36 3.53
N LYS C 124 66.58 -29.70 2.88
CA LYS C 124 66.34 -28.45 2.13
C LYS C 124 65.35 -28.68 0.99
N MET C 125 65.51 -29.75 0.22
CA MET C 125 64.61 -30.07 -0.90
C MET C 125 63.18 -30.34 -0.40
N ARG C 126 63.01 -31.13 0.66
CA ARG C 126 61.66 -31.51 1.11
C ARG C 126 60.98 -30.51 2.06
N HIS C 127 61.74 -29.75 2.85
CA HIS C 127 61.22 -28.77 3.82
C HIS C 127 61.42 -27.30 3.46
N GLY C 128 62.30 -26.98 2.51
CA GLY C 128 62.59 -25.59 2.10
C GLY C 128 63.61 -24.84 2.96
N PHE C 129 63.96 -25.30 4.15
CA PHE C 129 64.98 -24.64 5.00
C PHE C 129 66.25 -25.48 5.18
N SER C 130 67.41 -24.84 5.04
CA SER C 130 68.74 -25.32 5.36
C SER C 130 69.10 -25.18 6.84
N GLY C 131 68.43 -24.31 7.60
CA GLY C 131 68.75 -24.05 9.00
C GLY C 131 68.34 -25.20 9.92
N ILE C 132 69.26 -26.12 10.20
CA ILE C 132 69.03 -27.35 10.96
C ILE C 132 69.92 -27.34 12.21
N PRO C 133 69.38 -27.15 13.42
CA PRO C 133 70.14 -27.40 14.63
C PRO C 133 70.53 -28.87 14.73
N ILE C 134 71.76 -29.10 15.18
CA ILE C 134 72.36 -30.43 15.24
C ILE C 134 72.43 -30.84 16.71
N THR C 135 71.77 -31.93 17.05
CA THR C 135 71.72 -32.49 18.41
C THR C 135 72.33 -33.88 18.40
N GLU C 136 72.99 -34.32 19.47
CA GLU C 136 73.80 -35.56 19.42
C GLU C 136 72.98 -36.78 18.95
N THR C 137 71.78 -36.97 19.49
CA THR C 137 70.84 -38.05 19.09
C THR C 137 70.22 -37.82 17.70
N GLY C 138 70.27 -36.60 17.16
CA GLY C 138 69.56 -36.23 15.93
C GLY C 138 68.05 -36.19 16.05
N THR C 139 67.54 -36.02 17.28
CA THR C 139 66.12 -35.92 17.63
C THR C 139 65.96 -34.78 18.62
N MET C 140 64.75 -34.24 18.76
CA MET C 140 64.54 -32.87 19.22
C MET C 140 65.10 -32.59 20.62
N GLY C 141 64.60 -33.27 21.66
CA GLY C 141 64.97 -33.00 23.06
C GLY C 141 66.36 -33.45 23.49
N SER C 142 67.29 -33.67 22.56
CA SER C 142 68.67 -34.10 22.79
C SER C 142 69.63 -32.90 22.98
N LYS C 143 70.85 -33.15 23.51
CA LYS C 143 71.88 -32.13 23.72
C LYS C 143 72.32 -31.48 22.41
N LEU C 144 72.34 -30.15 22.37
CA LEU C 144 72.76 -29.36 21.22
C LEU C 144 74.28 -29.44 21.04
N VAL C 145 74.75 -29.80 19.84
CA VAL C 145 76.20 -29.95 19.55
C VAL C 145 76.70 -29.01 18.44
N GLY C 146 75.80 -28.46 17.63
CA GLY C 146 76.10 -27.44 16.64
C GLY C 146 74.86 -26.97 15.89
N ILE C 147 75.06 -26.10 14.90
CA ILE C 147 74.05 -25.59 13.99
C ILE C 147 74.63 -25.61 12.57
N VAL C 148 73.84 -26.05 11.58
CA VAL C 148 74.21 -25.96 10.16
C VAL C 148 73.16 -25.14 9.40
N THR C 149 73.59 -24.21 8.56
CA THR C 149 72.71 -23.34 7.78
C THR C 149 73.22 -23.18 6.35
N SER C 150 72.50 -22.44 5.49
CA SER C 150 72.83 -22.33 4.07
C SER C 150 74.28 -21.90 3.80
N ARG C 151 74.78 -20.92 4.56
CA ARG C 151 76.18 -20.43 4.50
C ARG C 151 77.23 -21.47 4.86
N ASP C 152 76.90 -22.48 5.68
CA ASP C 152 77.81 -23.58 6.04
C ASP C 152 77.96 -24.63 4.95
N ILE C 153 77.03 -24.67 3.99
CA ILE C 153 77.03 -25.59 2.84
C ILE C 153 76.85 -24.81 1.54
N VAL C 168 82.00 -28.85 9.18
CA VAL C 168 80.96 -28.02 8.50
C VAL C 168 80.14 -27.13 9.45
N MET C 169 79.58 -27.65 10.55
CA MET C 169 78.75 -26.89 11.49
C MET C 169 79.45 -25.66 12.07
N THR C 170 78.67 -24.70 12.53
CA THR C 170 79.08 -23.82 13.63
C THR C 170 78.89 -24.63 14.94
N PRO C 171 79.94 -24.89 15.75
CA PRO C 171 79.86 -25.80 16.91
C PRO C 171 79.18 -25.15 18.12
N ARG C 172 78.66 -25.95 19.06
CA ARG C 172 77.86 -25.41 20.18
C ARG C 172 78.63 -24.46 21.09
N ILE C 173 79.93 -24.64 21.19
CA ILE C 173 80.85 -23.77 21.95
C ILE C 173 80.92 -22.32 21.41
N GLU C 174 80.51 -22.08 20.16
CA GLU C 174 80.59 -20.77 19.50
C GLU C 174 79.22 -20.13 19.25
N LEU C 175 78.12 -20.90 19.21
CA LEU C 175 76.79 -20.36 18.94
C LEU C 175 76.19 -19.57 20.12
N VAL C 176 75.38 -18.57 19.79
CA VAL C 176 74.60 -17.74 20.71
C VAL C 176 73.32 -18.50 21.08
N VAL C 177 72.91 -18.45 22.34
CA VAL C 177 71.85 -19.31 22.89
C VAL C 177 71.00 -18.55 23.90
N ALA C 178 69.78 -19.01 24.20
CA ALA C 178 68.97 -18.48 25.28
C ALA C 178 68.41 -19.61 26.17
N PRO C 179 68.17 -19.38 27.48
CA PRO C 179 67.72 -20.41 28.39
C PRO C 179 66.24 -20.78 28.17
N ALA C 180 65.89 -22.05 28.36
CA ALA C 180 64.51 -22.49 28.43
C ALA C 180 63.71 -21.73 29.52
N GLY C 181 62.44 -21.42 29.25
CA GLY C 181 61.62 -20.53 30.08
C GLY C 181 61.78 -19.03 29.78
N VAL C 182 62.66 -18.64 28.87
CA VAL C 182 62.66 -17.31 28.25
C VAL C 182 61.32 -17.04 27.54
N THR C 183 60.79 -15.82 27.61
CA THR C 183 59.59 -15.45 26.85
C THR C 183 59.96 -15.08 25.41
N LEU C 184 59.04 -15.17 24.45
CA LEU C 184 59.38 -14.93 23.05
C LEU C 184 59.96 -13.53 22.82
N LYS C 185 59.41 -12.52 23.50
CA LYS C 185 59.89 -11.13 23.43
C LYS C 185 61.34 -10.95 23.92
N GLU C 186 61.74 -11.70 24.94
CA GLU C 186 63.14 -11.77 25.41
C GLU C 186 64.05 -12.47 24.41
N ALA C 187 63.65 -13.63 23.89
CA ALA C 187 64.41 -14.35 22.88
C ALA C 187 64.55 -13.56 21.57
N ASN C 188 63.51 -12.83 21.14
CA ASN C 188 63.59 -11.91 20.01
C ASN C 188 64.65 -10.85 20.24
N GLU C 189 64.70 -10.25 21.43
CA GLU C 189 65.71 -9.26 21.77
C GLU C 189 67.13 -9.87 21.82
N ILE C 190 67.29 -11.10 22.32
CA ILE C 190 68.54 -11.84 22.26
C ILE C 190 68.98 -12.04 20.80
N LEU C 191 68.11 -12.56 19.94
CA LEU C 191 68.38 -12.74 18.51
C LEU C 191 68.66 -11.41 17.77
N GLN C 192 67.93 -10.35 18.12
CA GLN C 192 68.05 -9.03 17.49
C GLN C 192 69.39 -8.35 17.81
N ARG C 193 69.86 -8.46 19.06
CA ARG C 193 71.20 -7.99 19.50
C ARG C 193 72.33 -8.90 19.03
N SER C 194 72.09 -10.20 18.97
CA SER C 194 73.03 -11.25 18.54
C SER C 194 73.54 -11.09 17.11
N LYS C 195 72.73 -10.49 16.21
CA LYS C 195 72.99 -10.32 14.77
C LYS C 195 73.19 -11.64 13.99
N LYS C 196 72.76 -12.78 14.55
CA LYS C 196 72.64 -14.08 13.88
C LYS C 196 71.26 -14.33 13.30
N GLY C 197 71.14 -15.30 12.40
CA GLY C 197 69.87 -15.68 11.77
C GLY C 197 69.05 -16.71 12.55
N LYS C 198 69.64 -17.47 13.48
CA LYS C 198 68.94 -18.40 14.38
C LYS C 198 69.31 -18.12 15.84
N LEU C 199 68.45 -18.52 16.76
CA LEU C 199 68.76 -18.59 18.19
C LEU C 199 68.15 -19.86 18.78
N PRO C 200 68.95 -20.90 19.07
CA PRO C 200 68.50 -22.05 19.83
C PRO C 200 68.11 -21.65 21.26
N ILE C 201 67.12 -22.35 21.78
CA ILE C 201 66.66 -22.24 23.16
C ILE C 201 67.01 -23.55 23.84
N VAL C 202 67.77 -23.51 24.92
CA VAL C 202 68.30 -24.70 25.59
C VAL C 202 68.01 -24.71 27.08
N ASN C 203 67.68 -25.87 27.65
CA ASN C 203 67.58 -25.99 29.10
C ASN C 203 68.98 -25.97 29.78
N ASP C 204 69.02 -26.00 31.11
CA ASP C 204 70.28 -26.07 31.88
C ASP C 204 71.14 -27.33 31.61
N CYS C 205 70.58 -28.33 30.94
CA CYS C 205 71.24 -29.53 30.42
C CYS C 205 71.84 -29.35 29.00
N ASP C 206 71.75 -28.15 28.40
CA ASP C 206 72.07 -27.88 26.99
C ASP C 206 71.27 -28.71 25.97
N GLU C 207 70.12 -29.25 26.37
CA GLU C 207 69.15 -29.86 25.47
C GLU C 207 68.33 -28.81 24.74
N LEU C 208 68.16 -29.00 23.43
CA LEU C 208 67.38 -28.12 22.58
C LEU C 208 65.88 -28.25 22.91
N VAL C 209 65.25 -27.17 23.36
CA VAL C 209 63.79 -27.16 23.66
C VAL C 209 62.98 -26.43 22.59
N ALA C 210 63.58 -25.46 21.91
CA ALA C 210 63.02 -24.72 20.78
C ALA C 210 64.14 -24.05 19.99
N ILE C 211 63.82 -23.49 18.83
CA ILE C 211 64.69 -22.54 18.11
C ILE C 211 63.82 -21.40 17.57
N ILE C 212 64.39 -20.24 17.31
CA ILE C 212 63.72 -19.12 16.63
C ILE C 212 64.58 -18.61 15.48
N ALA C 213 63.97 -17.97 14.48
CA ALA C 213 64.66 -17.51 13.29
C ALA C 213 64.43 -16.02 13.02
N ARG C 214 65.46 -15.32 12.54
CA ARG C 214 65.41 -13.91 12.16
C ARG C 214 64.45 -13.68 11.00
N THR C 215 64.23 -14.69 10.16
CA THR C 215 63.23 -14.66 9.10
C THR C 215 61.81 -14.50 9.64
N ASP C 216 61.48 -15.03 10.81
CA ASP C 216 60.18 -14.75 11.43
C ASP C 216 60.06 -13.33 11.94
N LEU C 217 61.12 -12.74 12.51
CA LEU C 217 61.11 -11.31 12.81
C LEU C 217 60.91 -10.46 11.55
N LYS C 218 61.52 -10.85 10.44
CA LYS C 218 61.37 -10.18 9.15
C LYS C 218 59.98 -10.36 8.54
N LYS C 219 59.39 -11.55 8.64
CA LYS C 219 57.98 -11.79 8.26
C LYS C 219 57.04 -10.95 9.09
N ASN C 220 57.23 -10.92 10.41
CA ASN C 220 56.55 -9.99 11.32
C ASN C 220 56.67 -8.54 10.84
N ARG C 221 57.88 -8.07 10.54
CA ARG C 221 58.14 -6.70 10.08
C ARG C 221 57.39 -6.38 8.78
N ASP C 222 57.47 -7.29 7.81
CA ASP C 222 56.95 -7.12 6.46
C ASP C 222 55.43 -7.29 6.35
N TYR C 223 54.80 -7.98 7.30
CA TYR C 223 53.36 -8.28 7.29
C TYR C 223 52.67 -7.82 8.58
N PRO C 224 52.43 -6.50 8.77
CA PRO C 224 51.81 -5.96 9.99
C PRO C 224 50.38 -6.43 10.22
N LEU C 225 49.66 -6.76 9.15
CA LEU C 225 48.28 -7.22 9.24
C LEU C 225 48.17 -8.71 9.58
N ALA C 226 49.24 -9.49 9.60
CA ALA C 226 49.13 -10.94 9.53
C ALA C 226 48.25 -11.55 10.63
N SER C 227 47.35 -12.43 10.22
CA SER C 227 46.46 -13.19 11.07
C SER C 227 47.22 -14.34 11.72
N LYS C 228 47.56 -14.19 13.00
CA LYS C 228 48.40 -15.14 13.76
C LYS C 228 47.72 -15.64 15.03
N ASP C 229 48.05 -16.87 15.44
CA ASP C 229 47.71 -17.38 16.77
C ASP C 229 48.68 -16.89 17.85
N SER C 230 48.45 -17.30 19.11
CA SER C 230 49.29 -16.99 20.26
C SER C 230 50.74 -17.47 20.13
N GLN C 231 50.98 -18.58 19.43
CA GLN C 231 52.30 -19.09 19.05
C GLN C 231 52.93 -18.35 17.85
N LYS C 232 52.32 -17.26 17.40
CA LYS C 232 52.73 -16.45 16.24
C LYS C 232 52.76 -17.22 14.91
N GLN C 233 52.08 -18.34 14.82
CA GLN C 233 51.88 -19.06 13.57
C GLN C 233 50.72 -18.46 12.79
N LEU C 234 50.73 -18.50 11.47
CA LEU C 234 49.59 -18.06 10.68
C LEU C 234 48.34 -18.85 11.06
N LEU C 235 47.20 -18.18 11.12
CA LEU C 235 45.92 -18.84 11.25
C LEU C 235 45.57 -19.56 9.96
N CYS C 236 45.05 -20.77 10.06
CA CYS C 236 44.56 -21.55 8.94
C CYS C 236 43.16 -22.06 9.23
N GLY C 237 42.28 -21.97 8.26
CA GLY C 237 41.03 -22.70 8.27
C GLY C 237 41.13 -23.95 7.42
N ALA C 238 40.22 -24.89 7.58
CA ALA C 238 40.02 -25.99 6.65
C ALA C 238 38.55 -26.33 6.51
N ALA C 239 38.12 -26.73 5.32
CA ALA C 239 36.81 -27.33 5.16
C ALA C 239 36.79 -28.81 5.56
N VAL C 240 35.67 -29.30 6.03
CA VAL C 240 35.34 -30.74 6.10
C VAL C 240 33.89 -30.93 5.70
N GLY C 241 33.56 -32.10 5.17
CA GLY C 241 32.16 -32.49 5.01
C GLY C 241 31.55 -32.94 6.33
N THR C 242 30.37 -33.52 6.28
CA THR C 242 29.63 -33.97 7.48
C THR C 242 29.39 -35.48 7.48
N ARG C 243 30.20 -36.24 6.74
CA ARG C 243 30.17 -37.70 6.69
C ARG C 243 30.86 -38.30 7.91
N GLU C 244 30.79 -39.62 8.06
CA GLU C 244 31.69 -40.34 8.99
C GLU C 244 33.15 -40.26 8.53
N ASP C 245 33.44 -40.33 7.23
CA ASP C 245 34.80 -40.21 6.67
C ASP C 245 35.49 -38.90 7.12
N ASP C 246 34.71 -37.83 7.31
CA ASP C 246 35.19 -36.52 7.74
C ASP C 246 35.71 -36.46 9.16
N LYS C 247 35.36 -37.42 10.03
CA LYS C 247 35.92 -37.49 11.39
C LYS C 247 37.40 -37.83 11.39
N TYR C 248 37.84 -38.70 10.49
CA TYR C 248 39.27 -38.97 10.27
C TYR C 248 39.99 -37.74 9.70
N ARG C 249 39.42 -37.09 8.68
CA ARG C 249 39.93 -35.81 8.13
C ARG C 249 40.10 -34.77 9.21
N LEU C 250 39.08 -34.52 10.01
CA LEU C 250 39.14 -33.59 11.12
C LEU C 250 40.23 -33.92 12.14
N ASP C 251 40.46 -35.20 12.44
CA ASP C 251 41.55 -35.62 13.30
C ASP C 251 42.93 -35.28 12.73
N LEU C 252 43.16 -35.54 11.44
CA LEU C 252 44.39 -35.08 10.79
C LEU C 252 44.53 -33.55 10.79
N LEU C 253 43.47 -32.80 10.50
CA LEU C 253 43.51 -31.34 10.46
C LEU C 253 43.78 -30.73 11.83
N THR C 254 43.23 -31.31 12.89
CA THR C 254 43.47 -30.84 14.26
C THR C 254 44.86 -31.25 14.78
N GLN C 255 45.42 -32.37 14.33
CA GLN C 255 46.83 -32.71 14.57
C GLN C 255 47.77 -31.75 13.82
N ALA C 256 47.43 -31.38 12.57
CA ALA C 256 48.15 -30.38 11.78
C ALA C 256 48.07 -28.97 12.39
N GLY C 257 47.16 -28.74 13.35
CA GLY C 257 47.05 -27.48 14.08
C GLY C 257 46.10 -26.46 13.45
N VAL C 258 45.10 -26.89 12.68
CA VAL C 258 44.09 -25.98 12.12
C VAL C 258 43.35 -25.23 13.23
N ASP C 259 43.07 -23.94 13.02
CA ASP C 259 42.47 -23.07 14.03
C ASP C 259 40.94 -23.02 13.95
N VAL C 260 40.40 -23.15 12.74
CA VAL C 260 38.98 -23.07 12.48
C VAL C 260 38.57 -24.04 11.39
N ILE C 261 37.46 -24.72 11.60
CA ILE C 261 36.84 -25.62 10.64
C ILE C 261 35.63 -24.93 10.03
N VAL C 262 35.47 -25.06 8.72
CA VAL C 262 34.19 -24.75 8.08
C VAL C 262 33.52 -26.05 7.65
N LEU C 263 32.27 -26.26 8.06
CA LEU C 263 31.47 -27.39 7.59
C LEU C 263 30.91 -27.08 6.21
N ASP C 264 31.38 -27.78 5.21
CA ASP C 264 31.13 -27.49 3.82
C ASP C 264 29.87 -28.21 3.32
N SER C 265 28.83 -27.45 3.04
CA SER C 265 27.54 -27.90 2.54
C SER C 265 26.90 -26.77 1.75
N SER C 266 25.99 -27.02 0.81
CA SER C 266 25.19 -25.97 0.20
C SER C 266 23.95 -25.62 1.03
N GLN C 267 23.51 -26.50 1.92
CA GLN C 267 22.34 -26.34 2.76
C GLN C 267 22.67 -26.93 4.14
N GLY C 268 23.20 -26.10 5.02
CA GLY C 268 23.76 -26.55 6.30
C GLY C 268 22.77 -26.83 7.41
N ASN C 269 21.48 -26.55 7.23
CA ASN C 269 20.45 -26.86 8.20
C ASN C 269 19.99 -28.31 8.07
N SER C 270 20.84 -29.22 8.51
CA SER C 270 20.63 -30.65 8.40
C SER C 270 20.98 -31.35 9.70
N VAL C 271 20.32 -32.48 9.97
CA VAL C 271 20.66 -33.37 11.07
C VAL C 271 22.12 -33.78 10.99
N TYR C 272 22.68 -34.02 9.80
CA TYR C 272 24.07 -34.41 9.59
C TYR C 272 25.05 -33.31 10.01
N GLN C 273 24.78 -32.07 9.64
CA GLN C 273 25.63 -30.99 10.05
C GLN C 273 25.51 -30.68 11.53
N ILE C 274 24.30 -30.65 12.09
CA ILE C 274 24.10 -30.43 13.53
C ILE C 274 24.84 -31.49 14.34
N ALA C 275 24.70 -32.77 13.96
CA ALA C 275 25.44 -33.88 14.55
C ALA C 275 26.96 -33.70 14.41
N MET C 276 27.45 -33.20 13.27
CA MET C 276 28.86 -32.91 13.11
C MET C 276 29.33 -31.78 14.02
N VAL C 277 28.63 -30.65 14.12
CA VAL C 277 28.96 -29.58 15.06
C VAL C 277 29.00 -30.09 16.49
N HIS C 278 28.00 -30.85 16.93
CA HIS C 278 28.02 -31.50 18.24
C HIS C 278 29.25 -32.36 18.44
N TYR C 279 29.60 -33.24 17.51
CA TYR C 279 30.81 -34.06 17.60
C TYR C 279 32.10 -33.23 17.74
N ILE C 280 32.29 -32.22 16.89
CA ILE C 280 33.48 -31.37 16.95
C ILE C 280 33.56 -30.66 18.30
N LYS C 281 32.47 -30.05 18.77
CA LYS C 281 32.46 -29.32 20.04
C LYS C 281 32.68 -30.24 21.26
N GLN C 282 32.36 -31.52 21.16
CA GLN C 282 32.70 -32.49 22.19
C GLN C 282 34.19 -32.87 22.12
N LYS C 283 34.69 -33.33 20.97
CA LYS C 283 36.02 -33.94 20.85
C LYS C 283 37.13 -32.88 20.83
N TYR C 284 36.90 -31.77 20.14
CA TYR C 284 37.87 -30.70 19.89
C TYR C 284 37.35 -29.37 20.42
N PRO C 285 37.11 -29.21 21.74
CA PRO C 285 36.39 -28.05 22.29
C PRO C 285 37.06 -26.71 22.04
N HIS C 286 38.39 -26.70 21.86
CA HIS C 286 39.21 -25.53 21.51
C HIS C 286 38.99 -25.03 20.07
N LEU C 287 38.50 -25.89 19.19
CA LEU C 287 38.43 -25.66 17.76
C LEU C 287 37.21 -24.81 17.41
N GLN C 288 37.43 -23.76 16.61
CA GLN C 288 36.34 -22.92 16.15
C GLN C 288 35.60 -23.56 14.99
N VAL C 289 34.28 -23.59 15.01
CA VAL C 289 33.47 -24.18 13.96
C VAL C 289 32.62 -23.12 13.30
N ILE C 290 32.82 -22.95 12.00
CA ILE C 290 31.94 -22.20 11.13
C ILE C 290 31.03 -23.21 10.49
N GLY C 291 29.76 -23.17 10.84
CA GLY C 291 28.79 -24.03 10.20
C GLY C 291 28.13 -23.33 9.05
N GLY C 292 27.49 -24.12 8.23
CA GLY C 292 26.38 -23.55 7.54
C GLY C 292 26.62 -22.94 6.20
N ASN C 293 25.78 -23.29 5.25
CA ASN C 293 25.49 -22.34 4.21
C ASN C 293 24.02 -22.18 4.52
N VAL C 294 23.72 -21.07 5.14
CA VAL C 294 22.37 -20.73 5.60
C VAL C 294 22.00 -19.43 4.93
N VAL C 295 20.72 -19.24 4.68
CA VAL C 295 20.20 -17.99 4.14
C VAL C 295 19.01 -17.48 4.92
N THR C 296 18.54 -18.20 5.93
CA THR C 296 17.40 -17.84 6.76
C THR C 296 17.78 -17.86 8.23
N ALA C 297 17.10 -17.07 9.05
CA ALA C 297 17.27 -17.11 10.48
C ALA C 297 16.85 -18.47 11.07
N ALA C 298 15.83 -19.12 10.53
CA ALA C 298 15.42 -20.47 10.94
C ALA C 298 16.56 -21.50 10.80
N GLN C 299 17.31 -21.46 9.71
CA GLN C 299 18.51 -22.30 9.55
C GLN C 299 19.64 -21.90 10.50
N ALA C 300 19.87 -20.59 10.65
CA ALA C 300 20.90 -20.07 11.53
C ALA C 300 20.68 -20.50 12.99
N LYS C 301 19.44 -20.43 13.49
CA LYS C 301 19.02 -20.89 14.82
C LYS C 301 19.51 -22.29 15.12
N ASN C 302 19.22 -23.27 14.27
CA ASN C 302 19.61 -24.65 14.55
C ASN C 302 21.12 -24.84 14.67
N LEU C 303 21.91 -24.12 13.89
CA LEU C 303 23.37 -24.22 13.96
C LEU C 303 23.95 -23.45 15.14
N ILE C 304 23.37 -22.31 15.51
CA ILE C 304 23.74 -21.57 16.72
C ILE C 304 23.38 -22.40 17.96
N ASP C 305 22.20 -23.04 17.99
CA ASP C 305 21.82 -24.03 18.99
C ASP C 305 22.76 -25.24 19.03
N ALA C 306 23.20 -25.76 17.88
CA ALA C 306 24.23 -26.80 17.82
C ALA C 306 25.59 -26.35 18.37
N GLY C 307 25.84 -25.05 18.46
CA GLY C 307 27.04 -24.47 19.02
C GLY C 307 28.05 -23.94 18.02
N VAL C 308 27.68 -23.59 16.79
CA VAL C 308 28.66 -22.97 15.86
C VAL C 308 29.18 -21.64 16.39
N ASP C 309 30.42 -21.35 16.07
CA ASP C 309 31.12 -20.13 16.44
C ASP C 309 31.09 -19.06 15.35
N GLY C 310 30.67 -19.42 14.15
CA GLY C 310 30.43 -18.53 13.02
C GLY C 310 29.47 -19.20 12.05
N LEU C 311 28.89 -18.43 11.14
CA LEU C 311 28.01 -18.95 10.10
C LEU C 311 28.48 -18.48 8.73
N ARG C 312 28.38 -19.35 7.74
CA ARG C 312 28.54 -19.00 6.34
C ARG C 312 27.18 -18.78 5.69
N VAL C 313 27.05 -17.66 5.02
CA VAL C 313 25.78 -17.21 4.45
C VAL C 313 25.89 -17.12 2.96
N GLY C 314 24.95 -17.76 2.29
CA GLY C 314 24.86 -17.75 0.84
C GLY C 314 24.39 -19.09 0.31
N MET C 315 23.51 -19.06 -0.69
CA MET C 315 23.04 -20.26 -1.35
C MET C 315 22.58 -19.90 -2.75
N GLY C 316 23.27 -20.43 -3.75
CA GLY C 316 22.97 -20.16 -5.15
C GLY C 316 23.76 -19.01 -5.73
N CYS C 317 23.99 -17.95 -4.95
CA CYS C 317 25.03 -17.00 -5.23
C CYS C 317 26.39 -17.72 -5.23
N GLY C 318 27.35 -17.15 -5.95
CA GLY C 318 28.61 -17.81 -6.22
C GLY C 318 28.79 -17.93 -7.72
N SER C 319 29.86 -17.38 -8.27
CA SER C 319 30.12 -17.29 -9.69
C SER C 319 29.92 -18.61 -10.45
N ILE C 320 30.43 -19.70 -9.90
CA ILE C 320 30.41 -21.07 -10.46
C ILE C 320 29.17 -21.87 -10.07
N CYS C 321 28.28 -21.32 -9.28
CA CYS C 321 27.18 -22.06 -8.66
C CYS C 321 25.95 -22.13 -9.57
N ILE C 322 25.26 -23.28 -9.55
CA ILE C 322 23.98 -23.50 -10.25
C ILE C 322 22.94 -24.25 -9.39
N THR C 323 23.04 -24.19 -8.06
CA THR C 323 22.08 -24.89 -7.17
C THR C 323 20.65 -24.38 -7.32
N GLN C 324 20.43 -23.10 -7.61
CA GLN C 324 19.09 -22.53 -7.80
C GLN C 324 18.41 -23.04 -9.08
N GLU C 325 19.17 -23.58 -10.04
CA GLU C 325 18.67 -24.12 -11.31
C GLU C 325 18.69 -25.64 -11.36
N VAL C 326 19.43 -26.33 -10.49
CA VAL C 326 19.41 -27.79 -10.40
C VAL C 326 18.48 -28.23 -9.28
N MET C 327 18.76 -27.81 -8.05
CA MET C 327 17.73 -27.66 -7.03
C MET C 327 16.95 -26.37 -7.32
N ALA C 328 15.99 -25.96 -6.50
CA ALA C 328 15.31 -24.66 -6.63
C ALA C 328 15.56 -23.71 -5.45
N CYS C 329 16.41 -24.10 -4.52
CA CYS C 329 16.66 -23.37 -3.29
C CYS C 329 17.74 -22.31 -3.41
N GLY C 330 17.50 -21.22 -2.70
CA GLY C 330 18.51 -20.24 -2.36
C GLY C 330 17.85 -19.00 -1.84
N ARG C 331 18.61 -17.92 -1.79
CA ARG C 331 18.08 -16.59 -1.50
C ARG C 331 18.97 -15.52 -2.16
N PRO C 332 18.42 -14.39 -2.60
CA PRO C 332 19.24 -13.27 -3.04
C PRO C 332 20.20 -12.84 -1.93
N GLN C 333 21.47 -12.70 -2.24
CA GLN C 333 22.51 -12.75 -1.22
C GLN C 333 22.51 -11.54 -0.29
N GLY C 334 22.17 -10.34 -0.76
CA GLY C 334 22.05 -9.16 0.10
C GLY C 334 20.98 -9.38 1.17
N THR C 335 19.80 -9.82 0.78
CA THR C 335 18.75 -10.21 1.73
C THR C 335 19.23 -11.30 2.69
N ALA C 336 19.86 -12.37 2.22
CA ALA C 336 20.37 -13.43 3.08
C ALA C 336 21.38 -12.92 4.12
N VAL C 337 22.36 -12.13 3.69
CA VAL C 337 23.35 -11.54 4.58
C VAL C 337 22.67 -10.68 5.63
N TYR C 338 21.81 -9.75 5.24
CA TYR C 338 21.10 -8.91 6.20
C TYR C 338 20.22 -9.72 7.16
N LYS C 339 19.38 -10.63 6.68
CA LYS C 339 18.47 -11.42 7.52
C LYS C 339 19.21 -12.29 8.52
N VAL C 340 20.22 -13.02 8.07
CA VAL C 340 20.98 -13.91 8.93
C VAL C 340 21.84 -13.12 9.90
N ALA C 341 22.55 -12.07 9.47
CA ALA C 341 23.36 -11.28 10.38
C ALA C 341 22.52 -10.57 11.44
N GLU C 342 21.34 -10.06 11.11
CA GLU C 342 20.51 -9.36 12.07
C GLU C 342 19.99 -10.31 13.15
N TYR C 343 19.76 -11.59 12.80
CA TYR C 343 19.45 -12.63 13.76
C TYR C 343 20.68 -13.08 14.56
N ALA C 344 21.76 -13.47 13.89
CA ALA C 344 22.95 -14.05 14.50
C ALA C 344 23.69 -13.09 15.44
N ARG C 345 23.61 -11.76 15.25
CA ARG C 345 24.23 -10.79 16.15
C ARG C 345 23.66 -10.82 17.56
N ARG C 346 22.41 -11.25 17.73
CA ARG C 346 21.72 -11.42 19.03
C ARG C 346 22.39 -12.49 19.89
N PHE C 347 23.12 -13.41 19.25
CA PHE C 347 23.85 -14.51 19.86
C PHE C 347 25.36 -14.28 19.84
N GLY C 348 25.83 -13.13 19.35
CA GLY C 348 27.25 -12.83 19.20
C GLY C 348 27.98 -13.67 18.15
N VAL C 349 27.26 -14.20 17.15
CA VAL C 349 27.82 -15.11 16.14
C VAL C 349 28.15 -14.34 14.87
N PRO C 350 29.43 -14.27 14.45
CA PRO C 350 29.82 -13.57 13.23
C PRO C 350 29.33 -14.29 11.98
N ILE C 351 29.02 -13.49 10.97
CA ILE C 351 28.55 -13.93 9.65
C ILE C 351 29.66 -13.75 8.63
N ILE C 352 29.84 -14.78 7.81
CA ILE C 352 30.58 -14.70 6.56
C ILE C 352 29.57 -14.55 5.44
N ALA C 353 29.69 -13.49 4.65
CA ALA C 353 28.97 -13.42 3.38
C ALA C 353 29.81 -14.17 2.34
N ASP C 354 29.27 -15.26 1.81
CA ASP C 354 29.99 -16.16 0.92
C ASP C 354 29.39 -16.22 -0.49
N GLY C 355 30.17 -15.85 -1.48
CA GLY C 355 29.84 -16.03 -2.90
C GLY C 355 29.00 -14.91 -3.48
N GLY C 356 29.23 -14.61 -4.76
CA GLY C 356 28.63 -13.46 -5.44
C GLY C 356 29.37 -12.15 -5.23
N ILE C 357 30.55 -12.16 -4.63
CA ILE C 357 31.42 -10.98 -4.46
C ILE C 357 32.26 -10.80 -5.73
N GLN C 358 31.78 -9.96 -6.64
CA GLN C 358 32.45 -9.69 -7.93
C GLN C 358 33.38 -8.47 -7.88
N THR C 359 33.14 -7.55 -6.95
CA THR C 359 33.76 -6.22 -6.89
C THR C 359 33.96 -5.81 -5.43
N VAL C 360 34.81 -4.82 -5.17
CA VAL C 360 35.03 -4.29 -3.81
C VAL C 360 33.79 -3.58 -3.24
N GLY C 361 32.96 -2.98 -4.10
CA GLY C 361 31.68 -2.42 -3.71
C GLY C 361 30.74 -3.47 -3.13
N HIS C 362 30.75 -4.69 -3.66
CA HIS C 362 30.00 -5.81 -3.08
C HIS C 362 30.56 -6.25 -1.74
N VAL C 363 31.87 -6.16 -1.51
CA VAL C 363 32.46 -6.39 -0.18
C VAL C 363 31.94 -5.37 0.82
N VAL C 364 31.96 -4.09 0.47
CA VAL C 364 31.50 -3.02 1.35
C VAL C 364 30.00 -3.16 1.62
N LYS C 365 29.20 -3.51 0.62
CA LYS C 365 27.77 -3.83 0.80
C LYS C 365 27.56 -5.01 1.72
N ALA C 366 28.27 -6.11 1.55
CA ALA C 366 28.17 -7.27 2.43
C ALA C 366 28.47 -6.91 3.88
N LEU C 367 29.55 -6.17 4.12
CA LEU C 367 29.95 -5.71 5.44
C LEU C 367 28.95 -4.72 6.04
N ALA C 368 28.45 -3.79 5.24
CA ALA C 368 27.42 -2.85 5.61
C ALA C 368 26.11 -3.55 5.99
N LEU C 369 25.70 -4.60 5.28
CA LEU C 369 24.54 -5.42 5.59
C LEU C 369 24.68 -6.28 6.84
N GLY C 370 25.85 -6.33 7.46
CA GLY C 370 26.04 -7.01 8.73
C GLY C 370 26.96 -8.20 8.67
N ALA C 371 27.52 -8.55 7.51
CA ALA C 371 28.58 -9.54 7.46
C ALA C 371 29.77 -9.04 8.26
N SER C 372 30.36 -9.90 9.06
CA SER C 372 31.56 -9.60 9.82
C SER C 372 32.79 -9.79 8.96
N THR C 373 32.76 -10.79 8.09
CA THR C 373 33.80 -11.14 7.14
C THR C 373 33.15 -11.53 5.82
N VAL C 374 33.94 -11.54 4.76
CA VAL C 374 33.48 -11.81 3.39
C VAL C 374 34.38 -12.86 2.78
N MET C 375 33.77 -13.88 2.20
CA MET C 375 34.46 -14.98 1.55
C MET C 375 34.35 -14.89 0.04
N MET C 376 35.49 -14.97 -0.63
CA MET C 376 35.60 -14.88 -2.07
C MET C 376 36.18 -16.14 -2.68
N GLY C 377 35.56 -16.58 -3.77
CA GLY C 377 36.01 -17.59 -4.67
C GLY C 377 36.63 -16.99 -5.92
N SER C 378 35.79 -16.70 -6.91
CA SER C 378 36.16 -16.16 -8.23
C SER C 378 37.01 -14.91 -8.15
N LEU C 379 36.81 -14.03 -7.18
CA LEU C 379 37.59 -12.82 -7.05
C LEU C 379 39.07 -13.10 -6.70
N LEU C 380 39.39 -14.25 -6.10
CA LEU C 380 40.75 -14.67 -5.79
C LEU C 380 41.26 -15.79 -6.73
N ALA C 381 40.37 -16.47 -7.44
CA ALA C 381 40.77 -17.35 -8.52
C ALA C 381 41.57 -16.57 -9.58
N ALA C 382 42.48 -17.25 -10.26
CA ALA C 382 43.41 -16.63 -11.19
C ALA C 382 44.34 -15.56 -10.58
N THR C 383 44.43 -15.46 -9.26
CA THR C 383 45.64 -14.97 -8.63
C THR C 383 46.74 -16.02 -8.73
N THR C 384 47.96 -15.57 -8.51
CA THR C 384 49.18 -16.37 -8.57
C THR C 384 49.17 -17.50 -7.55
N GLU C 385 48.68 -17.21 -6.35
CA GLU C 385 48.60 -18.11 -5.21
C GLU C 385 47.46 -19.11 -5.30
N ALA C 386 46.51 -18.92 -6.21
CA ALA C 386 45.45 -19.87 -6.48
C ALA C 386 46.01 -21.18 -7.10
N PRO C 387 45.49 -22.37 -6.75
CA PRO C 387 46.03 -23.65 -7.20
C PRO C 387 46.07 -23.87 -8.71
N GLY C 388 46.95 -24.75 -9.16
CA GLY C 388 47.06 -25.15 -10.57
C GLY C 388 47.82 -24.13 -11.43
N GLU C 389 47.57 -24.13 -12.73
CA GLU C 389 48.39 -23.41 -13.72
C GLU C 389 47.59 -22.61 -14.73
N TYR C 390 48.21 -21.55 -15.22
CA TYR C 390 47.66 -20.70 -16.27
C TYR C 390 47.74 -21.36 -17.65
N PHE C 391 46.80 -21.00 -18.52
CA PHE C 391 46.73 -21.42 -19.91
C PHE C 391 46.16 -20.28 -20.75
N PHE C 392 46.35 -20.35 -22.07
CA PHE C 392 45.79 -19.38 -23.01
C PHE C 392 44.65 -20.00 -23.83
N SER C 393 43.53 -19.30 -24.01
CA SER C 393 42.39 -19.77 -24.82
C SER C 393 42.15 -18.92 -26.06
N ASP C 394 41.51 -17.75 -25.92
CA ASP C 394 41.20 -16.83 -27.03
C ASP C 394 42.03 -15.54 -26.95
N GLY C 395 43.34 -15.69 -26.75
CA GLY C 395 44.30 -14.59 -26.54
C GLY C 395 44.33 -14.04 -25.11
N VAL C 396 43.65 -14.71 -24.18
CA VAL C 396 43.52 -14.35 -22.77
C VAL C 396 44.30 -15.34 -21.90
N ARG C 397 45.10 -14.86 -20.95
CA ARG C 397 45.70 -15.68 -19.90
C ARG C 397 44.65 -16.02 -18.84
N LEU C 398 44.39 -17.30 -18.64
CA LEU C 398 43.31 -17.84 -17.82
C LEU C 398 43.84 -18.85 -16.81
N LYS C 399 43.20 -18.98 -15.65
CA LYS C 399 43.35 -20.11 -14.73
C LYS C 399 41.97 -20.75 -14.53
N LYS C 400 41.92 -22.07 -14.33
CA LYS C 400 40.68 -22.82 -14.07
C LYS C 400 40.01 -22.35 -12.77
N TYR C 401 38.69 -22.41 -12.70
CA TYR C 401 37.91 -22.14 -11.49
C TYR C 401 36.63 -23.01 -11.46
N ARG C 402 36.61 -24.03 -10.61
CA ARG C 402 35.72 -25.19 -10.75
C ARG C 402 34.34 -25.02 -10.14
N GLY C 403 34.29 -24.74 -8.84
CA GLY C 403 33.12 -25.05 -8.03
C GLY C 403 33.18 -26.49 -7.53
N MET C 404 33.01 -26.69 -6.23
CA MET C 404 33.32 -27.95 -5.54
C MET C 404 32.30 -29.07 -5.79
N GLY C 405 31.09 -28.70 -6.21
CA GLY C 405 30.07 -29.57 -6.75
C GLY C 405 30.05 -29.57 -8.28
N SER C 406 31.04 -29.01 -8.98
CA SER C 406 31.24 -29.31 -10.40
C SER C 406 31.60 -30.80 -10.53
N LEU C 407 31.17 -31.45 -11.60
CA LEU C 407 31.34 -32.90 -11.73
C LEU C 407 32.80 -33.31 -12.00
N ASP C 408 33.62 -32.37 -12.48
CA ASP C 408 35.06 -32.55 -12.61
C ASP C 408 35.78 -32.46 -11.26
N ALA C 409 35.29 -31.62 -10.34
CA ALA C 409 35.74 -31.63 -8.94
C ALA C 409 35.28 -32.88 -8.20
N MET C 410 34.04 -33.33 -8.44
CA MET C 410 33.33 -34.29 -7.58
C MET C 410 34.09 -35.61 -7.38
N LYS C 426 23.11 -40.54 -12.92
CA LYS C 426 22.14 -40.61 -11.80
C LYS C 426 22.77 -40.20 -10.45
N VAL C 427 23.75 -40.95 -9.93
CA VAL C 427 24.20 -40.90 -8.52
C VAL C 427 25.08 -39.71 -8.13
N LYS C 428 25.44 -38.82 -9.06
CA LYS C 428 26.23 -37.60 -8.83
C LYS C 428 25.58 -36.39 -9.51
N ILE C 429 24.80 -35.62 -8.76
CA ILE C 429 24.18 -34.37 -9.22
C ILE C 429 25.19 -33.23 -9.17
N ALA C 430 25.51 -32.61 -10.31
CA ALA C 430 26.35 -31.42 -10.36
C ALA C 430 25.65 -30.17 -9.80
N GLN C 431 26.36 -29.41 -8.98
CA GLN C 431 25.93 -28.13 -8.42
C GLN C 431 26.81 -26.95 -8.87
N GLY C 432 27.85 -27.17 -9.68
CA GLY C 432 28.80 -26.17 -10.16
C GLY C 432 29.29 -26.44 -11.60
N VAL C 433 30.13 -25.57 -12.17
CA VAL C 433 30.24 -25.46 -13.65
C VAL C 433 31.62 -25.35 -14.32
N SER C 434 32.75 -25.56 -13.64
CA SER C 434 34.06 -25.65 -14.34
C SER C 434 34.37 -24.46 -15.26
N GLY C 435 34.51 -23.28 -14.68
CA GLY C 435 34.81 -22.06 -15.39
C GLY C 435 36.30 -21.80 -15.61
N SER C 436 36.56 -20.69 -16.26
CA SER C 436 37.87 -20.05 -16.41
C SER C 436 37.80 -18.59 -15.95
N ILE C 437 38.85 -18.11 -15.29
CA ILE C 437 38.97 -16.72 -14.80
C ILE C 437 40.29 -16.13 -15.35
N GLN C 438 40.28 -14.86 -15.74
CA GLN C 438 41.43 -14.12 -16.27
C GLN C 438 42.42 -13.70 -15.18
N ASP C 439 43.73 -13.75 -15.48
CA ASP C 439 44.83 -13.51 -14.52
C ASP C 439 44.71 -12.18 -13.76
N LYS C 440 44.90 -12.24 -12.43
CA LYS C 440 44.81 -11.11 -11.49
C LYS C 440 46.14 -10.67 -10.91
N GLY C 441 47.24 -11.40 -11.12
CA GLY C 441 48.49 -11.17 -10.40
C GLY C 441 48.47 -11.75 -8.98
N SER C 442 49.11 -11.13 -8.01
CA SER C 442 49.35 -11.73 -6.67
C SER C 442 48.39 -11.22 -5.60
N ILE C 443 47.91 -12.12 -4.73
CA ILE C 443 47.20 -11.81 -3.48
C ILE C 443 47.92 -10.73 -2.66
N GLN C 444 49.25 -10.70 -2.64
CA GLN C 444 49.98 -9.69 -1.86
C GLN C 444 49.93 -8.27 -2.44
N LYS C 445 49.43 -8.11 -3.66
CA LYS C 445 49.06 -6.82 -4.26
C LYS C 445 47.55 -6.61 -4.32
N PHE C 446 46.81 -7.65 -4.70
CA PHE C 446 45.37 -7.61 -4.85
C PHE C 446 44.59 -7.48 -3.53
N VAL C 447 44.99 -8.14 -2.45
CA VAL C 447 44.31 -8.00 -1.16
C VAL C 447 44.57 -6.63 -0.52
N PRO C 448 45.74 -5.99 -0.67
CA PRO C 448 45.88 -4.57 -0.32
C PRO C 448 45.06 -3.62 -1.20
N TYR C 449 44.80 -3.95 -2.46
CA TYR C 449 43.80 -3.23 -3.28
C TYR C 449 42.37 -3.39 -2.73
N LEU C 450 41.95 -4.61 -2.37
CA LEU C 450 40.67 -4.83 -1.70
C LEU C 450 40.58 -4.03 -0.40
N ILE C 451 41.58 -4.11 0.47
CA ILE C 451 41.63 -3.40 1.75
C ILE C 451 41.46 -1.89 1.55
N ALA C 452 42.25 -1.28 0.67
CA ALA C 452 42.15 0.14 0.44
C ALA C 452 40.83 0.54 -0.23
N GLY C 453 40.23 -0.29 -1.08
CA GLY C 453 38.90 -0.04 -1.64
C GLY C 453 37.80 -0.14 -0.58
N ILE C 454 37.90 -1.08 0.36
CA ILE C 454 36.98 -1.22 1.49
C ILE C 454 37.08 0.00 2.41
N GLN C 455 38.30 0.42 2.74
CA GLN C 455 38.56 1.63 3.52
C GLN C 455 37.99 2.89 2.86
N HIS C 456 38.19 3.08 1.55
CA HIS C 456 37.61 4.24 0.87
C HIS C 456 36.08 4.16 0.79
N GLY C 457 35.49 2.96 0.65
CA GLY C 457 34.05 2.79 0.70
C GLY C 457 33.46 3.15 2.05
N CYS C 458 34.09 2.71 3.13
CA CYS C 458 33.72 3.12 4.48
C CYS C 458 33.89 4.63 4.69
N GLN C 459 34.95 5.22 4.17
CA GLN C 459 35.17 6.65 4.23
C GLN C 459 34.07 7.44 3.52
N ASP C 460 33.67 7.12 2.28
CA ASP C 460 32.55 7.80 1.61
C ASP C 460 31.23 7.71 2.38
N ILE C 461 31.02 6.59 3.07
CA ILE C 461 29.91 6.35 3.99
C ILE C 461 30.02 7.15 5.30
N GLY C 462 31.21 7.56 5.70
CA GLY C 462 31.45 8.20 6.99
C GLY C 462 31.61 7.21 8.15
N ALA C 463 31.86 5.94 7.89
CA ALA C 463 32.17 4.95 8.93
C ALA C 463 33.68 4.82 9.16
N ARG C 464 34.15 5.11 10.39
CA ARG C 464 35.58 4.99 10.81
C ARG C 464 36.09 3.56 10.94
N SER C 465 35.20 2.60 10.94
CA SER C 465 35.45 1.21 11.33
C SER C 465 34.33 0.35 10.79
N LEU C 466 34.58 -0.94 10.59
CA LEU C 466 33.54 -1.89 10.17
C LEU C 466 32.49 -2.14 11.26
N SER C 467 32.88 -2.12 12.54
CA SER C 467 31.91 -2.25 13.64
C SER C 467 31.05 -0.98 13.78
N VAL C 468 31.64 0.19 13.54
CA VAL C 468 30.91 1.46 13.38
C VAL C 468 29.96 1.39 12.18
N LEU C 469 30.41 0.95 11.01
CA LEU C 469 29.56 0.77 9.83
C LEU C 469 28.33 -0.10 10.12
N ARG C 470 28.50 -1.26 10.76
CA ARG C 470 27.37 -2.11 11.18
C ARG C 470 26.49 -1.47 12.23
N SER C 471 27.06 -0.80 13.23
CA SER C 471 26.26 -0.07 14.21
C SER C 471 25.42 1.04 13.56
N MET C 472 25.96 1.81 12.61
CA MET C 472 25.21 2.79 11.83
C MET C 472 24.10 2.12 11.02
N MET C 473 24.32 0.91 10.50
CA MET C 473 23.31 0.15 9.79
C MET C 473 22.16 -0.30 10.70
N TYR C 474 22.45 -0.98 11.81
CA TYR C 474 21.40 -1.42 12.73
C TYR C 474 20.68 -0.25 13.41
N SER C 475 21.38 0.85 13.62
CA SER C 475 20.83 2.13 14.09
C SER C 475 19.83 2.78 13.12
N GLY C 476 19.95 2.50 11.81
CA GLY C 476 19.24 3.23 10.77
C GLY C 476 19.89 4.56 10.40
N GLU C 477 21.06 4.89 10.94
CA GLU C 477 21.86 6.04 10.49
C GLU C 477 22.37 5.85 9.05
N LEU C 478 22.84 4.64 8.73
CA LEU C 478 23.24 4.27 7.39
C LEU C 478 22.00 4.14 6.50
N LYS C 479 22.03 4.81 5.35
CA LYS C 479 20.91 4.86 4.43
C LYS C 479 21.25 4.22 3.12
N PHE C 480 20.25 3.64 2.51
CA PHE C 480 20.32 2.89 1.27
C PHE C 480 19.34 3.43 0.26
N GLU C 481 19.64 3.26 -1.02
CA GLU C 481 18.69 3.51 -2.08
C GLU C 481 18.56 2.22 -2.90
N LYS C 482 17.35 1.82 -3.27
CA LYS C 482 17.21 0.80 -4.31
C LYS C 482 17.67 1.34 -5.65
N ARG C 483 18.16 0.47 -6.52
CA ARG C 483 18.51 0.74 -7.91
C ARG C 483 17.52 0.03 -8.81
N THR C 484 16.87 0.76 -9.70
CA THR C 484 16.25 0.20 -10.92
C THR C 484 17.32 -0.50 -11.75
N MET C 485 17.00 -1.40 -12.67
CA MET C 485 18.03 -1.98 -13.57
C MET C 485 18.82 -0.88 -14.30
N SER C 486 18.15 0.19 -14.73
CA SER C 486 18.81 1.35 -15.32
C SER C 486 19.77 2.10 -14.40
N ALA C 487 19.56 2.15 -13.09
CA ALA C 487 20.57 2.64 -12.15
C ALA C 487 21.78 1.72 -12.05
N GLN C 488 21.62 0.43 -12.26
CA GLN C 488 22.72 -0.53 -12.32
C GLN C 488 23.51 -0.34 -13.63
N ILE C 489 22.83 -0.09 -14.75
CA ILE C 489 23.46 0.32 -16.01
C ILE C 489 24.20 1.66 -15.87
N GLU C 490 23.59 2.67 -15.25
CA GLU C 490 24.20 3.98 -15.00
C GLU C 490 25.42 3.91 -14.04
N GLY C 491 25.41 3.02 -13.06
CA GLY C 491 26.44 2.93 -12.04
C GLY C 491 27.74 2.29 -12.52
N GLY C 492 27.65 1.30 -13.41
CA GLY C 492 28.81 0.72 -14.09
C GLY C 492 29.37 1.62 -15.20
N VAL C 493 30.49 1.25 -15.81
CA VAL C 493 30.97 1.91 -17.02
C VAL C 493 29.96 1.76 -18.16
N HIS C 494 29.65 2.85 -18.88
CA HIS C 494 28.63 2.85 -19.93
C HIS C 494 28.89 3.91 -21.00
N GLY C 495 28.30 3.79 -22.18
CA GLY C 495 28.39 4.80 -23.25
C GLY C 495 29.77 4.95 -23.89
N LEU C 496 30.71 4.06 -23.55
CA LEU C 496 32.07 3.99 -24.10
C LEU C 496 32.11 3.01 -25.26
N HIS C 497 32.88 3.30 -26.31
CA HIS C 497 33.17 2.33 -27.39
C HIS C 497 33.97 1.13 -26.88
N SER C 498 35.02 1.44 -26.13
CA SER C 498 35.92 0.50 -25.48
C SER C 498 36.46 1.12 -24.18
N TYR C 499 37.01 0.28 -23.32
CA TYR C 499 37.03 0.47 -21.88
C TYR C 499 38.25 -0.31 -21.31
N GLU C 500 39.30 0.40 -20.91
CA GLU C 500 40.51 -0.16 -20.32
C GLU C 500 40.47 -0.15 -18.79
N LYS C 501 39.78 -1.12 -18.17
CA LYS C 501 39.73 -1.23 -16.70
C LYS C 501 41.14 -1.45 -16.13
N ARG C 502 41.54 -0.62 -15.17
CA ARG C 502 42.81 -0.70 -14.45
C ARG C 502 42.56 -0.40 -12.96
N LEU C 503 41.95 -1.36 -12.29
CA LEU C 503 42.02 -1.44 -10.84
C LEU C 503 43.49 -1.74 -10.48
N TYR C 504 44.05 -1.01 -9.50
CA TYR C 504 45.39 -1.17 -8.86
C TYR C 504 46.67 -1.11 -9.74
N GLY D 1 12.73 -20.81 22.20
CA GLY D 1 13.36 -19.78 21.34
C GLY D 1 12.49 -19.45 20.14
N TYR D 2 12.66 -18.23 19.61
CA TYR D 2 11.83 -17.70 18.54
C TYR D 2 12.67 -17.21 17.35
N VAL D 3 12.27 -17.61 16.15
CA VAL D 3 12.79 -17.08 14.89
C VAL D 3 11.69 -16.30 14.16
N PRO D 4 11.97 -15.09 13.68
CA PRO D 4 11.03 -14.33 12.86
C PRO D 4 10.74 -15.07 11.55
N GLU D 5 9.59 -14.80 10.96
CA GLU D 5 9.11 -15.54 9.78
C GLU D 5 9.87 -15.14 8.50
N ASP D 6 10.74 -15.99 7.96
CA ASP D 6 11.45 -15.73 6.69
C ASP D 6 10.55 -15.95 5.47
N GLY D 7 10.51 -14.99 4.54
CA GLY D 7 9.94 -15.17 3.21
C GLY D 7 8.40 -15.17 3.10
N LEU D 8 7.91 -15.26 1.87
CA LEU D 8 6.50 -15.23 1.50
C LEU D 8 5.92 -16.64 1.44
N THR D 9 4.65 -16.85 1.76
CA THR D 9 3.95 -18.10 1.36
C THR D 9 3.64 -18.08 -0.13
N ALA D 10 3.25 -19.21 -0.73
CA ALA D 10 2.82 -19.19 -2.13
C ALA D 10 1.63 -18.25 -2.33
N GLN D 11 0.71 -18.21 -1.38
CA GLN D 11 -0.47 -17.35 -1.44
C GLN D 11 -0.08 -15.86 -1.45
N GLN D 12 0.90 -15.42 -0.67
CA GLN D 12 1.42 -14.05 -0.69
C GLN D 12 2.27 -13.74 -1.94
N LEU D 13 3.07 -14.71 -2.38
CA LEU D 13 3.88 -14.61 -3.60
C LEU D 13 2.99 -14.32 -4.81
N PHE D 14 1.82 -14.95 -4.91
CA PHE D 14 0.87 -14.76 -6.01
C PHE D 14 -0.28 -13.79 -5.75
N ALA D 15 -0.55 -13.37 -4.51
CA ALA D 15 -1.45 -12.24 -4.24
C ALA D 15 -0.88 -10.92 -4.75
N SER D 16 0.46 -10.80 -4.73
CA SER D 16 1.24 -9.76 -5.41
C SER D 16 0.90 -9.75 -6.91
N ALA D 17 0.43 -8.65 -7.48
CA ALA D 17 -0.26 -8.65 -8.78
C ALA D 17 0.58 -9.04 -10.02
N ASP D 18 1.91 -8.88 -10.01
CA ASP D 18 2.70 -9.21 -11.19
C ASP D 18 2.75 -10.71 -11.47
N GLY D 19 2.54 -11.12 -12.73
CA GLY D 19 2.59 -12.52 -13.07
C GLY D 19 4.03 -13.01 -13.14
N LEU D 20 4.32 -14.05 -12.38
CA LEU D 20 5.66 -14.60 -12.18
C LEU D 20 5.89 -15.84 -13.04
N THR D 21 7.05 -15.89 -13.63
CA THR D 21 7.66 -17.11 -14.17
C THR D 21 8.39 -17.86 -13.07
N TYR D 22 8.83 -19.09 -13.36
CA TYR D 22 9.75 -19.81 -12.49
C TYR D 22 11.05 -19.04 -12.20
N ASN D 23 11.55 -18.26 -13.15
CA ASN D 23 12.75 -17.49 -12.95
C ASN D 23 12.59 -16.36 -11.91
N ASP D 24 11.39 -15.87 -11.67
CA ASP D 24 11.11 -14.73 -10.78
C ASP D 24 11.12 -15.02 -9.28
N PHE D 25 11.26 -16.25 -8.85
CA PHE D 25 11.26 -16.58 -7.44
C PHE D 25 12.22 -17.71 -7.10
N LEU D 26 12.53 -17.84 -5.83
CA LEU D 26 13.25 -18.96 -5.23
C LEU D 26 12.39 -19.60 -4.15
N ILE D 27 12.67 -20.85 -3.85
CA ILE D 27 12.14 -21.49 -2.65
C ILE D 27 13.19 -21.31 -1.55
N LEU D 28 12.79 -20.89 -0.37
CA LEU D 28 13.71 -20.83 0.77
C LEU D 28 13.99 -22.24 1.29
N PRO D 29 15.24 -22.58 1.66
CA PRO D 29 15.58 -23.89 2.19
C PRO D 29 14.97 -24.16 3.56
N GLY D 30 14.63 -25.41 3.81
CA GLY D 30 14.05 -25.88 5.07
C GLY D 30 15.05 -26.59 5.98
N PHE D 31 14.58 -27.63 6.65
CA PHE D 31 15.39 -28.52 7.49
C PHE D 31 15.54 -29.89 6.84
N ILE D 32 16.77 -30.39 6.74
CA ILE D 32 17.06 -31.70 6.18
C ILE D 32 17.21 -32.73 7.30
N ASP D 33 16.30 -33.69 7.36
CA ASP D 33 16.37 -34.84 8.29
C ASP D 33 16.44 -36.21 7.59
N PHE D 34 16.63 -36.23 6.26
CA PHE D 34 16.49 -37.42 5.42
C PHE D 34 17.48 -37.39 4.25
N ILE D 35 17.74 -38.54 3.62
CA ILE D 35 18.61 -38.66 2.45
C ILE D 35 17.82 -38.35 1.17
N ALA D 36 18.42 -37.67 0.18
CA ALA D 36 17.73 -37.30 -1.07
C ALA D 36 17.16 -38.52 -1.80
N ASP D 37 17.86 -39.64 -1.83
CA ASP D 37 17.35 -40.88 -2.44
C ASP D 37 16.09 -41.43 -1.78
N GLU D 38 15.80 -41.10 -0.52
CA GLU D 38 14.58 -41.51 0.18
C GLU D 38 13.39 -40.56 -0.09
N VAL D 39 13.57 -39.51 -0.91
CA VAL D 39 12.47 -38.63 -1.36
C VAL D 39 11.54 -39.34 -2.35
N ASP D 40 10.26 -39.42 -2.03
CA ASP D 40 9.25 -40.03 -2.89
C ASP D 40 8.74 -39.09 -4.01
N LEU D 41 8.97 -39.46 -5.26
CA LEU D 41 8.51 -38.71 -6.42
C LEU D 41 7.20 -39.23 -7.03
N THR D 42 6.46 -40.07 -6.32
CA THR D 42 5.17 -40.61 -6.79
C THR D 42 4.17 -39.49 -7.04
N SER D 43 3.54 -39.50 -8.21
CA SER D 43 2.83 -38.36 -8.78
C SER D 43 1.52 -38.78 -9.43
N ALA D 44 0.42 -38.09 -9.15
CA ALA D 44 -0.82 -38.27 -9.89
C ALA D 44 -0.71 -37.59 -11.28
N LEU D 45 -0.92 -38.34 -12.36
CA LEU D 45 -1.06 -37.80 -13.71
C LEU D 45 -2.49 -37.38 -13.99
N THR D 46 -3.42 -38.21 -13.57
CA THR D 46 -4.86 -38.00 -13.63
C THR D 46 -5.49 -38.58 -12.37
N ARG D 47 -6.80 -38.41 -12.18
CA ARG D 47 -7.56 -39.03 -11.08
C ARG D 47 -7.20 -40.50 -10.81
N LYS D 48 -7.07 -41.33 -11.86
CA LYS D 48 -6.81 -42.79 -11.77
C LYS D 48 -5.41 -43.27 -12.16
N ILE D 49 -4.56 -42.43 -12.77
CA ILE D 49 -3.18 -42.83 -13.14
C ILE D 49 -2.16 -42.14 -12.24
N THR D 50 -1.35 -42.93 -11.57
CA THR D 50 -0.21 -42.50 -10.76
C THR D 50 1.08 -42.99 -11.41
N LEU D 51 2.09 -42.15 -11.45
CA LEU D 51 3.42 -42.40 -11.99
C LEU D 51 4.40 -42.46 -10.82
N LYS D 52 5.44 -43.26 -10.88
CA LYS D 52 6.51 -43.25 -9.86
C LYS D 52 7.43 -42.04 -9.96
N THR D 53 7.19 -41.17 -10.93
CA THR D 53 8.00 -39.99 -11.23
C THR D 53 7.12 -38.92 -11.87
N PRO D 54 7.36 -37.61 -11.63
CA PRO D 54 6.49 -36.54 -12.13
C PRO D 54 6.61 -36.23 -13.62
N LEU D 55 7.42 -36.94 -14.39
CA LEU D 55 7.96 -36.44 -15.65
C LEU D 55 7.19 -36.97 -16.86
N ILE D 56 6.83 -36.05 -17.76
CA ILE D 56 6.08 -36.35 -18.95
C ILE D 56 6.80 -35.82 -20.18
N SER D 57 6.90 -36.61 -21.24
CA SER D 57 7.32 -36.08 -22.53
C SER D 57 6.13 -35.52 -23.31
N SER D 58 6.30 -34.30 -23.78
CA SER D 58 5.26 -33.55 -24.47
C SER D 58 4.87 -34.17 -25.82
N PRO D 59 3.58 -34.17 -26.20
CA PRO D 59 3.11 -34.65 -27.49
C PRO D 59 3.49 -33.74 -28.65
N MET D 60 4.75 -33.80 -29.02
CA MET D 60 5.27 -33.06 -30.15
C MET D 60 5.98 -33.99 -31.14
N ASP D 61 5.84 -33.66 -32.42
CA ASP D 61 6.46 -34.28 -33.60
C ASP D 61 7.96 -34.55 -33.45
N THR D 62 8.64 -33.71 -32.68
CA THR D 62 10.07 -33.68 -32.45
C THR D 62 10.44 -34.07 -31.02
N VAL D 63 9.48 -34.55 -30.22
CA VAL D 63 9.73 -35.06 -28.86
C VAL D 63 9.22 -36.47 -28.67
N THR D 64 7.95 -36.79 -28.94
CA THR D 64 7.36 -38.06 -28.48
C THR D 64 6.73 -38.88 -29.59
N GLU D 65 7.49 -39.86 -30.09
CA GLU D 65 6.96 -41.07 -30.73
C GLU D 65 7.25 -42.26 -29.81
N ALA D 66 7.16 -43.51 -30.27
CA ALA D 66 7.19 -44.68 -29.41
C ALA D 66 8.47 -44.83 -28.60
N ASP D 67 9.65 -44.55 -29.16
CA ASP D 67 10.93 -44.71 -28.46
C ASP D 67 11.00 -43.81 -27.22
N MET D 68 10.53 -42.57 -27.33
CA MET D 68 10.43 -41.63 -26.23
C MET D 68 9.40 -42.12 -25.22
N ALA D 69 8.21 -42.52 -25.67
CA ALA D 69 7.17 -42.98 -24.77
C ALA D 69 7.58 -44.24 -24.01
N ILE D 70 8.29 -45.19 -24.63
CA ILE D 70 8.89 -46.33 -23.96
C ILE D 70 9.90 -45.85 -22.93
N ALA D 71 10.87 -45.04 -23.32
CA ALA D 71 11.93 -44.61 -22.41
C ALA D 71 11.38 -43.79 -21.24
N MET D 72 10.37 -42.94 -21.46
CA MET D 72 9.68 -42.23 -20.39
C MET D 72 8.95 -43.18 -19.47
N ALA D 73 8.12 -44.08 -20.00
CA ALA D 73 7.40 -45.03 -19.17
C ALA D 73 8.34 -45.93 -18.38
N LEU D 74 9.44 -46.43 -18.97
CA LEU D 74 10.44 -47.23 -18.25
C LEU D 74 11.11 -46.47 -17.11
N MET D 75 11.42 -45.19 -17.31
CA MET D 75 11.95 -44.32 -16.25
C MET D 75 10.88 -43.86 -15.24
N GLY D 76 9.64 -44.32 -15.35
CA GLY D 76 8.57 -44.06 -14.39
C GLY D 76 7.81 -42.76 -14.62
N GLY D 77 8.06 -42.09 -15.74
CA GLY D 77 7.22 -41.02 -16.27
C GLY D 77 6.19 -41.58 -17.25
N ILE D 78 5.80 -40.81 -18.26
CA ILE D 78 4.95 -41.26 -19.36
C ILE D 78 5.26 -40.41 -20.60
N GLY D 79 5.03 -40.94 -21.79
CA GLY D 79 5.04 -40.13 -23.02
C GLY D 79 3.64 -40.00 -23.58
N PHE D 80 3.27 -38.82 -24.04
CA PHE D 80 2.09 -38.64 -24.86
C PHE D 80 2.51 -38.57 -26.31
N ILE D 81 2.10 -39.54 -27.10
CA ILE D 81 2.49 -39.60 -28.51
C ILE D 81 1.78 -38.50 -29.29
N HIS D 82 2.54 -37.76 -30.09
CA HIS D 82 2.04 -36.64 -30.88
C HIS D 82 1.02 -37.06 -31.95
N HIS D 83 0.20 -36.12 -32.44
CA HIS D 83 -0.84 -36.38 -33.44
C HIS D 83 -0.59 -35.71 -34.80
N ASN D 84 0.61 -35.16 -35.04
CA ASN D 84 1.05 -34.59 -36.32
C ASN D 84 1.58 -35.69 -37.27
N CYS D 85 0.75 -36.70 -37.43
CA CYS D 85 0.92 -37.93 -38.18
C CYS D 85 -0.47 -38.50 -38.47
N THR D 86 -0.60 -39.46 -39.38
CA THR D 86 -1.89 -40.11 -39.64
C THR D 86 -2.43 -40.81 -38.39
N PRO D 87 -3.74 -41.00 -38.26
CA PRO D 87 -4.31 -41.81 -37.20
C PRO D 87 -3.70 -43.21 -37.06
N GLU D 88 -3.44 -43.88 -38.19
CA GLU D 88 -2.89 -45.23 -38.23
C GLU D 88 -1.44 -45.27 -37.77
N PHE D 89 -0.63 -44.27 -38.15
CA PHE D 89 0.73 -44.12 -37.67
C PHE D 89 0.74 -43.95 -36.15
N GLN D 90 -0.06 -43.01 -35.63
CA GLN D 90 -0.12 -42.74 -34.20
C GLN D 90 -0.54 -43.96 -33.39
N ALA D 91 -1.58 -44.66 -33.83
CA ALA D 91 -2.03 -45.90 -33.18
C ALA D 91 -0.96 -47.00 -33.22
N ASN D 92 -0.16 -47.09 -34.28
CA ASN D 92 0.97 -47.99 -34.33
C ASN D 92 2.11 -47.58 -33.38
N GLU D 93 2.41 -46.30 -33.22
CA GLU D 93 3.33 -45.82 -32.20
C GLU D 93 2.84 -46.16 -30.79
N VAL D 94 1.54 -45.98 -30.50
CA VAL D 94 0.94 -46.45 -29.24
C VAL D 94 1.09 -47.95 -29.07
N ARG D 95 0.78 -48.74 -30.09
CA ARG D 95 0.93 -50.21 -30.09
C ARG D 95 2.38 -50.61 -29.78
N LYS D 96 3.38 -49.96 -30.36
CA LYS D 96 4.79 -50.22 -30.00
C LYS D 96 5.09 -50.00 -28.53
N VAL D 97 4.51 -48.97 -27.89
CA VAL D 97 4.67 -48.78 -26.44
C VAL D 97 3.97 -49.89 -25.67
N LYS D 98 2.69 -50.15 -25.97
CA LYS D 98 1.88 -51.15 -25.27
C LYS D 98 2.42 -52.58 -25.44
N LYS D 99 3.10 -52.89 -26.53
CA LYS D 99 3.75 -54.18 -26.78
C LYS D 99 5.17 -54.29 -26.20
N PHE D 100 5.81 -53.22 -25.74
CA PHE D 100 7.22 -53.29 -25.36
C PHE D 100 7.50 -54.20 -24.16
N GLU D 101 6.75 -54.07 -23.07
CA GLU D 101 6.84 -54.93 -21.88
C GLU D 101 5.47 -55.60 -21.69
N GLN D 102 5.43 -56.85 -21.26
CA GLN D 102 4.20 -57.62 -21.18
C GLN D 102 4.14 -58.49 -19.93
N GLY D 103 2.95 -58.59 -19.35
CA GLY D 103 2.58 -59.69 -18.45
C GLY D 103 2.28 -60.94 -19.28
N PHE D 104 1.03 -61.40 -19.28
CA PHE D 104 0.55 -62.33 -20.28
C PHE D 104 0.51 -61.66 -21.66
N ILE D 105 1.25 -62.19 -22.63
CA ILE D 105 1.02 -61.87 -24.04
C ILE D 105 -0.24 -62.64 -24.46
N THR D 106 -1.38 -61.97 -24.47
CA THR D 106 -2.71 -62.51 -24.83
C THR D 106 -2.90 -62.74 -26.32
N ASP D 107 -1.98 -62.25 -27.15
CA ASP D 107 -2.08 -62.24 -28.60
C ASP D 107 -0.68 -62.22 -29.24
N PRO D 108 0.18 -63.21 -28.95
CA PRO D 108 1.52 -63.31 -29.51
C PRO D 108 1.50 -63.52 -31.02
N VAL D 109 2.60 -63.19 -31.67
CA VAL D 109 2.86 -63.62 -33.04
C VAL D 109 2.98 -65.14 -33.06
N VAL D 110 2.06 -65.81 -33.75
CA VAL D 110 1.99 -67.27 -33.93
C VAL D 110 2.11 -67.61 -35.41
N LEU D 111 2.66 -68.78 -35.71
CA LEU D 111 2.73 -69.37 -37.04
C LEU D 111 2.29 -70.83 -37.01
N SER D 112 1.93 -71.40 -38.16
CA SER D 112 1.63 -72.82 -38.31
C SER D 112 2.91 -73.63 -38.44
N PRO D 113 2.97 -74.92 -38.02
CA PRO D 113 4.10 -75.80 -38.35
C PRO D 113 4.33 -75.95 -39.87
N SER D 114 3.33 -75.60 -40.70
CA SER D 114 3.46 -75.56 -42.16
C SER D 114 4.34 -74.39 -42.66
N HIS D 115 4.45 -73.28 -41.93
CA HIS D 115 5.27 -72.11 -42.31
C HIS D 115 6.78 -72.43 -42.32
N THR D 116 7.55 -71.71 -43.15
CA THR D 116 9.02 -71.87 -43.26
C THR D 116 9.78 -71.00 -42.24
N VAL D 117 11.04 -71.30 -41.95
CA VAL D 117 11.94 -70.40 -41.19
C VAL D 117 12.06 -69.02 -41.84
N GLY D 118 11.85 -68.88 -43.14
CA GLY D 118 11.74 -67.57 -43.81
C GLY D 118 10.59 -66.71 -43.25
N ASP D 119 9.49 -67.31 -42.82
CA ASP D 119 8.36 -66.62 -42.18
C ASP D 119 8.68 -66.19 -40.75
N VAL D 120 9.53 -66.95 -40.05
CA VAL D 120 10.06 -66.56 -38.74
C VAL D 120 11.00 -65.37 -38.88
N LEU D 121 11.86 -65.37 -39.90
CA LEU D 121 12.73 -64.24 -40.25
C LEU D 121 11.92 -63.01 -40.70
N GLU D 122 10.84 -63.18 -41.46
CA GLU D 122 9.93 -62.09 -41.82
C GLU D 122 9.27 -61.48 -40.58
N ALA D 123 8.79 -62.32 -39.67
CA ALA D 123 8.25 -61.88 -38.38
C ALA D 123 9.32 -61.18 -37.52
N LYS D 124 10.57 -61.68 -37.46
CA LYS D 124 11.66 -60.98 -36.77
C LYS D 124 11.90 -59.62 -37.41
N MET D 125 11.98 -59.53 -38.73
CA MET D 125 12.20 -58.27 -39.45
C MET D 125 11.10 -57.23 -39.19
N ARG D 126 9.82 -57.63 -39.18
CA ARG D 126 8.71 -56.68 -39.01
C ARG D 126 8.27 -56.45 -37.56
N HIS D 127 8.35 -57.44 -36.68
CA HIS D 127 7.94 -57.34 -35.27
C HIS D 127 9.09 -57.22 -34.26
N GLY D 128 10.31 -57.55 -34.64
CA GLY D 128 11.50 -57.41 -33.78
C GLY D 128 11.89 -58.63 -32.95
N PHE D 129 11.15 -59.75 -32.98
CA PHE D 129 11.46 -60.95 -32.19
C PHE D 129 11.34 -62.26 -32.96
N SER D 130 12.30 -63.18 -32.79
CA SER D 130 12.25 -64.56 -33.31
C SER D 130 11.43 -65.52 -32.47
N GLY D 131 11.01 -65.16 -31.26
CA GLY D 131 10.30 -66.08 -30.35
C GLY D 131 8.82 -66.23 -30.73
N ILE D 132 8.49 -67.30 -31.46
CA ILE D 132 7.15 -67.53 -32.04
C ILE D 132 6.65 -68.90 -31.60
N PRO D 133 5.62 -69.00 -30.74
CA PRO D 133 4.93 -70.25 -30.50
C PRO D 133 4.22 -70.73 -31.77
N ILE D 134 4.28 -72.02 -32.01
CA ILE D 134 3.76 -72.63 -33.22
C ILE D 134 2.50 -73.43 -32.88
N THR D 135 1.36 -73.06 -33.47
CA THR D 135 0.06 -73.70 -33.25
C THR D 135 -0.45 -74.29 -34.57
N GLU D 136 -1.18 -75.40 -34.55
CA GLU D 136 -1.45 -76.14 -35.81
C GLU D 136 -2.15 -75.28 -36.87
N THR D 137 -3.17 -74.51 -36.48
CA THR D 137 -3.89 -73.58 -37.37
C THR D 137 -3.05 -72.34 -37.77
N GLY D 138 -1.95 -72.05 -37.06
CA GLY D 138 -1.17 -70.83 -37.25
C GLY D 138 -1.86 -69.55 -36.77
N THR D 139 -2.86 -69.70 -35.91
CA THR D 139 -3.66 -68.62 -35.31
C THR D 139 -3.82 -68.90 -33.82
N MET D 140 -4.16 -67.88 -33.04
CA MET D 140 -3.82 -67.84 -31.61
C MET D 140 -4.42 -68.99 -30.80
N GLY D 141 -5.75 -69.09 -30.74
CA GLY D 141 -6.46 -70.07 -29.89
C GLY D 141 -6.43 -71.52 -30.36
N SER D 142 -5.44 -71.93 -31.14
CA SER D 142 -5.26 -73.27 -31.71
C SER D 142 -4.35 -74.16 -30.84
N LYS D 143 -4.33 -75.47 -31.09
CA LYS D 143 -3.48 -76.45 -30.37
C LYS D 143 -1.99 -76.16 -30.56
N LEU D 144 -1.24 -76.13 -29.47
CA LEU D 144 0.20 -75.87 -29.46
C LEU D 144 0.99 -77.08 -30.00
N VAL D 145 1.78 -76.86 -31.05
CA VAL D 145 2.57 -77.91 -31.75
C VAL D 145 4.06 -77.86 -31.38
N GLY D 146 4.58 -76.67 -31.14
CA GLY D 146 5.96 -76.45 -30.72
C GLY D 146 6.23 -74.96 -30.57
N ILE D 147 7.51 -74.58 -30.52
CA ILE D 147 7.95 -73.19 -30.50
C ILE D 147 9.24 -73.06 -31.30
N VAL D 148 9.46 -71.90 -31.92
CA VAL D 148 10.71 -71.55 -32.61
C VAL D 148 11.22 -70.23 -32.06
N THR D 149 12.53 -70.14 -31.81
CA THR D 149 13.19 -68.97 -31.21
C THR D 149 14.56 -68.72 -31.84
N SER D 150 15.25 -67.64 -31.46
CA SER D 150 16.50 -67.24 -32.11
C SER D 150 17.55 -68.37 -32.18
N ARG D 151 17.74 -69.13 -31.10
CA ARG D 151 18.65 -70.30 -31.08
C ARG D 151 18.20 -71.46 -31.96
N ASP D 152 16.91 -71.63 -32.21
CA ASP D 152 16.38 -72.64 -33.14
C ASP D 152 16.66 -72.32 -34.62
N ILE D 153 16.99 -71.06 -34.93
CA ILE D 153 17.28 -70.56 -36.28
C ILE D 153 18.52 -69.66 -36.24
N VAL D 168 13.24 -78.12 -36.98
CA VAL D 168 13.66 -76.79 -36.45
C VAL D 168 13.13 -76.48 -35.05
N MET D 169 11.83 -76.66 -34.80
CA MET D 169 11.16 -76.29 -33.55
C MET D 169 11.71 -77.04 -32.33
N THR D 170 11.50 -76.49 -31.14
CA THR D 170 11.35 -77.30 -29.93
C THR D 170 9.89 -77.80 -29.90
N PRO D 171 9.64 -79.13 -29.94
CA PRO D 171 8.30 -79.69 -30.11
C PRO D 171 7.48 -79.65 -28.81
N ARG D 172 6.14 -79.70 -28.88
CA ARG D 172 5.29 -79.48 -27.69
C ARG D 172 5.50 -80.51 -26.58
N ILE D 173 6.02 -81.70 -26.91
CA ILE D 173 6.40 -82.78 -25.99
C ILE D 173 7.46 -82.32 -24.99
N GLU D 174 8.45 -81.56 -25.46
CA GLU D 174 9.64 -81.23 -24.69
C GLU D 174 9.53 -79.88 -23.95
N LEU D 175 8.64 -78.98 -24.40
CA LEU D 175 8.48 -77.65 -23.82
C LEU D 175 7.79 -77.65 -22.45
N VAL D 176 8.19 -76.71 -21.61
CA VAL D 176 7.63 -76.44 -20.28
C VAL D 176 6.42 -75.52 -20.44
N VAL D 177 5.37 -75.74 -19.68
CA VAL D 177 4.05 -75.11 -19.90
C VAL D 177 3.34 -74.82 -18.59
N ALA D 178 2.36 -73.91 -18.59
CA ALA D 178 1.46 -73.67 -17.47
C ALA D 178 -0.01 -73.69 -17.90
N PRO D 179 -0.95 -74.04 -17.00
CA PRO D 179 -2.36 -74.16 -17.36
C PRO D 179 -3.03 -72.80 -17.46
N ALA D 180 -4.00 -72.66 -18.38
CA ALA D 180 -4.90 -71.52 -18.43
C ALA D 180 -5.59 -71.28 -17.07
N GLY D 181 -5.74 -70.02 -16.66
CA GLY D 181 -6.23 -69.63 -15.32
C GLY D 181 -5.15 -69.56 -14.23
N VAL D 182 -3.90 -69.91 -14.53
CA VAL D 182 -2.73 -69.53 -13.72
C VAL D 182 -2.63 -68.00 -13.55
N THR D 183 -2.24 -67.50 -12.37
CA THR D 183 -2.03 -66.05 -12.16
C THR D 183 -0.62 -65.65 -12.63
N LEU D 184 -0.38 -64.37 -12.97
CA LEU D 184 0.91 -63.98 -13.55
C LEU D 184 2.08 -64.30 -12.62
N LYS D 185 1.94 -64.08 -11.31
CA LYS D 185 2.95 -64.42 -10.29
C LYS D 185 3.29 -65.93 -10.23
N GLU D 186 2.31 -66.80 -10.46
CA GLU D 186 2.53 -68.25 -10.56
C GLU D 186 3.26 -68.61 -11.87
N ALA D 187 2.83 -68.07 -13.01
CA ALA D 187 3.49 -68.29 -14.29
C ALA D 187 4.93 -67.75 -14.29
N ASN D 188 5.19 -66.58 -13.69
CA ASN D 188 6.54 -66.06 -13.50
C ASN D 188 7.42 -67.03 -12.70
N GLU D 189 6.92 -67.60 -11.61
CA GLU D 189 7.64 -68.59 -10.82
C GLU D 189 7.90 -69.89 -11.61
N ILE D 190 6.94 -70.33 -12.42
CA ILE D 190 7.14 -71.46 -13.34
C ILE D 190 8.28 -71.16 -14.32
N LEU D 191 8.24 -70.02 -15.01
CA LEU D 191 9.29 -69.57 -15.92
C LEU D 191 10.66 -69.39 -15.25
N GLN D 192 10.67 -68.85 -14.03
CA GLN D 192 11.88 -68.53 -13.27
C GLN D 192 12.61 -69.80 -12.80
N ARG D 193 11.88 -70.82 -12.37
CA ARG D 193 12.42 -72.16 -12.05
C ARG D 193 12.75 -72.98 -13.30
N SER D 194 11.96 -72.83 -14.36
CA SER D 194 12.10 -73.53 -15.65
C SER D 194 13.44 -73.28 -16.36
N LYS D 195 14.07 -72.13 -16.11
CA LYS D 195 15.31 -71.66 -16.79
C LYS D 195 15.20 -71.53 -18.33
N LYS D 196 13.98 -71.45 -18.88
CA LYS D 196 13.70 -71.14 -20.29
C LYS D 196 13.36 -69.66 -20.53
N GLY D 197 13.45 -69.23 -21.79
CA GLY D 197 13.17 -67.86 -22.20
C GLY D 197 11.69 -67.55 -22.47
N LYS D 198 10.85 -68.55 -22.73
CA LYS D 198 9.39 -68.41 -22.88
C LYS D 198 8.66 -69.44 -22.02
N LEU D 199 7.41 -69.16 -21.70
CA LEU D 199 6.48 -70.11 -21.08
C LEU D 199 5.09 -69.95 -21.72
N PRO D 200 4.67 -70.87 -22.60
CA PRO D 200 3.31 -70.90 -23.11
C PRO D 200 2.31 -71.23 -21.99
N ILE D 201 1.11 -70.68 -22.13
CA ILE D 201 -0.01 -70.91 -21.24
C ILE D 201 -1.09 -71.62 -22.07
N VAL D 202 -1.52 -72.80 -21.64
CA VAL D 202 -2.38 -73.67 -22.44
C VAL D 202 -3.60 -74.15 -21.66
N ASN D 203 -4.76 -74.22 -22.32
CA ASN D 203 -5.99 -74.74 -21.70
C ASN D 203 -6.02 -76.28 -21.63
N ASP D 204 -7.13 -76.84 -21.17
CA ASP D 204 -7.34 -78.29 -21.04
C ASP D 204 -7.14 -79.06 -22.37
N CYS D 205 -7.39 -78.38 -23.49
CA CYS D 205 -7.26 -78.87 -24.85
C CYS D 205 -5.83 -78.71 -25.45
N ASP D 206 -4.85 -78.29 -24.62
CA ASP D 206 -3.51 -77.88 -25.05
C ASP D 206 -3.52 -76.74 -26.11
N GLU D 207 -4.57 -75.93 -26.17
CA GLU D 207 -4.63 -74.75 -27.03
C GLU D 207 -4.00 -73.56 -26.32
N LEU D 208 -3.24 -72.77 -27.09
CA LEU D 208 -2.50 -71.63 -26.58
C LEU D 208 -3.43 -70.46 -26.22
N VAL D 209 -3.46 -70.05 -24.95
CA VAL D 209 -4.28 -68.91 -24.49
C VAL D 209 -3.45 -67.65 -24.25
N ALA D 210 -2.18 -67.79 -23.88
CA ALA D 210 -1.22 -66.72 -23.69
C ALA D 210 0.21 -67.28 -23.75
N ILE D 211 1.21 -66.41 -23.79
CA ILE D 211 2.61 -66.76 -23.55
C ILE D 211 3.27 -65.68 -22.71
N ILE D 212 4.36 -65.98 -22.01
CA ILE D 212 5.16 -64.99 -21.27
C ILE D 212 6.63 -65.17 -21.59
N ALA D 213 7.45 -64.14 -21.36
CA ALA D 213 8.87 -64.14 -21.69
C ALA D 213 9.77 -63.74 -20.52
N ARG D 214 10.94 -64.36 -20.44
CA ARG D 214 11.98 -64.05 -19.43
C ARG D 214 12.51 -62.63 -19.60
N THR D 215 12.47 -62.10 -20.82
CA THR D 215 12.84 -60.72 -21.08
C THR D 215 11.89 -59.71 -20.43
N ASP D 216 10.61 -60.01 -20.24
CA ASP D 216 9.75 -59.16 -19.43
C ASP D 216 10.11 -59.20 -17.95
N LEU D 217 10.50 -60.35 -17.39
CA LEU D 217 11.05 -60.38 -16.04
C LEU D 217 12.34 -59.55 -15.92
N LYS D 218 13.19 -59.58 -16.93
CA LYS D 218 14.42 -58.81 -16.99
C LYS D 218 14.16 -57.30 -17.13
N LYS D 219 13.19 -56.90 -17.96
CA LYS D 219 12.74 -55.50 -18.05
C LYS D 219 12.16 -55.03 -16.72
N ASN D 220 11.31 -55.83 -16.09
CA ASN D 220 10.85 -55.60 -14.73
C ASN D 220 12.01 -55.36 -13.76
N ARG D 221 13.02 -56.23 -13.75
CA ARG D 221 14.18 -56.12 -12.88
C ARG D 221 14.97 -54.83 -13.13
N ASP D 222 15.24 -54.54 -14.40
CA ASP D 222 16.09 -53.44 -14.83
C ASP D 222 15.42 -52.07 -14.73
N TYR D 223 14.08 -52.01 -14.68
CA TYR D 223 13.31 -50.77 -14.64
C TYR D 223 12.33 -50.73 -13.47
N PRO D 224 12.80 -50.52 -12.22
CA PRO D 224 11.96 -50.55 -11.02
C PRO D 224 10.90 -49.44 -10.96
N LEU D 225 11.18 -48.31 -11.63
CA LEU D 225 10.26 -47.17 -11.66
C LEU D 225 9.17 -47.31 -12.73
N ALA D 226 9.20 -48.32 -13.60
CA ALA D 226 8.41 -48.30 -14.82
C ALA D 226 6.90 -48.10 -14.60
N SER D 227 6.31 -47.18 -15.35
CA SER D 227 4.89 -46.86 -15.38
C SER D 227 4.14 -47.91 -16.17
N LYS D 228 3.45 -48.81 -15.48
CA LYS D 228 2.74 -49.96 -16.08
C LYS D 228 1.27 -50.01 -15.72
N ASP D 229 0.44 -50.57 -16.59
CA ASP D 229 -0.93 -50.94 -16.28
C ASP D 229 -1.03 -52.28 -15.53
N SER D 230 -2.25 -52.69 -15.19
CA SER D 230 -2.52 -53.97 -14.52
C SER D 230 -2.05 -55.20 -15.29
N GLN D 231 -2.07 -55.16 -16.63
CA GLN D 231 -1.50 -56.17 -17.53
C GLN D 231 0.04 -56.10 -17.66
N LYS D 232 0.71 -55.28 -16.84
CA LYS D 232 2.15 -55.03 -16.85
C LYS D 232 2.69 -54.47 -18.17
N GLN D 233 1.83 -53.89 -19.01
CA GLN D 233 2.26 -53.17 -20.20
C GLN D 233 2.63 -51.75 -19.82
N LEU D 234 3.56 -51.14 -20.54
CA LEU D 234 3.88 -49.73 -20.34
C LEU D 234 2.64 -48.86 -20.53
N LEU D 235 2.47 -47.85 -19.69
CA LEU D 235 1.45 -46.83 -19.92
C LEU D 235 1.86 -45.96 -21.10
N CYS D 236 0.89 -45.61 -21.93
CA CYS D 236 1.09 -44.71 -23.05
C CYS D 236 0.01 -43.65 -23.03
N GLY D 237 0.39 -42.40 -23.23
CA GLY D 237 -0.54 -41.34 -23.57
C GLY D 237 -0.60 -41.14 -25.08
N ALA D 238 -1.63 -40.46 -25.57
CA ALA D 238 -1.65 -39.90 -26.91
C ALA D 238 -2.38 -38.57 -26.96
N ALA D 239 -1.94 -37.66 -27.82
CA ALA D 239 -2.68 -36.46 -28.12
C ALA D 239 -3.76 -36.73 -29.16
N VAL D 240 -4.87 -36.01 -29.08
CA VAL D 240 -5.83 -35.87 -30.18
C VAL D 240 -6.27 -34.42 -30.24
N GLY D 241 -6.69 -33.96 -31.42
CA GLY D 241 -7.38 -32.70 -31.54
C GLY D 241 -8.83 -32.80 -31.08
N THR D 242 -9.62 -31.77 -31.33
CA THR D 242 -11.04 -31.72 -30.96
C THR D 242 -11.97 -31.57 -32.16
N ARG D 243 -11.48 -31.90 -33.37
CA ARG D 243 -12.29 -31.93 -34.60
C ARG D 243 -13.17 -33.18 -34.64
N GLU D 244 -14.07 -33.30 -35.61
CA GLU D 244 -14.78 -34.57 -35.82
C GLU D 244 -13.85 -35.66 -36.34
N ASP D 245 -12.84 -35.31 -37.15
CA ASP D 245 -11.78 -36.22 -37.63
C ASP D 245 -11.08 -36.96 -36.48
N ASP D 246 -10.96 -36.33 -35.31
CA ASP D 246 -10.29 -36.90 -34.15
C ASP D 246 -11.06 -38.03 -33.49
N LYS D 247 -12.35 -38.20 -33.76
CA LYS D 247 -13.12 -39.36 -33.26
C LYS D 247 -12.62 -40.66 -33.89
N TYR D 248 -12.25 -40.65 -35.17
CA TYR D 248 -11.63 -41.81 -35.81
C TYR D 248 -10.24 -42.11 -35.21
N ARG D 249 -9.41 -41.08 -35.05
CA ARG D 249 -8.09 -41.18 -34.39
C ARG D 249 -8.20 -41.79 -33.00
N LEU D 250 -9.09 -41.27 -32.17
CA LEU D 250 -9.37 -41.80 -30.84
C LEU D 250 -9.81 -43.25 -30.85
N ASP D 251 -10.62 -43.67 -31.81
CA ASP D 251 -11.01 -45.06 -31.96
C ASP D 251 -9.82 -45.99 -32.26
N LEU D 252 -8.94 -45.61 -33.17
CA LEU D 252 -7.68 -46.32 -33.38
C LEU D 252 -6.79 -46.33 -32.13
N LEU D 253 -6.61 -45.21 -31.44
CA LEU D 253 -5.76 -45.14 -30.24
C LEU D 253 -6.30 -46.00 -29.10
N THR D 254 -7.62 -46.06 -28.92
CA THR D 254 -8.24 -46.91 -27.90
C THR D 254 -8.22 -48.38 -28.31
N GLN D 255 -8.31 -48.73 -29.59
CA GLN D 255 -8.05 -50.09 -30.06
C GLN D 255 -6.57 -50.49 -29.82
N ALA D 256 -5.63 -49.57 -30.06
CA ALA D 256 -4.22 -49.77 -29.75
C ALA D 256 -3.91 -49.88 -28.25
N GLY D 257 -4.87 -49.54 -27.38
CA GLY D 257 -4.76 -49.71 -25.93
C GLY D 257 -4.14 -48.51 -25.20
N VAL D 258 -4.26 -47.28 -25.73
CA VAL D 258 -3.81 -46.07 -25.04
C VAL D 258 -4.52 -45.91 -23.69
N ASP D 259 -3.79 -45.47 -22.66
CA ASP D 259 -4.29 -45.38 -21.29
C ASP D 259 -4.87 -44.01 -20.96
N VAL D 260 -4.31 -42.96 -21.57
CA VAL D 260 -4.69 -41.58 -21.33
C VAL D 260 -4.63 -40.78 -22.62
N ILE D 261 -5.61 -39.93 -22.82
CA ILE D 261 -5.69 -39.00 -23.92
C ILE D 261 -5.43 -37.59 -23.39
N VAL D 262 -4.61 -36.82 -24.11
CA VAL D 262 -4.55 -35.37 -23.92
C VAL D 262 -5.21 -34.67 -25.09
N LEU D 263 -6.14 -33.76 -24.82
CA LEU D 263 -6.74 -32.92 -25.86
C LEU D 263 -5.77 -31.76 -26.16
N ASP D 264 -5.23 -31.75 -27.37
CA ASP D 264 -4.17 -30.84 -27.77
C ASP D 264 -4.77 -29.53 -28.31
N SER D 265 -4.65 -28.47 -27.53
CA SER D 265 -5.07 -27.12 -27.84
C SER D 265 -4.23 -26.12 -27.07
N SER D 266 -3.97 -24.94 -27.63
CA SER D 266 -3.33 -23.85 -26.90
C SER D 266 -4.31 -23.12 -25.96
N GLN D 267 -5.62 -23.25 -26.16
CA GLN D 267 -6.68 -22.63 -25.36
C GLN D 267 -7.83 -23.63 -25.25
N GLY D 268 -7.78 -24.48 -24.23
CA GLY D 268 -8.71 -25.59 -24.04
C GLY D 268 -10.09 -25.23 -23.55
N ASN D 269 -10.35 -23.99 -23.14
CA ASN D 269 -11.66 -23.54 -22.72
C ASN D 269 -12.55 -23.18 -23.91
N SER D 270 -13.00 -24.20 -24.61
CA SER D 270 -13.80 -24.05 -25.82
C SER D 270 -14.96 -25.02 -25.81
N VAL D 271 -16.04 -24.66 -26.48
CA VAL D 271 -17.17 -25.55 -26.76
C VAL D 271 -16.73 -26.83 -27.48
N TYR D 272 -15.77 -26.75 -28.39
CA TYR D 272 -15.24 -27.90 -29.14
C TYR D 272 -14.52 -28.88 -28.23
N GLN D 273 -13.70 -28.40 -27.32
CA GLN D 273 -13.03 -29.26 -26.38
C GLN D 273 -13.98 -29.83 -25.33
N ILE D 274 -14.90 -29.06 -24.79
CA ILE D 274 -15.88 -29.55 -23.83
C ILE D 274 -16.72 -30.65 -24.47
N ALA D 275 -17.20 -30.44 -25.69
CA ALA D 275 -17.90 -31.43 -26.48
C ALA D 275 -17.04 -32.67 -26.72
N MET D 276 -15.74 -32.52 -26.98
CA MET D 276 -14.83 -33.66 -27.13
C MET D 276 -14.69 -34.45 -25.81
N VAL D 277 -14.44 -33.81 -24.67
CA VAL D 277 -14.42 -34.49 -23.36
C VAL D 277 -15.71 -35.24 -23.09
N HIS D 278 -16.87 -34.63 -23.33
CA HIS D 278 -18.16 -35.29 -23.18
C HIS D 278 -18.25 -36.53 -24.05
N TYR D 279 -17.89 -36.45 -25.32
CA TYR D 279 -17.87 -37.61 -26.22
C TYR D 279 -16.96 -38.74 -25.73
N ILE D 280 -15.72 -38.43 -25.34
CA ILE D 280 -14.80 -39.46 -24.84
C ILE D 280 -15.37 -40.12 -23.60
N LYS D 281 -15.84 -39.36 -22.62
CA LYS D 281 -16.39 -39.90 -21.37
C LYS D 281 -17.67 -40.72 -21.58
N GLN D 282 -18.44 -40.49 -22.63
CA GLN D 282 -19.55 -41.37 -23.04
C GLN D 282 -19.03 -42.65 -23.70
N LYS D 283 -18.27 -42.56 -24.80
CA LYS D 283 -17.89 -43.73 -25.61
C LYS D 283 -16.81 -44.60 -24.98
N TYR D 284 -15.83 -43.99 -24.32
CA TYR D 284 -14.65 -44.67 -23.78
C TYR D 284 -14.55 -44.36 -22.28
N PRO D 285 -15.51 -44.75 -21.43
CA PRO D 285 -15.60 -44.30 -20.04
C PRO D 285 -14.40 -44.69 -19.16
N HIS D 286 -13.68 -45.75 -19.52
CA HIS D 286 -12.45 -46.22 -18.88
C HIS D 286 -11.22 -45.34 -19.13
N LEU D 287 -11.26 -44.54 -20.19
CA LEU D 287 -10.14 -43.78 -20.71
C LEU D 287 -9.94 -42.49 -19.92
N GLN D 288 -8.71 -42.23 -19.50
CA GLN D 288 -8.39 -41.00 -18.79
C GLN D 288 -8.23 -39.84 -19.77
N VAL D 289 -8.83 -38.69 -19.50
CA VAL D 289 -8.77 -37.51 -20.35
C VAL D 289 -8.10 -36.36 -19.65
N ILE D 290 -7.09 -35.80 -20.29
CA ILE D 290 -6.42 -34.59 -19.84
C ILE D 290 -6.92 -33.43 -20.70
N GLY D 291 -7.50 -32.44 -20.03
CA GLY D 291 -7.95 -31.19 -20.62
C GLY D 291 -6.79 -30.37 -21.11
N GLY D 292 -6.91 -29.93 -22.35
CA GLY D 292 -6.02 -29.06 -23.07
C GLY D 292 -5.84 -27.73 -22.40
N ASN D 293 -4.95 -26.91 -22.95
CA ASN D 293 -4.24 -25.96 -22.09
C ASN D 293 -5.15 -24.89 -21.47
N VAL D 294 -4.98 -24.69 -20.17
CA VAL D 294 -5.64 -23.64 -19.40
C VAL D 294 -4.62 -22.89 -18.57
N VAL D 295 -4.91 -21.67 -18.17
CA VAL D 295 -4.07 -20.85 -17.29
C VAL D 295 -4.86 -20.14 -16.21
N THR D 296 -6.20 -20.26 -16.22
CA THR D 296 -7.07 -19.63 -15.24
C THR D 296 -7.98 -20.65 -14.59
N ALA D 297 -8.41 -20.40 -13.36
CA ALA D 297 -9.39 -21.24 -12.71
C ALA D 297 -10.73 -21.26 -13.47
N ALA D 298 -11.15 -20.14 -14.07
CA ALA D 298 -12.35 -20.06 -14.90
C ALA D 298 -12.34 -21.05 -16.07
N GLN D 299 -11.21 -21.19 -16.77
CA GLN D 299 -11.04 -22.18 -17.82
C GLN D 299 -10.99 -23.61 -17.25
N ALA D 300 -10.30 -23.84 -16.14
CA ALA D 300 -10.22 -25.12 -15.47
C ALA D 300 -11.59 -25.64 -15.04
N LYS D 301 -12.43 -24.79 -14.45
CA LYS D 301 -13.83 -25.08 -14.07
C LYS D 301 -14.60 -25.75 -15.19
N ASN D 302 -14.62 -25.16 -16.38
CA ASN D 302 -15.41 -25.70 -17.49
C ASN D 302 -14.94 -27.10 -17.90
N LEU D 303 -13.65 -27.40 -17.87
CA LEU D 303 -13.12 -28.71 -18.22
C LEU D 303 -13.31 -29.73 -17.10
N ILE D 304 -13.20 -29.32 -15.84
CA ILE D 304 -13.53 -30.16 -14.69
C ILE D 304 -15.03 -30.49 -14.67
N ASP D 305 -15.90 -29.52 -14.95
CA ASP D 305 -17.32 -29.72 -15.20
C ASP D 305 -17.59 -30.63 -16.39
N ALA D 306 -16.83 -30.53 -17.50
CA ALA D 306 -16.93 -31.45 -18.62
C ALA D 306 -16.49 -32.88 -18.29
N GLY D 307 -15.72 -33.07 -17.22
CA GLY D 307 -15.31 -34.36 -16.70
C GLY D 307 -13.86 -34.72 -16.95
N VAL D 308 -12.96 -33.79 -17.20
CA VAL D 308 -11.54 -34.15 -17.37
C VAL D 308 -10.96 -34.76 -16.09
N ASP D 309 -10.02 -35.67 -16.26
CA ASP D 309 -9.30 -36.37 -15.22
C ASP D 309 -7.95 -35.74 -14.87
N GLY D 310 -7.49 -34.76 -15.65
CA GLY D 310 -6.29 -33.97 -15.43
C GLY D 310 -6.34 -32.72 -16.29
N LEU D 311 -5.46 -31.76 -16.06
CA LEU D 311 -5.39 -30.53 -16.86
C LEU D 311 -3.93 -30.25 -17.26
N ARG D 312 -3.69 -29.81 -18.49
CA ARG D 312 -2.45 -29.13 -18.87
C ARG D 312 -2.53 -27.65 -18.61
N VAL D 313 -1.52 -27.12 -17.95
CA VAL D 313 -1.41 -25.73 -17.62
C VAL D 313 -0.23 -25.13 -18.35
N GLY D 314 -0.48 -24.03 -19.04
CA GLY D 314 0.56 -23.30 -19.73
C GLY D 314 0.05 -22.71 -21.02
N MET D 315 0.35 -21.44 -21.28
CA MET D 315 -0.06 -20.79 -22.52
C MET D 315 0.93 -19.69 -22.87
N GLY D 316 1.67 -19.87 -23.95
CA GLY D 316 2.70 -18.94 -24.38
C GLY D 316 4.09 -19.28 -23.87
N CYS D 317 4.19 -19.79 -22.65
CA CYS D 317 5.36 -20.51 -22.20
C CYS D 317 5.57 -21.75 -23.08
N GLY D 318 6.80 -22.21 -23.17
CA GLY D 318 7.17 -23.24 -24.13
C GLY D 318 8.25 -22.71 -25.04
N SER D 319 9.40 -23.36 -25.08
CA SER D 319 10.60 -22.88 -25.77
C SER D 319 10.35 -22.42 -27.20
N ILE D 320 9.57 -23.20 -27.96
CA ILE D 320 9.23 -22.97 -29.38
C ILE D 320 7.98 -22.12 -29.58
N CYS D 321 7.30 -21.68 -28.53
CA CYS D 321 5.98 -21.08 -28.61
C CYS D 321 6.06 -19.57 -28.88
N ILE D 322 5.13 -19.05 -29.68
CA ILE D 322 4.96 -17.62 -29.98
C ILE D 322 3.48 -17.18 -29.94
N THR D 323 2.60 -17.89 -29.23
CA THR D 323 1.17 -17.52 -29.15
C THR D 323 0.95 -16.17 -28.49
N GLN D 324 1.75 -15.78 -27.49
CA GLN D 324 1.63 -14.47 -26.81
C GLN D 324 2.02 -13.27 -27.70
N GLU D 325 2.67 -13.52 -28.85
CA GLU D 325 3.07 -12.48 -29.81
C GLU D 325 2.35 -12.60 -31.16
N VAL D 326 1.68 -13.71 -31.45
CA VAL D 326 0.79 -13.81 -32.62
C VAL D 326 -0.65 -13.50 -32.21
N MET D 327 -1.08 -14.13 -31.15
CA MET D 327 -2.27 -13.76 -30.39
C MET D 327 -1.75 -12.93 -29.20
N ALA D 328 -2.60 -12.37 -28.34
CA ALA D 328 -2.10 -11.63 -27.16
C ALA D 328 -2.26 -12.43 -25.84
N CYS D 329 -2.72 -13.67 -25.93
CA CYS D 329 -3.14 -14.48 -24.80
C CYS D 329 -2.03 -15.30 -24.18
N GLY D 330 -2.09 -15.39 -22.86
CA GLY D 330 -1.34 -16.34 -22.08
C GLY D 330 -1.34 -15.96 -20.61
N ARG D 331 -0.45 -16.58 -19.85
CA ARG D 331 -0.16 -16.19 -18.48
C ARG D 331 1.28 -16.57 -18.14
N PRO D 332 1.98 -15.81 -17.28
CA PRO D 332 3.26 -16.24 -16.74
C PRO D 332 3.10 -17.57 -16.04
N GLN D 333 3.96 -18.54 -16.36
CA GLN D 333 3.66 -19.94 -16.10
C GLN D 333 3.63 -20.31 -14.61
N GLY D 334 4.49 -19.72 -13.79
CA GLY D 334 4.46 -19.94 -12.34
C GLY D 334 3.11 -19.55 -11.77
N THR D 335 2.64 -18.36 -12.09
CA THR D 335 1.30 -17.92 -11.69
C THR D 335 0.22 -18.85 -12.20
N ALA D 336 0.23 -19.25 -13.48
CA ALA D 336 -0.74 -20.19 -14.03
C ALA D 336 -0.78 -21.53 -13.29
N VAL D 337 0.38 -22.13 -13.05
CA VAL D 337 0.51 -23.39 -12.32
C VAL D 337 -0.07 -23.25 -10.93
N TYR D 338 0.34 -22.25 -10.16
CA TYR D 338 -0.21 -22.05 -8.83
C TYR D 338 -1.72 -21.78 -8.83
N LYS D 339 -2.22 -20.83 -9.63
CA LYS D 339 -3.65 -20.49 -9.67
C LYS D 339 -4.54 -21.67 -10.07
N VAL D 340 -4.17 -22.38 -11.13
CA VAL D 340 -4.94 -23.53 -11.60
C VAL D 340 -4.84 -24.70 -10.65
N ALA D 341 -3.66 -25.05 -10.14
CA ALA D 341 -3.52 -26.14 -9.18
C ALA D 341 -4.28 -25.88 -7.88
N GLU D 342 -4.26 -24.65 -7.37
CA GLU D 342 -4.95 -24.33 -6.12
C GLU D 342 -6.47 -24.47 -6.27
N TYR D 343 -7.00 -24.18 -7.46
CA TYR D 343 -8.38 -24.44 -7.80
C TYR D 343 -8.66 -25.93 -8.05
N ALA D 344 -7.91 -26.58 -8.93
CA ALA D 344 -8.13 -27.95 -9.35
C ALA D 344 -7.98 -28.99 -8.22
N ARG D 345 -7.15 -28.73 -7.20
CA ARG D 345 -6.99 -29.65 -6.05
C ARG D 345 -8.28 -29.85 -5.25
N ARG D 346 -9.18 -28.87 -5.29
CA ARG D 346 -10.49 -28.92 -4.61
C ARG D 346 -11.40 -29.98 -5.20
N PHE D 347 -11.19 -30.30 -6.48
CA PHE D 347 -11.91 -31.30 -7.26
C PHE D 347 -11.12 -32.62 -7.38
N GLY D 348 -9.93 -32.71 -6.80
CA GLY D 348 -9.06 -33.87 -6.91
C GLY D 348 -8.44 -34.07 -8.29
N VAL D 349 -8.25 -32.99 -9.05
CA VAL D 349 -7.80 -33.04 -10.45
C VAL D 349 -6.33 -32.68 -10.52
N PRO D 350 -5.44 -33.59 -10.96
CA PRO D 350 -4.02 -33.29 -11.06
C PRO D 350 -3.72 -32.31 -12.18
N ILE D 351 -2.68 -31.52 -11.96
CA ILE D 351 -2.16 -30.51 -12.89
C ILE D 351 -0.87 -30.98 -13.50
N ILE D 352 -0.77 -30.84 -14.81
CA ILE D 352 0.49 -30.87 -15.53
C ILE D 352 0.94 -29.45 -15.73
N ALA D 353 2.14 -29.11 -15.29
CA ALA D 353 2.80 -27.88 -15.70
C ALA D 353 3.49 -28.13 -17.04
N ASP D 354 3.01 -27.49 -18.10
CA ASP D 354 3.43 -27.76 -19.47
C ASP D 354 4.19 -26.57 -20.09
N GLY D 355 5.45 -26.79 -20.44
CA GLY D 355 6.23 -25.85 -21.23
C GLY D 355 6.89 -24.72 -20.43
N GLY D 356 8.08 -24.30 -20.88
CA GLY D 356 8.92 -23.37 -20.15
C GLY D 356 9.81 -24.02 -19.10
N ILE D 357 9.89 -25.35 -19.04
CA ILE D 357 10.80 -26.10 -18.18
C ILE D 357 12.16 -26.23 -18.86
N GLN D 358 13.13 -25.43 -18.42
CA GLN D 358 14.47 -25.35 -19.02
C GLN D 358 15.54 -26.05 -18.18
N THR D 359 15.27 -26.25 -16.88
CA THR D 359 16.20 -26.69 -15.85
C THR D 359 15.45 -27.55 -14.83
N VAL D 360 16.17 -28.33 -14.03
CA VAL D 360 15.57 -29.16 -12.98
C VAL D 360 14.98 -28.32 -11.84
N GLY D 361 15.54 -27.16 -11.57
CA GLY D 361 15.02 -26.17 -10.63
C GLY D 361 13.65 -25.68 -11.05
N HIS D 362 13.40 -25.50 -12.36
CA HIS D 362 12.06 -25.20 -12.85
C HIS D 362 11.08 -26.35 -12.64
N VAL D 363 11.51 -27.60 -12.73
CA VAL D 363 10.68 -28.77 -12.40
C VAL D 363 10.29 -28.73 -10.93
N VAL D 364 11.25 -28.52 -10.03
CA VAL D 364 11.01 -28.44 -8.59
C VAL D 364 10.09 -27.28 -8.25
N LYS D 365 10.26 -26.10 -8.87
CA LYS D 365 9.35 -24.97 -8.72
C LYS D 365 7.94 -25.28 -9.20
N ALA D 366 7.78 -25.89 -10.37
CA ALA D 366 6.48 -26.30 -10.88
C ALA D 366 5.76 -27.24 -9.90
N LEU D 367 6.46 -28.25 -9.39
CA LEU D 367 5.94 -29.19 -8.40
C LEU D 367 5.62 -28.54 -7.07
N ALA D 368 6.50 -27.67 -6.59
CA ALA D 368 6.28 -26.86 -5.40
C ALA D 368 5.06 -25.95 -5.53
N LEU D 369 4.82 -25.35 -6.69
CA LEU D 369 3.64 -24.51 -6.97
C LEU D 369 2.33 -25.30 -7.09
N GLY D 370 2.38 -26.63 -7.06
CA GLY D 370 1.17 -27.44 -7.03
C GLY D 370 0.95 -28.29 -8.26
N ALA D 371 1.83 -28.23 -9.27
CA ALA D 371 1.80 -29.19 -10.36
C ALA D 371 2.02 -30.59 -9.78
N SER D 372 1.21 -31.53 -10.22
CA SER D 372 1.33 -32.94 -9.83
C SER D 372 2.38 -33.63 -10.70
N THR D 373 2.45 -33.23 -11.96
CA THR D 373 3.39 -33.72 -12.95
C THR D 373 3.87 -32.55 -13.80
N VAL D 374 4.97 -32.73 -14.53
CA VAL D 374 5.60 -31.70 -15.33
C VAL D 374 5.86 -32.27 -16.72
N MET D 375 5.46 -31.53 -17.74
CA MET D 375 5.61 -31.92 -19.13
C MET D 375 6.69 -31.08 -19.80
N MET D 376 7.63 -31.78 -20.43
CA MET D 376 8.77 -31.18 -21.10
C MET D 376 8.76 -31.45 -22.60
N GLY D 377 9.02 -30.41 -23.37
CA GLY D 377 9.31 -30.45 -24.77
C GLY D 377 10.80 -30.37 -25.01
N SER D 378 11.33 -29.15 -25.07
CA SER D 378 12.72 -28.82 -25.40
C SER D 378 13.73 -29.51 -24.50
N LEU D 379 13.42 -29.70 -23.21
CA LEU D 379 14.33 -30.37 -22.29
C LEU D 379 14.57 -31.86 -22.66
N LEU D 380 13.65 -32.51 -23.37
CA LEU D 380 13.79 -33.88 -23.86
C LEU D 380 14.07 -33.96 -25.37
N ALA D 381 13.86 -32.88 -26.11
CA ALA D 381 14.31 -32.79 -27.49
C ALA D 381 15.84 -32.94 -27.57
N ALA D 382 16.35 -33.45 -28.68
CA ALA D 382 17.78 -33.78 -28.84
C ALA D 382 18.33 -34.80 -27.82
N THR D 383 17.46 -35.50 -27.09
CA THR D 383 17.80 -36.83 -26.62
C THR D 383 17.76 -37.82 -27.79
N THR D 384 18.37 -38.99 -27.56
CA THR D 384 18.52 -40.07 -28.52
C THR D 384 17.16 -40.61 -28.95
N GLU D 385 16.23 -40.72 -28.01
CA GLU D 385 14.90 -41.28 -28.17
C GLU D 385 13.90 -40.31 -28.80
N ALA D 386 14.24 -39.01 -28.89
CA ALA D 386 13.43 -38.04 -29.61
C ALA D 386 13.44 -38.30 -31.12
N PRO D 387 12.32 -38.08 -31.85
CA PRO D 387 12.19 -38.39 -33.26
C PRO D 387 13.18 -37.70 -34.21
N GLY D 388 13.39 -38.28 -35.38
CA GLY D 388 14.26 -37.70 -36.41
C GLY D 388 15.75 -37.93 -36.16
N GLU D 389 16.59 -37.10 -36.76
CA GLU D 389 18.05 -37.32 -36.82
C GLU D 389 18.87 -36.09 -36.51
N TYR D 390 20.08 -36.33 -36.03
CA TYR D 390 21.06 -35.29 -35.73
C TYR D 390 21.72 -34.75 -37.00
N PHE D 391 22.14 -33.50 -36.93
CA PHE D 391 22.89 -32.77 -37.95
C PHE D 391 23.88 -31.81 -37.28
N PHE D 392 24.81 -31.27 -38.06
CA PHE D 392 25.78 -30.28 -37.58
C PHE D 392 25.58 -28.94 -38.32
N SER D 393 25.75 -27.83 -37.59
CA SER D 393 25.75 -26.46 -38.15
C SER D 393 26.94 -25.64 -37.69
N ASP D 394 26.90 -25.07 -36.48
CA ASP D 394 27.94 -24.17 -35.94
C ASP D 394 29.13 -24.89 -35.27
N GLY D 395 29.47 -26.09 -35.75
CA GLY D 395 30.33 -27.05 -35.03
C GLY D 395 29.65 -27.75 -33.86
N VAL D 396 28.31 -27.69 -33.83
CA VAL D 396 27.44 -28.21 -32.77
C VAL D 396 26.58 -29.35 -33.32
N ARG D 397 26.49 -30.47 -32.59
CA ARG D 397 25.53 -31.54 -32.88
C ARG D 397 24.12 -31.13 -32.41
N LEU D 398 23.18 -31.08 -33.34
CA LEU D 398 21.84 -30.56 -33.18
C LEU D 398 20.80 -31.57 -33.62
N LYS D 399 19.61 -31.55 -33.02
CA LYS D 399 18.40 -32.21 -33.53
C LYS D 399 17.30 -31.16 -33.66
N LYS D 400 16.39 -31.30 -34.62
CA LYS D 400 15.25 -30.39 -34.84
C LYS D 400 14.30 -30.41 -33.65
N TYR D 401 13.63 -29.30 -33.40
CA TYR D 401 12.58 -29.15 -32.37
C TYR D 401 11.54 -28.12 -32.81
N ARG D 402 10.35 -28.59 -33.22
CA ARG D 402 9.48 -27.83 -34.13
C ARG D 402 8.51 -26.89 -33.40
N GLY D 403 7.71 -27.43 -32.50
CA GLY D 403 6.45 -26.78 -32.11
C GLY D 403 5.34 -27.18 -33.07
N MET D 404 4.22 -27.65 -32.55
CA MET D 404 3.17 -28.33 -33.31
C MET D 404 2.28 -27.41 -34.15
N GLY D 405 2.26 -26.13 -33.80
CA GLY D 405 1.73 -25.06 -34.60
C GLY D 405 2.82 -24.28 -35.34
N SER D 406 4.05 -24.77 -35.44
CA SER D 406 5.00 -24.28 -36.45
C SER D 406 4.48 -24.64 -37.83
N LEU D 407 4.74 -23.80 -38.82
CA LEU D 407 4.10 -23.99 -40.12
C LEU D 407 4.68 -25.17 -40.91
N ASP D 408 5.88 -25.62 -40.53
CA ASP D 408 6.49 -26.85 -41.00
C ASP D 408 5.87 -28.12 -40.40
N ALA D 409 5.43 -28.07 -39.14
CA ALA D 409 4.63 -29.11 -38.51
C ALA D 409 3.20 -29.15 -39.10
N MET D 410 2.57 -27.97 -39.22
CA MET D 410 1.15 -27.80 -39.52
C MET D 410 0.75 -28.42 -40.88
N LYS D 426 -2.80 -16.60 -45.08
CA LYS D 426 -4.07 -16.32 -44.37
C LYS D 426 -4.54 -17.50 -43.52
N VAL D 427 -4.97 -18.59 -44.15
CA VAL D 427 -5.71 -19.72 -43.51
C VAL D 427 -4.92 -20.64 -42.57
N LYS D 428 -3.61 -20.37 -42.38
CA LYS D 428 -2.73 -21.09 -41.45
C LYS D 428 -1.90 -20.11 -40.62
N ILE D 429 -2.36 -19.78 -39.41
CA ILE D 429 -1.64 -18.92 -38.45
C ILE D 429 -0.61 -19.75 -37.67
N ALA D 430 0.68 -19.52 -37.91
CA ALA D 430 1.77 -20.15 -37.16
C ALA D 430 1.75 -19.71 -35.68
N GLN D 431 1.88 -20.68 -34.78
CA GLN D 431 2.01 -20.49 -33.33
C GLN D 431 3.37 -20.97 -32.78
N GLY D 432 4.24 -21.55 -33.59
CA GLY D 432 5.53 -22.14 -33.22
C GLY D 432 6.64 -21.83 -34.22
N VAL D 433 7.89 -22.26 -33.98
CA VAL D 433 9.06 -21.63 -34.64
C VAL D 433 10.20 -22.51 -35.16
N SER D 434 10.07 -23.84 -35.24
CA SER D 434 11.07 -24.66 -35.97
C SER D 434 12.52 -24.42 -35.52
N GLY D 435 12.80 -24.75 -34.26
CA GLY D 435 14.11 -24.59 -33.67
C GLY D 435 15.07 -25.76 -33.88
N SER D 436 16.27 -25.58 -33.34
CA SER D 436 17.29 -26.60 -33.16
C SER D 436 17.68 -26.69 -31.68
N ILE D 437 17.93 -27.89 -31.16
CA ILE D 437 18.38 -28.16 -29.79
C ILE D 437 19.64 -29.02 -29.83
N GLN D 438 20.62 -28.75 -28.94
CA GLN D 438 21.90 -29.43 -28.86
C GLN D 438 21.80 -30.81 -28.17
N ASP D 439 22.55 -31.81 -28.65
CA ASP D 439 22.47 -33.22 -28.21
C ASP D 439 22.58 -33.40 -26.68
N LYS D 440 21.70 -34.22 -26.10
CA LYS D 440 21.56 -34.48 -24.66
C LYS D 440 21.93 -35.91 -24.26
N GLY D 441 22.23 -36.81 -25.18
CA GLY D 441 22.36 -38.25 -24.90
C GLY D 441 21.01 -38.95 -24.71
N SER D 442 20.91 -39.90 -23.79
CA SER D 442 19.75 -40.79 -23.68
C SER D 442 18.81 -40.43 -22.52
N ILE D 443 17.50 -40.48 -22.74
CA ILE D 443 16.45 -40.44 -21.71
C ILE D 443 16.73 -41.39 -20.56
N GLN D 444 17.28 -42.58 -20.81
CA GLN D 444 17.57 -43.55 -19.76
C GLN D 444 18.75 -43.16 -18.84
N LYS D 445 19.48 -42.09 -19.17
CA LYS D 445 20.46 -41.45 -18.27
C LYS D 445 20.02 -40.05 -17.84
N PHE D 446 19.47 -39.25 -18.76
CA PHE D 446 18.99 -37.92 -18.47
C PHE D 446 17.75 -37.86 -17.55
N VAL D 447 16.79 -38.76 -17.65
CA VAL D 447 15.64 -38.75 -16.73
C VAL D 447 16.02 -39.21 -15.33
N PRO D 448 16.93 -40.18 -15.11
CA PRO D 448 17.53 -40.41 -13.80
C PRO D 448 18.31 -39.21 -13.23
N TYR D 449 18.93 -38.38 -14.07
CA TYR D 449 19.47 -37.09 -13.67
C TYR D 449 18.39 -36.09 -13.25
N LEU D 450 17.31 -35.95 -14.01
CA LEU D 450 16.16 -35.14 -13.59
C LEU D 450 15.60 -35.63 -12.25
N ILE D 451 15.37 -36.94 -12.09
CA ILE D 451 14.86 -37.53 -10.85
C ILE D 451 15.75 -37.18 -9.67
N ALA D 452 17.06 -37.42 -9.75
CA ALA D 452 17.95 -37.12 -8.64
C ALA D 452 18.07 -35.61 -8.39
N GLY D 453 17.99 -34.74 -9.39
CA GLY D 453 17.94 -33.29 -9.18
C GLY D 453 16.65 -32.84 -8.48
N ILE D 454 15.51 -33.43 -8.83
CA ILE D 454 14.22 -33.19 -8.16
C ILE D 454 14.29 -33.65 -6.70
N GLN D 455 14.81 -34.85 -6.43
CA GLN D 455 14.99 -35.35 -5.08
C GLN D 455 15.90 -34.45 -4.25
N HIS D 456 17.01 -33.98 -4.80
CA HIS D 456 17.87 -33.07 -4.06
C HIS D 456 17.21 -31.71 -3.84
N GLY D 457 16.43 -31.21 -4.80
CA GLY D 457 15.63 -30.00 -4.64
C GLY D 457 14.64 -30.10 -3.49
N CYS D 458 13.88 -31.18 -3.42
CA CYS D 458 13.01 -31.51 -2.29
C CYS D 458 13.78 -31.66 -0.98
N GLN D 459 14.95 -32.29 -1.00
CA GLN D 459 15.77 -32.39 0.18
C GLN D 459 16.23 -31.03 0.71
N ASP D 460 16.76 -30.12 -0.10
CA ASP D 460 17.12 -28.76 0.36
C ASP D 460 15.94 -28.00 0.97
N ILE D 461 14.75 -28.21 0.41
CA ILE D 461 13.48 -27.68 0.89
C ILE D 461 13.04 -28.35 2.20
N GLY D 462 13.50 -29.57 2.50
CA GLY D 462 13.02 -30.35 3.64
C GLY D 462 11.72 -31.12 3.38
N ALA D 463 11.33 -31.33 2.12
CA ALA D 463 10.17 -32.15 1.77
C ALA D 463 10.56 -33.61 1.48
N ARG D 464 10.03 -34.58 2.24
CA ARG D 464 10.29 -36.04 2.06
C ARG D 464 9.64 -36.64 0.81
N SER D 465 8.71 -35.93 0.20
CA SER D 465 7.80 -36.43 -0.82
C SER D 465 7.26 -35.24 -1.60
N LEU D 466 6.84 -35.41 -2.84
CA LEU D 466 6.15 -34.35 -3.60
C LEU D 466 4.78 -33.98 -3.05
N SER D 467 4.05 -34.93 -2.47
CA SER D 467 2.77 -34.60 -1.83
C SER D 467 2.98 -33.85 -0.51
N VAL D 468 4.04 -34.17 0.23
CA VAL D 468 4.53 -33.39 1.36
C VAL D 468 4.94 -31.98 0.93
N LEU D 469 5.72 -31.83 -0.14
CA LEU D 469 6.11 -30.56 -0.71
C LEU D 469 4.89 -29.68 -1.01
N ARG D 470 3.87 -30.22 -1.67
CA ARG D 470 2.64 -29.48 -1.96
C ARG D 470 1.84 -29.16 -0.71
N SER D 471 1.75 -30.07 0.26
CA SER D 471 1.08 -29.81 1.51
C SER D 471 1.76 -28.68 2.28
N MET D 472 3.09 -28.63 2.33
CA MET D 472 3.88 -27.53 2.91
C MET D 472 3.62 -26.22 2.18
N MET D 473 3.43 -26.27 0.87
CA MET D 473 3.10 -25.09 0.10
C MET D 473 1.70 -24.56 0.41
N TYR D 474 0.66 -25.38 0.34
CA TYR D 474 -0.69 -24.93 0.66
C TYR D 474 -0.85 -24.55 2.14
N SER D 475 -0.12 -25.20 3.02
CA SER D 475 0.02 -24.87 4.44
C SER D 475 0.64 -23.49 4.70
N GLY D 476 1.50 -22.99 3.82
CA GLY D 476 2.32 -21.81 4.05
C GLY D 476 3.60 -22.11 4.82
N GLU D 477 3.91 -23.37 5.14
CA GLU D 477 5.19 -23.77 5.68
C GLU D 477 6.32 -23.55 4.69
N LEU D 478 6.09 -23.89 3.42
CA LEU D 478 7.02 -23.63 2.34
C LEU D 478 7.06 -22.14 2.05
N LYS D 479 8.26 -21.57 2.03
CA LYS D 479 8.47 -20.14 1.84
C LYS D 479 9.21 -19.85 0.57
N PHE D 480 8.91 -18.70 0.00
CA PHE D 480 9.43 -18.24 -1.27
C PHE D 480 10.02 -16.85 -1.10
N GLU D 481 11.00 -16.52 -1.92
CA GLU D 481 11.50 -15.17 -2.07
C GLU D 481 11.31 -14.76 -3.53
N LYS D 482 10.86 -13.53 -3.82
CA LYS D 482 10.98 -12.99 -5.17
C LYS D 482 12.45 -12.73 -5.50
N ARG D 483 12.80 -12.79 -6.78
CA ARG D 483 14.09 -12.43 -7.34
C ARG D 483 13.92 -11.16 -8.16
N THR D 484 14.68 -10.11 -7.84
CA THR D 484 14.96 -9.03 -8.78
C THR D 484 15.66 -9.62 -10.01
N MET D 485 15.66 -8.94 -11.17
CA MET D 485 16.41 -9.46 -12.33
C MET D 485 17.89 -9.70 -11.97
N SER D 486 18.49 -8.84 -11.15
CA SER D 486 19.85 -9.03 -10.64
C SER D 486 20.02 -10.26 -9.74
N ALA D 487 19.01 -10.73 -9.00
CA ALA D 487 19.05 -12.03 -8.34
C ALA D 487 19.01 -13.21 -9.32
N GLN D 488 18.37 -13.04 -10.47
CA GLN D 488 18.38 -14.05 -11.53
C GLN D 488 19.77 -14.12 -12.18
N ILE D 489 20.43 -12.96 -12.41
CA ILE D 489 21.83 -12.88 -12.81
C ILE D 489 22.77 -13.51 -11.76
N GLU D 490 22.59 -13.20 -10.48
CA GLU D 490 23.41 -13.74 -9.38
C GLU D 490 23.24 -15.26 -9.21
N GLY D 491 22.04 -15.80 -9.44
CA GLY D 491 21.73 -17.21 -9.23
C GLY D 491 22.31 -18.14 -10.28
N GLY D 492 22.34 -17.73 -11.56
CA GLY D 492 23.01 -18.48 -12.64
C GLY D 492 24.53 -18.38 -12.58
N VAL D 493 25.24 -19.09 -13.45
CA VAL D 493 26.68 -18.88 -13.64
C VAL D 493 26.98 -17.46 -14.12
N HIS D 494 27.95 -16.78 -13.52
CA HIS D 494 28.25 -15.37 -13.80
C HIS D 494 29.70 -15.02 -13.47
N GLY D 495 30.24 -13.92 -14.01
CA GLY D 495 31.59 -13.43 -13.71
C GLY D 495 32.75 -14.32 -14.22
N LEU D 496 32.42 -15.36 -14.99
CA LEU D 496 33.34 -16.32 -15.63
C LEU D 496 33.66 -15.87 -17.05
N HIS D 497 34.92 -16.04 -17.48
CA HIS D 497 35.29 -15.80 -18.88
C HIS D 497 34.68 -16.83 -19.80
N SER D 498 34.76 -18.09 -19.37
CA SER D 498 34.24 -19.28 -20.05
C SER D 498 33.85 -20.31 -19.01
N TYR D 499 33.02 -21.28 -19.41
CA TYR D 499 32.07 -21.97 -18.54
C TYR D 499 31.76 -23.35 -19.15
N GLU D 500 32.31 -24.41 -18.57
CA GLU D 500 32.11 -25.80 -19.00
C GLU D 500 30.97 -26.51 -18.24
N LYS D 501 29.71 -26.23 -18.59
CA LYS D 501 28.56 -26.90 -17.96
C LYS D 501 28.62 -28.42 -18.19
N ARG D 502 28.46 -29.18 -17.11
CA ARG D 502 28.41 -30.65 -17.09
C ARG D 502 27.33 -31.09 -16.11
N LEU D 503 26.07 -30.91 -16.52
CA LEU D 503 24.96 -31.59 -15.88
C LEU D 503 25.07 -33.08 -16.26
N TYR D 504 25.18 -33.96 -15.26
CA TYR D 504 25.16 -35.43 -15.35
C TYR D 504 26.34 -36.14 -16.04
N GLY E 1 5.00 -30.06 12.88
CA GLY E 1 3.82 -29.33 12.37
C GLY E 1 4.10 -27.84 12.23
N TYR E 2 3.30 -27.18 11.39
CA TYR E 2 3.46 -25.75 11.11
C TYR E 2 2.19 -24.98 11.43
N VAL E 3 2.35 -23.86 12.14
CA VAL E 3 1.29 -22.85 12.32
C VAL E 3 1.67 -21.56 11.64
N PRO E 4 0.75 -20.93 10.87
CA PRO E 4 0.97 -19.62 10.31
C PRO E 4 1.10 -18.56 11.41
N GLU E 5 1.78 -17.46 11.08
CA GLU E 5 2.15 -16.46 12.07
C GLU E 5 0.95 -15.55 12.47
N ASP E 6 0.39 -15.72 13.68
CA ASP E 6 -0.70 -14.86 14.18
C ASP E 6 -0.21 -13.46 14.60
N GLY E 7 -0.90 -12.40 14.18
CA GLY E 7 -0.71 -11.04 14.69
C GLY E 7 0.55 -10.30 14.26
N LEU E 8 0.65 -9.05 14.70
CA LEU E 8 1.72 -8.10 14.40
C LEU E 8 2.80 -8.17 15.46
N THR E 9 4.06 -7.93 15.13
CA THR E 9 5.09 -7.61 16.12
C THR E 9 4.89 -6.19 16.65
N ALA E 10 5.54 -5.78 17.73
CA ALA E 10 5.51 -4.38 18.16
C ALA E 10 6.07 -3.44 17.09
N GLN E 11 7.12 -3.85 16.38
CA GLN E 11 7.68 -3.07 15.28
C GLN E 11 6.65 -2.81 14.18
N GLN E 12 5.87 -3.81 13.79
CA GLN E 12 4.80 -3.68 12.78
C GLN E 12 3.60 -2.91 13.30
N LEU E 13 3.21 -3.14 14.55
CA LEU E 13 2.12 -2.42 15.22
C LEU E 13 2.37 -0.91 15.17
N PHE E 14 3.60 -0.44 15.44
CA PHE E 14 3.98 0.97 15.44
C PHE E 14 4.56 1.50 14.14
N ALA E 15 4.98 0.67 13.19
CA ALA E 15 5.34 1.13 11.84
C ALA E 15 4.10 1.67 11.08
N SER E 16 2.94 1.11 11.37
CA SER E 16 1.62 1.64 10.96
C SER E 16 1.45 3.08 11.46
N ALA E 17 1.13 4.03 10.60
CA ALA E 17 1.33 5.46 10.92
C ALA E 17 0.44 6.05 12.04
N ASP E 18 -0.71 5.47 12.35
CA ASP E 18 -1.60 6.04 13.36
C ASP E 18 -1.04 5.86 14.78
N GLY E 19 -1.09 6.91 15.59
CA GLY E 19 -0.59 6.82 16.95
C GLY E 19 -1.62 6.10 17.82
N LEU E 20 -1.16 5.07 18.52
CA LEU E 20 -1.98 4.16 19.28
C LEU E 20 -1.87 4.45 20.78
N THR E 21 -3.01 4.43 21.44
CA THR E 21 -3.14 4.31 22.88
C THR E 21 -3.13 2.85 23.30
N TYR E 22 -3.03 2.59 24.59
CA TYR E 22 -3.24 1.24 25.13
C TYR E 22 -4.60 0.64 24.76
N ASN E 23 -5.64 1.44 24.60
CA ASN E 23 -6.95 0.94 24.20
C ASN E 23 -6.99 0.45 22.76
N ASP E 24 -6.11 0.89 21.87
CA ASP E 24 -6.13 0.54 20.45
C ASP E 24 -5.55 -0.82 20.08
N PHE E 25 -5.00 -1.58 21.00
CA PHE E 25 -4.41 -2.88 20.70
C PHE E 25 -4.61 -3.89 21.82
N LEU E 26 -4.47 -5.16 21.50
CA LEU E 26 -4.39 -6.29 22.44
C LEU E 26 -3.06 -7.00 22.26
N ILE E 27 -2.64 -7.71 23.30
CA ILE E 27 -1.54 -8.66 23.20
C ILE E 27 -2.14 -10.03 22.95
N LEU E 28 -1.67 -10.76 21.95
CA LEU E 28 -2.13 -12.12 21.71
C LEU E 28 -1.57 -13.07 22.78
N PRO E 29 -2.37 -14.01 23.31
CA PRO E 29 -1.90 -14.95 24.31
C PRO E 29 -0.84 -15.91 23.79
N GLY E 30 0.09 -16.31 24.66
CA GLY E 30 1.15 -17.27 24.34
C GLY E 30 0.89 -18.66 24.90
N PHE E 31 1.95 -19.33 25.36
CA PHE E 31 1.90 -20.62 26.03
C PHE E 31 2.17 -20.47 27.52
N ILE E 32 1.33 -21.08 28.35
CA ILE E 32 1.47 -21.07 29.80
C ILE E 32 2.15 -22.36 30.28
N ASP E 33 3.37 -22.25 30.78
CA ASP E 33 4.11 -23.37 31.39
C ASP E 33 4.44 -23.16 32.88
N PHE E 34 3.92 -22.11 33.51
CA PHE E 34 4.29 -21.64 34.84
C PHE E 34 3.09 -21.05 35.60
N ILE E 35 3.20 -20.93 36.92
CA ILE E 35 2.16 -20.36 37.78
C ILE E 35 2.28 -18.84 37.80
N ALA E 36 1.17 -18.08 37.81
CA ALA E 36 1.23 -16.62 37.81
C ALA E 36 2.03 -16.04 38.98
N ASP E 37 1.92 -16.61 40.18
CA ASP E 37 2.71 -16.17 41.33
C ASP E 37 4.23 -16.33 41.16
N GLU E 38 4.68 -17.21 40.28
CA GLU E 38 6.10 -17.39 39.97
C GLU E 38 6.60 -16.36 38.94
N VAL E 39 5.74 -15.46 38.42
CA VAL E 39 6.15 -14.38 37.51
C VAL E 39 6.94 -13.29 38.26
N ASP E 40 8.16 -13.02 37.81
CA ASP E 40 9.06 -11.99 38.35
C ASP E 40 8.72 -10.57 37.86
N LEU E 41 8.29 -9.68 38.75
CA LEU E 41 8.01 -8.28 38.47
C LEU E 41 9.17 -7.31 38.75
N THR E 42 10.39 -7.80 38.95
CA THR E 42 11.56 -6.98 39.22
C THR E 42 11.84 -6.00 38.07
N SER E 43 12.00 -4.72 38.40
CA SER E 43 11.94 -3.62 37.43
C SER E 43 13.03 -2.59 37.66
N ALA E 44 13.76 -2.18 36.64
CA ALA E 44 14.65 -1.02 36.73
C ALA E 44 13.84 0.27 36.74
N LEU E 45 14.01 1.11 37.76
CA LEU E 45 13.47 2.47 37.80
C LEU E 45 14.43 3.45 37.12
N THR E 46 15.72 3.29 37.40
CA THR E 46 16.82 4.03 36.80
C THR E 46 17.98 3.07 36.61
N ARG E 47 19.07 3.52 35.98
CA ARG E 47 20.33 2.76 35.82
C ARG E 47 20.76 1.97 37.08
N LYS E 48 20.69 2.60 38.27
CA LYS E 48 21.14 2.04 39.57
C LYS E 48 20.04 1.64 40.56
N ILE E 49 18.77 1.98 40.34
CA ILE E 49 17.66 1.59 41.27
C ILE E 49 16.80 0.55 40.58
N THR E 50 16.68 -0.61 41.22
CA THR E 50 15.76 -1.68 40.85
C THR E 50 14.69 -1.87 41.94
N LEU E 51 13.42 -1.85 41.54
CA LEU E 51 12.27 -2.13 42.37
C LEU E 51 11.88 -3.59 42.25
N LYS E 52 11.31 -4.20 43.29
CA LYS E 52 10.73 -5.56 43.17
C LYS E 52 9.37 -5.56 42.45
N THR E 53 8.87 -4.40 42.06
CA THR E 53 7.58 -4.23 41.42
C THR E 53 7.62 -3.01 40.49
N PRO E 54 6.92 -3.01 39.36
CA PRO E 54 7.03 -1.94 38.36
C PRO E 54 6.38 -0.61 38.74
N LEU E 55 5.78 -0.47 39.91
CA LEU E 55 4.71 0.48 40.15
C LEU E 55 5.20 1.72 40.88
N ILE E 56 4.84 2.89 40.37
CA ILE E 56 5.26 4.18 40.89
C ILE E 56 4.04 5.04 41.17
N SER E 57 3.97 5.71 42.32
CA SER E 57 2.98 6.74 42.53
C SER E 57 3.50 8.08 42.02
N SER E 58 2.70 8.73 41.20
CA SER E 58 3.04 9.97 40.53
C SER E 58 3.25 11.14 41.51
N PRO E 59 4.21 12.04 41.26
CA PRO E 59 4.43 13.23 42.06
C PRO E 59 3.35 14.28 41.89
N MET E 60 2.18 14.05 42.47
CA MET E 60 1.09 15.00 42.47
C MET E 60 0.59 15.28 43.88
N ASP E 61 0.19 16.53 44.11
CA ASP E 61 -0.41 17.10 45.32
C ASP E 61 -1.52 16.23 45.95
N THR E 62 -2.22 15.49 45.11
CA THR E 62 -3.38 14.67 45.42
C THR E 62 -3.11 13.18 45.27
N VAL E 63 -1.85 12.78 45.05
CA VAL E 63 -1.41 11.37 45.00
C VAL E 63 -0.30 11.08 45.98
N THR E 64 0.84 11.78 45.97
CA THR E 64 2.04 11.31 46.68
C THR E 64 2.59 12.33 47.65
N GLU E 65 2.22 12.18 48.92
CA GLU E 65 3.01 12.65 50.06
C GLU E 65 3.58 11.43 50.81
N ALA E 66 4.05 11.56 52.04
CA ALA E 66 4.82 10.49 52.71
C ALA E 66 4.04 9.20 52.89
N ASP E 67 2.76 9.22 53.24
CA ASP E 67 1.97 8.00 53.46
C ASP E 67 1.88 7.15 52.20
N MET E 68 1.70 7.78 51.05
CA MET E 68 1.72 7.12 49.76
C MET E 68 3.12 6.60 49.45
N ALA E 69 4.16 7.41 49.61
CA ALA E 69 5.52 6.97 49.33
C ALA E 69 5.96 5.80 50.22
N ILE E 70 5.58 5.80 51.50
CA ILE E 70 5.77 4.65 52.40
C ILE E 70 5.01 3.45 51.85
N ALA E 71 3.72 3.57 51.60
CA ALA E 71 2.94 2.42 51.17
C ALA E 71 3.39 1.88 49.81
N MET E 72 3.81 2.73 48.89
CA MET E 72 4.38 2.29 47.62
C MET E 72 5.70 1.57 47.83
N ALA E 73 6.64 2.15 48.57
CA ALA E 73 7.91 1.52 48.84
C ALA E 73 7.74 0.19 49.58
N LEU E 74 6.87 0.08 50.59
CA LEU E 74 6.59 -1.18 51.27
C LEU E 74 6.03 -2.26 50.34
N MET E 75 5.14 -1.89 49.42
CA MET E 75 4.61 -2.80 48.42
C MET E 75 5.60 -3.09 47.26
N GLY E 76 6.82 -2.57 47.32
CA GLY E 76 7.90 -2.85 46.37
C GLY E 76 7.91 -1.98 45.13
N GLY E 77 7.07 -0.96 45.11
CA GLY E 77 7.14 0.15 44.17
C GLY E 77 7.96 1.30 44.74
N ILE E 78 7.66 2.53 44.34
CA ILE E 78 8.23 3.75 44.93
C ILE E 78 7.22 4.90 44.80
N GLY E 79 7.28 5.89 45.67
CA GLY E 79 6.57 7.14 45.48
C GLY E 79 7.53 8.28 45.21
N PHE E 80 7.18 9.14 44.26
CA PHE E 80 7.86 10.42 44.08
C PHE E 80 7.03 11.48 44.77
N ILE E 81 7.56 12.11 45.81
CA ILE E 81 6.84 13.13 46.57
C ILE E 81 6.72 14.39 45.73
N HIS E 82 5.51 14.92 45.66
CA HIS E 82 5.19 16.11 44.87
C HIS E 82 5.91 17.37 45.37
N HIS E 83 6.00 18.42 44.56
CA HIS E 83 6.69 19.66 44.88
C HIS E 83 5.76 20.90 44.89
N ASN E 84 4.44 20.71 44.89
CA ASN E 84 3.43 21.76 45.05
C ASN E 84 3.23 22.08 46.55
N CYS E 85 4.35 22.31 47.22
CA CYS E 85 4.50 22.57 48.64
C CYS E 85 5.85 23.25 48.84
N THR E 86 6.12 23.84 50.00
CA THR E 86 7.41 24.48 50.26
C THR E 86 8.55 23.45 50.21
N PRO E 87 9.80 23.87 49.93
CA PRO E 87 10.96 23.01 50.04
C PRO E 87 11.08 22.26 51.37
N GLU E 88 10.85 22.95 52.49
CA GLU E 88 10.95 22.37 53.82
C GLU E 88 9.86 21.34 54.09
N PHE E 89 8.62 21.58 53.63
CA PHE E 89 7.55 20.59 53.71
C PHE E 89 7.94 19.34 52.94
N GLN E 90 8.38 19.49 51.68
CA GLN E 90 8.70 18.35 50.84
C GLN E 90 9.86 17.53 51.42
N ALA E 91 10.91 18.17 51.90
CA ALA E 91 12.01 17.48 52.54
C ALA E 91 11.59 16.78 53.83
N ASN E 92 10.63 17.33 54.58
CA ASN E 92 10.05 16.64 55.73
C ASN E 92 9.21 15.43 55.30
N GLU E 93 8.44 15.50 54.21
CA GLU E 93 7.74 14.33 53.67
C GLU E 93 8.73 13.24 53.21
N VAL E 94 9.87 13.61 52.58
CA VAL E 94 10.96 12.67 52.28
C VAL E 94 11.54 12.06 53.55
N ARG E 95 11.83 12.87 54.57
CA ARG E 95 12.34 12.41 55.87
C ARG E 95 11.38 11.41 56.52
N LYS E 96 10.07 11.64 56.50
CA LYS E 96 9.07 10.67 56.99
C LYS E 96 9.19 9.32 56.30
N VAL E 97 9.43 9.27 55.00
CA VAL E 97 9.68 8.02 54.26
C VAL E 97 11.02 7.40 54.68
N LYS E 98 12.12 8.14 54.61
CA LYS E 98 13.46 7.64 54.94
C LYS E 98 13.58 7.17 56.39
N LYS E 99 12.81 7.72 57.32
CA LYS E 99 12.76 7.29 58.72
C LYS E 99 11.77 6.15 59.01
N PHE E 100 10.89 5.75 58.09
CA PHE E 100 9.84 4.78 58.42
C PHE E 100 10.35 3.39 58.81
N GLU E 101 11.29 2.83 58.05
CA GLU E 101 11.95 1.55 58.30
C GLU E 101 13.45 1.82 58.36
N GLN E 102 14.17 1.15 59.26
CA GLN E 102 15.58 1.43 59.52
C GLN E 102 16.39 0.17 59.69
N GLY E 103 17.62 0.16 59.17
CA GLY E 103 18.69 -0.73 59.60
C GLY E 103 19.24 -0.23 60.93
N PHE E 104 20.48 0.23 60.95
CA PHE E 104 21.01 1.04 62.05
C PHE E 104 20.36 2.42 62.04
N ILE E 105 19.69 2.81 63.13
CA ILE E 105 19.32 4.20 63.36
C ILE E 105 20.59 4.91 63.82
N THR E 106 21.26 5.62 62.90
CA THR E 106 22.50 6.38 63.13
C THR E 106 22.31 7.69 63.90
N ASP E 107 21.07 8.09 64.11
CA ASP E 107 20.68 9.38 64.67
C ASP E 107 19.29 9.30 65.36
N PRO E 108 19.10 8.39 66.34
CA PRO E 108 17.86 8.27 67.08
C PRO E 108 17.52 9.54 67.86
N VAL E 109 16.24 9.72 68.16
CA VAL E 109 15.80 10.69 69.17
C VAL E 109 16.34 10.23 70.52
N VAL E 110 17.21 11.05 71.11
CA VAL E 110 17.87 10.84 72.41
C VAL E 110 17.46 11.95 73.37
N LEU E 111 17.42 11.63 74.66
CA LEU E 111 17.20 12.58 75.75
C LEU E 111 18.24 12.38 76.86
N SER E 112 18.40 13.38 77.73
CA SER E 112 19.22 13.29 78.93
C SER E 112 18.47 12.60 80.07
N PRO E 113 19.14 12.02 81.08
CA PRO E 113 18.48 11.57 82.30
C PRO E 113 17.83 12.72 83.10
N SER E 114 18.23 13.97 82.85
CA SER E 114 17.64 15.16 83.46
C SER E 114 16.25 15.53 82.88
N HIS E 115 15.95 15.17 81.63
CA HIS E 115 14.63 15.36 81.00
C HIS E 115 13.51 14.59 81.73
N THR E 116 12.30 15.13 81.71
CA THR E 116 11.10 14.54 82.35
C THR E 116 10.37 13.55 81.42
N VAL E 117 9.52 12.67 81.96
CA VAL E 117 8.61 11.85 81.15
C VAL E 117 7.72 12.71 80.24
N GLY E 118 7.45 13.98 80.58
CA GLY E 118 6.78 14.93 79.69
C GLY E 118 7.55 15.18 78.38
N ASP E 119 8.88 15.16 78.41
CA ASP E 119 9.72 15.30 77.22
C ASP E 119 9.69 14.03 76.36
N VAL E 120 9.58 12.85 76.98
CA VAL E 120 9.34 11.58 76.27
C VAL E 120 7.99 11.61 75.57
N LEU E 121 6.94 12.10 76.24
CA LEU E 121 5.62 12.31 75.67
C LEU E 121 5.60 13.37 74.56
N GLU E 122 6.34 14.46 74.69
CA GLU E 122 6.49 15.48 73.64
C GLU E 122 7.14 14.89 72.39
N ALA E 123 8.22 14.11 72.58
CA ALA E 123 8.85 13.35 71.51
C ALA E 123 7.89 12.31 70.91
N LYS E 124 7.09 11.61 71.71
CA LYS E 124 6.07 10.67 71.20
C LYS E 124 5.05 11.38 70.33
N MET E 125 4.56 12.54 70.77
CA MET E 125 3.57 13.32 70.03
C MET E 125 4.13 13.82 68.69
N ARG E 126 5.35 14.35 68.66
CA ARG E 126 5.92 14.93 67.43
C ARG E 126 6.61 13.92 66.50
N HIS E 127 7.23 12.86 67.03
CA HIS E 127 7.96 11.85 66.25
C HIS E 127 7.25 10.50 66.08
N GLY E 128 6.25 10.19 66.90
CA GLY E 128 5.48 8.94 66.85
C GLY E 128 6.05 7.76 67.65
N PHE E 129 7.29 7.81 68.13
CA PHE E 129 7.89 6.73 68.93
C PHE E 129 8.25 7.18 70.36
N SER E 130 7.97 6.32 71.33
CA SER E 130 8.37 6.39 72.74
C SER E 130 9.76 5.84 73.00
N GLY E 131 10.30 4.99 72.13
CA GLY E 131 11.59 4.32 72.33
C GLY E 131 12.77 5.28 72.18
N ILE E 132 13.25 5.84 73.29
CA ILE E 132 14.25 6.90 73.33
C ILE E 132 15.43 6.44 74.20
N PRO E 133 16.60 6.11 73.63
CA PRO E 133 17.79 5.88 74.42
C PRO E 133 18.22 7.17 75.13
N ILE E 134 18.70 7.01 76.36
CA ILE E 134 19.05 8.11 77.24
C ILE E 134 20.56 8.15 77.37
N THR E 135 21.17 9.27 77.02
CA THR E 135 22.63 9.47 77.10
C THR E 135 22.93 10.64 78.02
N GLU E 136 24.07 10.63 78.72
CA GLU E 136 24.32 11.60 79.80
C GLU E 136 24.30 13.06 79.31
N THR E 137 24.83 13.32 78.09
CA THR E 137 24.77 14.65 77.45
C THR E 137 23.38 14.98 76.88
N GLY E 138 22.47 14.00 76.74
CA GLY E 138 21.19 14.16 76.03
C GLY E 138 21.34 14.48 74.54
N THR E 139 22.41 13.97 73.94
CA THR E 139 22.83 14.18 72.55
C THR E 139 23.56 12.92 72.08
N MET E 140 23.55 12.64 70.78
CA MET E 140 23.72 11.28 70.24
C MET E 140 24.99 10.56 70.71
N GLY E 141 26.17 11.07 70.36
CA GLY E 141 27.47 10.40 70.58
C GLY E 141 27.99 10.35 72.02
N SER E 142 27.11 10.46 73.01
CA SER E 142 27.41 10.50 74.45
C SER E 142 27.26 9.13 75.14
N LYS E 143 27.79 8.98 76.36
CA LYS E 143 27.70 7.74 77.15
C LYS E 143 26.24 7.37 77.44
N LEU E 144 25.90 6.12 77.15
CA LEU E 144 24.57 5.56 77.36
C LEU E 144 24.31 5.33 78.86
N VAL E 145 23.21 5.86 79.38
CA VAL E 145 22.84 5.74 80.81
C VAL E 145 21.54 4.97 81.04
N GLY E 146 20.70 4.81 80.01
CA GLY E 146 19.57 3.88 80.02
C GLY E 146 18.71 4.01 78.78
N ILE E 147 17.52 3.40 78.81
CA ILE E 147 16.52 3.39 77.74
C ILE E 147 15.14 3.61 78.35
N VAL E 148 14.29 4.41 77.68
CA VAL E 148 12.87 4.56 78.03
C VAL E 148 11.98 4.20 76.85
N THR E 149 10.89 3.46 77.08
CA THR E 149 9.93 3.01 76.07
C THR E 149 8.50 3.10 76.61
N SER E 150 7.48 2.79 75.79
CA SER E 150 6.07 3.01 76.17
C SER E 150 5.65 2.29 77.46
N ARG E 151 6.23 1.11 77.74
CA ARG E 151 5.98 0.34 78.98
C ARG E 151 6.55 1.01 80.23
N ASP E 152 7.66 1.73 80.11
CA ASP E 152 8.26 2.52 81.20
C ASP E 152 7.42 3.74 81.58
N ILE E 153 6.53 4.18 80.68
CA ILE E 153 5.64 5.34 80.84
C ILE E 153 4.21 4.96 80.43
N VAL E 168 12.21 5.71 86.37
CA VAL E 168 11.42 5.30 85.15
C VAL E 168 12.18 4.42 84.15
N MET E 169 13.39 4.79 83.76
CA MET E 169 14.18 4.09 82.74
C MET E 169 14.51 2.64 83.10
N THR E 170 14.74 1.80 82.09
CA THR E 170 15.66 0.67 82.26
C THR E 170 17.11 1.19 82.26
N PRO E 171 17.92 0.98 83.31
CA PRO E 171 19.26 1.56 83.44
C PRO E 171 20.31 0.83 82.60
N ARG E 172 21.40 1.51 82.23
CA ARG E 172 22.39 0.93 81.28
C ARG E 172 23.02 -0.38 81.73
N ILE E 173 23.15 -0.57 83.03
CA ILE E 173 23.70 -1.81 83.61
C ILE E 173 22.83 -3.04 83.36
N GLU E 174 21.52 -2.86 83.10
CA GLU E 174 20.56 -3.96 82.90
C GLU E 174 20.25 -4.20 81.41
N LEU E 175 20.43 -3.22 80.52
CA LEU E 175 20.06 -3.35 79.12
C LEU E 175 21.05 -4.22 78.32
N VAL E 176 20.53 -4.87 77.28
CA VAL E 176 21.26 -5.69 76.32
C VAL E 176 21.84 -4.77 75.26
N VAL E 177 23.07 -5.03 74.81
CA VAL E 177 23.84 -4.09 73.98
C VAL E 177 24.70 -4.84 72.95
N ALA E 178 25.10 -4.18 71.88
CA ALA E 178 26.07 -4.73 70.94
C ALA E 178 27.21 -3.73 70.66
N PRO E 179 28.43 -4.21 70.31
CA PRO E 179 29.56 -3.34 70.11
C PRO E 179 29.51 -2.61 68.77
N ALA E 180 29.99 -1.36 68.71
CA ALA E 180 30.24 -0.65 67.45
C ALA E 180 31.13 -1.49 66.50
N GLY E 181 30.85 -1.40 65.20
CA GLY E 181 31.49 -2.23 64.18
C GLY E 181 30.84 -3.61 63.99
N VAL E 182 29.84 -3.97 64.79
CA VAL E 182 28.91 -5.09 64.50
C VAL E 182 28.19 -4.87 63.17
N THR E 183 28.00 -5.92 62.37
CA THR E 183 27.20 -5.86 61.12
C THR E 183 25.70 -5.87 61.45
N LEU E 184 24.85 -5.42 60.51
CA LEU E 184 23.41 -5.39 60.79
C LEU E 184 22.84 -6.79 61.08
N LYS E 185 23.24 -7.82 60.31
CA LYS E 185 22.76 -9.20 60.53
C LYS E 185 23.18 -9.75 61.90
N GLU E 186 24.38 -9.43 62.38
CA GLU E 186 24.83 -9.76 63.75
C GLU E 186 24.00 -9.03 64.81
N ALA E 187 23.77 -7.73 64.68
CA ALA E 187 22.93 -6.98 65.61
C ALA E 187 21.48 -7.47 65.59
N ASN E 188 20.93 -7.82 64.42
CA ASN E 188 19.60 -8.43 64.31
C ASN E 188 19.54 -9.73 65.09
N GLU E 189 20.54 -10.60 64.96
CA GLU E 189 20.60 -11.85 65.71
C GLU E 189 20.72 -11.59 67.22
N ILE E 190 21.53 -10.62 67.65
CA ILE E 190 21.60 -10.21 69.06
C ILE E 190 20.20 -9.80 69.55
N LEU E 191 19.48 -8.95 68.81
CA LEU E 191 18.12 -8.52 69.13
C LEU E 191 17.09 -9.67 69.11
N GLN E 192 17.21 -10.60 68.16
CA GLN E 192 16.32 -11.76 68.01
C GLN E 192 16.48 -12.76 69.15
N ARG E 193 17.72 -13.00 69.62
CA ARG E 193 18.02 -13.83 70.80
C ARG E 193 17.68 -13.11 72.11
N SER E 194 17.95 -11.80 72.18
CA SER E 194 17.69 -10.92 73.33
C SER E 194 16.23 -10.87 73.76
N LYS E 195 15.29 -11.06 72.83
CA LYS E 195 13.82 -10.94 73.03
C LYS E 195 13.34 -9.54 73.49
N LYS E 196 14.21 -8.53 73.51
CA LYS E 196 13.86 -7.11 73.72
C LYS E 196 13.40 -6.39 72.45
N GLY E 197 12.80 -5.22 72.61
CA GLY E 197 12.29 -4.41 71.52
C GLY E 197 13.27 -3.41 70.92
N LYS E 198 14.39 -3.09 71.59
CA LYS E 198 15.49 -2.28 71.07
C LYS E 198 16.83 -2.96 71.34
N LEU E 199 17.85 -2.60 70.58
CA LEU E 199 19.24 -2.95 70.87
C LEU E 199 20.13 -1.74 70.58
N PRO E 200 20.62 -1.02 71.60
CA PRO E 200 21.62 0.01 71.43
C PRO E 200 22.94 -0.58 70.95
N ILE E 201 23.65 0.19 70.14
CA ILE E 201 24.97 -0.12 69.64
C ILE E 201 25.93 0.88 70.28
N VAL E 202 26.92 0.39 71.02
CA VAL E 202 27.83 1.24 71.80
C VAL E 202 29.28 0.94 71.46
N ASN E 203 30.12 1.97 71.42
CA ASN E 203 31.56 1.76 71.28
C ASN E 203 32.18 1.22 72.59
N ASP E 204 33.48 0.94 72.57
CA ASP E 204 34.22 0.47 73.76
C ASP E 204 34.25 1.47 74.94
N CYS E 205 33.86 2.72 74.71
CA CYS E 205 33.63 3.79 75.68
C CYS E 205 32.17 3.85 76.21
N ASP E 206 31.33 2.88 75.87
CA ASP E 206 29.89 2.83 76.18
C ASP E 206 29.10 4.04 75.66
N GLU E 207 29.61 4.74 74.64
CA GLU E 207 28.88 5.81 73.99
C GLU E 207 28.05 5.27 72.83
N LEU E 208 26.83 5.80 72.71
CA LEU E 208 25.83 5.37 71.75
C LEU E 208 26.20 5.80 70.33
N VAL E 209 26.39 4.84 69.42
CA VAL E 209 26.73 5.11 68.00
C VAL E 209 25.56 4.86 67.06
N ALA E 210 24.65 3.95 67.42
CA ALA E 210 23.43 3.63 66.70
C ALA E 210 22.47 2.89 67.64
N ILE E 211 21.23 2.68 67.22
CA ILE E 211 20.28 1.76 67.85
C ILE E 211 19.49 1.03 66.76
N ILE E 212 18.93 -0.14 67.07
CA ILE E 212 18.03 -0.87 66.17
C ILE E 212 16.76 -1.28 66.92
N ALA E 213 15.66 -1.50 66.20
CA ALA E 213 14.36 -1.80 66.78
C ALA E 213 13.76 -3.09 66.22
N ARG E 214 13.11 -3.87 67.08
CA ARG E 214 12.40 -5.10 66.69
C ARG E 214 11.26 -4.83 65.71
N THR E 215 10.68 -3.64 65.75
CA THR E 215 9.68 -3.20 64.78
C THR E 215 10.23 -3.15 63.36
N ASP E 216 11.51 -2.81 63.14
CA ASP E 216 12.08 -2.91 61.79
C ASP E 216 12.25 -4.33 61.31
N LEU E 217 12.60 -5.29 62.17
CA LEU E 217 12.58 -6.70 61.80
C LEU E 217 11.17 -7.18 61.45
N LYS E 218 10.15 -6.71 62.17
CA LYS E 218 8.74 -7.00 61.89
C LYS E 218 8.25 -6.36 60.59
N LYS E 219 8.65 -5.13 60.29
CA LYS E 219 8.39 -4.47 59.00
C LYS E 219 9.04 -5.24 57.87
N ASN E 220 10.31 -5.62 58.03
CA ASN E 220 11.01 -6.52 57.13
C ASN E 220 10.21 -7.81 56.88
N ARG E 221 9.77 -8.49 57.93
CA ARG E 221 9.00 -9.74 57.84
C ARG E 221 7.68 -9.53 57.09
N ASP E 222 6.94 -8.49 57.43
CA ASP E 222 5.61 -8.21 56.92
C ASP E 222 5.61 -7.65 55.49
N TYR E 223 6.72 -7.08 55.01
CA TYR E 223 6.83 -6.45 53.70
C TYR E 223 7.99 -7.01 52.86
N PRO E 224 7.89 -8.26 52.33
CA PRO E 224 8.97 -8.92 51.60
C PRO E 224 9.39 -8.21 50.31
N LEU E 225 8.47 -7.46 49.70
CA LEU E 225 8.73 -6.75 48.45
C LEU E 225 9.40 -5.40 48.66
N ALA E 226 9.54 -4.89 49.89
CA ALA E 226 9.82 -3.48 50.12
C ALA E 226 11.07 -2.96 49.42
N SER E 227 10.92 -1.82 48.76
CA SER E 227 11.98 -1.08 48.09
C SER E 227 12.85 -0.35 49.09
N LYS E 228 14.04 -0.87 49.35
CA LYS E 228 14.97 -0.36 50.36
C LYS E 228 16.34 -0.02 49.78
N ASP E 229 17.00 0.94 50.39
CA ASP E 229 18.43 1.19 50.16
C ASP E 229 19.32 0.24 50.98
N SER E 230 20.63 0.36 50.86
CA SER E 230 21.63 -0.42 51.60
C SER E 230 21.55 -0.27 53.12
N GLN E 231 21.15 0.91 53.61
CA GLN E 231 20.85 1.17 55.03
C GLN E 231 19.48 0.62 55.49
N LYS E 232 18.81 -0.15 54.65
CA LYS E 232 17.47 -0.72 54.89
C LYS E 232 16.36 0.31 55.09
N GLN E 233 16.58 1.56 54.71
CA GLN E 233 15.54 2.59 54.69
C GLN E 233 14.72 2.46 53.43
N LEU E 234 13.44 2.83 53.48
CA LEU E 234 12.60 2.86 52.29
C LEU E 234 13.19 3.81 51.25
N LEU E 235 13.13 3.43 49.98
CA LEU E 235 13.47 4.33 48.88
C LEU E 235 12.39 5.40 48.73
N CYS E 236 12.81 6.63 48.49
CA CYS E 236 11.91 7.75 48.25
C CYS E 236 12.38 8.50 47.03
N GLY E 237 11.45 8.82 46.14
CA GLY E 237 11.67 9.81 45.10
C GLY E 237 11.14 11.16 45.51
N ALA E 238 11.56 12.22 44.84
CA ALA E 238 10.92 13.52 44.91
C ALA E 238 10.93 14.22 43.56
N ALA E 239 9.88 14.96 43.25
CA ALA E 239 9.89 15.87 42.14
C ALA E 239 10.63 17.18 42.47
N VAL E 240 11.25 17.80 41.48
CA VAL E 240 11.68 19.21 41.53
C VAL E 240 11.39 19.83 40.18
N GLY E 241 11.17 21.13 40.14
CA GLY E 241 11.16 21.89 38.89
C GLY E 241 12.56 22.13 38.36
N THR E 242 12.67 22.95 37.33
CA THR E 242 13.97 23.26 36.72
C THR E 242 14.32 24.76 36.83
N ARG E 243 13.70 25.48 37.77
CA ARG E 243 14.02 26.88 38.09
C ARG E 243 15.31 26.98 38.88
N GLU E 244 15.82 28.19 39.08
CA GLU E 244 16.93 28.38 40.01
C GLU E 244 16.49 28.14 41.47
N ASP E 245 15.25 28.47 41.82
CA ASP E 245 14.64 28.20 43.12
C ASP E 245 14.70 26.70 43.50
N ASP E 246 14.63 25.80 42.51
CA ASP E 246 14.67 24.36 42.72
C ASP E 246 16.03 23.82 43.18
N LYS E 247 17.12 24.59 43.04
CA LYS E 247 18.41 24.21 43.61
C LYS E 247 18.39 24.16 45.15
N TYR E 248 17.69 25.09 45.79
CA TYR E 248 17.52 25.06 47.25
C TYR E 248 16.66 23.87 47.68
N ARG E 249 15.55 23.62 46.96
CA ARG E 249 14.69 22.46 47.17
C ARG E 249 15.47 21.16 47.08
N LEU E 250 16.23 20.99 46.01
CA LEU E 250 17.10 19.83 45.82
C LEU E 250 18.13 19.66 46.94
N ASP E 251 18.72 20.73 47.43
CA ASP E 251 19.60 20.67 48.60
C ASP E 251 18.90 20.16 49.86
N LEU E 252 17.70 20.64 50.16
CA LEU E 252 16.91 20.07 51.25
C LEU E 252 16.55 18.60 51.03
N LEU E 253 16.12 18.21 49.83
CA LEU E 253 15.73 16.83 49.53
C LEU E 253 16.91 15.87 49.61
N THR E 254 18.09 16.30 49.21
CA THR E 254 19.31 15.49 49.33
C THR E 254 19.85 15.45 50.76
N GLN E 255 19.64 16.48 51.58
CA GLN E 255 19.90 16.40 53.02
C GLN E 255 18.91 15.46 53.71
N ALA E 256 17.64 15.47 53.30
CA ALA E 256 16.61 14.54 53.77
C ALA E 256 16.86 13.08 53.35
N GLY E 257 17.79 12.85 52.40
CA GLY E 257 18.23 11.51 51.99
C GLY E 257 17.41 10.92 50.84
N VAL E 258 16.79 11.74 49.98
CA VAL E 258 16.09 11.25 48.80
C VAL E 258 17.00 10.44 47.88
N ASP E 259 16.49 9.38 47.29
CA ASP E 259 17.27 8.45 46.47
C ASP E 259 17.27 8.78 44.99
N VAL E 260 16.15 9.32 44.50
CA VAL E 260 15.93 9.64 43.10
C VAL E 260 15.12 10.91 42.97
N ILE E 261 15.52 11.75 42.02
CA ILE E 261 14.83 12.97 41.65
C ILE E 261 14.14 12.75 40.32
N VAL E 262 12.91 13.21 40.19
CA VAL E 262 12.29 13.41 38.89
C VAL E 262 12.18 14.88 38.57
N LEU E 263 12.65 15.28 37.39
CA LEU E 263 12.48 16.66 36.93
C LEU E 263 11.07 16.81 36.37
N ASP E 264 10.25 17.62 37.02
CA ASP E 264 8.83 17.73 36.72
C ASP E 264 8.59 18.77 35.63
N SER E 265 8.23 18.31 34.45
CA SER E 265 7.88 19.13 33.29
C SER E 265 6.97 18.34 32.36
N SER E 266 6.08 19.03 31.64
CA SER E 266 5.28 18.41 30.58
C SER E 266 6.06 18.22 29.28
N GLN E 267 7.18 18.92 29.11
CA GLN E 267 8.03 18.87 27.92
C GLN E 267 9.48 19.02 28.38
N GLY E 268 10.10 17.88 28.70
CA GLY E 268 11.44 17.83 29.31
C GLY E 268 12.59 18.16 28.37
N ASN E 269 12.37 18.24 27.06
CA ASN E 269 13.41 18.58 26.10
C ASN E 269 13.64 20.08 26.02
N SER E 270 14.27 20.62 27.04
CA SER E 270 14.51 22.05 27.18
C SER E 270 15.92 22.32 27.65
N VAL E 271 16.46 23.47 27.26
CA VAL E 271 17.73 23.98 27.81
C VAL E 271 17.71 24.01 29.33
N TYR E 272 16.59 24.40 29.93
CA TYR E 272 16.44 24.52 31.38
C TYR E 272 16.53 23.18 32.08
N GLN E 273 15.90 22.15 31.52
CA GLN E 273 16.00 20.84 32.10
C GLN E 273 17.37 20.23 31.87
N ILE E 274 17.96 20.35 30.69
CA ILE E 274 19.30 19.83 30.42
C ILE E 274 20.31 20.46 31.37
N ALA E 275 20.24 21.77 31.54
CA ALA E 275 21.04 22.50 32.51
C ALA E 275 20.80 22.01 33.94
N MET E 276 19.56 21.71 34.33
CA MET E 276 19.27 21.17 35.66
C MET E 276 19.89 19.78 35.84
N VAL E 277 19.76 18.86 34.88
CA VAL E 277 20.40 17.53 34.93
C VAL E 277 21.91 17.67 35.08
N HIS E 278 22.56 18.53 34.29
CA HIS E 278 23.99 18.80 34.45
C HIS E 278 24.36 19.32 35.83
N TYR E 279 23.59 20.25 36.39
CA TYR E 279 23.79 20.72 37.75
C TYR E 279 23.68 19.59 38.79
N ILE E 280 22.60 18.79 38.73
CA ILE E 280 22.42 17.68 39.68
C ILE E 280 23.58 16.68 39.57
N LYS E 281 23.97 16.27 38.37
CA LYS E 281 24.99 15.23 38.18
C LYS E 281 26.39 15.68 38.60
N GLN E 282 26.72 16.98 38.57
CA GLN E 282 27.97 17.47 39.12
C GLN E 282 27.90 17.69 40.64
N LYS E 283 26.83 18.27 41.21
CA LYS E 283 26.76 18.55 42.65
C LYS E 283 26.44 17.32 43.50
N TYR E 284 25.52 16.49 43.04
CA TYR E 284 25.00 15.32 43.75
C TYR E 284 25.20 14.05 42.93
N PRO E 285 26.44 13.65 42.61
CA PRO E 285 26.71 12.59 41.63
C PRO E 285 26.15 11.21 42.01
N HIS E 286 25.89 10.98 43.30
CA HIS E 286 25.27 9.76 43.82
C HIS E 286 23.76 9.65 43.48
N LEU E 287 23.12 10.79 43.21
CA LEU E 287 21.68 10.92 43.09
C LEU E 287 21.18 10.48 41.73
N GLN E 288 20.14 9.67 41.70
CA GLN E 288 19.54 9.22 40.44
C GLN E 288 18.60 10.28 39.88
N VAL E 289 18.69 10.62 38.61
CA VAL E 289 17.87 11.66 37.99
C VAL E 289 17.01 11.08 36.90
N ILE E 290 15.72 11.31 36.99
CA ILE E 290 14.76 10.92 35.97
C ILE E 290 14.38 12.15 35.18
N GLY E 291 14.61 12.08 33.87
CA GLY E 291 14.29 13.14 32.94
C GLY E 291 12.79 13.27 32.77
N GLY E 292 12.35 14.51 32.82
CA GLY E 292 11.00 14.97 32.65
C GLY E 292 10.44 14.65 31.29
N ASN E 293 9.16 14.92 31.11
CA ASN E 293 8.40 14.12 30.16
C ASN E 293 8.86 14.25 28.70
N VAL E 294 9.04 13.12 28.05
CA VAL E 294 9.37 13.03 26.62
C VAL E 294 8.42 12.07 25.95
N VAL E 295 8.26 12.18 24.65
CA VAL E 295 7.47 11.25 23.84
C VAL E 295 8.12 10.87 22.54
N THR E 296 9.29 11.42 22.24
CA THR E 296 10.06 11.13 21.02
C THR E 296 11.47 10.71 21.37
N ALA E 297 12.09 9.91 20.51
CA ALA E 297 13.49 9.57 20.68
C ALA E 297 14.41 10.80 20.59
N ALA E 298 14.08 11.79 19.76
CA ALA E 298 14.82 13.05 19.68
C ALA E 298 14.88 13.83 21.00
N GLN E 299 13.78 13.89 21.74
CA GLN E 299 13.76 14.44 23.09
C GLN E 299 14.54 13.56 24.08
N ALA E 300 14.42 12.24 23.99
CA ALA E 300 15.08 11.30 24.87
C ALA E 300 16.61 11.43 24.73
N LYS E 301 17.13 11.50 23.51
CA LYS E 301 18.56 11.72 23.18
C LYS E 301 19.15 12.86 23.98
N ASN E 302 18.55 14.04 23.96
CA ASN E 302 19.12 15.18 24.67
C ASN E 302 19.21 14.98 26.18
N LEU E 303 18.24 14.31 26.80
CA LEU E 303 18.29 14.03 28.23
C LEU E 303 19.22 12.87 28.58
N ILE E 304 19.35 11.85 27.73
CA ILE E 304 20.36 10.80 27.90
C ILE E 304 21.75 11.38 27.72
N ASP E 305 21.98 12.26 26.74
CA ASP E 305 23.19 13.05 26.57
C ASP E 305 23.46 13.97 27.78
N ALA E 306 22.44 14.60 28.37
CA ALA E 306 22.56 15.36 29.62
C ALA E 306 22.95 14.48 30.82
N GLY E 307 22.75 13.17 30.75
CA GLY E 307 23.12 12.22 31.77
C GLY E 307 21.97 11.70 32.65
N VAL E 308 20.72 11.76 32.24
CA VAL E 308 19.63 11.18 33.05
C VAL E 308 19.80 9.67 33.21
N ASP E 309 19.34 9.16 34.35
CA ASP E 309 19.37 7.76 34.74
C ASP E 309 18.06 7.03 34.44
N GLY E 310 17.00 7.75 34.07
CA GLY E 310 15.72 7.24 33.63
C GLY E 310 14.95 8.34 32.90
N LEU E 311 13.83 8.00 32.27
CA LEU E 311 12.96 8.97 31.57
C LEU E 311 11.49 8.73 31.92
N ARG E 312 10.72 9.80 32.14
CA ARG E 312 9.26 9.74 32.08
C ARG E 312 8.78 9.94 30.67
N VAL E 313 7.88 9.07 30.26
CA VAL E 313 7.26 9.08 28.95
C VAL E 313 5.78 9.32 29.09
N GLY E 314 5.30 10.33 28.40
CA GLY E 314 3.89 10.66 28.36
C GLY E 314 3.67 12.16 28.21
N MET E 315 2.79 12.59 27.33
CA MET E 315 2.45 14.00 27.17
C MET E 315 1.03 14.13 26.66
N GLY E 316 0.15 14.70 27.48
CA GLY E 316 -1.27 14.84 27.17
C GLY E 316 -2.12 13.69 27.67
N CYS E 317 -1.60 12.47 27.63
CA CYS E 317 -2.15 11.37 28.41
C CYS E 317 -2.04 11.74 29.91
N GLY E 318 -2.88 11.13 30.71
CA GLY E 318 -3.03 11.55 32.10
C GLY E 318 -4.47 11.96 32.34
N SER E 319 -5.15 11.29 33.26
CA SER E 319 -6.58 11.49 33.51
C SER E 319 -6.97 12.96 33.64
N ILE E 320 -6.19 13.74 34.38
CA ILE E 320 -6.43 15.17 34.69
C ILE E 320 -5.84 16.13 33.67
N CYS E 321 -5.15 15.63 32.65
CA CYS E 321 -4.34 16.45 31.78
C CYS E 321 -5.16 17.03 30.61
N ILE E 322 -4.85 18.28 30.23
CA ILE E 322 -5.44 18.96 29.05
C ILE E 322 -4.40 19.72 28.22
N THR E 323 -3.11 19.33 28.26
CA THR E 323 -2.04 19.99 27.48
C THR E 323 -2.25 19.88 25.98
N GLN E 324 -2.74 18.76 25.46
CA GLN E 324 -3.00 18.54 24.03
C GLN E 324 -4.12 19.44 23.49
N GLU E 325 -4.94 20.06 24.36
CA GLU E 325 -6.04 20.95 23.98
C GLU E 325 -5.80 22.40 24.41
N VAL E 326 -4.85 22.70 25.27
CA VAL E 326 -4.42 24.08 25.56
C VAL E 326 -3.22 24.45 24.70
N MET E 327 -2.23 23.60 24.70
CA MET E 327 -1.15 23.55 23.73
C MET E 327 -1.59 22.52 22.67
N ALA E 328 -0.86 22.29 21.58
CA ALA E 328 -1.23 21.26 20.61
C ALA E 328 -0.39 19.97 20.71
N CYS E 329 0.51 19.92 21.69
CA CYS E 329 1.55 18.91 21.77
C CYS E 329 1.15 17.69 22.57
N GLY E 330 1.63 16.56 22.09
CA GLY E 330 1.71 15.31 22.83
C GLY E 330 1.97 14.16 21.88
N ARG E 331 1.73 12.94 22.34
CA ARG E 331 1.73 11.74 21.51
C ARG E 331 0.80 10.70 22.12
N PRO E 332 0.13 9.85 21.33
CA PRO E 332 -0.60 8.71 21.88
C PRO E 332 0.34 7.82 22.69
N GLN E 333 -0.07 7.48 23.90
CA GLN E 333 0.88 7.04 24.90
C GLN E 333 1.51 5.67 24.59
N GLY E 334 0.79 4.73 23.99
CA GLY E 334 1.35 3.46 23.57
C GLY E 334 2.49 3.65 22.58
N THR E 335 2.25 4.44 21.54
CA THR E 335 3.32 4.81 20.61
C THR E 335 4.51 5.49 21.29
N ALA E 336 4.27 6.46 22.16
CA ALA E 336 5.32 7.15 22.91
C ALA E 336 6.15 6.18 23.75
N VAL E 337 5.52 5.31 24.52
CA VAL E 337 6.20 4.30 25.33
C VAL E 337 7.04 3.40 24.46
N TYR E 338 6.48 2.82 23.38
CA TYR E 338 7.27 1.99 22.49
C TYR E 338 8.44 2.72 21.83
N LYS E 339 8.22 3.90 21.24
CA LYS E 339 9.26 4.64 20.50
C LYS E 339 10.41 5.07 21.39
N VAL E 340 10.09 5.64 22.56
CA VAL E 340 11.10 6.08 23.52
C VAL E 340 11.82 4.90 24.17
N ALA E 341 11.11 3.86 24.60
CA ALA E 341 11.76 2.69 25.17
C ALA E 341 12.67 1.96 24.18
N GLU E 342 12.28 1.85 22.91
CA GLU E 342 13.09 1.15 21.93
C GLU E 342 14.39 1.93 21.64
N TYR E 343 14.35 3.26 21.69
CA TYR E 343 15.55 4.09 21.66
C TYR E 343 16.37 4.04 22.96
N ALA E 344 15.76 4.30 24.11
CA ALA E 344 16.43 4.40 25.39
C ALA E 344 17.10 3.10 25.86
N ARG E 345 16.60 1.93 25.46
CA ARG E 345 17.23 0.63 25.80
C ARG E 345 18.63 0.46 25.23
N ARG E 346 18.95 1.15 24.13
CA ARG E 346 20.27 1.15 23.50
C ARG E 346 21.33 1.78 24.41
N PHE E 347 20.89 2.64 25.33
CA PHE E 347 21.71 3.37 26.29
C PHE E 347 21.60 2.79 27.70
N GLY E 348 20.85 1.72 27.90
CA GLY E 348 20.57 1.15 29.21
C GLY E 348 19.71 2.02 30.12
N VAL E 349 18.86 2.88 29.56
CA VAL E 349 18.07 3.88 30.31
C VAL E 349 16.64 3.37 30.49
N PRO E 350 16.17 3.13 31.72
CA PRO E 350 14.81 2.69 31.95
C PRO E 350 13.78 3.76 31.68
N ILE E 351 12.63 3.31 31.21
CA ILE E 351 11.47 4.14 30.89
C ILE E 351 10.39 3.95 31.93
N ILE E 352 9.83 5.06 32.36
CA ILE E 352 8.58 5.11 33.10
C ILE E 352 7.49 5.47 32.10
N ALA E 353 6.48 4.65 31.98
CA ALA E 353 5.26 5.02 31.29
C ALA E 353 4.39 5.81 32.26
N ASP E 354 4.16 7.09 32.00
CA ASP E 354 3.54 8.00 32.94
C ASP E 354 2.20 8.54 32.42
N GLY E 355 1.11 8.24 33.14
CA GLY E 355 -0.22 8.79 32.90
C GLY E 355 -1.01 8.07 31.81
N GLY E 356 -2.33 8.03 31.99
CA GLY E 356 -3.25 7.29 31.14
C GLY E 356 -3.39 5.81 31.50
N ILE E 357 -2.90 5.40 32.66
CA ILE E 357 -3.04 4.04 33.20
C ILE E 357 -4.36 3.98 33.99
N GLN E 358 -5.43 3.51 33.36
CA GLN E 358 -6.77 3.38 33.95
C GLN E 358 -7.04 1.98 34.54
N THR E 359 -6.33 0.97 34.08
CA THR E 359 -6.61 -0.45 34.33
C THR E 359 -5.30 -1.24 34.43
N VAL E 360 -5.32 -2.43 35.00
CA VAL E 360 -4.14 -3.29 35.09
C VAL E 360 -3.68 -3.81 33.72
N GLY E 361 -4.60 -3.98 32.77
CA GLY E 361 -4.29 -4.29 31.39
C GLY E 361 -3.46 -3.20 30.72
N HIS E 362 -3.71 -1.93 31.04
CA HIS E 362 -2.86 -0.81 30.58
C HIS E 362 -1.47 -0.86 31.19
N VAL E 363 -1.32 -1.30 32.43
CA VAL E 363 0.01 -1.53 33.04
C VAL E 363 0.76 -2.61 32.27
N VAL E 364 0.12 -3.74 32.02
CA VAL E 364 0.73 -4.86 31.29
C VAL E 364 1.08 -4.45 29.87
N LYS E 365 0.23 -3.70 29.18
CA LYS E 365 0.54 -3.10 27.88
C LYS E 365 1.72 -2.16 27.94
N ALA E 366 1.77 -1.25 28.89
CA ALA E 366 2.89 -0.34 29.05
C ALA E 366 4.22 -1.09 29.21
N LEU E 367 4.23 -2.09 30.09
CA LEU E 367 5.39 -2.94 30.34
C LEU E 367 5.77 -3.79 29.12
N ALA E 368 4.79 -4.35 28.44
CA ALA E 368 4.98 -5.09 27.19
C ALA E 368 5.57 -4.20 26.10
N LEU E 369 5.15 -2.94 25.96
CA LEU E 369 5.69 -1.98 25.01
C LEU E 369 7.10 -1.49 25.32
N GLY E 370 7.66 -1.85 26.47
CA GLY E 370 9.05 -1.56 26.80
C GLY E 370 9.23 -0.64 27.98
N ALA E 371 8.17 -0.15 28.63
CA ALA E 371 8.32 0.52 29.90
C ALA E 371 8.93 -0.42 30.91
N SER E 372 9.90 0.05 31.67
CA SER E 372 10.50 -0.71 32.77
C SER E 372 9.66 -0.59 34.03
N THR E 373 9.07 0.58 34.24
CA THR E 373 8.17 0.88 35.35
C THR E 373 6.99 1.69 34.83
N VAL E 374 5.93 1.77 35.61
CA VAL E 374 4.69 2.46 35.26
C VAL E 374 4.31 3.40 36.38
N MET E 375 3.99 4.64 36.04
CA MET E 375 3.61 5.67 36.99
C MET E 375 2.13 6.00 36.87
N MET E 376 1.46 5.94 38.01
CA MET E 376 0.03 6.16 38.15
C MET E 376 -0.27 7.38 39.00
N GLY E 377 -1.20 8.19 38.51
CA GLY E 377 -1.85 9.23 39.23
C GLY E 377 -3.24 8.82 39.71
N SER E 378 -4.23 8.98 38.85
CA SER E 378 -5.65 8.72 39.10
C SER E 378 -5.94 7.33 39.62
N LEU E 379 -5.19 6.31 39.19
CA LEU E 379 -5.39 4.95 39.66
C LEU E 379 -5.06 4.77 41.14
N LEU E 380 -4.19 5.62 41.72
CA LEU E 380 -3.85 5.63 43.14
C LEU E 380 -4.51 6.76 43.92
N ALA E 381 -5.03 7.79 43.25
CA ALA E 381 -5.88 8.80 43.85
C ALA E 381 -7.13 8.15 44.47
N ALA E 382 -7.65 8.75 45.54
CA ALA E 382 -8.74 8.16 46.31
C ALA E 382 -8.47 6.79 46.93
N THR E 383 -7.20 6.36 46.98
CA THR E 383 -6.74 5.47 48.03
C THR E 383 -6.64 6.22 49.35
N THR E 384 -6.54 5.46 50.43
CA THR E 384 -6.49 5.93 51.82
C THR E 384 -5.23 6.76 52.06
N GLU E 385 -4.12 6.31 51.50
CA GLU E 385 -2.80 6.90 51.60
C GLU E 385 -2.59 8.14 50.73
N ALA E 386 -3.49 8.40 49.78
CA ALA E 386 -3.44 9.61 48.97
C ALA E 386 -3.79 10.86 49.83
N PRO E 387 -3.17 12.03 49.59
CA PRO E 387 -3.33 13.21 50.41
C PRO E 387 -4.74 13.78 50.51
N GLY E 388 -5.04 14.50 51.59
CA GLY E 388 -6.33 15.15 51.79
C GLY E 388 -7.40 14.20 52.34
N GLU E 389 -8.66 14.54 52.08
CA GLU E 389 -9.82 13.92 52.73
C GLU E 389 -10.98 13.63 51.79
N TYR E 390 -11.76 12.62 52.15
CA TYR E 390 -12.95 12.23 51.41
C TYR E 390 -14.12 13.17 51.67
N PHE E 391 -15.01 13.28 50.69
CA PHE E 391 -16.25 14.04 50.72
C PHE E 391 -17.34 13.30 49.94
N PHE E 392 -18.61 13.61 50.17
CA PHE E 392 -19.73 13.00 49.45
C PHE E 392 -20.37 13.99 48.47
N SER E 393 -20.72 13.53 47.27
CA SER E 393 -21.65 14.22 46.35
C SER E 393 -23.06 13.57 46.37
N ASP E 394 -23.61 13.14 45.22
CA ASP E 394 -25.01 12.64 45.13
C ASP E 394 -25.27 11.36 45.96
N GLY E 395 -24.27 10.49 46.08
CA GLY E 395 -24.32 9.25 46.85
C GLY E 395 -23.02 8.42 46.84
N VAL E 396 -21.89 9.09 46.58
CA VAL E 396 -20.56 8.49 46.36
C VAL E 396 -19.54 9.24 47.20
N ARG E 397 -18.64 8.52 47.90
CA ARG E 397 -17.45 9.14 48.49
C ARG E 397 -16.33 9.27 47.47
N LEU E 398 -15.75 10.46 47.46
CA LEU E 398 -14.80 10.97 46.51
C LEU E 398 -13.63 11.55 47.26
N LYS E 399 -12.43 11.47 46.69
CA LYS E 399 -11.29 12.29 47.10
C LYS E 399 -10.90 13.18 45.92
N LYS E 400 -10.37 14.37 46.17
CA LYS E 400 -9.88 15.31 45.14
C LYS E 400 -8.71 14.69 44.37
N TYR E 401 -8.58 15.04 43.10
CA TYR E 401 -7.47 14.66 42.23
C TYR E 401 -7.18 15.76 41.22
N ARG E 402 -6.12 16.54 41.44
CA ARG E 402 -5.98 17.89 40.87
C ARG E 402 -5.40 17.93 39.47
N GLY E 403 -4.21 17.38 39.30
CA GLY E 403 -3.31 17.77 38.21
C GLY E 403 -2.47 18.99 38.60
N MET E 404 -1.16 18.89 38.48
CA MET E 404 -0.21 19.84 39.08
C MET E 404 -0.12 21.20 38.37
N GLY E 405 -0.56 21.25 37.11
CA GLY E 405 -0.84 22.45 36.33
C GLY E 405 -2.32 22.82 36.34
N SER E 406 -3.18 22.20 37.15
CA SER E 406 -4.50 22.75 37.42
C SER E 406 -4.32 24.10 38.13
N LEU E 407 -5.19 25.07 37.88
CA LEU E 407 -4.95 26.42 38.40
C LEU E 407 -5.15 26.51 39.93
N ASP E 408 -5.86 25.55 40.51
CA ASP E 408 -6.00 25.36 41.95
C ASP E 408 -4.73 24.78 42.59
N ALA E 409 -4.03 23.88 41.89
CA ALA E 409 -2.70 23.44 42.30
C ALA E 409 -1.66 24.57 42.14
N MET E 410 -1.71 25.29 41.03
CA MET E 410 -0.65 26.20 40.57
C MET E 410 -0.23 27.26 41.61
N LYS E 426 -3.90 35.96 32.46
CA LYS E 426 -2.91 35.96 31.36
C LYS E 426 -1.69 35.08 31.67
N VAL E 427 -0.82 35.48 32.60
CA VAL E 427 0.50 34.88 32.88
C VAL E 427 0.45 33.55 33.69
N LYS E 428 -0.62 32.77 33.54
CA LYS E 428 -0.92 31.57 34.35
C LYS E 428 -1.79 30.57 33.57
N ILE E 429 -1.19 29.93 32.56
CA ILE E 429 -1.88 28.94 31.71
C ILE E 429 -2.11 27.61 32.47
N ALA E 430 -3.37 27.23 32.66
CA ALA E 430 -3.76 25.93 33.23
C ALA E 430 -3.49 24.78 32.24
N GLN E 431 -2.91 23.70 32.74
CA GLN E 431 -2.66 22.43 32.04
C GLN E 431 -3.44 21.23 32.61
N GLY E 432 -4.23 21.41 33.67
CA GLY E 432 -4.96 20.36 34.41
C GLY E 432 -6.34 20.81 34.92
N VAL E 433 -7.13 19.93 35.56
CA VAL E 433 -8.59 20.13 35.64
C VAL E 433 -9.33 19.87 36.97
N SER E 434 -8.64 19.66 38.10
CA SER E 434 -9.31 19.58 39.41
C SER E 434 -10.49 18.59 39.45
N GLY E 435 -10.16 17.31 39.36
CA GLY E 435 -11.11 16.22 39.38
C GLY E 435 -11.54 15.72 40.76
N SER E 436 -12.49 14.81 40.71
CA SER E 436 -12.87 13.93 41.82
C SER E 436 -12.67 12.48 41.38
N ILE E 437 -12.17 11.62 42.26
CA ILE E 437 -12.03 10.17 42.05
C ILE E 437 -12.74 9.44 43.19
N GLN E 438 -13.42 8.33 42.90
CA GLN E 438 -14.18 7.49 43.83
C GLN E 438 -13.28 6.57 44.67
N ASP E 439 -13.59 6.38 45.95
CA ASP E 439 -12.74 5.70 46.94
C ASP E 439 -12.30 4.28 46.52
N LYS E 440 -11.03 3.96 46.74
CA LYS E 440 -10.35 2.71 46.38
C LYS E 440 -9.91 1.87 47.57
N GLY E 441 -10.05 2.36 48.81
CA GLY E 441 -9.44 1.69 49.98
C GLY E 441 -7.94 1.88 50.05
N SER E 442 -7.17 0.90 50.48
CA SER E 442 -5.74 1.05 50.83
C SER E 442 -4.79 0.56 49.74
N ILE E 443 -3.73 1.32 49.48
CA ILE E 443 -2.55 0.91 48.70
C ILE E 443 -2.02 -0.47 49.11
N GLN E 444 -2.03 -0.81 50.40
CA GLN E 444 -1.56 -2.10 50.86
C GLN E 444 -2.45 -3.30 50.49
N LYS E 445 -3.67 -3.06 50.00
CA LYS E 445 -4.52 -4.06 49.33
C LYS E 445 -4.58 -3.86 47.81
N PHE E 446 -4.66 -2.62 47.35
CA PHE E 446 -4.77 -2.29 45.94
C PHE E 446 -3.50 -2.57 45.14
N VAL E 447 -2.31 -2.29 45.66
CA VAL E 447 -1.05 -2.58 44.94
C VAL E 447 -0.77 -4.07 44.86
N PRO E 448 -1.10 -4.92 45.84
CA PRO E 448 -1.12 -6.37 45.66
C PRO E 448 -2.14 -6.86 44.64
N TYR E 449 -3.30 -6.21 44.49
CA TYR E 449 -4.21 -6.47 43.38
C TYR E 449 -3.58 -6.12 42.01
N LEU E 450 -2.94 -4.95 41.87
CA LEU E 450 -2.17 -4.60 40.67
C LEU E 450 -1.09 -5.64 40.39
N ILE E 451 -0.27 -6.01 41.37
CA ILE E 451 0.81 -7.00 41.21
C ILE E 451 0.25 -8.32 40.70
N ALA E 452 -0.79 -8.85 41.31
CA ALA E 452 -1.33 -10.13 40.89
C ALA E 452 -2.04 -10.04 39.52
N GLY E 453 -2.65 -8.91 39.17
CA GLY E 453 -3.18 -8.68 37.82
C GLY E 453 -2.07 -8.58 36.75
N ILE E 454 -0.94 -7.96 37.07
CA ILE E 454 0.22 -7.91 36.19
C ILE E 454 0.83 -9.29 35.99
N GLN E 455 0.98 -10.06 37.06
CA GLN E 455 1.44 -11.43 37.00
C GLN E 455 0.53 -12.31 36.16
N HIS E 456 -0.79 -12.22 36.31
CA HIS E 456 -1.71 -12.98 35.46
C HIS E 456 -1.68 -12.51 34.00
N GLY E 457 -1.49 -11.21 33.73
CA GLY E 457 -1.32 -10.71 32.37
C GLY E 457 -0.08 -11.27 31.70
N CYS E 458 1.04 -11.27 32.40
CA CYS E 458 2.26 -11.93 31.92
C CYS E 458 2.09 -13.43 31.74
N GLN E 459 1.38 -14.10 32.65
CA GLN E 459 1.08 -15.51 32.50
C GLN E 459 0.25 -15.82 31.25
N ASP E 460 -0.84 -15.11 30.96
CA ASP E 460 -1.60 -15.31 29.71
C ASP E 460 -0.75 -15.10 28.45
N ILE E 461 0.18 -14.17 28.51
CA ILE E 461 1.18 -13.90 27.48
C ILE E 461 2.24 -15.03 27.37
N GLY E 462 2.47 -15.80 28.43
CA GLY E 462 3.56 -16.76 28.50
C GLY E 462 4.92 -16.15 28.85
N ALA E 463 4.95 -14.93 29.41
CA ALA E 463 6.17 -14.31 29.93
C ALA E 463 6.37 -14.62 31.43
N ARG E 464 7.46 -15.31 31.80
CA ARG E 464 7.85 -15.63 33.19
C ARG E 464 8.32 -14.44 34.03
N SER E 465 8.63 -13.32 33.39
CA SER E 465 9.30 -12.16 33.98
C SER E 465 9.00 -10.94 33.13
N LEU E 466 9.09 -9.73 33.66
CA LEU E 466 8.94 -8.52 32.85
C LEU E 466 10.10 -8.28 31.89
N SER E 467 11.32 -8.70 32.22
CA SER E 467 12.46 -8.62 31.30
C SER E 467 12.34 -9.64 30.18
N VAL E 468 11.79 -10.83 30.46
CA VAL E 468 11.39 -11.82 29.46
C VAL E 468 10.29 -11.26 28.56
N LEU E 469 9.23 -10.66 29.11
CA LEU E 469 8.15 -10.01 28.36
C LEU E 469 8.72 -9.00 27.36
N ARG E 470 9.59 -8.09 27.80
CA ARG E 470 10.23 -7.10 26.93
C ARG E 470 11.14 -7.74 25.90
N SER E 471 11.93 -8.76 26.27
CA SER E 471 12.76 -9.47 25.30
C SER E 471 11.91 -10.16 24.22
N MET E 472 10.77 -10.77 24.56
CA MET E 472 9.83 -11.34 23.61
C MET E 472 9.25 -10.26 22.70
N MET E 473 9.00 -9.06 23.21
CA MET E 473 8.53 -7.94 22.41
C MET E 473 9.57 -7.45 21.41
N TYR E 474 10.79 -7.17 21.83
CA TYR E 474 11.83 -6.72 20.90
C TYR E 474 12.26 -7.81 19.91
N SER E 475 12.17 -9.07 20.32
CA SER E 475 12.35 -10.27 19.49
C SER E 475 11.30 -10.41 18.37
N GLY E 476 10.09 -9.89 18.58
CA GLY E 476 8.93 -10.16 17.74
C GLY E 476 8.20 -11.45 18.09
N GLU E 477 8.60 -12.16 19.13
CA GLU E 477 7.85 -13.32 19.63
C GLU E 477 6.49 -12.92 20.19
N LEU E 478 6.46 -11.82 20.96
CA LEU E 478 5.24 -11.23 21.45
C LEU E 478 4.44 -10.62 20.31
N LYS E 479 3.16 -10.98 20.19
CA LYS E 479 2.32 -10.53 19.09
C LYS E 479 1.19 -9.68 19.60
N PHE E 480 0.74 -8.79 18.75
CA PHE E 480 -0.27 -7.79 19.02
C PHE E 480 -1.34 -7.85 17.95
N GLU E 481 -2.54 -7.48 18.30
CA GLU E 481 -3.60 -7.20 17.33
C GLU E 481 -4.08 -5.78 17.54
N LYS E 482 -4.32 -5.03 16.47
CA LYS E 482 -5.09 -3.77 16.58
C LYS E 482 -6.55 -4.08 16.92
N ARG E 483 -7.19 -3.16 17.63
CA ARG E 483 -8.61 -3.17 17.95
C ARG E 483 -9.28 -2.05 17.17
N THR E 484 -10.27 -2.40 16.37
CA THR E 484 -11.29 -1.44 15.90
C THR E 484 -11.99 -0.81 17.10
N MET E 485 -12.62 0.35 16.97
CA MET E 485 -13.41 0.91 18.09
C MET E 485 -14.42 -0.14 18.63
N SER E 486 -15.07 -0.91 17.76
CA SER E 486 -15.98 -1.99 18.15
C SER E 486 -15.31 -3.16 18.90
N ALA E 487 -14.03 -3.47 18.66
CA ALA E 487 -13.29 -4.41 19.51
C ALA E 487 -13.03 -3.86 20.92
N GLN E 488 -12.92 -2.55 21.07
CA GLN E 488 -12.78 -1.89 22.36
C GLN E 488 -14.12 -1.95 23.11
N ILE E 489 -15.24 -1.74 22.41
CA ILE E 489 -16.60 -1.99 22.94
C ILE E 489 -16.79 -3.47 23.34
N GLU E 490 -16.36 -4.43 22.50
CA GLU E 490 -16.49 -5.87 22.77
C GLU E 490 -15.62 -6.33 23.95
N GLY E 491 -14.44 -5.74 24.14
CA GLY E 491 -13.50 -6.15 25.17
C GLY E 491 -13.89 -5.73 26.59
N GLY E 492 -14.50 -4.56 26.76
CA GLY E 492 -15.05 -4.12 28.04
C GLY E 492 -16.36 -4.82 28.38
N VAL E 493 -16.90 -4.59 29.58
CA VAL E 493 -18.27 -5.04 29.91
C VAL E 493 -19.31 -4.37 28.99
N HIS E 494 -20.25 -5.15 28.45
CA HIS E 494 -21.21 -4.66 27.45
C HIS E 494 -22.50 -5.48 27.47
N GLY E 495 -23.59 -4.96 26.92
CA GLY E 495 -24.86 -5.70 26.79
C GLY E 495 -25.60 -5.98 28.11
N LEU E 496 -25.11 -5.42 29.22
CA LEU E 496 -25.65 -5.53 30.57
C LEU E 496 -26.55 -4.31 30.88
N HIS E 497 -27.67 -4.54 31.56
CA HIS E 497 -28.51 -3.45 32.08
C HIS E 497 -27.77 -2.66 33.17
N SER E 498 -27.16 -3.39 34.10
CA SER E 498 -26.39 -2.90 35.24
C SER E 498 -25.28 -3.91 35.56
N TYR E 499 -24.28 -3.46 36.29
CA TYR E 499 -22.91 -3.96 36.23
C TYR E 499 -22.23 -3.65 37.57
N GLU E 500 -22.03 -4.67 38.41
CA GLU E 500 -21.41 -4.57 39.73
C GLU E 500 -19.91 -4.93 39.68
N LYS E 501 -19.05 -4.02 39.20
CA LYS E 501 -17.59 -4.27 39.17
C LYS E 501 -17.06 -4.49 40.59
N ARG E 502 -16.34 -5.59 40.77
CA ARG E 502 -15.65 -5.99 42.01
C ARG E 502 -14.28 -6.56 41.65
N LEU E 503 -13.37 -5.69 41.29
CA LEU E 503 -11.93 -5.99 41.35
C LEU E 503 -11.55 -6.13 42.84
N TYR E 504 -10.79 -7.19 43.19
CA TYR E 504 -10.18 -7.50 44.50
C TYR E 504 -11.09 -7.63 45.74
N GLY F 1 25.97 11.36 17.00
CA GLY F 1 24.89 10.44 17.38
C GLY F 1 23.68 10.59 16.46
N TYR F 2 22.85 9.56 16.35
CA TYR F 2 21.70 9.52 15.45
C TYR F 2 20.41 9.13 16.16
N VAL F 3 19.34 9.87 15.88
CA VAL F 3 17.97 9.54 16.25
C VAL F 3 17.13 9.25 15.01
N PRO F 4 16.36 8.14 14.99
CA PRO F 4 15.43 7.85 13.91
C PRO F 4 14.33 8.92 13.84
N GLU F 5 13.76 9.08 12.66
CA GLU F 5 12.80 10.17 12.39
C GLU F 5 11.42 9.92 13.04
N ASP F 6 11.05 10.65 14.08
CA ASP F 6 9.73 10.56 14.74
C ASP F 6 8.61 11.26 13.94
N GLY F 7 7.48 10.59 13.69
CA GLY F 7 6.26 11.20 13.21
C GLY F 7 6.22 11.58 11.73
N LEU F 8 5.07 12.05 11.28
CA LEU F 8 4.77 12.45 9.90
C LEU F 8 5.07 13.93 9.69
N THR F 9 5.47 14.35 8.49
CA THR F 9 5.39 15.75 8.09
C THR F 9 3.94 16.16 7.83
N ALA F 10 3.65 17.46 7.72
CA ALA F 10 2.31 17.89 7.29
C ALA F 10 1.97 17.39 5.88
N GLN F 11 2.94 17.34 4.97
CA GLN F 11 2.73 16.79 3.63
C GLN F 11 2.31 15.31 3.69
N GLN F 12 2.92 14.49 4.54
CA GLN F 12 2.54 13.09 4.72
C GLN F 12 1.24 12.91 5.49
N LEU F 13 0.99 13.73 6.49
CA LEU F 13 -0.24 13.73 7.29
C LEU F 13 -1.46 13.95 6.39
N PHE F 14 -1.37 14.86 5.41
CA PHE F 14 -2.43 15.15 4.47
C PHE F 14 -2.37 14.42 3.12
N ALA F 15 -1.27 13.78 2.76
CA ALA F 15 -1.22 12.87 1.59
C ALA F 15 -2.06 11.60 1.84
N SER F 16 -2.13 11.19 3.10
CA SER F 16 -3.06 10.18 3.61
C SER F 16 -4.51 10.60 3.32
N ALA F 17 -5.30 9.78 2.62
CA ALA F 17 -6.52 10.26 1.96
C ALA F 17 -7.66 10.74 2.89
N ASP F 18 -7.72 10.30 4.15
CA ASP F 18 -8.83 10.70 5.01
C ASP F 18 -8.75 12.18 5.40
N GLY F 19 -9.86 12.91 5.30
CA GLY F 19 -9.86 14.30 5.70
C GLY F 19 -9.85 14.42 7.21
N LEU F 20 -8.88 15.15 7.74
CA LEU F 20 -8.61 15.31 9.15
C LEU F 20 -9.15 16.63 9.66
N THR F 21 -9.75 16.57 10.84
CA THR F 21 -10.01 17.69 11.73
C THR F 21 -8.84 17.96 12.62
N TYR F 22 -8.84 19.08 13.32
CA TYR F 22 -7.87 19.33 14.40
C TYR F 22 -7.85 18.24 15.48
N ASN F 23 -8.97 17.62 15.79
CA ASN F 23 -9.02 16.54 16.75
C ASN F 23 -8.27 15.29 16.30
N ASP F 24 -8.07 15.05 15.00
CA ASP F 24 -7.46 13.83 14.47
C ASP F 24 -5.94 13.73 14.50
N PHE F 25 -5.22 14.75 14.95
CA PHE F 25 -3.76 14.73 14.98
C PHE F 25 -3.23 15.50 16.17
N LEU F 26 -1.98 15.24 16.50
CA LEU F 26 -1.15 15.99 17.46
C LEU F 26 0.06 16.55 16.74
N ILE F 27 0.64 17.57 17.33
CA ILE F 27 1.97 18.04 16.95
C ILE F 27 2.96 17.37 17.90
N LEU F 28 4.01 16.75 17.38
CA LEU F 28 5.06 16.24 18.25
C LEU F 28 5.90 17.39 18.84
N PRO F 29 6.28 17.32 20.13
CA PRO F 29 7.10 18.34 20.77
C PRO F 29 8.51 18.40 20.20
N GLY F 30 9.07 19.60 20.17
CA GLY F 30 10.42 19.88 19.69
C GLY F 30 11.41 20.11 20.82
N PHE F 31 12.34 21.04 20.61
CA PHE F 31 13.32 21.49 21.59
C PHE F 31 12.99 22.90 22.08
N ILE F 32 12.98 23.10 23.39
CA ILE F 32 12.72 24.40 24.01
C ILE F 32 14.05 25.06 24.36
N ASP F 33 14.38 26.17 23.70
CA ASP F 33 15.54 27.00 24.03
C ASP F 33 15.18 28.45 24.42
N PHE F 34 13.90 28.73 24.65
CA PHE F 34 13.36 30.09 24.83
C PHE F 34 12.16 30.10 25.78
N ILE F 35 11.81 31.25 26.33
CA ILE F 35 10.67 31.44 27.24
C ILE F 35 9.40 31.66 26.42
N ALA F 36 8.26 31.11 26.84
CA ALA F 36 7.00 31.23 26.09
C ALA F 36 6.61 32.69 25.82
N ASP F 37 6.79 33.60 26.77
CA ASP F 37 6.49 35.02 26.60
C ASP F 37 7.33 35.70 25.52
N GLU F 38 8.50 35.16 25.16
CA GLU F 38 9.32 35.66 24.06
C GLU F 38 8.87 35.12 22.68
N VAL F 39 7.83 34.29 22.62
CA VAL F 39 7.24 33.83 21.34
C VAL F 39 6.48 34.94 20.62
N ASP F 40 6.87 35.24 19.38
CA ASP F 40 6.23 36.25 18.54
C ASP F 40 4.95 35.75 17.86
N LEU F 41 3.80 36.34 18.18
CA LEU F 41 2.51 36.01 17.58
C LEU F 41 2.09 36.95 16.43
N THR F 42 3.01 37.74 15.90
CA THR F 42 2.74 38.67 14.80
C THR F 42 2.25 37.92 13.57
N SER F 43 1.14 38.37 12.99
CA SER F 43 0.36 37.62 12.02
C SER F 43 -0.13 38.46 10.85
N ALA F 44 0.07 38.03 9.61
CA ALA F 44 -0.59 38.62 8.45
C ALA F 44 -2.09 38.26 8.42
N LEU F 45 -2.96 39.27 8.41
CA LEU F 45 -4.41 39.10 8.17
C LEU F 45 -4.72 39.12 6.68
N THR F 46 -4.06 40.02 5.97
CA THR F 46 -4.12 40.19 4.52
C THR F 46 -2.73 40.59 4.04
N ARG F 47 -2.52 40.69 2.72
CA ARG F 47 -1.27 41.19 2.12
C ARG F 47 -0.67 42.43 2.83
N LYS F 48 -1.51 43.43 3.16
CA LYS F 48 -1.08 44.72 3.74
C LYS F 48 -1.42 44.93 5.23
N ILE F 49 -2.21 44.08 5.88
CA ILE F 49 -2.55 44.24 7.31
C ILE F 49 -1.88 43.13 8.12
N THR F 50 -1.09 43.52 9.12
CA THR F 50 -0.46 42.64 10.09
C THR F 50 -0.96 42.96 11.50
N LEU F 51 -1.47 41.96 12.18
CA LEU F 51 -1.90 42.01 13.57
C LEU F 51 -0.75 41.61 14.48
N LYS F 52 -0.70 42.09 15.72
CA LYS F 52 0.27 41.60 16.73
C LYS F 52 -0.14 40.25 17.32
N THR F 53 -1.30 39.73 16.96
CA THR F 53 -1.87 38.48 17.48
C THR F 53 -2.72 37.83 16.40
N PRO F 54 -2.78 36.49 16.28
CA PRO F 54 -3.46 35.80 15.19
C PRO F 54 -4.99 35.83 15.24
N LEU F 55 -5.59 36.50 16.20
CA LEU F 55 -6.96 36.19 16.63
C LEU F 55 -7.98 37.15 16.04
N ILE F 56 -9.07 36.62 15.51
CA ILE F 56 -10.13 37.36 14.87
C ILE F 56 -11.47 36.96 15.44
N SER F 57 -12.31 37.94 15.76
CA SER F 57 -13.71 37.65 16.08
C SER F 57 -14.54 37.58 14.80
N SER F 58 -15.30 36.50 14.67
CA SER F 58 -16.09 36.20 13.50
C SER F 58 -17.24 37.20 13.28
N PRO F 59 -17.56 37.57 12.03
CA PRO F 59 -18.68 38.45 11.69
C PRO F 59 -20.04 37.79 11.88
N MET F 60 -20.45 37.63 13.12
CA MET F 60 -21.76 37.09 13.47
C MET F 60 -22.51 38.02 14.39
N ASP F 61 -23.83 38.08 14.20
CA ASP F 61 -24.84 38.80 14.99
C ASP F 61 -24.70 38.67 16.50
N THR F 62 -24.17 37.55 16.93
CA THR F 62 -24.01 37.09 18.31
C THR F 62 -22.54 37.03 18.75
N VAL F 63 -21.60 37.52 17.94
CA VAL F 63 -20.19 37.62 18.29
C VAL F 63 -19.65 39.04 18.12
N THR F 64 -19.78 39.67 16.94
CA THR F 64 -19.04 40.91 16.65
C THR F 64 -19.90 42.09 16.26
N GLU F 65 -20.20 42.94 17.25
CA GLU F 65 -20.49 44.36 17.06
C GLU F 65 -19.32 45.21 17.59
N ALA F 66 -19.49 46.51 17.81
CA ALA F 66 -18.37 47.40 18.08
C ALA F 66 -17.60 47.07 19.37
N ASP F 67 -18.26 46.64 20.44
CA ASP F 67 -17.58 46.33 21.70
C ASP F 67 -16.60 45.16 21.56
N MET F 68 -16.99 44.14 20.80
CA MET F 68 -16.14 43.02 20.46
C MET F 68 -15.01 43.48 19.56
N ALA F 69 -15.30 44.23 18.50
CA ALA F 69 -14.27 44.70 17.58
C ALA F 69 -13.24 45.61 18.27
N ILE F 70 -13.66 46.48 19.19
CA ILE F 70 -12.78 47.27 20.05
C ILE F 70 -11.92 46.35 20.89
N ALA F 71 -12.52 45.45 21.67
CA ALA F 71 -11.78 44.57 22.55
C ALA F 71 -10.82 43.63 21.82
N MET F 72 -11.18 43.12 20.64
CA MET F 72 -10.29 42.36 19.78
C MET F 72 -9.15 43.21 19.26
N ALA F 73 -9.42 44.38 18.70
CA ALA F 73 -8.37 45.26 18.20
C ALA F 73 -7.43 45.70 19.33
N LEU F 74 -7.93 46.05 20.52
CA LEU F 74 -7.09 46.40 21.66
C LEU F 74 -6.18 45.25 22.11
N MET F 75 -6.68 44.02 22.14
CA MET F 75 -5.88 42.83 22.45
C MET F 75 -4.96 42.39 21.29
N GLY F 76 -4.91 43.13 20.19
CA GLY F 76 -3.99 42.92 19.07
C GLY F 76 -4.49 41.93 18.02
N GLY F 77 -5.75 41.55 18.10
CA GLY F 77 -6.48 40.85 17.04
C GLY F 77 -7.26 41.86 16.20
N ILE F 78 -8.38 41.46 15.64
CA ILE F 78 -9.33 42.35 14.95
C ILE F 78 -10.73 41.74 15.07
N GLY F 79 -11.77 42.57 14.98
CA GLY F 79 -13.14 42.07 14.80
C GLY F 79 -13.67 42.44 13.45
N PHE F 80 -14.37 41.51 12.81
CA PHE F 80 -15.16 41.84 11.62
C PHE F 80 -16.60 42.02 12.03
N ILE F 81 -17.13 43.23 11.87
CA ILE F 81 -18.48 43.52 12.29
C ILE F 81 -19.48 42.85 11.37
N HIS F 82 -20.45 42.16 11.93
CA HIS F 82 -21.48 41.41 11.20
C HIS F 82 -22.38 42.30 10.32
N HIS F 83 -23.09 41.71 9.36
CA HIS F 83 -23.94 42.45 8.41
C HIS F 83 -25.41 42.04 8.49
N ASN F 84 -25.82 41.32 9.53
CA ASN F 84 -27.22 40.98 9.84
C ASN F 84 -27.89 42.14 10.62
N CYS F 85 -27.77 43.32 10.03
CA CYS F 85 -28.21 44.61 10.50
C CYS F 85 -28.27 45.55 9.29
N THR F 86 -28.92 46.70 9.41
CA THR F 86 -28.97 47.65 8.29
C THR F 86 -27.57 48.18 7.95
N PRO F 87 -27.35 48.65 6.71
CA PRO F 87 -26.11 49.31 6.34
C PRO F 87 -25.69 50.43 7.30
N GLU F 88 -26.64 51.28 7.69
CA GLU F 88 -26.38 52.44 8.56
C GLU F 88 -26.01 52.01 9.99
N PHE F 89 -26.64 50.96 10.51
CA PHE F 89 -26.25 50.36 11.79
C PHE F 89 -24.82 49.84 11.72
N GLN F 90 -24.48 49.05 10.71
CA GLN F 90 -23.16 48.45 10.60
C GLN F 90 -22.08 49.51 10.46
N ALA F 91 -22.28 50.51 9.62
CA ALA F 91 -21.34 51.62 9.48
C ALA F 91 -21.19 52.43 10.77
N ASN F 92 -22.25 52.60 11.57
CA ASN F 92 -22.15 53.19 12.90
C ASN F 92 -21.35 52.29 13.87
N GLU F 93 -21.51 50.97 13.83
CA GLU F 93 -20.68 50.06 14.62
C GLU F 93 -19.21 50.14 14.20
N VAL F 94 -18.90 50.24 12.90
CA VAL F 94 -17.52 50.51 12.41
C VAL F 94 -17.01 51.86 12.93
N ARG F 95 -17.82 52.92 12.85
CA ARG F 95 -17.47 54.26 13.35
C ARG F 95 -17.15 54.24 14.84
N LYS F 96 -17.93 53.54 15.68
CA LYS F 96 -17.60 53.32 17.10
C LYS F 96 -16.19 52.75 17.30
N VAL F 97 -15.79 51.77 16.49
CA VAL F 97 -14.43 51.19 16.56
C VAL F 97 -13.39 52.20 16.09
N LYS F 98 -13.58 52.82 14.93
CA LYS F 98 -12.63 53.79 14.37
C LYS F 98 -12.48 55.06 15.22
N LYS F 99 -13.49 55.43 16.00
CA LYS F 99 -13.43 56.57 16.93
C LYS F 99 -12.93 56.20 18.33
N PHE F 100 -12.79 54.93 18.70
CA PHE F 100 -12.49 54.57 20.10
C PHE F 100 -11.12 55.07 20.58
N GLU F 101 -10.07 54.88 19.80
CA GLU F 101 -8.72 55.38 20.05
C GLU F 101 -8.32 56.26 18.87
N GLN F 102 -7.64 57.37 19.13
CA GLN F 102 -7.38 58.38 18.11
C GLN F 102 -5.96 58.91 18.21
N GLY F 103 -5.30 59.11 17.08
CA GLY F 103 -4.11 59.97 16.97
C GLY F 103 -4.54 61.44 17.02
N PHE F 104 -4.41 62.15 15.91
CA PHE F 104 -5.12 63.40 15.70
C PHE F 104 -6.62 63.14 15.55
N ILE F 105 -7.46 63.67 16.43
CA ILE F 105 -8.89 63.76 16.17
C ILE F 105 -9.06 64.91 15.18
N THR F 106 -9.20 64.58 13.89
CA THR F 106 -9.36 65.52 12.77
C THR F 106 -10.78 66.07 12.61
N ASP F 107 -11.71 65.57 13.42
CA ASP F 107 -13.14 65.81 13.31
C ASP F 107 -13.83 65.76 14.69
N PRO F 108 -13.31 66.47 15.71
CA PRO F 108 -13.87 66.45 17.04
C PRO F 108 -15.28 67.04 17.07
N VAL F 109 -16.07 66.63 18.06
CA VAL F 109 -17.34 67.26 18.38
C VAL F 109 -17.07 68.67 18.92
N VAL F 110 -17.20 69.68 18.07
CA VAL F 110 -17.15 71.11 18.43
C VAL F 110 -18.54 71.64 18.75
N LEU F 111 -18.60 72.71 19.55
CA LEU F 111 -19.78 73.55 19.74
C LEU F 111 -19.40 75.03 19.67
N SER F 112 -20.39 75.91 19.44
CA SER F 112 -20.20 77.36 19.49
C SER F 112 -20.15 77.84 20.94
N PRO F 113 -19.44 78.93 21.29
CA PRO F 113 -19.60 79.55 22.61
C PRO F 113 -21.04 80.01 22.88
N SER F 114 -21.88 80.13 21.84
CA SER F 114 -23.32 80.38 21.95
C SER F 114 -24.13 79.20 22.54
N HIS F 115 -23.66 77.96 22.43
CA HIS F 115 -24.32 76.76 23.00
C HIS F 115 -24.27 76.71 24.54
N THR F 116 -25.26 76.06 25.15
CA THR F 116 -25.37 75.89 26.61
C THR F 116 -24.69 74.61 27.14
N VAL F 117 -24.43 74.52 28.45
CA VAL F 117 -23.94 73.30 29.10
C VAL F 117 -24.87 72.10 28.91
N GLY F 118 -26.17 72.33 28.66
CA GLY F 118 -27.10 71.28 28.23
C GLY F 118 -26.72 70.64 26.88
N ASP F 119 -26.17 71.42 25.95
CA ASP F 119 -25.71 70.91 24.65
C ASP F 119 -24.42 70.10 24.80
N VAL F 120 -23.55 70.49 25.73
CA VAL F 120 -22.39 69.67 26.15
C VAL F 120 -22.87 68.35 26.75
N LEU F 121 -23.89 68.38 27.62
CA LEU F 121 -24.48 67.17 28.20
C LEU F 121 -25.24 66.31 27.18
N GLU F 122 -25.90 66.90 26.19
CA GLU F 122 -26.55 66.16 25.08
C GLU F 122 -25.49 65.45 24.23
N ALA F 123 -24.41 66.16 23.88
CA ALA F 123 -23.25 65.56 23.22
C ALA F 123 -22.63 64.45 24.10
N LYS F 124 -22.42 64.70 25.39
CA LYS F 124 -21.86 63.70 26.32
C LYS F 124 -22.74 62.48 26.48
N MET F 125 -24.07 62.62 26.44
CA MET F 125 -25.00 61.50 26.43
C MET F 125 -24.86 60.68 25.14
N ARG F 126 -24.91 61.29 23.95
CA ARG F 126 -24.92 60.56 22.68
C ARG F 126 -23.53 60.10 22.18
N HIS F 127 -22.47 60.81 22.52
CA HIS F 127 -21.07 60.52 22.13
C HIS F 127 -20.20 59.93 23.25
N GLY F 128 -20.63 59.97 24.51
CA GLY F 128 -19.90 59.41 25.65
C GLY F 128 -18.83 60.32 26.26
N PHE F 129 -17.98 60.94 25.43
CA PHE F 129 -16.94 61.88 25.90
C PHE F 129 -17.50 63.28 26.18
N SER F 130 -16.97 63.94 27.21
CA SER F 130 -17.35 65.31 27.61
C SER F 130 -16.48 66.40 27.01
N GLY F 131 -15.31 66.07 26.45
CA GLY F 131 -14.33 67.06 26.02
C GLY F 131 -14.67 67.68 24.67
N ILE F 132 -15.18 68.90 24.67
CA ILE F 132 -15.63 69.63 23.46
C ILE F 132 -14.80 70.90 23.28
N PRO F 133 -13.96 71.02 22.25
CA PRO F 133 -13.36 72.29 21.90
C PRO F 133 -14.44 73.24 21.36
N ILE F 134 -14.38 74.50 21.78
CA ILE F 134 -15.39 75.50 21.47
C ILE F 134 -14.81 76.44 20.43
N THR F 135 -15.43 76.51 19.25
CA THR F 135 -15.00 77.37 18.15
C THR F 135 -16.11 78.35 17.83
N GLU F 136 -15.79 79.57 17.41
CA GLU F 136 -16.79 80.64 17.29
C GLU F 136 -18.00 80.24 16.42
N THR F 137 -17.75 79.64 15.25
CA THR F 137 -18.79 79.13 14.34
C THR F 137 -19.55 77.91 14.87
N GLY F 138 -19.01 77.18 15.86
CA GLY F 138 -19.52 75.90 16.32
C GLY F 138 -19.39 74.76 15.30
N THR F 139 -18.46 74.92 14.36
CA THR F 139 -18.12 73.97 13.29
C THR F 139 -16.59 73.94 13.16
N MET F 140 -16.06 72.87 12.56
CA MET F 140 -14.71 72.42 12.86
C MET F 140 -13.61 73.45 12.57
N GLY F 141 -13.43 73.83 11.30
CA GLY F 141 -12.34 74.71 10.84
C GLY F 141 -12.45 76.20 11.20
N SER F 142 -13.13 76.51 12.31
CA SER F 142 -13.38 77.86 12.85
C SER F 142 -12.34 78.29 13.88
N LYS F 143 -12.20 79.61 14.13
CA LYS F 143 -11.37 80.14 15.22
C LYS F 143 -11.77 79.56 16.58
N LEU F 144 -10.78 79.15 17.36
CA LEU F 144 -10.93 78.55 18.68
C LEU F 144 -11.20 79.61 19.76
N VAL F 145 -12.22 79.39 20.60
CA VAL F 145 -12.68 80.34 21.64
C VAL F 145 -12.45 79.79 23.05
N GLY F 146 -12.50 78.48 23.24
CA GLY F 146 -12.25 77.83 24.52
C GLY F 146 -12.32 76.32 24.42
N ILE F 147 -12.24 75.65 25.57
CA ILE F 147 -12.40 74.21 25.74
C ILE F 147 -13.34 73.96 26.93
N VAL F 148 -14.26 73.01 26.82
CA VAL F 148 -15.16 72.61 27.92
C VAL F 148 -15.07 71.10 28.14
N THR F 149 -14.94 70.66 29.39
CA THR F 149 -14.85 69.24 29.79
C THR F 149 -15.66 68.94 31.05
N SER F 150 -15.77 67.66 31.46
CA SER F 150 -16.49 67.23 32.66
C SER F 150 -16.22 68.07 33.94
N ARG F 151 -14.98 68.53 34.16
CA ARG F 151 -14.61 69.41 35.31
C ARG F 151 -15.18 70.82 35.19
N ASP F 152 -15.30 71.35 33.99
CA ASP F 152 -15.92 72.66 33.74
C ASP F 152 -17.44 72.65 33.95
N ILE F 153 -18.07 71.48 33.78
CA ILE F 153 -19.52 71.25 33.98
C ILE F 153 -19.76 70.19 35.06
N VAL F 168 -18.11 79.30 32.11
CA VAL F 168 -17.85 77.84 32.22
C VAL F 168 -16.55 77.37 31.54
N MET F 169 -16.28 77.77 30.29
CA MET F 169 -15.11 77.28 29.53
C MET F 169 -13.77 77.61 30.20
N THR F 170 -12.73 76.83 29.92
CA THR F 170 -11.37 77.34 29.94
C THR F 170 -11.18 78.16 28.64
N PRO F 171 -10.89 79.46 28.69
CA PRO F 171 -10.89 80.34 27.51
C PRO F 171 -9.62 80.21 26.68
N ARG F 172 -9.66 80.58 25.39
CA ARG F 172 -8.55 80.31 24.45
C ARG F 172 -7.21 80.92 24.86
N ILE F 173 -7.24 82.03 25.59
CA ILE F 173 -6.05 82.73 26.13
C ILE F 173 -5.32 81.91 27.20
N GLU F 174 -5.98 80.99 27.89
CA GLU F 174 -5.43 80.20 29.01
C GLU F 174 -5.01 78.79 28.59
N LEU F 175 -5.60 78.24 27.52
CA LEU F 175 -5.32 76.86 27.08
C LEU F 175 -3.96 76.69 26.39
N VAL F 176 -3.36 75.52 26.56
CA VAL F 176 -2.13 75.08 25.91
C VAL F 176 -2.47 74.57 24.51
N VAL F 177 -1.64 74.86 23.50
CA VAL F 177 -1.96 74.61 22.10
C VAL F 177 -0.72 74.18 21.32
N ALA F 178 -0.89 73.57 20.15
CA ALA F 178 0.21 73.27 19.23
C ALA F 178 -0.11 73.75 17.80
N PRO F 179 0.90 74.10 16.97
CA PRO F 179 0.65 74.59 15.63
C PRO F 179 0.25 73.47 14.64
N ALA F 180 -0.60 73.78 13.68
CA ALA F 180 -0.87 72.93 12.53
C ALA F 180 0.44 72.52 11.81
N GLY F 181 0.52 71.27 11.32
CA GLY F 181 1.72 70.69 10.72
C GLY F 181 2.72 70.09 11.75
N VAL F 182 2.46 70.18 13.05
CA VAL F 182 3.16 69.39 14.08
C VAL F 182 2.96 67.88 13.84
N THR F 183 3.97 67.06 14.13
CA THR F 183 3.83 65.59 14.06
C THR F 183 3.10 65.06 15.29
N LEU F 184 2.52 63.86 15.21
CA LEU F 184 1.81 63.30 16.36
C LEU F 184 2.74 63.13 17.57
N LYS F 185 3.98 62.68 17.39
CA LYS F 185 4.93 62.51 18.50
C LYS F 185 5.34 63.84 19.14
N GLU F 186 5.48 64.92 18.37
CA GLU F 186 5.67 66.26 18.93
C GLU F 186 4.44 66.74 19.72
N ALA F 187 3.23 66.55 19.20
CA ALA F 187 2.00 66.89 19.92
C ALA F 187 1.83 66.03 21.18
N ASN F 188 2.18 64.74 21.16
CA ASN F 188 2.21 63.89 22.36
C ASN F 188 3.13 64.50 23.40
N GLU F 189 4.34 64.88 23.02
CA GLU F 189 5.31 65.47 23.94
C GLU F 189 4.83 66.82 24.50
N ILE F 190 4.19 67.65 23.68
CA ILE F 190 3.53 68.89 24.14
C ILE F 190 2.46 68.56 25.19
N LEU F 191 1.56 67.62 24.92
CA LEU F 191 0.52 67.17 25.85
C LEU F 191 1.09 66.52 27.13
N GLN F 192 2.16 65.76 27.02
CA GLN F 192 2.83 65.10 28.14
C GLN F 192 3.52 66.10 29.07
N ARG F 193 4.20 67.12 28.53
CA ARG F 193 4.79 68.23 29.33
C ARG F 193 3.73 69.20 29.86
N SER F 194 2.67 69.43 29.10
CA SER F 194 1.52 70.29 29.44
C SER F 194 0.75 69.86 30.70
N LYS F 195 0.73 68.55 31.00
CA LYS F 195 -0.06 67.95 32.11
C LYS F 195 -1.58 68.19 32.03
N LYS F 196 -2.11 68.60 30.87
CA LYS F 196 -3.55 68.70 30.55
C LYS F 196 -4.09 67.44 29.88
N GLY F 197 -5.41 67.26 29.88
CA GLY F 197 -6.08 66.11 29.30
C GLY F 197 -6.42 66.24 27.82
N LYS F 198 -6.43 67.44 27.24
CA LYS F 198 -6.60 67.67 25.79
C LYS F 198 -5.52 68.62 25.28
N LEU F 199 -5.25 68.62 23.98
CA LEU F 199 -4.38 69.58 23.30
C LEU F 199 -4.96 69.91 21.92
N PRO F 200 -5.55 71.10 21.72
CA PRO F 200 -5.95 71.56 20.41
C PRO F 200 -4.75 71.84 19.50
N ILE F 201 -4.95 71.63 18.21
CA ILE F 201 -3.99 71.90 17.14
C ILE F 201 -4.58 73.02 16.28
N VAL F 202 -3.86 74.12 16.11
CA VAL F 202 -4.41 75.36 15.50
C VAL F 202 -3.53 75.91 14.39
N ASN F 203 -4.15 76.41 13.32
CA ASN F 203 -3.44 77.07 12.22
C ASN F 203 -3.07 78.53 12.55
N ASP F 204 -2.49 79.24 11.58
CA ASP F 204 -2.03 80.63 11.74
C ASP F 204 -3.14 81.62 12.14
N CYS F 205 -4.38 81.35 11.74
CA CYS F 205 -5.58 82.11 12.11
C CYS F 205 -6.19 81.68 13.47
N ASP F 206 -5.49 80.87 14.27
CA ASP F 206 -6.02 80.26 15.50
C ASP F 206 -7.30 79.43 15.28
N GLU F 207 -7.47 78.87 14.09
CA GLU F 207 -8.58 77.97 13.77
C GLU F 207 -8.20 76.53 14.04
N LEU F 208 -9.14 75.79 14.61
CA LEU F 208 -8.95 74.41 15.04
C LEU F 208 -8.85 73.46 13.83
N VAL F 209 -7.74 72.74 13.69
CA VAL F 209 -7.56 71.75 12.61
C VAL F 209 -7.60 70.30 13.11
N ALA F 210 -7.26 70.07 14.38
CA ALA F 210 -7.34 68.79 15.07
C ALA F 210 -7.31 69.00 16.59
N ILE F 211 -7.58 67.96 17.37
CA ILE F 211 -7.33 67.91 18.80
C ILE F 211 -6.80 66.52 19.17
N ILE F 212 -6.07 66.40 20.28
CA ILE F 212 -5.64 65.11 20.82
C ILE F 212 -5.97 65.03 22.31
N ALA F 213 -6.09 63.82 22.86
CA ALA F 213 -6.43 63.60 24.26
C ALA F 213 -5.43 62.69 24.97
N ARG F 214 -5.18 62.99 26.24
CA ARG F 214 -4.35 62.19 27.14
C ARG F 214 -4.92 60.78 27.32
N THR F 215 -6.23 60.63 27.15
CA THR F 215 -6.94 59.36 27.11
C THR F 215 -6.36 58.42 26.06
N ASP F 216 -5.98 58.90 24.88
CA ASP F 216 -5.38 58.05 23.86
C ASP F 216 -3.94 57.66 24.17
N LEU F 217 -3.15 58.52 24.82
CA LEU F 217 -1.85 58.09 25.35
C LEU F 217 -2.00 57.00 26.41
N LYS F 218 -3.01 57.12 27.28
CA LYS F 218 -3.31 56.11 28.29
C LYS F 218 -3.81 54.80 27.68
N LYS F 219 -4.67 54.85 26.67
CA LYS F 219 -5.06 53.67 25.88
C LYS F 219 -3.84 53.04 25.22
N ASN F 220 -2.96 53.82 24.61
CA ASN F 220 -1.75 53.31 24.03
C ASN F 220 -0.87 52.57 25.07
N ARG F 221 -0.63 53.19 26.22
CA ARG F 221 0.13 52.60 27.33
C ARG F 221 -0.49 51.28 27.81
N ASP F 222 -1.80 51.27 28.00
CA ASP F 222 -2.53 50.14 28.58
C ASP F 222 -2.73 48.98 27.60
N TYR F 223 -2.64 49.22 26.29
CA TYR F 223 -2.86 48.23 25.24
C TYR F 223 -1.68 48.13 24.25
N PRO F 224 -0.54 47.52 24.67
CA PRO F 224 0.68 47.46 23.86
C PRO F 224 0.57 46.62 22.57
N LEU F 225 -0.41 45.72 22.51
CA LEU F 225 -0.65 44.89 21.33
C LEU F 225 -1.63 45.51 20.35
N ALA F 226 -2.24 46.66 20.64
CA ALA F 226 -3.41 47.12 19.89
C ALA F 226 -3.19 47.22 18.38
N SER F 227 -4.09 46.63 17.62
CA SER F 227 -4.13 46.65 16.17
C SER F 227 -4.62 47.99 15.67
N LYS F 228 -3.72 48.82 15.14
CA LYS F 228 -3.99 50.21 14.74
C LYS F 228 -3.56 50.52 13.32
N ASP F 229 -4.26 51.47 12.69
CA ASP F 229 -3.81 52.08 11.43
C ASP F 229 -2.76 53.19 11.65
N SER F 230 -2.30 53.81 10.57
CA SER F 230 -1.32 54.91 10.59
C SER F 230 -1.81 56.15 11.37
N GLN F 231 -3.12 56.42 11.36
CA GLN F 231 -3.79 57.46 12.15
C GLN F 231 -4.01 57.07 13.64
N LYS F 232 -3.44 55.95 14.09
CA LYS F 232 -3.57 55.38 15.44
C LYS F 232 -5.01 55.04 15.85
N GLN F 233 -5.90 54.90 14.89
CA GLN F 233 -7.23 54.38 15.14
C GLN F 233 -7.21 52.86 15.17
N LEU F 234 -8.08 52.24 15.95
CA LEU F 234 -8.22 50.78 15.93
C LEU F 234 -8.58 50.29 14.52
N LEU F 235 -7.98 49.19 14.09
CA LEU F 235 -8.40 48.51 12.88
C LEU F 235 -9.78 47.88 13.07
N CYS F 236 -10.64 47.99 12.07
CA CYS F 236 -11.93 47.35 12.06
C CYS F 236 -12.14 46.61 10.75
N GLY F 237 -12.66 45.39 10.82
CA GLY F 237 -13.17 44.70 9.66
C GLY F 237 -14.68 44.85 9.59
N ALA F 238 -15.27 44.58 8.45
CA ALA F 238 -16.70 44.40 8.31
C ALA F 238 -17.04 43.30 7.31
N ALA F 239 -18.10 42.56 7.55
CA ALA F 239 -18.66 41.68 6.54
C ALA F 239 -19.56 42.44 5.57
N VAL F 240 -19.60 41.98 4.32
CA VAL F 240 -20.65 42.35 3.36
C VAL F 240 -21.03 41.09 2.58
N GLY F 241 -22.26 41.03 2.08
CA GLY F 241 -22.64 40.04 1.08
C GLY F 241 -22.12 40.40 -0.30
N THR F 242 -22.60 39.69 -1.31
CA THR F 242 -22.17 39.87 -2.72
C THR F 242 -23.33 40.30 -3.64
N ARG F 243 -24.43 40.81 -3.08
CA ARG F 243 -25.60 41.33 -3.81
C ARG F 243 -25.30 42.71 -4.38
N GLU F 244 -26.22 43.25 -5.17
CA GLU F 244 -26.20 44.69 -5.48
C GLU F 244 -26.45 45.54 -4.23
N ASP F 245 -27.33 45.10 -3.32
CA ASP F 245 -27.63 45.80 -2.06
C ASP F 245 -26.35 46.07 -1.25
N ASP F 246 -25.37 45.16 -1.33
CA ASP F 246 -24.10 45.26 -0.63
C ASP F 246 -23.16 46.35 -1.13
N LYS F 247 -23.36 46.89 -2.34
CA LYS F 247 -22.57 48.01 -2.83
C LYS F 247 -22.88 49.30 -2.05
N TYR F 248 -24.14 49.53 -1.67
CA TYR F 248 -24.47 50.64 -0.77
C TYR F 248 -23.90 50.43 0.64
N ARG F 249 -24.03 49.22 1.19
CA ARG F 249 -23.43 48.86 2.49
C ARG F 249 -21.93 49.14 2.50
N LEU F 250 -21.22 48.67 1.50
CA LEU F 250 -19.79 48.92 1.35
C LEU F 250 -19.43 50.40 1.25
N ASP F 251 -20.25 51.20 0.58
CA ASP F 251 -20.04 52.64 0.54
C ASP F 251 -20.14 53.28 1.92
N LEU F 252 -21.16 52.93 2.71
CA LEU F 252 -21.23 53.40 4.10
C LEU F 252 -20.05 52.91 4.94
N LEU F 253 -19.65 51.64 4.83
CA LEU F 253 -18.55 51.08 5.61
C LEU F 253 -17.21 51.73 5.27
N THR F 254 -16.96 52.05 4.00
CA THR F 254 -15.75 52.76 3.57
C THR F 254 -15.78 54.23 3.95
N GLN F 255 -16.94 54.89 3.98
CA GLN F 255 -17.08 56.22 4.57
C GLN F 255 -16.83 56.20 6.09
N ALA F 256 -17.32 55.18 6.80
CA ALA F 256 -17.02 54.96 8.21
C ALA F 256 -15.54 54.65 8.49
N GLY F 257 -14.74 54.35 7.47
CA GLY F 257 -13.30 54.14 7.59
C GLY F 257 -12.88 52.70 7.90
N VAL F 258 -13.69 51.70 7.51
CA VAL F 258 -13.32 50.28 7.66
C VAL F 258 -12.02 49.95 6.92
N ASP F 259 -11.16 49.13 7.51
CA ASP F 259 -9.84 48.83 6.97
C ASP F 259 -9.83 47.61 6.05
N VAL F 260 -10.69 46.64 6.37
CA VAL F 260 -10.76 45.35 5.68
C VAL F 260 -12.20 44.88 5.58
N ILE F 261 -12.56 44.37 4.43
CA ILE F 261 -13.85 43.76 4.14
C ILE F 261 -13.67 42.25 4.06
N VAL F 262 -14.57 41.50 4.67
CA VAL F 262 -14.72 40.08 4.38
C VAL F 262 -16.00 39.85 3.60
N LEU F 263 -15.91 39.17 2.47
CA LEU F 263 -17.09 38.77 1.71
C LEU F 263 -17.72 37.53 2.34
N ASP F 264 -18.91 37.68 2.89
CA ASP F 264 -19.56 36.67 3.72
C ASP F 264 -20.35 35.69 2.83
N SER F 265 -19.83 34.47 2.69
CA SER F 265 -20.47 33.37 1.98
C SER F 265 -19.98 32.05 2.55
N SER F 266 -20.81 31.01 2.52
CA SER F 266 -20.37 29.65 2.85
C SER F 266 -19.60 28.97 1.71
N GLN F 267 -19.71 29.46 0.47
CA GLN F 267 -19.05 28.93 -0.71
C GLN F 267 -18.64 30.12 -1.60
N GLY F 268 -17.45 30.68 -1.36
CA GLY F 268 -16.97 31.89 -2.00
C GLY F 268 -16.53 31.75 -3.45
N ASN F 269 -16.41 30.55 -3.99
CA ASN F 269 -16.04 30.31 -5.37
C ASN F 269 -17.24 30.49 -6.30
N SER F 270 -17.68 31.72 -6.48
CA SER F 270 -18.85 32.05 -7.27
C SER F 270 -18.57 33.23 -8.18
N VAL F 271 -19.28 33.28 -9.31
CA VAL F 271 -19.29 34.46 -10.18
C VAL F 271 -19.67 35.74 -9.43
N TYR F 272 -20.62 35.66 -8.51
CA TYR F 272 -21.10 36.79 -7.71
C TYR F 272 -20.02 37.32 -6.79
N GLN F 273 -19.28 36.44 -6.12
CA GLN F 273 -18.19 36.89 -5.29
C GLN F 273 -17.00 37.42 -6.08
N ILE F 274 -16.61 36.78 -7.18
CA ILE F 274 -15.51 37.25 -8.02
C ILE F 274 -15.83 38.63 -8.57
N ALA F 275 -17.05 38.82 -9.08
CA ALA F 275 -17.57 40.11 -9.51
C ALA F 275 -17.53 41.14 -8.36
N MET F 276 -17.87 40.77 -7.14
CA MET F 276 -17.80 41.68 -6.00
C MET F 276 -16.36 42.07 -5.68
N VAL F 277 -15.42 41.14 -5.60
CA VAL F 277 -13.99 41.45 -5.42
C VAL F 277 -13.50 42.40 -6.51
N HIS F 278 -13.82 42.13 -7.79
CA HIS F 278 -13.46 43.03 -8.88
C HIS F 278 -14.03 44.42 -8.66
N TYR F 279 -15.31 44.56 -8.28
CA TYR F 279 -15.90 45.87 -8.02
C TYR F 279 -15.21 46.62 -6.87
N ILE F 280 -14.95 45.96 -5.72
CA ILE F 280 -14.29 46.60 -4.59
C ILE F 280 -12.87 47.05 -4.99
N LYS F 281 -12.08 46.20 -5.66
CA LYS F 281 -10.71 46.55 -6.06
C LYS F 281 -10.67 47.67 -7.12
N GLN F 282 -11.71 47.87 -7.91
CA GLN F 282 -11.82 49.06 -8.76
C GLN F 282 -12.18 50.30 -7.94
N LYS F 283 -13.30 50.30 -7.22
CA LYS F 283 -13.85 51.50 -6.58
C LYS F 283 -13.09 51.93 -5.32
N TYR F 284 -12.67 50.98 -4.51
CA TYR F 284 -12.00 51.19 -3.23
C TYR F 284 -10.62 50.51 -3.20
N PRO F 285 -9.66 50.92 -4.06
CA PRO F 285 -8.41 50.18 -4.27
C PRO F 285 -7.52 50.09 -3.02
N HIS F 286 -7.67 51.01 -2.08
CA HIS F 286 -6.97 50.99 -0.79
C HIS F 286 -7.48 49.92 0.20
N LEU F 287 -8.70 49.43 0.00
CA LEU F 287 -9.42 48.56 0.91
C LEU F 287 -8.94 47.12 0.78
N GLN F 288 -8.66 46.47 1.90
CA GLN F 288 -8.28 45.07 1.91
C GLN F 288 -9.50 44.17 1.82
N VAL F 289 -9.48 43.17 0.94
CA VAL F 289 -10.61 42.26 0.74
C VAL F 289 -10.23 40.84 1.09
N ILE F 290 -11.00 40.20 1.96
CA ILE F 290 -10.87 38.81 2.33
C ILE F 290 -11.95 38.05 1.58
N GLY F 291 -11.51 37.10 0.76
CA GLY F 291 -12.38 36.19 0.02
C GLY F 291 -13.07 35.24 0.98
N GLY F 292 -14.37 35.11 0.74
CA GLY F 292 -15.30 34.26 1.46
C GLY F 292 -14.99 32.80 1.30
N ASN F 293 -15.76 31.97 1.98
CA ASN F 293 -15.19 30.70 2.43
C ASN F 293 -14.81 29.75 1.30
N VAL F 294 -13.60 29.23 1.38
CA VAL F 294 -13.07 28.21 0.47
C VAL F 294 -12.47 27.06 1.27
N VAL F 295 -12.38 25.88 0.69
CA VAL F 295 -11.72 24.72 1.28
C VAL F 295 -10.82 23.96 0.32
N THR F 296 -10.75 24.39 -0.93
CA THR F 296 -9.91 23.79 -1.96
C THR F 296 -9.00 24.83 -2.59
N ALA F 297 -7.86 24.39 -3.11
CA ALA F 297 -6.97 25.27 -3.87
C ALA F 297 -7.64 25.76 -5.16
N ALA F 298 -8.47 24.95 -5.83
CA ALA F 298 -9.24 25.37 -7.00
C ALA F 298 -10.16 26.57 -6.71
N GLN F 299 -10.85 26.59 -5.57
CA GLN F 299 -11.63 27.74 -5.15
C GLN F 299 -10.74 28.95 -4.80
N ALA F 300 -9.64 28.73 -4.09
CA ALA F 300 -8.69 29.76 -3.70
C ALA F 300 -8.10 30.47 -4.93
N LYS F 301 -7.72 29.71 -5.96
CA LYS F 301 -7.23 30.23 -7.25
C LYS F 301 -8.13 31.30 -7.80
N ASN F 302 -9.43 31.03 -7.98
CA ASN F 302 -10.33 32.02 -8.57
C ASN F 302 -10.43 33.32 -7.77
N LEU F 303 -10.36 33.27 -6.45
CA LEU F 303 -10.43 34.46 -5.62
C LEU F 303 -9.10 35.21 -5.58
N ILE F 304 -7.96 34.51 -5.59
CA ILE F 304 -6.63 35.12 -5.74
C ILE F 304 -6.48 35.75 -7.13
N ASP F 305 -6.95 35.10 -8.19
CA ASP F 305 -7.08 35.69 -9.53
C ASP F 305 -8.03 36.89 -9.56
N ALA F 306 -9.15 36.88 -8.82
CA ALA F 306 -10.04 38.02 -8.67
C ALA F 306 -9.38 39.19 -7.91
N GLY F 307 -8.31 38.94 -7.17
CA GLY F 307 -7.52 39.94 -6.47
C GLY F 307 -7.74 40.01 -4.95
N VAL F 308 -8.26 38.98 -4.27
CA VAL F 308 -8.39 39.04 -2.82
C VAL F 308 -7.02 39.18 -2.13
N ASP F 309 -7.00 39.85 -1.00
CA ASP F 309 -5.84 40.10 -0.16
C ASP F 309 -5.70 39.09 1.00
N GLY F 310 -6.71 38.27 1.26
CA GLY F 310 -6.74 37.17 2.22
C GLY F 310 -7.87 36.20 1.86
N LEU F 311 -7.90 35.03 2.46
CA LEU F 311 -8.99 34.05 2.29
C LEU F 311 -9.49 33.53 3.62
N ARG F 312 -10.81 33.36 3.76
CA ARG F 312 -11.37 32.52 4.83
C ARG F 312 -11.48 31.09 4.39
N VAL F 313 -11.02 30.21 5.26
CA VAL F 313 -11.02 28.78 5.02
C VAL F 313 -11.90 28.10 6.04
N GLY F 314 -12.83 27.29 5.53
CA GLY F 314 -13.72 26.50 6.37
C GLY F 314 -15.10 26.38 5.77
N MET F 315 -15.67 25.18 5.77
CA MET F 315 -17.01 24.98 5.25
C MET F 315 -17.62 23.78 5.95
N GLY F 316 -18.66 24.03 6.72
CA GLY F 316 -19.34 23.02 7.52
C GLY F 316 -18.83 22.91 8.93
N CYS F 317 -17.52 23.06 9.15
CA CYS F 317 -16.97 23.36 10.44
C CYS F 317 -17.55 24.69 10.95
N GLY F 318 -17.57 24.86 12.25
CA GLY F 318 -18.27 25.96 12.89
C GLY F 318 -19.31 25.39 13.84
N SER F 319 -19.26 25.76 15.10
CA SER F 319 -20.10 25.21 16.16
C SER F 319 -21.59 25.19 15.81
N ILE F 320 -22.11 26.29 15.25
CA ILE F 320 -23.51 26.49 14.89
C ILE F 320 -23.87 26.03 13.47
N CYS F 321 -22.92 25.51 12.71
CA CYS F 321 -23.08 25.28 11.29
C CYS F 321 -23.68 23.89 11.02
N ILE F 322 -24.55 23.80 10.00
CA ILE F 322 -25.15 22.54 9.51
C ILE F 322 -25.17 22.47 7.97
N THR F 323 -24.30 23.19 7.27
CA THR F 323 -24.25 23.18 5.79
C THR F 323 -23.92 21.81 5.24
N GLN F 324 -23.04 21.04 5.86
CA GLN F 324 -22.70 19.67 5.44
C GLN F 324 -23.86 18.67 5.57
N GLU F 325 -24.92 19.01 6.31
CA GLU F 325 -26.10 18.17 6.49
C GLU F 325 -27.36 18.73 5.82
N VAL F 326 -27.39 20.00 5.44
CA VAL F 326 -28.47 20.59 4.63
C VAL F 326 -28.13 20.54 3.15
N MET F 327 -26.90 20.88 2.84
CA MET F 327 -26.23 20.64 1.57
C MET F 327 -25.24 19.50 1.83
N ALA F 328 -24.51 18.97 0.86
CA ALA F 328 -23.53 17.90 1.12
C ALA F 328 -22.07 18.40 1.18
N CYS F 329 -21.86 19.71 1.04
CA CYS F 329 -20.55 20.30 0.80
C CYS F 329 -19.80 20.66 2.05
N GLY F 330 -18.50 20.45 2.01
CA GLY F 330 -17.53 20.98 2.96
C GLY F 330 -16.21 20.26 2.84
N ARG F 331 -15.35 20.47 3.82
CA ARG F 331 -14.13 19.71 3.99
C ARG F 331 -13.76 19.63 5.47
N PRO F 332 -13.14 18.56 5.97
CA PRO F 332 -12.57 18.53 7.31
C PRO F 332 -11.54 19.65 7.46
N GLN F 333 -11.67 20.43 8.52
CA GLN F 333 -11.10 21.76 8.56
C GLN F 333 -9.57 21.77 8.61
N GLY F 334 -8.95 20.79 9.27
CA GLY F 334 -7.49 20.67 9.27
C GLY F 334 -6.96 20.49 7.86
N THR F 335 -7.53 19.54 7.11
CA THR F 335 -7.19 19.37 5.70
C THR F 335 -7.43 20.63 4.88
N ALA F 336 -8.56 21.31 5.04
CA ALA F 336 -8.86 22.54 4.31
C ALA F 336 -7.84 23.63 4.58
N VAL F 337 -7.49 23.87 5.85
CA VAL F 337 -6.50 24.85 6.25
C VAL F 337 -5.16 24.52 5.63
N TYR F 338 -4.66 23.30 5.77
CA TYR F 338 -3.39 22.92 5.16
C TYR F 338 -3.39 23.04 3.64
N LYS F 339 -4.40 22.48 2.95
CA LYS F 339 -4.44 22.48 1.48
C LYS F 339 -4.49 23.88 0.90
N VAL F 340 -5.37 24.72 1.45
CA VAL F 340 -5.55 26.08 0.97
C VAL F 340 -4.34 26.94 1.36
N ALA F 341 -3.83 26.88 2.58
CA ALA F 341 -2.65 27.65 2.95
C ALA F 341 -1.41 27.29 2.14
N GLU F 342 -1.19 26.01 1.83
CA GLU F 342 -0.03 25.58 1.09
C GLU F 342 -0.08 26.07 -0.36
N TYR F 343 -1.26 26.17 -0.94
CA TYR F 343 -1.46 26.83 -2.21
C TYR F 343 -1.37 28.36 -2.12
N ALA F 344 -2.10 29.02 -1.22
CA ALA F 344 -2.19 30.47 -1.12
C ALA F 344 -0.85 31.16 -0.76
N ARG F 345 0.05 30.50 -0.02
CA ARG F 345 1.38 31.04 0.32
C ARG F 345 2.26 31.31 -0.90
N ARG F 346 2.03 30.57 -2.00
CA ARG F 346 2.74 30.75 -3.28
C ARG F 346 2.44 32.10 -3.92
N PHE F 347 1.30 32.68 -3.57
CA PHE F 347 0.83 33.98 -4.01
C PHE F 347 0.96 35.06 -2.94
N GLY F 348 1.54 34.75 -1.78
CA GLY F 348 1.65 35.66 -0.66
C GLY F 348 0.34 36.01 0.03
N VAL F 349 -0.68 35.15 -0.04
CA VAL F 349 -2.06 35.44 0.41
C VAL F 349 -2.29 34.77 1.78
N PRO F 350 -2.54 35.53 2.85
CA PRO F 350 -2.76 34.96 4.17
C PRO F 350 -4.10 34.23 4.26
N ILE F 351 -4.10 33.18 5.07
CA ILE F 351 -5.26 32.34 5.34
C ILE F 351 -5.79 32.62 6.73
N ILE F 352 -7.09 32.76 6.82
CA ILE F 352 -7.83 32.69 8.06
C ILE F 352 -8.42 31.30 8.19
N ALA F 353 -8.11 30.58 9.25
CA ALA F 353 -8.81 29.36 9.60
C ALA F 353 -10.09 29.75 10.34
N ASP F 354 -11.25 29.49 9.77
CA ASP F 354 -12.53 29.97 10.26
C ASP F 354 -13.47 28.85 10.71
N GLY F 355 -13.82 28.84 11.99
CA GLY F 355 -14.83 27.94 12.54
C GLY F 355 -14.30 26.57 12.92
N GLY F 356 -14.88 25.97 13.97
CA GLY F 356 -14.41 24.72 14.55
C GLY F 356 -13.27 24.87 15.56
N ILE F 357 -12.95 26.09 15.99
CA ILE F 357 -11.95 26.38 17.02
C ILE F 357 -12.63 26.33 18.40
N GLN F 358 -12.49 25.21 19.10
CA GLN F 358 -13.12 24.98 20.41
C GLN F 358 -12.16 25.22 21.59
N THR F 359 -10.85 25.18 21.35
CA THR F 359 -9.79 25.12 22.34
C THR F 359 -8.57 25.86 21.80
N VAL F 360 -7.65 26.26 22.67
CA VAL F 360 -6.40 26.92 22.26
C VAL F 360 -5.45 26.00 21.49
N GLY F 361 -5.50 24.70 21.76
CA GLY F 361 -4.80 23.69 20.98
C GLY F 361 -5.28 23.65 19.54
N HIS F 362 -6.55 23.85 19.26
CA HIS F 362 -7.05 23.98 17.89
C HIS F 362 -6.54 25.25 17.21
N VAL F 363 -6.33 26.34 17.94
CA VAL F 363 -5.69 27.55 17.41
C VAL F 363 -4.27 27.25 16.99
N VAL F 364 -3.49 26.63 17.85
CA VAL F 364 -2.09 26.28 17.58
C VAL F 364 -2.01 25.31 16.40
N LYS F 365 -2.90 24.31 16.32
CA LYS F 365 -2.99 23.42 15.16
C LYS F 365 -3.31 24.16 13.88
N ALA F 366 -4.30 25.05 13.88
CA ALA F 366 -4.65 25.87 12.72
C ALA F 366 -3.47 26.69 12.23
N LEU F 367 -2.76 27.35 13.14
CA LEU F 367 -1.57 28.14 12.84
C LEU F 367 -0.40 27.27 12.35
N ALA F 368 -0.17 26.12 12.96
CA ALA F 368 0.81 25.15 12.54
C ALA F 368 0.53 24.61 11.15
N LEU F 369 -0.74 24.34 10.79
CA LEU F 369 -1.15 23.92 9.46
C LEU F 369 -1.04 24.99 8.38
N GLY F 370 -0.69 26.22 8.74
CA GLY F 370 -0.45 27.28 7.76
C GLY F 370 -1.46 28.39 7.79
N ALA F 371 -2.48 28.38 8.64
CA ALA F 371 -3.27 29.57 8.86
C ALA F 371 -2.38 30.69 9.37
N SER F 372 -2.56 31.87 8.83
CA SER F 372 -1.86 33.07 9.29
C SER F 372 -2.57 33.68 10.48
N THR F 373 -3.89 33.60 10.48
CA THR F 373 -4.79 34.06 11.53
C THR F 373 -5.92 33.06 11.71
N VAL F 374 -6.61 33.14 12.84
CA VAL F 374 -7.67 32.21 13.23
C VAL F 374 -8.89 33.02 13.63
N MET F 375 -10.04 32.67 13.08
CA MET F 375 -11.32 33.31 13.34
C MET F 375 -12.19 32.43 14.20
N MET F 376 -12.71 33.00 15.28
CA MET F 376 -13.54 32.34 16.28
C MET F 376 -14.91 32.96 16.36
N GLY F 377 -15.92 32.11 16.39
CA GLY F 377 -17.28 32.40 16.72
C GLY F 377 -17.61 32.03 18.15
N SER F 378 -17.98 30.78 18.36
CA SER F 378 -18.42 30.20 19.62
C SER F 378 -17.42 30.38 20.76
N LEU F 379 -16.12 30.36 20.49
CA LEU F 379 -15.10 30.58 21.51
C LEU F 379 -15.11 32.00 22.08
N LEU F 380 -15.66 32.99 21.36
CA LEU F 380 -15.81 34.37 21.82
C LEU F 380 -17.26 34.74 22.14
N ALA F 381 -18.26 33.98 21.68
CA ALA F 381 -19.63 34.08 22.13
C ALA F 381 -19.70 33.88 23.67
N ALA F 382 -20.67 34.50 24.31
CA ALA F 382 -20.79 34.52 25.77
C ALA F 382 -19.58 35.11 26.51
N THR F 383 -18.68 35.83 25.83
CA THR F 383 -17.92 36.86 26.51
C THR F 383 -18.82 38.09 26.70
N THR F 384 -18.36 38.97 27.57
CA THR F 384 -19.03 40.21 27.98
C THR F 384 -19.26 41.13 26.79
N GLU F 385 -18.27 41.24 25.91
CA GLU F 385 -18.25 42.12 24.75
C GLU F 385 -19.06 41.58 23.57
N ALA F 386 -19.47 40.30 23.61
CA ALA F 386 -20.36 39.74 22.61
C ALA F 386 -21.78 40.35 22.68
N PRO F 387 -22.48 40.57 21.55
CA PRO F 387 -23.78 41.24 21.51
C PRO F 387 -24.90 40.58 22.32
N GLY F 388 -25.89 41.36 22.73
CA GLY F 388 -27.06 40.86 23.46
C GLY F 388 -26.81 40.68 24.96
N GLU F 389 -27.60 39.82 25.59
CA GLU F 389 -27.70 39.70 27.04
C GLU F 389 -27.73 38.26 27.55
N TYR F 390 -27.27 38.07 28.79
CA TYR F 390 -27.25 36.79 29.44
C TYR F 390 -28.64 36.41 29.96
N PHE F 391 -28.91 35.12 30.03
CA PHE F 391 -30.11 34.52 30.59
C PHE F 391 -29.75 33.19 31.30
N PHE F 392 -30.62 32.72 32.20
CA PHE F 392 -30.46 31.44 32.90
C PHE F 392 -31.44 30.39 32.39
N SER F 393 -30.97 29.16 32.16
CA SER F 393 -31.82 28.01 31.77
C SER F 393 -32.02 27.01 32.93
N ASP F 394 -31.13 26.03 33.12
CA ASP F 394 -31.23 25.03 34.21
C ASP F 394 -30.63 25.52 35.54
N GLY F 395 -29.45 26.14 35.45
CA GLY F 395 -28.68 26.71 36.57
C GLY F 395 -27.35 27.35 36.13
N VAL F 396 -27.32 27.85 34.89
CA VAL F 396 -26.13 28.31 34.15
C VAL F 396 -26.51 29.61 33.46
N ARG F 397 -25.68 30.67 33.54
CA ARG F 397 -25.83 31.81 32.64
C ARG F 397 -25.26 31.53 31.28
N LEU F 398 -26.08 31.82 30.29
CA LEU F 398 -25.90 31.56 28.88
C LEU F 398 -26.08 32.88 28.14
N LYS F 399 -25.36 33.06 27.03
CA LYS F 399 -25.67 34.08 26.03
C LYS F 399 -26.01 33.31 24.75
N LYS F 400 -26.96 33.83 23.97
CA LYS F 400 -27.41 33.18 22.72
C LYS F 400 -26.30 33.28 21.66
N TYR F 401 -26.21 32.32 20.75
CA TYR F 401 -25.19 32.25 19.71
C TYR F 401 -25.77 31.63 18.43
N ARG F 402 -26.04 32.44 17.41
CA ARG F 402 -27.03 32.11 16.37
C ARG F 402 -26.48 31.28 15.23
N GLY F 403 -25.46 31.80 14.56
CA GLY F 403 -25.14 31.40 13.19
C GLY F 403 -25.94 32.24 12.20
N MET F 404 -25.28 32.80 11.20
CA MET F 404 -25.81 33.88 10.36
C MET F 404 -26.81 33.42 9.30
N GLY F 405 -26.77 32.13 8.96
CA GLY F 405 -27.79 31.41 8.21
C GLY F 405 -28.74 30.63 9.10
N SER F 406 -28.74 30.81 10.43
CA SER F 406 -29.87 30.36 11.25
C SER F 406 -31.12 31.15 10.81
N LEU F 407 -32.29 30.52 10.84
CA LEU F 407 -33.49 31.16 10.31
C LEU F 407 -33.98 32.32 11.18
N ASP F 408 -33.56 32.35 12.44
CA ASP F 408 -33.79 33.47 13.36
C ASP F 408 -32.88 34.67 13.05
N ALA F 409 -31.63 34.43 12.62
CA ALA F 409 -30.75 35.49 12.11
C ALA F 409 -31.28 36.01 10.77
N MET F 410 -31.66 35.11 9.87
CA MET F 410 -31.93 35.36 8.45
C MET F 410 -33.10 36.35 8.27
N LYS F 426 -40.00 27.12 2.03
CA LYS F 426 -39.38 26.95 0.69
C LYS F 426 -38.19 27.91 0.48
N VAL F 427 -38.43 29.23 0.38
CA VAL F 427 -37.47 30.23 -0.13
C VAL F 427 -36.33 30.65 0.82
N LYS F 428 -36.25 30.07 2.02
CA LYS F 428 -35.22 30.36 3.04
C LYS F 428 -34.67 29.06 3.64
N ILE F 429 -33.59 28.53 3.07
CA ILE F 429 -32.90 27.33 3.57
C ILE F 429 -31.97 27.70 4.74
N ALA F 430 -32.30 27.23 5.95
CA ALA F 430 -31.43 27.40 7.11
C ALA F 430 -30.10 26.65 6.97
N GLN F 431 -29.00 27.33 7.32
CA GLN F 431 -27.64 26.80 7.37
C GLN F 431 -27.03 26.79 8.79
N GLY F 432 -27.75 27.27 9.81
CA GLY F 432 -27.30 27.41 11.21
C GLY F 432 -28.40 27.13 12.25
N VAL F 433 -28.12 27.19 13.56
CA VAL F 433 -28.94 26.48 14.57
C VAL F 433 -29.30 27.18 15.89
N SER F 434 -29.07 28.49 16.08
CA SER F 434 -29.60 29.21 17.25
C SER F 434 -29.24 28.58 18.60
N GLY F 435 -27.95 28.48 18.89
CA GLY F 435 -27.43 27.91 20.11
C GLY F 435 -27.44 28.82 21.34
N SER F 436 -26.99 28.24 22.43
CA SER F 436 -26.67 28.89 23.70
C SER F 436 -25.24 28.54 24.08
N ILE F 437 -24.47 29.50 24.59
CA ILE F 437 -23.08 29.31 25.04
C ILE F 437 -22.96 29.84 26.48
N GLN F 438 -22.22 29.16 27.35
CA GLN F 438 -21.99 29.51 28.76
C GLN F 438 -20.98 30.66 28.94
N ASP F 439 -21.23 31.55 29.90
CA ASP F 439 -20.43 32.78 30.13
C ASP F 439 -18.91 32.52 30.28
N LYS F 440 -18.09 33.35 29.60
CA LYS F 440 -16.63 33.29 29.54
C LYS F 440 -15.93 34.46 30.23
N GLY F 441 -16.65 35.45 30.74
CA GLY F 441 -16.06 36.71 31.22
C GLY F 441 -15.68 37.65 30.09
N SER F 442 -14.57 38.37 30.18
CA SER F 442 -14.20 39.47 29.27
C SER F 442 -13.14 39.07 28.26
N ILE F 443 -13.29 39.47 27.01
CA ILE F 443 -12.24 39.43 25.96
C ILE F 443 -10.91 39.98 26.44
N GLN F 444 -10.90 41.04 27.24
CA GLN F 444 -9.66 41.63 27.74
C GLN F 444 -8.91 40.76 28.78
N LYS F 445 -9.53 39.69 29.28
CA LYS F 445 -8.86 38.64 30.06
C LYS F 445 -8.73 37.34 29.28
N PHE F 446 -9.78 36.91 28.57
CA PHE F 446 -9.80 35.69 27.79
C PHE F 446 -8.88 35.71 26.58
N VAL F 447 -8.72 36.81 25.84
CA VAL F 447 -7.78 36.85 24.70
C VAL F 447 -6.32 36.86 25.16
N PRO F 448 -5.91 37.50 26.27
CA PRO F 448 -4.60 37.26 26.85
C PRO F 448 -4.37 35.81 27.31
N TYR F 449 -5.42 35.10 27.75
CA TYR F 449 -5.34 33.65 27.96
C TYR F 449 -5.14 32.86 26.66
N LEU F 450 -5.86 33.16 25.57
CA LEU F 450 -5.59 32.57 24.25
C LEU F 450 -4.15 32.84 23.83
N ILE F 451 -3.68 34.08 23.90
CA ILE F 451 -2.32 34.48 23.54
C ILE F 451 -1.29 33.67 24.31
N ALA F 452 -1.39 33.58 25.63
CA ALA F 452 -0.41 32.83 26.41
C ALA F 452 -0.50 31.32 26.15
N GLY F 453 -1.68 30.76 25.89
CA GLY F 453 -1.83 29.36 25.51
C GLY F 453 -1.21 29.08 24.12
N ILE F 454 -1.34 30.01 23.17
CA ILE F 454 -0.71 29.90 21.86
C ILE F 454 0.80 29.95 21.97
N GLN F 455 1.33 30.89 22.76
CA GLN F 455 2.76 31.01 23.05
C GLN F 455 3.32 29.75 23.70
N HIS F 456 2.65 29.17 24.70
CA HIS F 456 3.11 27.94 25.32
C HIS F 456 3.02 26.74 24.38
N GLY F 457 2.01 26.70 23.49
CA GLY F 457 1.92 25.71 22.42
C GLY F 457 3.09 25.78 21.45
N CYS F 458 3.44 26.97 20.99
CA CYS F 458 4.61 27.18 20.17
C CYS F 458 5.89 26.83 20.92
N GLN F 459 5.99 27.14 22.21
CA GLN F 459 7.15 26.77 23.01
C GLN F 459 7.33 25.27 23.12
N ASP F 460 6.31 24.47 23.44
CA ASP F 460 6.40 23.01 23.44
C ASP F 460 6.85 22.44 22.10
N ILE F 461 6.41 23.05 21.00
CA ILE F 461 6.82 22.75 19.65
C ILE F 461 8.29 23.16 19.37
N GLY F 462 8.86 24.10 20.09
CA GLY F 462 10.16 24.70 19.80
C GLY F 462 10.13 25.78 18.71
N ALA F 463 8.97 26.35 18.39
CA ALA F 463 8.87 27.49 17.48
C ALA F 463 8.88 28.84 18.22
N ARG F 464 9.87 29.70 17.95
CA ARG F 464 10.02 31.05 18.54
C ARG F 464 8.99 32.07 18.07
N SER F 465 8.28 31.77 17.00
CA SER F 465 7.43 32.69 16.25
C SER F 465 6.42 31.88 15.46
N LEU F 466 5.29 32.47 15.09
CA LEU F 466 4.33 31.81 14.19
C LEU F 466 4.82 31.67 12.76
N SER F 467 5.65 32.58 12.25
CA SER F 467 6.26 32.45 10.93
C SER F 467 7.34 31.35 10.94
N VAL F 468 8.08 31.21 12.03
CA VAL F 468 8.99 30.09 12.28
C VAL F 468 8.23 28.77 12.34
N LEU F 469 7.13 28.70 13.10
CA LEU F 469 6.27 27.54 13.17
C LEU F 469 5.80 27.06 11.80
N ARG F 470 5.31 27.97 10.93
CA ARG F 470 4.90 27.63 9.57
C ARG F 470 6.07 27.21 8.70
N SER F 471 7.21 27.88 8.79
CA SER F 471 8.40 27.45 8.07
C SER F 471 8.89 26.06 8.48
N MET F 472 8.88 25.71 9.77
CA MET F 472 9.14 24.36 10.26
C MET F 472 8.13 23.38 9.70
N MET F 473 6.86 23.77 9.54
CA MET F 473 5.86 22.91 8.95
C MET F 473 6.10 22.64 7.48
N TYR F 474 6.27 23.67 6.66
CA TYR F 474 6.51 23.49 5.22
C TYR F 474 7.85 22.81 4.94
N SER F 475 8.82 23.03 5.81
CA SER F 475 10.13 22.36 5.84
C SER F 475 10.06 20.85 6.10
N GLY F 476 9.04 20.39 6.82
CA GLY F 476 8.95 19.04 7.35
C GLY F 476 9.70 18.84 8.66
N GLU F 477 10.29 19.88 9.23
CA GLU F 477 10.87 19.83 10.57
C GLU F 477 9.81 19.61 11.65
N LEU F 478 8.67 20.28 11.52
CA LEU F 478 7.53 20.06 12.40
C LEU F 478 6.89 18.71 12.09
N LYS F 479 6.68 17.91 13.13
CA LYS F 479 6.16 16.56 12.99
C LYS F 479 4.82 16.41 13.67
N PHE F 480 4.03 15.52 13.13
CA PHE F 480 2.67 15.26 13.52
C PHE F 480 2.47 13.78 13.76
N GLU F 481 1.55 13.43 14.62
CA GLU F 481 1.07 12.07 14.77
C GLU F 481 -0.44 12.08 14.53
N LYS F 482 -0.99 11.11 13.82
CA LYS F 482 -2.44 10.90 13.83
C LYS F 482 -2.87 10.38 15.20
N ARG F 483 -4.11 10.65 15.58
CA ARG F 483 -4.79 10.13 16.76
C ARG F 483 -5.89 9.19 16.31
N THR F 484 -5.87 7.96 16.77
CA THR F 484 -7.05 7.08 16.83
C THR F 484 -8.16 7.75 17.65
N MET F 485 -9.43 7.34 17.51
CA MET F 485 -10.50 7.83 18.42
C MET F 485 -10.07 7.73 19.89
N SER F 486 -9.46 6.60 20.28
CA SER F 486 -8.98 6.37 21.64
C SER F 486 -7.85 7.29 22.06
N ALA F 487 -6.97 7.76 21.17
CA ALA F 487 -6.02 8.83 21.48
C ALA F 487 -6.71 10.16 21.75
N GLN F 488 -7.82 10.44 21.10
CA GLN F 488 -8.63 11.64 21.36
C GLN F 488 -9.31 11.53 22.73
N ILE F 489 -9.81 10.35 23.10
CA ILE F 489 -10.30 10.05 24.45
C ILE F 489 -9.20 10.20 25.51
N GLU F 490 -8.00 9.66 25.26
CA GLU F 490 -6.85 9.74 26.16
C GLU F 490 -6.33 11.16 26.34
N GLY F 491 -6.38 11.99 25.30
CA GLY F 491 -5.83 13.34 25.29
C GLY F 491 -6.66 14.34 26.08
N GLY F 492 -7.99 14.22 26.05
CA GLY F 492 -8.88 15.01 26.92
C GLY F 492 -8.90 14.53 28.37
N VAL F 493 -9.61 15.26 29.24
CA VAL F 493 -9.87 14.79 30.60
C VAL F 493 -10.69 13.48 30.58
N HIS F 494 -10.28 12.46 31.33
CA HIS F 494 -10.92 11.13 31.28
C HIS F 494 -10.79 10.41 32.62
N GLY F 495 -11.61 9.40 32.89
CA GLY F 495 -11.49 8.52 34.05
C GLY F 495 -11.80 9.18 35.40
N LEU F 496 -12.30 10.41 35.39
CA LEU F 496 -12.71 11.21 36.56
C LEU F 496 -14.22 11.09 36.78
N HIS F 497 -14.66 11.07 38.04
CA HIS F 497 -16.10 11.08 38.37
C HIS F 497 -16.73 12.41 37.92
N SER F 498 -16.06 13.51 38.24
CA SER F 498 -16.42 14.88 37.89
C SER F 498 -15.14 15.70 37.80
N TYR F 499 -15.18 16.86 37.13
CA TYR F 499 -14.02 17.74 37.05
C TYR F 499 -14.40 19.21 36.96
N GLU F 500 -13.54 20.05 37.51
CA GLU F 500 -13.70 21.50 37.61
C GLU F 500 -12.70 22.17 36.66
N LYS F 501 -13.03 22.28 35.38
CA LYS F 501 -12.17 22.96 34.41
C LYS F 501 -12.04 24.44 34.78
N ARG F 502 -10.79 24.92 34.89
CA ARG F 502 -10.44 26.31 35.19
C ARG F 502 -9.36 26.76 34.21
N LEU F 503 -9.75 26.96 32.96
CA LEU F 503 -8.94 27.73 32.02
C LEU F 503 -8.97 29.20 32.47
N TYR F 504 -7.80 29.76 32.78
CA TYR F 504 -7.57 31.19 33.12
C TYR F 504 -8.17 31.72 34.44
N GLY G 1 -2.38 29.07 -15.52
CA GLY G 1 -2.14 28.72 -14.11
C GLY G 1 -2.58 27.28 -13.81
N TYR G 2 -1.98 26.68 -12.77
CA TYR G 2 -2.24 25.30 -12.39
C TYR G 2 -2.60 25.18 -10.91
N VAL G 3 -3.66 24.41 -10.65
CA VAL G 3 -4.07 23.98 -9.31
C VAL G 3 -3.91 22.47 -9.17
N PRO G 4 -3.28 21.97 -8.10
CA PRO G 4 -3.21 20.54 -7.82
C PRO G 4 -4.61 19.97 -7.62
N GLU G 5 -4.76 18.67 -7.87
CA GLU G 5 -6.06 18.00 -7.83
C GLU G 5 -6.54 17.77 -6.38
N ASP G 6 -7.56 18.49 -5.92
CA ASP G 6 -8.17 18.32 -4.59
C ASP G 6 -9.10 17.08 -4.54
N GLY G 7 -8.93 16.22 -3.55
CA GLY G 7 -9.90 15.17 -3.21
C GLY G 7 -9.94 13.92 -4.10
N LEU G 8 -10.79 12.97 -3.72
CA LEU G 8 -10.99 11.68 -4.38
C LEU G 8 -12.10 11.77 -5.41
N THR G 9 -12.04 11.03 -6.52
CA THR G 9 -13.22 10.75 -7.34
C THR G 9 -14.14 9.74 -6.64
N ALA G 10 -15.38 9.54 -7.10
CA ALA G 10 -16.23 8.48 -6.55
C ALA G 10 -15.63 7.09 -6.76
N GLN G 11 -14.95 6.86 -7.89
CA GLN G 11 -14.27 5.61 -8.17
C GLN G 11 -13.17 5.34 -7.11
N GLN G 12 -12.35 6.33 -6.75
CA GLN G 12 -11.33 6.20 -5.70
C GLN G 12 -11.92 6.11 -4.30
N LEU G 13 -12.96 6.88 -4.00
CA LEU G 13 -13.66 6.86 -2.72
C LEU G 13 -14.19 5.45 -2.41
N PHE G 14 -14.75 4.74 -3.40
CA PHE G 14 -15.26 3.38 -3.24
C PHE G 14 -14.30 2.24 -3.60
N ALA G 15 -13.19 2.48 -4.30
CA ALA G 15 -12.11 1.48 -4.46
C ALA G 15 -11.42 1.19 -3.12
N SER G 16 -11.36 2.19 -2.26
CA SER G 16 -10.99 2.06 -0.84
C SER G 16 -11.95 1.07 -0.16
N ALA G 17 -11.48 -0.04 0.39
CA ALA G 17 -12.32 -1.19 0.70
C ALA G 17 -13.40 -1.01 1.80
N ASP G 18 -13.27 -0.06 2.74
CA ASP G 18 -14.26 0.08 3.79
C ASP G 18 -15.61 0.56 3.23
N GLY G 19 -16.70 -0.07 3.62
CA GLY G 19 -18.02 0.34 3.14
C GLY G 19 -18.44 1.63 3.84
N LEU G 20 -18.78 2.63 3.06
CA LEU G 20 -19.10 3.97 3.51
C LEU G 20 -20.60 4.18 3.53
N THR G 21 -21.05 4.83 4.58
CA THR G 21 -22.34 5.51 4.68
C THR G 21 -22.26 6.91 4.14
N TYR G 22 -23.40 7.58 3.96
CA TYR G 22 -23.42 9.02 3.69
C TYR G 22 -22.67 9.85 4.72
N ASN G 23 -22.67 9.45 5.99
CA ASN G 23 -21.96 10.19 7.02
C ASN G 23 -20.43 10.12 6.86
N ASP G 24 -19.86 9.13 6.19
CA ASP G 24 -18.42 8.92 6.08
C ASP G 24 -17.69 9.78 5.06
N PHE G 25 -18.37 10.59 4.26
CA PHE G 25 -17.73 11.41 3.25
C PHE G 25 -18.43 12.74 3.08
N LEU G 26 -17.73 13.69 2.48
CA LEU G 26 -18.23 14.98 2.02
C LEU G 26 -18.03 15.09 0.52
N ILE G 27 -18.82 15.93 -0.11
CA ILE G 27 -18.55 16.39 -1.47
C ILE G 27 -17.74 17.68 -1.35
N LEU G 28 -16.69 17.82 -2.14
CA LEU G 28 -15.94 19.06 -2.21
C LEU G 28 -16.70 20.10 -3.05
N PRO G 29 -16.77 21.37 -2.63
CA PRO G 29 -17.44 22.42 -3.40
C PRO G 29 -16.76 22.71 -4.74
N GLY G 30 -17.56 23.07 -5.73
CA GLY G 30 -17.10 23.43 -7.07
C GLY G 30 -17.12 24.94 -7.32
N PHE G 31 -17.51 25.30 -8.53
CA PHE G 31 -17.69 26.70 -8.95
C PHE G 31 -19.17 27.00 -9.14
N ILE G 32 -19.62 28.12 -8.58
CA ILE G 32 -20.99 28.59 -8.71
C ILE G 32 -21.10 29.66 -9.81
N ASP G 33 -21.82 29.36 -10.89
CA ASP G 33 -22.10 30.28 -11.98
C ASP G 33 -23.60 30.51 -12.23
N PHE G 34 -24.47 30.02 -11.34
CA PHE G 34 -25.93 30.02 -11.48
C PHE G 34 -26.62 30.15 -10.12
N ILE G 35 -27.86 30.60 -10.11
CA ILE G 35 -28.72 30.70 -8.92
C ILE G 35 -29.29 29.32 -8.55
N ALA G 36 -29.44 29.01 -7.26
CA ALA G 36 -29.93 27.71 -6.81
C ALA G 36 -31.30 27.34 -7.41
N ASP G 37 -32.19 28.32 -7.60
CA ASP G 37 -33.49 28.11 -8.25
C ASP G 37 -33.39 27.67 -9.72
N GLU G 38 -32.27 27.93 -10.41
CA GLU G 38 -32.01 27.40 -11.75
C GLU G 38 -31.75 25.88 -11.74
N VAL G 39 -31.43 25.28 -10.60
CA VAL G 39 -31.05 23.86 -10.54
C VAL G 39 -32.23 22.94 -10.89
N ASP G 40 -32.07 22.16 -11.94
CA ASP G 40 -33.04 21.18 -12.42
C ASP G 40 -33.00 19.87 -11.61
N LEU G 41 -34.08 19.59 -10.88
CA LEU G 41 -34.24 18.35 -10.11
C LEU G 41 -35.00 17.23 -10.85
N THR G 42 -35.19 17.35 -12.15
CA THR G 42 -35.87 16.33 -12.97
C THR G 42 -35.16 14.99 -12.88
N SER G 43 -35.91 13.93 -12.60
CA SER G 43 -35.37 12.65 -12.12
C SER G 43 -36.08 11.48 -12.77
N ALA G 44 -35.35 10.54 -13.37
CA ALA G 44 -35.92 9.25 -13.76
C ALA G 44 -36.23 8.39 -12.53
N LEU G 45 -37.49 7.94 -12.39
CA LEU G 45 -37.90 6.96 -11.38
C LEU G 45 -37.74 5.54 -11.91
N THR G 46 -38.12 5.35 -13.17
CA THR G 46 -37.97 4.12 -13.93
C THR G 46 -37.64 4.47 -15.36
N ARG G 47 -37.34 3.49 -16.22
CA ARG G 47 -37.11 3.69 -17.66
C ARG G 47 -38.07 4.69 -18.33
N LYS G 48 -39.37 4.60 -18.04
CA LYS G 48 -40.44 5.41 -18.66
C LYS G 48 -41.08 6.50 -17.78
N ILE G 49 -40.84 6.54 -16.47
CA ILE G 49 -41.42 7.58 -15.59
C ILE G 49 -40.33 8.54 -15.15
N THR G 50 -40.54 9.82 -15.43
CA THR G 50 -39.72 10.94 -14.97
C THR G 50 -40.52 11.86 -14.06
N LEU G 51 -39.99 12.14 -12.88
CA LEU G 51 -40.52 13.05 -11.89
C LEU G 51 -39.86 14.42 -12.03
N LYS G 52 -40.54 15.51 -11.72
CA LYS G 52 -39.90 16.84 -11.66
C LYS G 52 -39.02 17.02 -10.41
N THR G 53 -38.97 16.02 -9.54
CA THR G 53 -38.25 16.05 -8.27
C THR G 53 -37.81 14.64 -7.88
N PRO G 54 -36.66 14.44 -7.22
CA PRO G 54 -36.10 13.12 -6.95
C PRO G 54 -36.83 12.32 -5.87
N LEU G 55 -37.88 12.84 -5.24
CA LEU G 55 -38.27 12.44 -3.89
C LEU G 55 -39.43 11.46 -3.89
N ILE G 56 -39.31 10.38 -3.14
CA ILE G 56 -40.27 9.30 -3.07
C ILE G 56 -40.64 9.05 -1.62
N SER G 57 -41.93 8.90 -1.32
CA SER G 57 -42.33 8.38 -0.01
C SER G 57 -42.37 6.86 -0.03
N SER G 58 -41.70 6.28 0.96
CA SER G 58 -41.55 4.85 1.09
C SER G 58 -42.88 4.11 1.33
N PRO G 59 -43.09 2.92 0.75
CA PRO G 59 -44.26 2.09 0.98
C PRO G 59 -44.31 1.47 2.37
N MET G 60 -44.60 2.27 3.37
CA MET G 60 -44.78 1.83 4.75
C MET G 60 -46.12 2.25 5.29
N ASP G 61 -46.70 1.38 6.12
CA ASP G 61 -47.93 1.52 6.90
C ASP G 61 -48.04 2.86 7.64
N THR G 62 -46.92 3.43 8.01
CA THR G 62 -46.77 4.65 8.79
C THR G 62 -46.18 5.80 7.99
N VAL G 63 -46.01 5.65 6.68
CA VAL G 63 -45.58 6.72 5.78
C VAL G 63 -46.56 6.97 4.64
N THR G 64 -46.95 5.96 3.84
CA THR G 64 -47.64 6.24 2.56
C THR G 64 -48.96 5.50 2.40
N GLU G 65 -50.04 6.19 2.71
CA GLU G 65 -51.38 5.96 2.15
C GLU G 65 -51.74 7.10 1.19
N ALA G 66 -53.00 7.26 0.78
CA ALA G 66 -53.35 8.17 -0.30
C ALA G 66 -52.97 9.62 -0.05
N ASP G 67 -53.13 10.16 1.16
CA ASP G 67 -52.84 11.57 1.46
C ASP G 67 -51.37 11.91 1.25
N MET G 68 -50.47 10.99 1.65
CA MET G 68 -49.05 11.11 1.38
C MET G 68 -48.76 10.98 -0.10
N ALA G 69 -49.32 9.97 -0.78
CA ALA G 69 -49.07 9.81 -2.20
C ALA G 69 -49.58 11.00 -3.04
N ILE G 70 -50.73 11.60 -2.69
CA ILE G 70 -51.23 12.85 -3.26
C ILE G 70 -50.22 13.96 -3.01
N ALA G 71 -49.85 14.21 -1.76
CA ALA G 71 -48.97 15.32 -1.43
C ALA G 71 -47.58 15.16 -2.06
N MET G 72 -47.06 13.94 -2.16
CA MET G 72 -45.81 13.67 -2.85
C MET G 72 -45.93 13.94 -4.34
N ALA G 73 -46.94 13.36 -5.01
CA ALA G 73 -47.14 13.59 -6.44
C ALA G 73 -47.36 15.06 -6.76
N LEU G 74 -48.14 15.80 -5.96
CA LEU G 74 -48.33 17.24 -6.13
C LEU G 74 -47.02 18.04 -6.01
N MET G 75 -46.18 17.71 -5.03
CA MET G 75 -44.85 18.31 -4.88
C MET G 75 -43.83 17.80 -5.92
N GLY G 76 -44.22 16.98 -6.89
CA GLY G 76 -43.37 16.53 -7.99
C GLY G 76 -42.51 15.33 -7.68
N GLY G 77 -42.74 14.68 -6.54
CA GLY G 77 -42.22 13.36 -6.22
C GLY G 77 -43.24 12.29 -6.58
N ILE G 78 -43.26 11.18 -5.86
CA ILE G 78 -44.30 10.14 -5.97
C ILE G 78 -44.43 9.44 -4.62
N GLY G 79 -45.59 8.88 -4.30
CA GLY G 79 -45.72 7.96 -3.18
C GLY G 79 -45.99 6.54 -3.64
N PHE G 80 -45.33 5.56 -3.03
CA PHE G 80 -45.68 4.17 -3.22
C PHE G 80 -46.55 3.75 -2.06
N ILE G 81 -47.81 3.41 -2.33
CA ILE G 81 -48.75 3.03 -1.29
C ILE G 81 -48.39 1.67 -0.74
N HIS G 82 -48.32 1.57 0.59
CA HIS G 82 -47.96 0.37 1.31
C HIS G 82 -48.94 -0.79 1.09
N HIS G 83 -48.53 -2.02 1.39
CA HIS G 83 -49.32 -3.24 1.19
C HIS G 83 -49.61 -4.00 2.49
N ASN G 84 -49.35 -3.41 3.66
CA ASN G 84 -49.75 -3.93 4.97
C ASN G 84 -51.22 -3.57 5.28
N CYS G 85 -52.08 -3.91 4.33
CA CYS G 85 -53.51 -3.67 4.28
C CYS G 85 -54.12 -4.67 3.28
N THR G 86 -55.44 -4.85 3.26
CA THR G 86 -56.07 -5.75 2.30
C THR G 86 -55.85 -5.25 0.86
N PRO G 87 -55.87 -6.13 -0.15
CA PRO G 87 -55.83 -5.73 -1.55
C PRO G 87 -56.85 -4.64 -1.89
N GLU G 88 -58.09 -4.77 -1.44
CA GLU G 88 -59.17 -3.83 -1.73
C GLU G 88 -58.93 -2.46 -1.10
N PHE G 89 -58.41 -2.41 0.13
CA PHE G 89 -57.99 -1.17 0.78
C PHE G 89 -56.91 -0.48 -0.02
N GLN G 90 -55.85 -1.21 -0.39
CA GLN G 90 -54.75 -0.64 -1.12
C GLN G 90 -55.17 -0.06 -2.48
N ALA G 91 -55.98 -0.80 -3.23
CA ALA G 91 -56.50 -0.35 -4.50
C ALA G 91 -57.40 0.87 -4.34
N ASN G 92 -58.18 0.99 -3.26
CA ASN G 92 -58.92 2.20 -2.95
C ASN G 92 -58.01 3.40 -2.58
N GLU G 93 -56.92 3.19 -1.86
CA GLU G 93 -55.93 4.24 -1.63
C GLU G 93 -55.29 4.69 -2.96
N VAL G 94 -54.95 3.76 -3.86
CA VAL G 94 -54.49 4.11 -5.22
C VAL G 94 -55.55 4.89 -5.99
N ARG G 95 -56.81 4.44 -5.98
CA ARG G 95 -57.95 5.13 -6.61
C ARG G 95 -58.08 6.56 -6.11
N LYS G 96 -57.97 6.81 -4.80
CA LYS G 96 -57.98 8.17 -4.24
C LYS G 96 -56.87 9.07 -4.78
N VAL G 97 -55.66 8.54 -5.02
CA VAL G 97 -54.59 9.30 -5.72
C VAL G 97 -54.94 9.55 -7.17
N LYS G 98 -55.32 8.51 -7.93
CA LYS G 98 -55.63 8.63 -9.36
C LYS G 98 -56.85 9.52 -9.62
N LYS G 99 -57.82 9.63 -8.70
CA LYS G 99 -58.97 10.53 -8.80
C LYS G 99 -58.73 11.96 -8.32
N PHE G 100 -57.63 12.28 -7.63
CA PHE G 100 -57.47 13.59 -6.99
C PHE G 100 -57.43 14.78 -7.96
N GLU G 101 -56.65 14.68 -9.04
CA GLU G 101 -56.55 15.67 -10.11
C GLU G 101 -56.90 14.94 -11.41
N GLN G 102 -57.61 15.60 -12.31
CA GLN G 102 -58.18 14.99 -13.51
C GLN G 102 -58.05 15.87 -14.73
N GLY G 103 -57.70 15.29 -15.88
CA GLY G 103 -57.96 15.88 -17.19
C GLY G 103 -59.45 15.73 -17.52
N PHE G 104 -59.79 14.94 -18.54
CA PHE G 104 -61.14 14.44 -18.71
C PHE G 104 -61.52 13.46 -17.60
N ILE G 105 -62.55 13.76 -16.81
CA ILE G 105 -63.19 12.76 -15.95
C ILE G 105 -64.05 11.90 -16.89
N THR G 106 -63.54 10.74 -17.28
CA THR G 106 -64.20 9.75 -18.18
C THR G 106 -65.27 8.90 -17.50
N ASP G 107 -65.39 9.01 -16.19
CA ASP G 107 -66.28 8.20 -15.36
C ASP G 107 -66.69 8.97 -14.10
N PRO G 108 -67.30 10.17 -14.22
CA PRO G 108 -67.74 10.96 -13.08
C PRO G 108 -68.85 10.26 -12.31
N VAL G 109 -69.04 10.65 -11.06
CA VAL G 109 -70.24 10.32 -10.31
C VAL G 109 -71.43 11.02 -10.97
N VAL G 110 -72.38 10.21 -11.48
CA VAL G 110 -73.62 10.62 -12.15
C VAL G 110 -74.83 10.12 -11.36
N LEU G 111 -75.94 10.86 -11.44
CA LEU G 111 -77.25 10.46 -10.90
C LEU G 111 -78.34 10.71 -11.94
N SER G 112 -79.49 10.05 -11.78
CA SER G 112 -80.69 10.29 -12.60
C SER G 112 -81.44 11.51 -12.10
N PRO G 113 -82.18 12.25 -12.95
CA PRO G 113 -83.08 13.29 -12.46
C PRO G 113 -84.13 12.77 -11.48
N SER G 114 -84.36 11.46 -11.43
CA SER G 114 -85.21 10.77 -10.45
C SER G 114 -84.63 10.74 -9.03
N HIS G 115 -83.31 10.86 -8.85
CA HIS G 115 -82.66 10.91 -7.53
C HIS G 115 -82.96 12.21 -6.77
N THR G 116 -82.97 12.13 -5.44
CA THR G 116 -83.22 13.28 -4.53
C THR G 116 -81.94 14.04 -4.18
N VAL G 117 -82.05 15.28 -3.68
CA VAL G 117 -80.91 16.02 -3.12
C VAL G 117 -80.19 15.26 -1.99
N GLY G 118 -80.89 14.38 -1.26
CA GLY G 118 -80.25 13.50 -0.29
C GLY G 118 -79.24 12.53 -0.93
N ASP G 119 -79.43 12.14 -2.18
CA ASP G 119 -78.47 11.31 -2.93
C ASP G 119 -77.23 12.11 -3.33
N VAL G 120 -77.37 13.42 -3.56
CA VAL G 120 -76.22 14.33 -3.74
C VAL G 120 -75.46 14.48 -2.43
N LEU G 121 -76.14 14.64 -1.29
CA LEU G 121 -75.50 14.63 0.03
C LEU G 121 -74.80 13.30 0.34
N GLU G 122 -75.40 12.17 0.00
CA GLU G 122 -74.76 10.85 0.16
C GLU G 122 -73.49 10.76 -0.69
N ALA G 123 -73.57 11.16 -1.96
CA ALA G 123 -72.41 11.20 -2.85
C ALA G 123 -71.33 12.17 -2.34
N LYS G 124 -71.68 13.37 -1.86
CA LYS G 124 -70.71 14.28 -1.25
C LYS G 124 -70.06 13.64 -0.02
N MET G 125 -70.83 13.04 0.88
CA MET G 125 -70.29 12.39 2.07
C MET G 125 -69.31 11.25 1.74
N ARG G 126 -69.60 10.40 0.75
CA ARG G 126 -68.72 9.26 0.42
C ARG G 126 -67.61 9.56 -0.60
N HIS G 127 -67.84 10.43 -1.59
CA HIS G 127 -66.88 10.76 -2.66
C HIS G 127 -66.14 12.09 -2.45
N GLY G 128 -66.61 12.95 -1.58
CA GLY G 128 -65.97 14.23 -1.29
C GLY G 128 -66.33 15.39 -2.21
N PHE G 129 -67.12 15.18 -3.27
CA PHE G 129 -67.52 16.26 -4.21
C PHE G 129 -69.02 16.25 -4.49
N SER G 130 -69.64 17.43 -4.53
CA SER G 130 -71.06 17.64 -4.84
C SER G 130 -71.36 17.87 -6.32
N GLY G 131 -70.36 18.10 -7.17
CA GLY G 131 -70.55 18.34 -8.60
C GLY G 131 -70.92 17.06 -9.34
N ILE G 132 -72.21 16.86 -9.62
CA ILE G 132 -72.74 15.62 -10.20
C ILE G 132 -73.51 15.94 -11.48
N PRO G 133 -72.99 15.63 -12.68
CA PRO G 133 -73.81 15.69 -13.89
C PRO G 133 -74.96 14.70 -13.80
N ILE G 134 -76.13 15.12 -14.27
CA ILE G 134 -77.36 14.36 -14.18
C ILE G 134 -77.72 13.85 -15.58
N THR G 135 -77.79 12.53 -15.75
CA THR G 135 -78.11 11.89 -17.02
C THR G 135 -79.36 11.05 -16.86
N GLU G 136 -80.18 10.92 -17.89
CA GLU G 136 -81.53 10.37 -17.76
C GLU G 136 -81.56 8.96 -17.12
N THR G 137 -80.65 8.07 -17.56
CA THR G 137 -80.49 6.72 -17.00
C THR G 137 -79.83 6.70 -15.61
N GLY G 138 -79.21 7.80 -15.18
CA GLY G 138 -78.41 7.86 -13.95
C GLY G 138 -77.10 7.09 -14.00
N THR G 139 -76.62 6.79 -15.21
CA THR G 139 -75.38 6.07 -15.53
C THR G 139 -74.68 6.78 -16.69
N MET G 140 -73.38 6.53 -16.87
CA MET G 140 -72.48 7.49 -17.51
C MET G 140 -72.86 7.87 -18.94
N GLY G 141 -72.86 6.92 -19.88
CA GLY G 141 -73.07 7.18 -21.31
C GLY G 141 -74.49 7.52 -21.77
N SER G 142 -75.29 8.11 -20.89
CA SER G 142 -76.71 8.45 -21.10
C SER G 142 -76.89 9.94 -21.43
N LYS G 143 -78.06 10.35 -21.96
CA LYS G 143 -78.36 11.73 -22.33
C LYS G 143 -78.40 12.66 -21.14
N LEU G 144 -77.67 13.77 -21.26
CA LEU G 144 -77.48 14.76 -20.20
C LEU G 144 -78.75 15.60 -19.96
N VAL G 145 -79.26 15.62 -18.73
CA VAL G 145 -80.49 16.33 -18.32
C VAL G 145 -80.18 17.62 -17.57
N GLY G 146 -79.07 17.67 -16.85
CA GLY G 146 -78.67 18.84 -16.07
C GLY G 146 -77.39 18.61 -15.30
N ILE G 147 -77.02 19.55 -14.45
CA ILE G 147 -75.88 19.51 -13.55
C ILE G 147 -76.34 20.00 -12.17
N VAL G 148 -75.91 19.35 -11.09
CA VAL G 148 -76.17 19.77 -9.70
C VAL G 148 -74.86 19.91 -8.94
N THR G 149 -74.71 20.98 -8.14
CA THR G 149 -73.57 21.22 -7.25
C THR G 149 -74.00 21.69 -5.86
N SER G 150 -73.04 21.81 -4.94
CA SER G 150 -73.22 22.40 -3.63
C SER G 150 -73.86 23.80 -3.64
N ARG G 151 -73.75 24.62 -4.70
CA ARG G 151 -74.55 25.86 -4.81
C ARG G 151 -76.01 25.59 -5.10
N ASP G 152 -76.32 24.60 -5.93
CA ASP G 152 -77.69 24.20 -6.26
C ASP G 152 -78.43 23.59 -5.07
N ILE G 153 -77.71 22.90 -4.17
CA ILE G 153 -78.24 22.33 -2.93
C ILE G 153 -77.81 23.16 -1.70
N VAL G 168 -84.20 21.94 -8.69
CA VAL G 168 -82.84 22.13 -8.11
C VAL G 168 -81.71 22.26 -9.14
N MET G 169 -81.59 21.38 -10.14
CA MET G 169 -80.49 21.40 -11.12
C MET G 169 -80.37 22.69 -11.91
N THR G 170 -79.18 22.98 -12.43
CA THR G 170 -79.06 23.79 -13.64
C THR G 170 -79.39 22.86 -14.83
N PRO G 171 -80.46 23.12 -15.62
CA PRO G 171 -80.96 22.21 -16.64
C PRO G 171 -80.09 22.20 -17.90
N ARG G 172 -80.15 21.12 -18.71
CA ARG G 172 -79.24 20.98 -19.86
C ARG G 172 -79.40 22.07 -20.91
N ILE G 173 -80.61 22.62 -21.03
CA ILE G 173 -80.96 23.73 -21.93
C ILE G 173 -80.29 25.07 -21.54
N GLU G 174 -79.57 25.14 -20.41
CA GLU G 174 -78.86 26.34 -19.96
C GLU G 174 -77.35 26.12 -19.75
N LEU G 175 -76.91 24.87 -19.58
CA LEU G 175 -75.49 24.58 -19.29
C LEU G 175 -74.57 24.75 -20.52
N VAL G 176 -73.32 25.15 -20.27
CA VAL G 176 -72.25 25.28 -21.24
C VAL G 176 -71.60 23.93 -21.49
N VAL G 177 -71.27 23.62 -22.74
CA VAL G 177 -70.87 22.27 -23.15
C VAL G 177 -69.76 22.29 -24.20
N ALA G 178 -69.04 21.18 -24.35
CA ALA G 178 -68.13 20.97 -25.46
C ALA G 178 -68.40 19.61 -26.14
N PRO G 179 -68.17 19.49 -27.47
CA PRO G 179 -68.45 18.24 -28.20
C PRO G 179 -67.42 17.15 -27.90
N ALA G 180 -67.85 15.90 -27.90
CA ALA G 180 -66.95 14.74 -27.85
C ALA G 180 -65.89 14.80 -28.98
N GLY G 181 -64.65 14.38 -28.70
CA GLY G 181 -63.51 14.53 -29.61
C GLY G 181 -62.79 15.90 -29.52
N VAL G 182 -63.28 16.83 -28.69
CA VAL G 182 -62.50 18.00 -28.23
C VAL G 182 -61.21 17.55 -27.52
N THR G 183 -60.08 18.20 -27.74
CA THR G 183 -58.84 17.91 -26.99
C THR G 183 -58.84 18.62 -25.64
N LEU G 184 -58.08 18.16 -24.64
CA LEU G 184 -58.15 18.74 -23.29
C LEU G 184 -57.81 20.24 -23.27
N LYS G 185 -56.81 20.67 -24.04
CA LYS G 185 -56.42 22.08 -24.21
C LYS G 185 -57.56 22.95 -24.76
N GLU G 186 -58.40 22.44 -25.66
CA GLU G 186 -59.58 23.15 -26.16
C GLU G 186 -60.66 23.23 -25.08
N ALA G 187 -60.96 22.12 -24.39
CA ALA G 187 -61.95 22.10 -23.33
C ALA G 187 -61.53 22.99 -22.14
N ASN G 188 -60.23 23.07 -21.80
CA ASN G 188 -59.70 24.02 -20.83
C ASN G 188 -60.07 25.44 -21.22
N GLU G 189 -59.77 25.85 -22.46
CA GLU G 189 -60.05 27.17 -22.99
C GLU G 189 -61.56 27.45 -23.00
N ILE G 190 -62.41 26.47 -23.35
CA ILE G 190 -63.87 26.60 -23.26
C ILE G 190 -64.29 26.85 -21.81
N LEU G 191 -63.84 26.04 -20.83
CA LEU G 191 -64.12 26.24 -19.41
C LEU G 191 -63.59 27.57 -18.87
N GLN G 192 -62.43 28.03 -19.34
CA GLN G 192 -61.80 29.28 -18.93
C GLN G 192 -62.56 30.51 -19.42
N ARG G 193 -63.06 30.50 -20.67
CA ARG G 193 -63.94 31.56 -21.20
C ARG G 193 -65.34 31.49 -20.60
N SER G 194 -65.86 30.28 -20.40
CA SER G 194 -67.19 29.99 -19.82
C SER G 194 -67.42 30.58 -18.44
N LYS G 195 -66.35 30.72 -17.63
CA LYS G 195 -66.40 31.15 -16.22
C LYS G 195 -67.22 30.25 -15.27
N LYS G 196 -67.64 29.05 -15.72
CA LYS G 196 -68.25 28.01 -14.89
C LYS G 196 -67.21 27.11 -14.22
N GLY G 197 -67.62 26.39 -13.18
CA GLY G 197 -66.80 25.46 -12.44
C GLY G 197 -66.77 24.05 -13.00
N LYS G 198 -67.68 23.65 -13.89
CA LYS G 198 -67.65 22.37 -14.63
C LYS G 198 -67.88 22.59 -16.12
N LEU G 199 -67.46 21.64 -16.95
CA LEU G 199 -67.82 21.60 -18.37
C LEU G 199 -68.08 20.15 -18.80
N PRO G 200 -69.33 19.74 -19.00
CA PRO G 200 -69.65 18.47 -19.62
C PRO G 200 -69.15 18.39 -21.05
N ILE G 201 -68.79 17.18 -21.45
CA ILE G 201 -68.37 16.82 -22.80
C ILE G 201 -69.42 15.85 -23.34
N VAL G 202 -70.05 16.17 -24.46
CA VAL G 202 -71.22 15.44 -24.96
C VAL G 202 -71.07 15.06 -26.41
N ASN G 203 -71.49 13.85 -26.78
CA ASN G 203 -71.50 13.42 -28.17
C ASN G 203 -72.67 14.04 -28.99
N ASP G 204 -72.80 13.64 -30.25
CA ASP G 204 -73.85 14.14 -31.17
C ASP G 204 -75.28 13.90 -30.63
N CYS G 205 -75.47 12.90 -29.79
CA CYS G 205 -76.73 12.52 -29.14
C CYS G 205 -76.98 13.26 -27.80
N ASP G 206 -76.15 14.25 -27.44
CA ASP G 206 -76.14 14.90 -26.11
C ASP G 206 -75.93 13.93 -24.94
N GLU G 207 -75.28 12.80 -25.17
CA GLU G 207 -74.89 11.86 -24.12
C GLU G 207 -73.52 12.22 -23.57
N LEU G 208 -73.41 12.15 -22.25
CA LEU G 208 -72.22 12.53 -21.51
C LEU G 208 -71.10 11.53 -21.72
N VAL G 209 -69.98 11.96 -22.30
CA VAL G 209 -68.81 11.08 -22.53
C VAL G 209 -67.68 11.37 -21.54
N ALA G 210 -67.61 12.59 -21.03
CA ALA G 210 -66.67 13.03 -20.01
C ALA G 210 -67.17 14.34 -19.37
N ILE G 211 -66.55 14.76 -18.28
CA ILE G 211 -66.70 16.12 -17.72
C ILE G 211 -65.33 16.63 -17.27
N ILE G 212 -65.14 17.95 -17.17
CA ILE G 212 -63.92 18.54 -16.59
C ILE G 212 -64.31 19.58 -15.54
N ALA G 213 -63.41 19.91 -14.61
CA ALA G 213 -63.67 20.83 -13.51
C ALA G 213 -62.62 21.93 -13.42
N ARG G 214 -63.05 23.15 -13.09
CA ARG G 214 -62.18 24.32 -12.90
C ARG G 214 -61.18 24.10 -11.77
N THR G 215 -61.52 23.28 -10.79
CA THR G 215 -60.61 22.94 -9.70
C THR G 215 -59.39 22.13 -10.16
N ASP G 216 -59.50 21.34 -11.21
CA ASP G 216 -58.31 20.75 -11.82
C ASP G 216 -57.41 21.76 -12.50
N LEU G 217 -57.94 22.78 -13.17
CA LEU G 217 -57.10 23.88 -13.65
C LEU G 217 -56.43 24.61 -12.48
N LYS G 218 -57.13 24.80 -11.36
CA LYS G 218 -56.59 25.44 -10.17
C LYS G 218 -55.53 24.57 -9.49
N LYS G 219 -55.69 23.25 -9.42
CA LYS G 219 -54.66 22.32 -8.94
C LYS G 219 -53.43 22.36 -9.85
N ASN G 220 -53.63 22.31 -11.17
CA ASN G 220 -52.60 22.52 -12.16
C ASN G 220 -51.82 23.83 -11.89
N ARG G 221 -52.52 24.94 -11.69
CA ARG G 221 -51.91 26.25 -11.43
C ARG G 221 -51.11 26.26 -10.12
N ASP G 222 -51.68 25.72 -9.05
CA ASP G 222 -51.11 25.77 -7.70
C ASP G 222 -49.96 24.76 -7.50
N TYR G 223 -49.86 23.72 -8.33
CA TYR G 223 -48.87 22.65 -8.22
C TYR G 223 -48.09 22.46 -9.54
N PRO G 224 -47.17 23.38 -9.90
CA PRO G 224 -46.43 23.32 -11.16
C PRO G 224 -45.50 22.10 -11.29
N LEU G 225 -45.03 21.57 -10.16
CA LEU G 225 -44.14 20.41 -10.15
C LEU G 225 -44.88 19.08 -10.28
N ALA G 226 -46.22 19.04 -10.24
CA ALA G 226 -46.94 17.80 -10.01
C ALA G 226 -46.64 16.68 -11.00
N SER G 227 -46.40 15.50 -10.44
CA SER G 227 -46.14 14.26 -11.17
C SER G 227 -47.44 13.68 -11.69
N LYS G 228 -47.69 13.85 -12.99
CA LYS G 228 -48.92 13.46 -13.67
C LYS G 228 -48.70 12.49 -14.83
N ASP G 229 -49.68 11.65 -15.11
CA ASP G 229 -49.75 10.86 -16.34
C ASP G 229 -50.30 11.68 -17.52
N SER G 230 -50.41 11.07 -18.70
CA SER G 230 -50.97 11.66 -19.91
C SER G 230 -52.42 12.13 -19.77
N GLN G 231 -53.22 11.44 -18.95
CA GLN G 231 -54.58 11.82 -18.57
C GLN G 231 -54.63 12.92 -17.48
N LYS G 232 -53.50 13.52 -17.11
CA LYS G 232 -53.36 14.56 -16.09
C LYS G 232 -53.75 14.10 -14.68
N GLN G 233 -53.83 12.80 -14.45
CA GLN G 233 -54.00 12.24 -13.12
C GLN G 233 -52.66 12.18 -12.41
N LEU G 234 -52.67 12.29 -11.07
CA LEU G 234 -51.44 12.12 -10.30
C LEU G 234 -50.87 10.73 -10.50
N LEU G 235 -49.56 10.62 -10.61
CA LEU G 235 -48.89 9.33 -10.60
C LEU G 235 -48.98 8.70 -9.22
N CYS G 236 -49.21 7.40 -9.17
CA CYS G 236 -49.21 6.66 -7.94
C CYS G 236 -48.39 5.39 -8.10
N GLY G 237 -47.56 5.08 -7.11
CA GLY G 237 -46.93 3.78 -6.99
C GLY G 237 -47.70 2.91 -6.02
N ALA G 238 -47.46 1.62 -6.02
CA ALA G 238 -47.88 0.72 -4.95
C ALA G 238 -46.88 -0.39 -4.71
N ALA G 239 -46.71 -0.81 -3.48
CA ALA G 239 -45.98 -2.01 -3.17
C ALA G 239 -46.83 -3.26 -3.40
N VAL G 240 -46.21 -4.36 -3.79
CA VAL G 240 -46.77 -5.70 -3.66
C VAL G 240 -45.67 -6.65 -3.20
N GLY G 241 -46.03 -7.74 -2.53
CA GLY G 241 -45.09 -8.83 -2.26
C GLY G 241 -44.86 -9.69 -3.50
N THR G 242 -44.24 -10.85 -3.33
CA THR G 242 -43.89 -11.78 -4.42
C THR G 242 -44.58 -13.14 -4.26
N ARG G 243 -45.66 -13.21 -3.45
CA ARG G 243 -46.45 -14.43 -3.23
C ARG G 243 -47.41 -14.71 -4.39
N GLU G 244 -48.12 -15.84 -4.35
CA GLU G 244 -49.30 -16.02 -5.19
C GLU G 244 -50.42 -15.04 -4.83
N ASP G 245 -50.65 -14.79 -3.54
CA ASP G 245 -51.66 -13.85 -3.04
C ASP G 245 -51.51 -12.44 -3.68
N ASP G 246 -50.28 -12.04 -3.97
CA ASP G 246 -49.95 -10.75 -4.55
C ASP G 246 -50.41 -10.58 -6.00
N LYS G 247 -50.68 -11.66 -6.73
CA LYS G 247 -51.24 -11.56 -8.09
C LYS G 247 -52.65 -10.98 -8.09
N TYR G 248 -53.47 -11.33 -7.10
CA TYR G 248 -54.80 -10.72 -6.94
C TYR G 248 -54.70 -9.23 -6.57
N ARG G 249 -53.84 -8.90 -5.60
CA ARG G 249 -53.50 -7.52 -5.23
C ARG G 249 -53.08 -6.69 -6.42
N LEU G 250 -52.13 -7.18 -7.21
CA LEU G 250 -51.69 -6.52 -8.43
C LEU G 250 -52.81 -6.30 -9.45
N ASP G 251 -53.73 -7.25 -9.60
CA ASP G 251 -54.88 -7.06 -10.47
C ASP G 251 -55.80 -5.92 -10.00
N LEU G 252 -56.07 -5.81 -8.70
CA LEU G 252 -56.80 -4.69 -8.16
C LEU G 252 -56.07 -3.35 -8.35
N LEU G 253 -54.76 -3.32 -8.09
CA LEU G 253 -53.96 -2.09 -8.23
C LEU G 253 -53.89 -1.61 -9.67
N THR G 254 -53.82 -2.53 -10.63
CA THR G 254 -53.84 -2.18 -12.06
C THR G 254 -55.23 -1.81 -12.55
N GLN G 255 -56.31 -2.36 -11.98
CA GLN G 255 -57.67 -1.83 -12.20
C GLN G 255 -57.84 -0.42 -11.62
N ALA G 256 -57.31 -0.16 -10.42
CA ALA G 256 -57.28 1.16 -9.81
C ALA G 256 -56.45 2.19 -10.58
N GLY G 257 -55.60 1.75 -11.51
CA GLY G 257 -54.82 2.61 -12.40
C GLY G 257 -53.43 2.98 -11.88
N VAL G 258 -52.83 2.15 -11.03
CA VAL G 258 -51.45 2.37 -10.55
C VAL G 258 -50.45 2.44 -11.72
N ASP G 259 -49.49 3.36 -11.64
CA ASP G 259 -48.52 3.62 -12.71
C ASP G 259 -47.24 2.79 -12.58
N VAL G 260 -46.84 2.52 -11.35
CA VAL G 260 -45.61 1.79 -11.04
C VAL G 260 -45.79 0.90 -9.83
N ILE G 261 -45.24 -0.29 -9.90
CA ILE G 261 -45.21 -1.27 -8.83
C ILE G 261 -43.79 -1.33 -8.27
N VAL G 262 -43.65 -1.35 -6.96
CA VAL G 262 -42.40 -1.79 -6.33
C VAL G 262 -42.61 -3.15 -5.70
N LEU G 263 -41.76 -4.10 -6.02
CA LEU G 263 -41.74 -5.41 -5.36
C LEU G 263 -41.07 -5.26 -4.01
N ASP G 264 -41.81 -5.45 -2.94
CA ASP G 264 -41.36 -5.16 -1.59
C ASP G 264 -40.68 -6.38 -0.96
N SER G 265 -39.36 -6.31 -0.82
CA SER G 265 -38.53 -7.34 -0.20
C SER G 265 -37.28 -6.69 0.39
N SER G 266 -36.69 -7.24 1.44
CA SER G 266 -35.39 -6.79 1.94
C SER G 266 -34.23 -7.34 1.12
N GLN G 267 -34.42 -8.43 0.38
CA GLN G 267 -33.41 -9.10 -0.44
C GLN G 267 -34.07 -9.53 -1.75
N GLY G 268 -34.05 -8.63 -2.75
CA GLY G 268 -34.78 -8.80 -4.00
C GLY G 268 -34.22 -9.81 -4.98
N ASN G 269 -32.99 -10.30 -4.77
CA ASN G 269 -32.37 -11.28 -5.64
C ASN G 269 -32.83 -12.69 -5.31
N SER G 270 -34.06 -13.00 -5.67
CA SER G 270 -34.67 -14.29 -5.36
C SER G 270 -35.39 -14.82 -6.58
N VAL G 271 -35.51 -16.15 -6.69
CA VAL G 271 -36.34 -16.79 -7.71
C VAL G 271 -37.77 -16.27 -7.66
N TYR G 272 -38.32 -16.01 -6.47
CA TYR G 272 -39.69 -15.54 -6.27
C TYR G 272 -39.88 -14.13 -6.82
N GLN G 273 -38.94 -13.23 -6.58
CA GLN G 273 -39.03 -11.91 -7.15
C GLN G 273 -38.83 -11.92 -8.66
N ILE G 274 -37.86 -12.66 -9.18
CA ILE G 274 -37.62 -12.76 -10.62
C ILE G 274 -38.86 -13.31 -11.33
N ALA G 275 -39.45 -14.37 -10.79
CA ALA G 275 -40.70 -14.94 -11.25
C ALA G 275 -41.84 -13.91 -11.22
N MET G 276 -41.94 -13.11 -10.16
CA MET G 276 -42.93 -12.04 -10.09
C MET G 276 -42.69 -10.97 -11.16
N VAL G 277 -41.48 -10.46 -11.35
CA VAL G 277 -41.18 -9.50 -12.43
C VAL G 277 -41.57 -10.07 -13.79
N HIS G 278 -41.21 -11.32 -14.09
CA HIS G 278 -41.60 -11.99 -15.33
C HIS G 278 -43.11 -12.03 -15.48
N TYR G 279 -43.87 -12.42 -14.44
CA TYR G 279 -45.33 -12.43 -14.48
C TYR G 279 -45.92 -11.03 -14.76
N ILE G 280 -45.48 -10.00 -14.05
CA ILE G 280 -45.97 -8.64 -14.26
C ILE G 280 -45.70 -8.18 -15.68
N LYS G 281 -44.48 -8.34 -16.19
CA LYS G 281 -44.10 -7.91 -17.54
C LYS G 281 -44.86 -8.68 -18.64
N GLN G 282 -45.33 -9.90 -18.38
CA GLN G 282 -46.20 -10.62 -19.32
C GLN G 282 -47.64 -10.08 -19.25
N LYS G 283 -48.25 -10.07 -18.06
CA LYS G 283 -49.69 -9.76 -17.92
C LYS G 283 -50.00 -8.27 -18.06
N TYR G 284 -49.15 -7.40 -17.51
CA TYR G 284 -49.33 -5.96 -17.44
C TYR G 284 -48.17 -5.22 -18.12
N PRO G 285 -47.93 -5.39 -19.43
CA PRO G 285 -46.71 -4.93 -20.08
C PRO G 285 -46.50 -3.40 -20.05
N HIS G 286 -47.57 -2.62 -19.87
CA HIS G 286 -47.54 -1.17 -19.72
C HIS G 286 -47.02 -0.70 -18.34
N LEU G 287 -47.06 -1.58 -17.34
CA LEU G 287 -46.81 -1.27 -15.94
C LEU G 287 -45.32 -1.20 -15.66
N GLN G 288 -44.87 -0.15 -15.00
CA GLN G 288 -43.48 -0.02 -14.58
C GLN G 288 -43.20 -0.83 -13.32
N VAL G 289 -42.10 -1.57 -13.28
CA VAL G 289 -41.75 -2.43 -12.13
C VAL G 289 -40.42 -2.04 -11.56
N ILE G 290 -40.38 -1.81 -10.25
CA ILE G 290 -39.20 -1.53 -9.48
C ILE G 290 -38.86 -2.76 -8.66
N GLY G 291 -37.64 -3.24 -8.81
CA GLY G 291 -37.15 -4.46 -8.18
C GLY G 291 -36.62 -4.31 -6.79
N GLY G 292 -37.32 -4.89 -5.86
CA GLY G 292 -36.80 -5.38 -4.61
C GLY G 292 -36.20 -4.44 -3.64
N ASN G 293 -35.13 -4.91 -3.05
CA ASN G 293 -34.03 -4.15 -2.55
C ASN G 293 -32.77 -4.92 -2.93
N VAL G 294 -31.78 -4.25 -3.48
CA VAL G 294 -30.49 -4.84 -3.85
C VAL G 294 -29.38 -3.95 -3.33
N VAL G 295 -28.20 -4.49 -3.10
CA VAL G 295 -27.02 -3.72 -2.70
C VAL G 295 -25.76 -4.08 -3.48
N THR G 296 -25.84 -5.05 -4.38
CA THR G 296 -24.71 -5.49 -5.21
C THR G 296 -25.09 -5.46 -6.69
N ALA G 297 -24.11 -5.30 -7.57
CA ALA G 297 -24.33 -5.41 -9.00
C ALA G 297 -24.79 -6.82 -9.39
N ALA G 298 -24.29 -7.88 -8.75
CA ALA G 298 -24.74 -9.24 -8.97
C ALA G 298 -26.25 -9.44 -8.75
N GLN G 299 -26.81 -8.85 -7.69
CA GLN G 299 -28.24 -8.83 -7.46
C GLN G 299 -28.99 -7.98 -8.50
N ALA G 300 -28.45 -6.81 -8.83
CA ALA G 300 -29.03 -5.91 -9.82
C ALA G 300 -29.13 -6.58 -11.20
N LYS G 301 -28.09 -7.28 -11.65
CA LYS G 301 -28.06 -8.04 -12.91
C LYS G 301 -29.27 -8.95 -13.06
N ASN G 302 -29.58 -9.78 -12.07
CA ASN G 302 -30.69 -10.71 -12.18
C ASN G 302 -32.05 -10.02 -12.33
N LEU G 303 -32.27 -8.89 -11.65
CA LEU G 303 -33.52 -8.16 -11.77
C LEU G 303 -33.59 -7.36 -13.07
N ILE G 304 -32.48 -6.83 -13.57
CA ILE G 304 -32.41 -6.18 -14.88
C ILE G 304 -32.62 -7.21 -15.99
N ASP G 305 -32.01 -8.40 -15.89
CA ASP G 305 -32.30 -9.54 -16.75
C ASP G 305 -33.77 -9.98 -16.67
N ALA G 306 -34.38 -9.99 -15.49
CA ALA G 306 -35.82 -10.26 -15.34
C ALA G 306 -36.70 -9.18 -15.98
N GLY G 307 -36.16 -7.99 -16.24
CA GLY G 307 -36.84 -6.91 -16.94
C GLY G 307 -37.33 -5.76 -16.06
N VAL G 308 -36.81 -5.56 -14.85
CA VAL G 308 -37.23 -4.39 -14.05
C VAL G 308 -36.89 -3.07 -14.73
N ASP G 309 -37.74 -2.07 -14.47
CA ASP G 309 -37.62 -0.73 -14.99
C ASP G 309 -36.92 0.24 -14.02
N GLY G 310 -36.72 -0.16 -12.78
CA GLY G 310 -35.96 0.55 -11.76
C GLY G 310 -35.53 -0.42 -10.66
N LEU G 311 -34.64 -0.01 -9.77
CA LEU G 311 -34.21 -0.81 -8.62
C LEU G 311 -34.27 0.02 -7.34
N ARG G 312 -34.67 -0.58 -6.22
CA ARG G 312 -34.40 0.02 -4.90
C ARG G 312 -33.12 -0.52 -4.34
N VAL G 313 -32.32 0.39 -3.82
CA VAL G 313 -31.01 0.09 -3.28
C VAL G 313 -31.03 0.40 -1.81
N GLY G 314 -30.62 -0.57 -1.02
CA GLY G 314 -30.49 -0.43 0.41
C GLY G 314 -30.86 -1.71 1.13
N MET G 315 -30.08 -2.10 2.12
CA MET G 315 -30.36 -3.26 2.93
C MET G 315 -29.75 -3.06 4.30
N GLY G 316 -30.59 -2.97 5.32
CA GLY G 316 -30.15 -2.76 6.69
C GLY G 316 -30.10 -1.30 7.11
N CYS G 317 -29.71 -0.41 6.21
CA CYS G 317 -30.01 1.00 6.32
C CYS G 317 -31.53 1.20 6.37
N GLY G 318 -31.96 2.29 6.98
CA GLY G 318 -33.37 2.50 7.28
C GLY G 318 -33.54 2.70 8.76
N SER G 319 -34.11 3.81 9.19
CA SER G 319 -34.23 4.21 10.59
C SER G 319 -34.75 3.10 11.50
N ILE G 320 -35.82 2.42 11.07
CA ILE G 320 -36.53 1.36 11.80
C ILE G 320 -35.98 -0.05 11.55
N CYS G 321 -34.98 -0.19 10.69
CA CYS G 321 -34.52 -1.48 10.22
C CYS G 321 -33.52 -2.12 11.19
N ILE G 322 -33.61 -3.45 11.36
CA ILE G 322 -32.66 -4.27 12.14
C ILE G 322 -32.27 -5.57 11.43
N THR G 323 -32.36 -5.64 10.09
CA THR G 323 -31.99 -6.86 9.34
C THR G 323 -30.53 -7.24 9.49
N GLN G 324 -29.61 -6.29 9.62
CA GLN G 324 -28.16 -6.57 9.77
C GLN G 324 -27.84 -7.22 11.11
N GLU G 325 -28.74 -7.15 12.10
CA GLU G 325 -28.58 -7.72 13.44
C GLU G 325 -29.49 -8.93 13.69
N VAL G 326 -30.47 -9.19 12.83
CA VAL G 326 -31.31 -10.40 12.91
C VAL G 326 -30.85 -11.41 11.88
N MET G 327 -30.91 -11.04 10.62
CA MET G 327 -30.03 -11.60 9.61
C MET G 327 -28.61 -11.00 9.78
N ALA G 328 -27.61 -11.33 8.98
CA ALA G 328 -26.32 -10.62 8.99
C ALA G 328 -26.04 -9.81 7.70
N CYS G 329 -27.01 -9.74 6.79
CA CYS G 329 -26.84 -9.16 5.48
C CYS G 329 -27.12 -7.68 5.43
N GLY G 330 -26.33 -7.01 4.62
CA GLY G 330 -26.60 -5.68 4.11
C GLY G 330 -25.37 -5.12 3.45
N ARG G 331 -25.36 -3.82 3.25
CA ARG G 331 -24.19 -3.07 2.81
C ARG G 331 -24.29 -1.63 3.30
N PRO G 332 -23.19 -0.95 3.63
CA PRO G 332 -23.21 0.49 3.89
C PRO G 332 -23.82 1.23 2.70
N GLN G 333 -24.78 2.11 2.96
CA GLN G 333 -25.70 2.54 1.92
C GLN G 333 -25.05 3.41 0.85
N GLY G 334 -24.07 4.24 1.19
CA GLY G 334 -23.31 5.03 0.22
C GLY G 334 -22.65 4.11 -0.80
N THR G 335 -21.90 3.12 -0.33
CA THR G 335 -21.30 2.11 -1.19
C THR G 335 -22.33 1.37 -2.03
N ALA G 336 -23.45 0.94 -1.46
CA ALA G 336 -24.49 0.25 -2.21
C ALA G 336 -25.07 1.11 -3.33
N VAL G 337 -25.42 2.36 -3.05
CA VAL G 337 -25.93 3.29 -4.04
C VAL G 337 -24.93 3.48 -5.17
N TYR G 338 -23.67 3.78 -4.86
CA TYR G 338 -22.66 3.93 -5.89
C TYR G 338 -22.44 2.67 -6.71
N LYS G 339 -22.22 1.51 -6.08
CA LYS G 339 -21.94 0.25 -6.79
C LYS G 339 -23.08 -0.15 -7.70
N VAL G 340 -24.31 -0.12 -7.21
CA VAL G 340 -25.47 -0.52 -7.98
C VAL G 340 -25.78 0.49 -9.07
N ALA G 341 -25.73 1.80 -8.80
CA ALA G 341 -25.98 2.80 -9.82
C ALA G 341 -24.94 2.79 -10.94
N GLU G 342 -23.67 2.58 -10.63
CA GLU G 342 -22.61 2.54 -11.64
C GLU G 342 -22.81 1.33 -12.56
N TYR G 343 -23.32 0.22 -12.04
CA TYR G 343 -23.72 -0.92 -12.85
C TYR G 343 -25.02 -0.69 -13.63
N ALA G 344 -26.11 -0.32 -12.96
CA ALA G 344 -27.43 -0.16 -13.55
C ALA G 344 -27.52 0.92 -14.63
N ARG G 345 -26.67 1.97 -14.59
CA ARG G 345 -26.65 3.01 -15.63
C ARG G 345 -26.24 2.49 -17.01
N ARG G 346 -25.47 1.39 -17.06
CA ARG G 346 -25.06 0.71 -18.30
C ARG G 346 -26.26 0.12 -19.05
N PHE G 347 -27.34 -0.15 -18.33
CA PHE G 347 -28.58 -0.72 -18.82
C PHE G 347 -29.70 0.31 -18.90
N GLY G 348 -29.44 1.59 -18.57
CA GLY G 348 -30.44 2.65 -18.54
C GLY G 348 -31.47 2.52 -17.42
N VAL G 349 -31.13 1.83 -16.33
CA VAL G 349 -32.07 1.50 -15.24
C VAL G 349 -31.86 2.49 -14.08
N PRO G 350 -32.85 3.31 -13.72
CA PRO G 350 -32.72 4.24 -12.61
C PRO G 350 -32.68 3.54 -11.25
N ILE G 351 -31.94 4.14 -10.34
CA ILE G 351 -31.76 3.68 -8.95
C ILE G 351 -32.53 4.58 -8.01
N ILE G 352 -33.23 3.95 -7.08
CA ILE G 352 -33.75 4.58 -5.89
C ILE G 352 -32.81 4.27 -4.75
N ALA G 353 -32.25 5.29 -4.11
CA ALA G 353 -31.57 5.11 -2.82
C ALA G 353 -32.63 5.07 -1.73
N ASP G 354 -32.79 3.95 -1.07
CA ASP G 354 -33.88 3.69 -0.12
C ASP G 354 -33.37 3.49 1.31
N GLY G 355 -33.77 4.39 2.22
CA GLY G 355 -33.56 4.25 3.65
C GLY G 355 -32.21 4.77 4.14
N GLY G 356 -32.19 5.28 5.37
CA GLY G 356 -31.02 5.94 5.94
C GLY G 356 -30.85 7.41 5.53
N ILE G 357 -31.87 8.01 4.93
CA ILE G 357 -31.90 9.43 4.56
C ILE G 357 -32.41 10.24 5.76
N GLN G 358 -31.51 10.71 6.61
CA GLN G 358 -31.85 11.47 7.83
C GLN G 358 -31.92 12.99 7.58
N THR G 359 -31.26 13.49 6.55
CA THR G 359 -31.00 14.92 6.31
C THR G 359 -31.01 15.19 4.81
N VAL G 360 -31.15 16.44 4.40
CA VAL G 360 -31.12 16.84 2.98
C VAL G 360 -29.73 16.66 2.36
N GLY G 361 -28.66 16.80 3.14
CA GLY G 361 -27.30 16.48 2.74
C GLY G 361 -27.15 15.01 2.35
N HIS G 362 -27.82 14.09 3.04
CA HIS G 362 -27.86 12.68 2.63
C HIS G 362 -28.61 12.47 1.32
N VAL G 363 -29.66 13.24 1.04
CA VAL G 363 -30.32 13.21 -0.27
C VAL G 363 -29.36 13.62 -1.37
N VAL G 364 -28.65 14.73 -1.18
CA VAL G 364 -27.69 15.24 -2.16
C VAL G 364 -26.54 14.25 -2.36
N LYS G 365 -26.03 13.64 -1.30
CA LYS G 365 -25.05 12.55 -1.38
C LYS G 365 -25.58 11.35 -2.15
N ALA G 366 -26.78 10.88 -1.85
CA ALA G 366 -27.39 9.78 -2.57
C ALA G 366 -27.48 10.06 -4.07
N LEU G 367 -27.94 11.25 -4.44
CA LEU G 367 -28.06 11.68 -5.83
C LEU G 367 -26.70 11.86 -6.51
N ALA G 368 -25.74 12.44 -5.81
CA ALA G 368 -24.38 12.56 -6.27
C ALA G 368 -23.73 11.20 -6.51
N LEU G 369 -23.96 10.21 -5.65
CA LEU G 369 -23.46 8.85 -5.81
C LEU G 369 -24.12 8.06 -6.95
N GLY G 370 -25.14 8.61 -7.61
CA GLY G 370 -25.72 8.01 -8.79
C GLY G 370 -27.15 7.57 -8.62
N ALA G 371 -27.76 7.72 -7.45
CA ALA G 371 -29.19 7.53 -7.33
C ALA G 371 -29.92 8.52 -8.22
N SER G 372 -30.92 8.05 -8.94
CA SER G 372 -31.77 8.89 -9.77
C SER G 372 -32.87 9.53 -8.93
N THR G 373 -33.36 8.81 -7.95
CA THR G 373 -34.39 9.22 -7.01
C THR G 373 -34.05 8.71 -5.62
N VAL G 374 -34.65 9.27 -4.59
CA VAL G 374 -34.39 8.96 -3.19
C VAL G 374 -35.69 8.68 -2.48
N MET G 375 -35.75 7.56 -1.77
CA MET G 375 -36.91 7.13 -1.03
C MET G 375 -36.70 7.32 0.46
N MET G 376 -37.65 8.00 1.08
CA MET G 376 -37.64 8.33 2.50
C MET G 376 -38.80 7.69 3.24
N GLY G 377 -38.48 7.11 4.38
CA GLY G 377 -39.40 6.65 5.39
C GLY G 377 -39.53 7.64 6.53
N SER G 378 -38.64 7.54 7.51
CA SER G 378 -38.58 8.34 8.73
C SER G 378 -38.56 9.84 8.49
N LEU G 379 -37.94 10.31 7.42
CA LEU G 379 -37.90 11.74 7.11
C LEU G 379 -39.29 12.31 6.75
N LEU G 380 -40.22 11.48 6.30
CA LEU G 380 -41.60 11.87 5.98
C LEU G 380 -42.61 11.37 7.02
N ALA G 381 -42.24 10.41 7.85
CA ALA G 381 -43.02 10.05 9.02
C ALA G 381 -43.21 11.26 9.94
N ALA G 382 -44.33 11.31 10.65
CA ALA G 382 -44.72 12.47 11.47
C ALA G 382 -44.88 13.79 10.71
N THR G 383 -44.95 13.75 9.38
CA THR G 383 -45.69 14.78 8.65
C THR G 383 -47.20 14.55 8.83
N THR G 384 -47.96 15.58 8.50
CA THR G 384 -49.42 15.63 8.63
C THR G 384 -50.09 14.57 7.75
N GLU G 385 -49.56 14.36 6.55
CA GLU G 385 -50.06 13.45 5.53
C GLU G 385 -49.70 11.99 5.77
N ALA G 386 -48.75 11.71 6.67
CA ALA G 386 -48.42 10.37 7.08
C ALA G 386 -49.59 9.70 7.85
N PRO G 387 -49.86 8.40 7.70
CA PRO G 387 -51.00 7.71 8.30
C PRO G 387 -51.08 7.76 9.82
N GLY G 388 -52.29 7.63 10.37
CA GLY G 388 -52.51 7.54 11.81
C GLY G 388 -52.56 8.91 12.49
N GLU G 389 -52.30 8.93 13.79
CA GLU G 389 -52.55 10.11 14.64
C GLU G 389 -51.40 10.42 15.59
N TYR G 390 -51.31 11.71 15.94
CA TYR G 390 -50.32 12.19 16.87
C TYR G 390 -50.70 11.86 18.32
N PHE G 391 -49.70 11.75 19.18
CA PHE G 391 -49.80 11.53 20.62
C PHE G 391 -48.64 12.22 21.34
N PHE G 392 -48.72 12.36 22.66
CA PHE G 392 -47.69 12.97 23.49
C PHE G 392 -47.09 11.97 24.50
N SER G 393 -45.78 12.03 24.71
CA SER G 393 -45.07 11.29 25.76
C SER G 393 -44.61 12.19 26.92
N ASP G 394 -43.32 12.54 27.01
CA ASP G 394 -42.81 13.37 28.13
C ASP G 394 -43.21 14.86 28.00
N GLY G 395 -43.25 15.36 26.77
CA GLY G 395 -43.60 16.75 26.42
C GLY G 395 -43.42 17.04 24.92
N VAL G 396 -43.55 15.99 24.09
CA VAL G 396 -43.18 15.96 22.67
C VAL G 396 -44.36 15.43 21.86
N ARG G 397 -44.72 16.10 20.76
CA ARG G 397 -45.73 15.62 19.81
C ARG G 397 -45.09 14.60 18.88
N LEU G 398 -45.62 13.39 18.89
CA LEU G 398 -45.06 12.22 18.22
C LEU G 398 -46.10 11.58 17.31
N LYS G 399 -45.68 10.96 16.22
CA LYS G 399 -46.47 10.01 15.43
C LYS G 399 -45.72 8.68 15.36
N LYS G 400 -46.43 7.56 15.29
CA LYS G 400 -45.85 6.20 15.16
C LYS G 400 -45.09 6.06 13.83
N TYR G 401 -44.04 5.24 13.83
CA TYR G 401 -43.28 4.88 12.63
C TYR G 401 -42.74 3.45 12.75
N ARG G 402 -43.33 2.50 12.02
CA ARG G 402 -43.27 1.07 12.37
C ARG G 402 -42.06 0.34 11.80
N GLY G 403 -41.91 0.37 10.50
CA GLY G 403 -41.12 -0.64 9.78
C GLY G 403 -42.01 -1.84 9.45
N MET G 404 -42.03 -2.25 8.19
CA MET G 404 -43.03 -3.18 7.66
C MET G 404 -42.82 -4.64 8.06
N GLY G 405 -41.60 -4.97 8.49
CA GLY G 405 -41.22 -6.20 9.18
C GLY G 405 -41.16 -6.03 10.69
N SER G 406 -41.61 -4.93 11.27
CA SER G 406 -41.91 -4.90 12.70
C SER G 406 -43.05 -5.87 12.99
N LEU G 407 -43.02 -6.53 14.14
CA LEU G 407 -43.99 -7.60 14.40
C LEU G 407 -45.42 -7.06 14.65
N ASP G 408 -45.53 -5.78 14.97
CA ASP G 408 -46.80 -5.06 15.06
C ASP G 408 -47.38 -4.72 13.67
N ALA G 409 -46.54 -4.45 12.67
CA ALA G 409 -46.95 -4.36 11.27
C ALA G 409 -47.31 -5.76 10.71
N MET G 410 -46.51 -6.78 11.03
CA MET G 410 -46.47 -8.06 10.35
C MET G 410 -47.86 -8.74 10.25
N LYS G 426 -41.33 -18.21 16.80
CA LYS G 426 -40.61 -18.95 15.72
C LYS G 426 -40.97 -18.45 14.31
N VAL G 427 -42.19 -18.69 13.83
CA VAL G 427 -42.58 -18.54 12.41
C VAL G 427 -42.75 -17.10 11.88
N LYS G 428 -42.51 -16.07 12.70
CA LYS G 428 -42.53 -14.64 12.31
C LYS G 428 -41.28 -13.94 12.87
N ILE G 429 -40.21 -13.88 12.08
CA ILE G 429 -38.97 -13.16 12.43
C ILE G 429 -39.18 -11.67 12.18
N ALA G 430 -39.06 -10.85 13.23
CA ALA G 430 -39.10 -9.40 13.11
C ALA G 430 -37.84 -8.84 12.43
N GLN G 431 -38.03 -7.91 11.50
CA GLN G 431 -36.97 -7.17 10.80
C GLN G 431 -37.01 -5.66 11.07
N GLY G 432 -37.97 -5.17 11.86
CA GLY G 432 -38.20 -3.74 12.15
C GLY G 432 -38.64 -3.50 13.60
N VAL G 433 -38.87 -2.24 14.03
CA VAL G 433 -38.83 -1.90 15.47
C VAL G 433 -39.87 -0.93 16.06
N SER G 434 -40.96 -0.55 15.38
CA SER G 434 -42.06 0.18 16.03
C SER G 434 -41.63 1.44 16.80
N GLY G 435 -41.04 2.40 16.09
CA GLY G 435 -40.59 3.64 16.67
C GLY G 435 -41.64 4.73 16.77
N SER G 436 -41.17 5.88 17.23
CA SER G 436 -41.89 7.16 17.25
C SER G 436 -41.02 8.25 16.64
N ILE G 437 -41.62 9.18 15.88
CA ILE G 437 -40.95 10.31 15.22
C ILE G 437 -41.69 11.60 15.63
N GLN G 438 -40.96 12.69 15.85
CA GLN G 438 -41.46 14.00 16.26
C GLN G 438 -42.07 14.79 15.08
N ASP G 439 -43.17 15.50 15.33
CA ASP G 439 -43.96 16.21 14.30
C ASP G 439 -43.14 17.14 13.40
N LYS G 440 -43.40 17.07 12.08
CA LYS G 440 -42.71 17.81 11.02
C LYS G 440 -43.57 18.85 10.29
N GLY G 441 -44.86 18.93 10.59
CA GLY G 441 -45.81 19.72 9.77
C GLY G 441 -46.19 19.02 8.46
N SER G 442 -46.37 19.76 7.37
CA SER G 442 -46.98 19.27 6.13
C SER G 442 -45.94 18.99 5.03
N ILE G 443 -46.08 17.87 4.34
CA ILE G 443 -45.38 17.56 3.08
C ILE G 443 -45.38 18.72 2.09
N GLN G 444 -46.47 19.48 1.98
CA GLN G 444 -46.56 20.60 1.04
C GLN G 444 -45.70 21.82 1.44
N LYS G 445 -45.12 21.82 2.64
CA LYS G 445 -44.09 22.79 3.07
C LYS G 445 -42.71 22.11 3.23
N PHE G 446 -42.67 20.92 3.81
CA PHE G 446 -41.43 20.18 4.02
C PHE G 446 -40.78 19.69 2.72
N VAL G 447 -41.54 19.24 1.72
CA VAL G 447 -40.92 18.80 0.45
C VAL G 447 -40.39 19.97 -0.38
N PRO G 448 -41.00 21.16 -0.41
CA PRO G 448 -40.34 22.36 -0.91
C PRO G 448 -39.07 22.77 -0.15
N TYR G 449 -38.99 22.53 1.17
CA TYR G 449 -37.74 22.64 1.91
C TYR G 449 -36.68 21.62 1.46
N LEU G 450 -37.04 20.34 1.28
CA LEU G 450 -36.13 19.36 0.71
C LEU G 450 -35.65 19.80 -0.68
N ILE G 451 -36.55 20.19 -1.58
CA ILE G 451 -36.24 20.66 -2.93
C ILE G 451 -35.25 21.81 -2.90
N ALA G 452 -35.50 22.85 -2.12
CA ALA G 452 -34.60 23.98 -2.05
C ALA G 452 -33.24 23.62 -1.41
N GLY G 453 -33.19 22.71 -0.42
CA GLY G 453 -31.94 22.23 0.13
C GLY G 453 -31.13 21.38 -0.86
N ILE G 454 -31.79 20.58 -1.69
CA ILE G 454 -31.15 19.82 -2.76
C ILE G 454 -30.59 20.75 -3.82
N GLN G 455 -31.35 21.77 -4.24
CA GLN G 455 -30.89 22.78 -5.17
C GLN G 455 -29.68 23.56 -4.65
N HIS G 456 -29.70 24.00 -3.39
CA HIS G 456 -28.55 24.67 -2.81
C HIS G 456 -27.34 23.73 -2.66
N GLY G 457 -27.54 22.44 -2.38
CA GLY G 457 -26.46 21.45 -2.37
C GLY G 457 -25.83 21.27 -3.72
N CYS G 458 -26.62 21.14 -4.77
CA CYS G 458 -26.12 21.11 -6.13
C CYS G 458 -25.43 22.41 -6.50
N GLN G 459 -25.93 23.57 -6.06
CA GLN G 459 -25.30 24.84 -6.33
C GLN G 459 -23.92 24.95 -5.69
N ASP G 460 -23.74 24.61 -4.41
CA ASP G 460 -22.39 24.58 -3.79
C ASP G 460 -21.43 23.66 -4.50
N ILE G 461 -21.91 22.54 -5.01
CA ILE G 461 -21.18 21.61 -5.86
C ILE G 461 -20.85 22.19 -7.24
N GLY G 462 -21.59 23.18 -7.73
CA GLY G 462 -21.49 23.67 -9.09
C GLY G 462 -22.22 22.83 -10.14
N ALA G 463 -23.15 21.96 -9.75
CA ALA G 463 -23.99 21.20 -10.68
C ALA G 463 -25.33 21.92 -10.99
N ARG G 464 -25.60 22.25 -12.25
CA ARG G 464 -26.86 22.93 -12.68
C ARG G 464 -28.10 22.04 -12.67
N SER G 465 -27.91 20.74 -12.54
CA SER G 465 -28.92 19.71 -12.74
C SER G 465 -28.48 18.44 -12.04
N LEU G 466 -29.38 17.55 -11.69
CA LEU G 466 -29.03 16.24 -11.13
C LEU G 466 -28.39 15.30 -12.14
N SER G 467 -28.71 15.40 -13.42
CA SER G 467 -28.04 14.62 -14.47
C SER G 467 -26.63 15.15 -14.72
N VAL G 468 -26.43 16.46 -14.66
CA VAL G 468 -25.11 17.10 -14.64
C VAL G 468 -24.31 16.66 -13.41
N LEU G 469 -24.87 16.71 -12.20
CA LEU G 469 -24.24 16.22 -10.98
C LEU G 469 -23.72 14.79 -11.13
N ARG G 470 -24.56 13.86 -11.62
CA ARG G 470 -24.15 12.49 -11.86
C ARG G 470 -23.11 12.35 -12.97
N SER G 471 -23.19 13.11 -14.04
CA SER G 471 -22.17 13.11 -15.08
C SER G 471 -20.82 13.62 -14.57
N MET G 472 -20.80 14.67 -13.72
CA MET G 472 -19.60 15.14 -13.03
C MET G 472 -19.03 14.06 -12.12
N MET G 473 -19.87 13.28 -11.45
CA MET G 473 -19.42 12.17 -10.63
C MET G 473 -18.79 11.05 -11.45
N TYR G 474 -19.46 10.53 -12.47
CA TYR G 474 -18.91 9.46 -13.30
C TYR G 474 -17.67 9.90 -14.07
N SER G 475 -17.60 11.17 -14.44
CA SER G 475 -16.46 11.85 -15.05
C SER G 475 -15.22 11.94 -14.14
N GLY G 476 -15.44 11.97 -12.82
CA GLY G 476 -14.40 12.25 -11.84
C GLY G 476 -14.16 13.75 -11.62
N GLU G 477 -14.95 14.62 -12.23
CA GLU G 477 -14.95 16.05 -11.96
C GLU G 477 -15.43 16.35 -10.53
N LEU G 478 -16.50 15.69 -10.11
CA LEU G 478 -17.01 15.77 -8.74
C LEU G 478 -16.03 15.08 -7.79
N LYS G 479 -15.60 15.77 -6.75
CA LYS G 479 -14.61 15.29 -5.81
C LYS G 479 -15.21 15.13 -4.43
N PHE G 480 -14.68 14.17 -3.70
CA PHE G 480 -15.13 13.76 -2.39
C PHE G 480 -13.97 13.74 -1.42
N GLU G 481 -14.25 13.94 -0.15
CA GLU G 481 -13.29 13.71 0.91
C GLU G 481 -13.88 12.69 1.88
N LYS G 482 -13.11 11.73 2.35
CA LYS G 482 -13.53 10.92 3.49
C LYS G 482 -13.55 11.79 4.77
N ARG G 483 -14.44 11.48 5.71
CA ARG G 483 -14.50 12.07 7.06
C ARG G 483 -14.05 11.04 8.07
N THR G 484 -13.06 11.37 8.88
CA THR G 484 -12.83 10.71 10.19
C THR G 484 -14.08 10.85 11.05
N MET G 485 -14.29 10.04 12.09
CA MET G 485 -15.43 10.27 13.00
C MET G 485 -15.43 11.69 13.57
N SER G 486 -14.26 12.25 13.89
CA SER G 486 -14.11 13.64 14.34
C SER G 486 -14.51 14.69 13.30
N ALA G 487 -14.37 14.43 12.00
CA ALA G 487 -14.95 15.29 10.97
C ALA G 487 -16.47 15.23 10.94
N GLN G 488 -17.09 14.12 11.34
CA GLN G 488 -18.53 13.99 11.46
C GLN G 488 -19.04 14.77 12.69
N ILE G 489 -18.30 14.71 13.80
CA ILE G 489 -18.52 15.56 14.98
C ILE G 489 -18.34 17.06 14.64
N GLU G 490 -17.29 17.45 13.92
CA GLU G 490 -17.03 18.83 13.47
C GLU G 490 -18.10 19.34 12.50
N GLY G 491 -18.61 18.50 11.61
CA GLY G 491 -19.56 18.86 10.57
C GLY G 491 -20.97 19.18 11.09
N GLY G 492 -21.46 18.39 12.04
CA GLY G 492 -22.71 18.67 12.75
C GLY G 492 -22.62 19.82 13.77
N VAL G 493 -23.74 20.22 14.36
CA VAL G 493 -23.74 21.18 15.46
C VAL G 493 -22.95 20.61 16.65
N HIS G 494 -22.08 21.42 17.25
CA HIS G 494 -21.16 20.96 18.32
C HIS G 494 -20.73 22.12 19.23
N GLY G 495 -20.23 21.82 20.43
CA GLY G 495 -19.69 22.82 21.38
C GLY G 495 -20.72 23.81 21.95
N LEU G 496 -22.02 23.55 21.74
CA LEU G 496 -23.17 24.33 22.21
C LEU G 496 -23.78 23.68 23.46
N HIS G 497 -24.16 24.47 24.46
CA HIS G 497 -24.86 23.99 25.66
C HIS G 497 -26.26 23.45 25.30
N SER G 498 -26.99 24.25 24.50
CA SER G 498 -28.35 24.06 24.00
C SER G 498 -28.37 24.53 22.55
N TYR G 499 -29.17 23.89 21.68
CA TYR G 499 -29.33 24.32 20.31
C TYR G 499 -30.76 24.17 19.81
N GLU G 500 -31.21 25.11 19.00
CA GLU G 500 -32.59 25.31 18.59
C GLU G 500 -32.69 25.14 17.08
N LYS G 501 -32.68 23.89 16.61
CA LYS G 501 -32.74 23.60 15.17
C LYS G 501 -34.04 24.12 14.58
N ARG G 502 -33.95 24.91 13.51
CA ARG G 502 -35.07 25.46 12.75
C ARG G 502 -34.78 25.29 11.27
N LEU G 503 -34.83 24.05 10.80
CA LEU G 503 -34.95 23.76 9.38
C LEU G 503 -36.34 24.24 8.93
N TYR G 504 -36.38 25.17 7.98
CA TYR G 504 -37.59 25.66 7.27
C TYR G 504 -38.65 26.45 8.06
N GLY H 1 -23.47 -12.45 -19.76
CA GLY H 1 -23.18 -11.13 -19.17
C GLY H 1 -22.15 -11.21 -18.07
N TYR H 2 -21.55 -10.06 -17.71
CA TYR H 2 -20.51 -9.98 -16.68
C TYR H 2 -20.87 -8.95 -15.61
N VAL H 3 -20.71 -9.34 -14.35
CA VAL H 3 -20.75 -8.46 -13.18
C VAL H 3 -19.39 -8.37 -12.53
N PRO H 4 -18.92 -7.17 -12.20
CA PRO H 4 -17.70 -6.99 -11.43
C PRO H 4 -17.84 -7.60 -10.03
N GLU H 5 -16.73 -7.96 -9.42
CA GLU H 5 -16.69 -8.71 -8.17
C GLU H 5 -17.00 -7.79 -6.97
N ASP H 6 -18.21 -7.88 -6.38
CA ASP H 6 -18.58 -7.12 -5.17
C ASP H 6 -17.92 -7.67 -3.90
N GLY H 7 -17.31 -6.80 -3.07
CA GLY H 7 -16.89 -7.12 -1.71
C GLY H 7 -15.62 -7.94 -1.56
N LEU H 8 -15.23 -8.15 -0.31
CA LEU H 8 -14.05 -8.88 0.13
C LEU H 8 -14.38 -10.34 0.38
N THR H 9 -13.45 -11.26 0.14
CA THR H 9 -13.54 -12.62 0.71
C THR H 9 -13.22 -12.61 2.20
N ALA H 10 -13.51 -13.68 2.95
CA ALA H 10 -13.06 -13.75 4.34
C ALA H 10 -11.53 -13.68 4.46
N GLN H 11 -10.79 -14.30 3.54
CA GLN H 11 -9.34 -14.22 3.51
C GLN H 11 -8.87 -12.77 3.36
N GLN H 12 -9.46 -11.95 2.50
CA GLN H 12 -9.12 -10.52 2.35
C GLN H 12 -9.59 -9.66 3.52
N LEU H 13 -10.79 -9.93 4.05
CA LEU H 13 -11.34 -9.25 5.20
C LEU H 13 -10.38 -9.38 6.39
N PHE H 14 -9.79 -10.54 6.62
CA PHE H 14 -8.86 -10.80 7.73
C PHE H 14 -7.38 -10.68 7.39
N ALA H 15 -6.96 -10.62 6.13
CA ALA H 15 -5.58 -10.27 5.77
C ALA H 15 -5.27 -8.80 6.10
N SER H 16 -6.30 -7.94 6.00
CA SER H 16 -6.31 -6.57 6.53
C SER H 16 -5.96 -6.56 8.03
N ALA H 17 -4.95 -5.82 8.46
CA ALA H 17 -4.33 -6.05 9.78
C ALA H 17 -5.20 -5.77 11.01
N ASP H 18 -6.25 -4.94 10.93
CA ASP H 18 -7.02 -4.60 12.12
C ASP H 18 -7.88 -5.78 12.58
N GLY H 19 -7.92 -6.06 13.87
CA GLY H 19 -8.74 -7.15 14.38
C GLY H 19 -10.21 -6.72 14.43
N LEU H 20 -11.07 -7.51 13.81
CA LEU H 20 -12.48 -7.19 13.62
C LEU H 20 -13.34 -7.97 14.61
N THR H 21 -14.32 -7.28 15.16
CA THR H 21 -15.49 -7.86 15.81
C THR H 21 -16.57 -8.19 14.80
N TYR H 22 -17.59 -8.92 15.22
CA TYR H 22 -18.80 -9.08 14.42
C TYR H 22 -19.44 -7.75 14.00
N ASN H 23 -19.35 -6.71 14.82
CA ASN H 23 -19.91 -5.41 14.49
C ASN H 23 -19.19 -4.72 13.33
N ASP H 24 -17.92 -5.02 13.07
CA ASP H 24 -17.08 -4.36 12.06
C ASP H 24 -17.30 -4.80 10.62
N PHE H 25 -18.14 -5.77 10.33
CA PHE H 25 -18.38 -6.21 8.96
C PHE H 25 -19.82 -6.63 8.74
N LEU H 26 -20.23 -6.69 7.48
CA LEU H 26 -21.47 -7.28 6.99
C LEU H 26 -21.15 -8.40 6.04
N ILE H 27 -22.11 -9.29 5.84
CA ILE H 27 -22.07 -10.28 4.78
C ILE H 27 -22.87 -9.69 3.63
N LEU H 28 -22.34 -9.71 2.42
CA LEU H 28 -23.10 -9.29 1.26
C LEU H 28 -24.15 -10.36 0.90
N PRO H 29 -25.38 -9.96 0.54
CA PRO H 29 -26.42 -10.90 0.16
C PRO H 29 -26.12 -11.64 -1.15
N GLY H 30 -26.58 -12.88 -1.25
CA GLY H 30 -26.42 -13.73 -2.43
C GLY H 30 -27.68 -13.85 -3.26
N PHE H 31 -27.93 -15.05 -3.78
CA PHE H 31 -29.13 -15.41 -4.54
C PHE H 31 -30.01 -16.37 -3.74
N ILE H 32 -31.30 -16.07 -3.64
CA ILE H 32 -32.27 -16.89 -2.93
C ILE H 32 -33.00 -17.80 -3.90
N ASP H 33 -32.77 -19.10 -3.83
CA ASP H 33 -33.49 -20.10 -4.61
C ASP H 33 -34.32 -21.09 -3.76
N PHE H 34 -34.44 -20.85 -2.44
CA PHE H 34 -35.00 -21.76 -1.46
C PHE H 34 -35.74 -21.04 -0.35
N ILE H 35 -36.58 -21.73 0.41
CA ILE H 35 -37.34 -21.20 1.55
C ILE H 35 -36.48 -21.24 2.82
N ALA H 36 -36.54 -20.22 3.69
CA ALA H 36 -35.72 -20.20 4.90
C ALA H 36 -35.90 -21.43 5.79
N ASP H 37 -37.12 -21.96 5.94
CA ASP H 37 -37.37 -23.17 6.72
C ASP H 37 -36.67 -24.42 6.18
N GLU H 38 -36.30 -24.47 4.89
CA GLU H 38 -35.52 -25.56 4.32
C GLU H 38 -34.00 -25.41 4.55
N VAL H 39 -33.53 -24.34 5.21
CA VAL H 39 -32.11 -24.19 5.57
C VAL H 39 -31.73 -25.18 6.67
N ASP H 40 -30.74 -26.02 6.41
CA ASP H 40 -30.21 -27.00 7.37
C ASP H 40 -29.21 -26.40 8.38
N LEU H 41 -29.58 -26.40 9.67
CA LEU H 41 -28.74 -25.91 10.76
C LEU H 41 -27.92 -27.01 11.48
N THR H 42 -27.80 -28.19 10.88
CA THR H 42 -27.03 -29.31 11.47
C THR H 42 -25.57 -28.94 11.65
N SER H 43 -25.02 -29.18 12.83
CA SER H 43 -23.76 -28.59 13.29
C SER H 43 -22.89 -29.59 14.04
N ALA H 44 -21.61 -29.72 13.70
CA ALA H 44 -20.66 -30.46 14.52
C ALA H 44 -20.30 -29.65 15.78
N LEU H 45 -20.53 -30.23 16.96
CA LEU H 45 -20.07 -29.70 18.23
C LEU H 45 -18.63 -30.14 18.51
N THR H 46 -18.34 -31.39 18.21
CA THR H 46 -17.05 -32.04 18.32
C THR H 46 -16.92 -33.04 17.18
N ARG H 47 -15.75 -33.66 17.00
CA ARG H 47 -15.54 -34.75 16.02
C ARG H 47 -16.70 -35.77 15.91
N LYS H 48 -17.22 -36.25 17.06
CA LYS H 48 -18.27 -37.28 17.16
C LYS H 48 -19.68 -36.82 17.54
N ILE H 49 -19.89 -35.59 18.01
CA ILE H 49 -21.23 -35.08 18.38
C ILE H 49 -21.71 -34.06 17.34
N THR H 50 -22.85 -34.35 16.72
CA THR H 50 -23.55 -33.43 15.82
C THR H 50 -24.89 -33.03 16.42
N LEU H 51 -25.13 -31.74 16.53
CA LEU H 51 -26.38 -31.13 16.97
C LEU H 51 -27.25 -30.81 15.76
N LYS H 52 -28.58 -30.84 15.89
CA LYS H 52 -29.47 -30.37 14.82
C LYS H 52 -29.52 -28.85 14.72
N THR H 53 -28.83 -28.13 15.61
CA THR H 53 -28.84 -26.69 15.71
C THR H 53 -27.50 -26.21 16.26
N PRO H 54 -26.96 -25.04 15.86
CA PRO H 54 -25.62 -24.60 16.22
C PRO H 54 -25.46 -24.10 17.67
N LEU H 55 -26.50 -24.13 18.50
CA LEU H 55 -26.62 -23.25 19.65
C LEU H 55 -26.22 -23.97 20.95
N ILE H 56 -25.39 -23.34 21.74
CA ILE H 56 -24.89 -23.87 23.00
C ILE H 56 -25.14 -22.87 24.12
N SER H 57 -25.63 -23.32 25.28
CA SER H 57 -25.62 -22.49 26.47
C SER H 57 -24.30 -22.63 27.19
N SER H 58 -23.71 -21.48 27.49
CA SER H 58 -22.41 -21.37 28.14
C SER H 58 -22.40 -21.94 29.56
N PRO H 59 -21.31 -22.60 29.98
CA PRO H 59 -21.14 -23.13 31.33
C PRO H 59 -20.91 -22.02 32.35
N MET H 60 -21.96 -21.31 32.71
CA MET H 60 -21.93 -20.26 33.73
C MET H 60 -23.01 -20.49 34.78
N ASP H 61 -22.65 -20.17 36.02
CA ASP H 61 -23.48 -20.17 37.25
C ASP H 61 -24.88 -19.56 37.10
N THR H 62 -24.97 -18.60 36.19
CA THR H 62 -26.13 -17.78 35.91
C THR H 62 -26.73 -18.05 34.53
N VAL H 63 -26.25 -19.07 33.82
CA VAL H 63 -26.80 -19.52 32.53
C VAL H 63 -27.19 -20.99 32.52
N THR H 64 -26.32 -21.92 32.87
CA THR H 64 -26.57 -23.35 32.60
C THR H 64 -26.50 -24.24 33.83
N GLU H 65 -27.65 -24.54 34.41
CA GLU H 65 -27.88 -25.75 35.20
C GLU H 65 -28.82 -26.69 34.43
N ALA H 66 -29.42 -27.71 35.04
CA ALA H 66 -30.14 -28.75 34.32
C ALA H 66 -31.33 -28.24 33.51
N ASP H 67 -32.09 -27.27 33.97
CA ASP H 67 -33.26 -26.76 33.25
C ASP H 67 -32.89 -26.11 31.92
N MET H 68 -31.78 -25.37 31.92
CA MET H 68 -31.21 -24.80 30.71
C MET H 68 -30.68 -25.90 29.81
N ALA H 69 -29.88 -26.83 30.34
CA ALA H 69 -29.33 -27.91 29.53
C ALA H 69 -30.41 -28.80 28.90
N ILE H 70 -31.50 -29.08 29.63
CA ILE H 70 -32.67 -29.77 29.07
C ILE H 70 -33.28 -28.93 27.96
N ALA H 71 -33.60 -27.67 28.20
CA ALA H 71 -34.25 -26.85 27.21
C ALA H 71 -33.39 -26.62 25.95
N MET H 72 -32.07 -26.50 26.10
CA MET H 72 -31.14 -26.42 24.99
C MET H 72 -31.10 -27.73 24.22
N ALA H 73 -30.92 -28.86 24.89
CA ALA H 73 -30.89 -30.14 24.22
C ALA H 73 -32.22 -30.43 23.50
N LEU H 74 -33.37 -30.13 24.10
CA LEU H 74 -34.67 -30.31 23.45
C LEU H 74 -34.83 -29.43 22.21
N MET H 75 -34.36 -28.20 22.24
CA MET H 75 -34.35 -27.31 21.06
C MET H 75 -33.25 -27.66 20.04
N GLY H 76 -32.50 -28.73 20.24
CA GLY H 76 -31.51 -29.22 19.29
C GLY H 76 -30.13 -28.58 19.41
N GLY H 77 -29.91 -27.76 20.43
CA GLY H 77 -28.59 -27.33 20.88
C GLY H 77 -28.05 -28.25 21.95
N ILE H 78 -27.24 -27.73 22.86
CA ILE H 78 -26.74 -28.43 24.06
C ILE H 78 -26.48 -27.41 25.16
N GLY H 79 -26.52 -27.81 26.42
CA GLY H 79 -26.03 -27.01 27.52
C GLY H 79 -24.79 -27.64 28.11
N PHE H 80 -23.79 -26.84 28.42
CA PHE H 80 -22.68 -27.28 29.27
C PHE H 80 -22.97 -26.80 30.68
N ILE H 81 -23.15 -27.71 31.61
CA ILE H 81 -23.45 -27.37 33.00
C ILE H 81 -22.20 -26.77 33.64
N HIS H 82 -22.37 -25.64 34.32
CA HIS H 82 -21.28 -24.93 34.99
C HIS H 82 -20.64 -25.75 36.12
N HIS H 83 -19.46 -25.35 36.56
CA HIS H 83 -18.71 -26.03 37.63
C HIS H 83 -18.45 -25.16 38.88
N ASN H 84 -19.13 -24.02 39.02
CA ASN H 84 -19.11 -23.15 40.19
C ASN H 84 -20.11 -23.65 41.24
N CYS H 85 -19.99 -24.92 41.56
CA CYS H 85 -20.82 -25.73 42.45
C CYS H 85 -19.99 -26.95 42.86
N THR H 86 -20.40 -27.71 43.87
CA THR H 86 -19.68 -28.93 44.25
C THR H 86 -19.72 -29.97 43.10
N PRO H 87 -18.75 -30.89 43.05
CA PRO H 87 -18.77 -32.02 42.12
C PRO H 87 -20.08 -32.79 42.15
N GLU H 88 -20.62 -33.08 43.35
CA GLU H 88 -21.85 -33.85 43.51
C GLU H 88 -23.07 -33.08 43.00
N PHE H 89 -23.14 -31.77 43.25
CA PHE H 89 -24.20 -30.94 42.67
C PHE H 89 -24.14 -30.99 41.15
N GLN H 90 -22.98 -30.75 40.55
CA GLN H 90 -22.84 -30.73 39.10
C GLN H 90 -23.23 -32.05 38.45
N ALA H 91 -22.80 -33.17 39.04
CA ALA H 91 -23.15 -34.50 38.55
C ALA H 91 -24.65 -34.79 38.69
N ASN H 92 -25.31 -34.29 39.74
CA ASN H 92 -26.75 -34.35 39.85
C ASN H 92 -27.48 -33.48 38.81
N GLU H 93 -26.97 -32.29 38.47
CA GLU H 93 -27.53 -31.50 37.37
C GLU H 93 -27.35 -32.22 36.02
N VAL H 94 -26.21 -32.87 35.76
CA VAL H 94 -26.02 -33.74 34.59
C VAL H 94 -27.00 -34.92 34.59
N ARG H 95 -27.16 -35.61 35.72
CA ARG H 95 -28.11 -36.71 35.90
C ARG H 95 -29.53 -36.26 35.57
N LYS H 96 -29.99 -35.09 36.03
CA LYS H 96 -31.30 -34.54 35.65
C LYS H 96 -31.47 -34.36 34.14
N VAL H 97 -30.44 -33.93 33.41
CA VAL H 97 -30.50 -33.86 31.95
C VAL H 97 -30.57 -35.25 31.35
N LYS H 98 -29.66 -36.14 31.75
CA LYS H 98 -29.59 -37.51 31.21
C LYS H 98 -30.84 -38.35 31.52
N LYS H 99 -31.54 -38.09 32.61
CA LYS H 99 -32.81 -38.75 32.97
C LYS H 99 -34.06 -38.09 32.37
N PHE H 100 -34.01 -36.91 31.78
CA PHE H 100 -35.23 -36.20 31.37
C PHE H 100 -36.02 -36.91 30.27
N GLU H 101 -35.37 -37.36 29.20
CA GLU H 101 -35.96 -38.17 28.12
C GLU H 101 -35.22 -39.50 28.09
N GLN H 102 -35.92 -40.60 27.84
CA GLN H 102 -35.34 -41.95 27.90
C GLN H 102 -35.81 -42.84 26.75
N GLY H 103 -34.90 -43.66 26.23
CA GLY H 103 -35.25 -44.85 25.46
C GLY H 103 -35.70 -45.95 26.41
N PHE H 104 -34.93 -47.03 26.53
CA PHE H 104 -35.04 -47.96 27.65
C PHE H 104 -34.57 -47.29 28.93
N ILE H 105 -35.43 -47.21 29.94
CA ILE H 105 -35.00 -46.90 31.30
C ILE H 105 -34.42 -48.20 31.86
N THR H 106 -33.10 -48.31 31.81
CA THR H 106 -32.31 -49.47 32.30
C THR H 106 -32.21 -49.57 33.82
N ASP H 107 -32.67 -48.55 34.53
CA ASP H 107 -32.52 -48.40 35.99
C ASP H 107 -33.63 -47.51 36.58
N PRO H 108 -34.92 -47.87 36.38
CA PRO H 108 -36.05 -47.13 36.91
C PRO H 108 -36.06 -47.12 38.44
N VAL H 109 -36.75 -46.14 39.00
CA VAL H 109 -37.14 -46.16 40.42
C VAL H 109 -38.12 -47.31 40.63
N VAL H 110 -37.74 -48.26 41.48
CA VAL H 110 -38.49 -49.49 41.82
C VAL H 110 -38.78 -49.53 43.31
N LEU H 111 -39.90 -50.17 43.69
CA LEU H 111 -40.26 -50.42 45.08
C LEU H 111 -40.71 -51.88 45.25
N SER H 112 -40.71 -52.36 46.49
CA SER H 112 -41.24 -53.66 46.92
C SER H 112 -42.77 -53.59 47.01
N PRO H 113 -43.52 -54.70 46.78
CA PRO H 113 -44.94 -54.74 47.11
C PRO H 113 -45.20 -54.51 48.61
N SER H 114 -44.17 -54.65 49.45
CA SER H 114 -44.23 -54.32 50.89
C SER H 114 -44.26 -52.82 51.19
N HIS H 115 -43.73 -51.94 50.31
CA HIS H 115 -43.73 -50.47 50.48
C HIS H 115 -45.15 -49.88 50.44
N THR H 116 -45.35 -48.74 51.12
CA THR H 116 -46.63 -48.03 51.20
C THR H 116 -46.81 -46.99 50.08
N VAL H 117 -48.05 -46.51 49.85
CA VAL H 117 -48.33 -45.35 48.97
C VAL H 117 -47.59 -44.08 49.40
N GLY H 118 -47.23 -43.96 50.67
CA GLY H 118 -46.32 -42.92 51.16
C GLY H 118 -44.92 -43.00 50.54
N ASP H 119 -44.40 -44.20 50.22
CA ASP H 119 -43.12 -44.36 49.54
C ASP H 119 -43.21 -44.01 48.05
N VAL H 120 -44.35 -44.29 47.41
CA VAL H 120 -44.65 -43.85 46.05
C VAL H 120 -44.68 -42.31 46.01
N LEU H 121 -45.30 -41.66 47.00
CA LEU H 121 -45.31 -40.20 47.14
C LEU H 121 -43.94 -39.62 47.51
N GLU H 122 -43.12 -40.30 48.30
CA GLU H 122 -41.74 -39.89 48.59
C GLU H 122 -40.91 -39.92 47.29
N ALA H 123 -41.06 -40.98 46.49
CA ALA H 123 -40.45 -41.07 45.17
C ALA H 123 -40.97 -39.97 44.21
N LYS H 124 -42.28 -39.70 44.18
CA LYS H 124 -42.82 -38.58 43.39
C LYS H 124 -42.21 -37.24 43.85
N MET H 125 -42.17 -36.97 45.16
CA MET H 125 -41.60 -35.74 45.69
C MET H 125 -40.11 -35.56 45.32
N ARG H 126 -39.28 -36.59 45.45
CA ARG H 126 -37.84 -36.44 45.22
C ARG H 126 -37.38 -36.67 43.78
N HIS H 127 -38.03 -37.56 43.02
CA HIS H 127 -37.69 -37.91 41.63
C HIS H 127 -38.59 -37.26 40.57
N GLY H 128 -39.73 -36.72 40.96
CA GLY H 128 -40.68 -36.09 40.05
C GLY H 128 -41.66 -37.01 39.32
N PHE H 129 -41.57 -38.33 39.45
CA PHE H 129 -42.49 -39.26 38.78
C PHE H 129 -43.06 -40.33 39.73
N SER H 130 -44.36 -40.60 39.61
CA SER H 130 -45.09 -41.64 40.36
C SER H 130 -45.14 -42.98 39.64
N GLY H 131 -44.77 -43.07 38.35
CA GLY H 131 -44.87 -44.31 37.56
C GLY H 131 -43.77 -45.30 37.93
N ILE H 132 -44.00 -46.15 38.93
CA ILE H 132 -42.97 -46.94 39.62
C ILE H 132 -43.30 -48.44 39.46
N PRO H 133 -42.49 -49.22 38.71
CA PRO H 133 -42.66 -50.67 38.67
C PRO H 133 -42.34 -51.28 40.04
N ILE H 134 -43.11 -52.30 40.40
CA ILE H 134 -43.00 -52.95 41.70
C ILE H 134 -42.43 -54.35 41.48
N THR H 135 -41.32 -54.66 42.15
CA THR H 135 -40.64 -55.95 42.04
C THR H 135 -40.55 -56.63 43.39
N GLU H 136 -40.55 -57.96 43.41
CA GLU H 136 -40.66 -58.75 44.65
C GLU H 136 -39.50 -58.46 45.64
N THR H 137 -38.31 -58.10 45.15
CA THR H 137 -37.16 -57.70 46.00
C THR H 137 -37.17 -56.20 46.36
N GLY H 138 -37.98 -55.38 45.68
CA GLY H 138 -37.92 -53.91 45.75
C GLY H 138 -36.66 -53.29 45.14
N THR H 139 -35.96 -54.03 44.30
CA THR H 139 -34.70 -53.67 43.63
C THR H 139 -34.77 -54.15 42.17
N MET H 140 -33.91 -53.62 41.31
CA MET H 140 -34.16 -53.57 39.87
C MET H 140 -34.34 -54.94 39.21
N GLY H 141 -33.30 -55.79 39.20
CA GLY H 141 -33.27 -57.05 38.46
C GLY H 141 -34.11 -58.20 39.05
N SER H 142 -35.14 -57.88 39.82
CA SER H 142 -36.05 -58.80 40.52
C SER H 142 -37.29 -59.14 39.69
N LYS H 143 -37.98 -60.24 40.03
CA LYS H 143 -39.29 -60.60 39.49
C LYS H 143 -40.30 -59.46 39.64
N LEU H 144 -40.96 -59.09 38.56
CA LEU H 144 -42.00 -58.07 38.50
C LEU H 144 -43.32 -58.56 39.10
N VAL H 145 -43.96 -57.75 39.95
CA VAL H 145 -45.22 -58.13 40.64
C VAL H 145 -46.37 -57.15 40.44
N GLY H 146 -46.10 -55.92 40.01
CA GLY H 146 -47.12 -54.95 39.62
C GLY H 146 -46.50 -53.65 39.16
N ILE H 147 -47.34 -52.67 38.84
CA ILE H 147 -47.00 -51.29 38.46
C ILE H 147 -47.92 -50.35 39.24
N VAL H 148 -47.39 -49.25 39.77
CA VAL H 148 -48.18 -48.19 40.44
C VAL H 148 -47.93 -46.84 39.79
N THR H 149 -48.97 -46.02 39.61
CA THR H 149 -48.89 -44.66 39.05
C THR H 149 -49.81 -43.68 39.77
N SER H 150 -49.75 -42.37 39.45
CA SER H 150 -50.64 -41.35 40.00
C SER H 150 -52.13 -41.69 39.96
N ARG H 151 -52.63 -42.41 38.94
CA ARG H 151 -54.03 -42.89 38.91
C ARG H 151 -54.32 -43.99 39.93
N ASP H 152 -53.37 -44.87 40.20
CA ASP H 152 -53.49 -45.88 41.24
C ASP H 152 -53.44 -45.31 42.67
N ILE H 153 -52.80 -44.16 42.85
CA ILE H 153 -52.73 -43.42 44.13
C ILE H 153 -53.36 -42.02 43.98
N VAL H 168 -53.76 -51.65 45.70
CA VAL H 168 -53.45 -50.39 44.94
C VAL H 168 -52.87 -50.62 43.54
N MET H 169 -51.82 -51.46 43.38
CA MET H 169 -51.14 -51.67 42.08
C MET H 169 -52.10 -52.17 40.98
N THR H 170 -51.70 -51.96 39.72
CA THR H 170 -52.12 -52.86 38.65
C THR H 170 -51.20 -54.10 38.74
N PRO H 171 -51.75 -55.32 38.95
CA PRO H 171 -50.95 -56.52 39.25
C PRO H 171 -50.28 -57.10 38.00
N ARG H 172 -49.21 -57.89 38.16
CA ARG H 172 -48.41 -58.37 37.00
C ARG H 172 -49.19 -59.23 36.00
N ILE H 173 -50.29 -59.83 36.44
CA ILE H 173 -51.23 -60.63 35.64
C ILE H 173 -51.89 -59.78 34.55
N GLU H 174 -52.28 -58.55 34.89
CA GLU H 174 -53.11 -57.68 34.05
C GLU H 174 -52.26 -56.73 33.18
N LEU H 175 -51.00 -56.46 33.54
CA LEU H 175 -50.14 -55.53 32.79
C LEU H 175 -49.62 -56.10 31.46
N VAL H 176 -49.43 -55.20 30.49
CA VAL H 176 -48.84 -55.46 29.18
C VAL H 176 -47.32 -55.41 29.29
N VAL H 177 -46.60 -56.28 28.59
CA VAL H 177 -45.16 -56.48 28.78
C VAL H 177 -44.48 -56.78 27.45
N ALA H 178 -43.16 -56.61 27.39
CA ALA H 178 -42.34 -57.07 26.26
C ALA H 178 -41.12 -57.89 26.75
N PRO H 179 -40.64 -58.86 25.95
CA PRO H 179 -39.51 -59.71 26.34
C PRO H 179 -38.17 -58.95 26.28
N ALA H 180 -37.25 -59.26 27.20
CA ALA H 180 -35.88 -58.81 27.11
C ALA H 180 -35.23 -59.16 25.75
N GLY H 181 -34.37 -58.28 25.23
CA GLY H 181 -33.81 -58.40 23.88
C GLY H 181 -34.70 -57.83 22.75
N VAL H 182 -35.90 -57.36 23.05
CA VAL H 182 -36.69 -56.50 22.15
C VAL H 182 -35.91 -55.23 21.79
N THR H 183 -35.98 -54.75 20.55
CA THR H 183 -35.36 -53.47 20.18
C THR H 183 -36.27 -52.29 20.55
N LEU H 184 -35.72 -51.08 20.76
CA LEU H 184 -36.53 -49.96 21.23
C LEU H 184 -37.72 -49.66 20.30
N LYS H 185 -37.51 -49.70 18.98
CA LYS H 185 -38.55 -49.51 17.95
C LYS H 185 -39.70 -50.53 18.06
N GLU H 186 -39.39 -51.79 18.40
CA GLU H 186 -40.41 -52.83 18.68
C GLU H 186 -41.16 -52.54 19.99
N ALA H 187 -40.44 -52.22 21.07
CA ALA H 187 -41.07 -51.90 22.36
C ALA H 187 -41.94 -50.63 22.27
N ASN H 188 -41.51 -49.62 21.50
CA ASN H 188 -42.33 -48.44 21.18
C ASN H 188 -43.62 -48.84 20.48
N GLU H 189 -43.56 -49.69 19.47
CA GLU H 189 -44.74 -50.19 18.78
C GLU H 189 -45.66 -50.99 19.69
N ILE H 190 -45.11 -51.82 20.60
CA ILE H 190 -45.90 -52.52 21.62
C ILE H 190 -46.64 -51.52 22.52
N LEU H 191 -45.94 -50.52 23.08
CA LEU H 191 -46.53 -49.49 23.94
C LEU H 191 -47.57 -48.63 23.18
N GLN H 192 -47.28 -48.30 21.93
CA GLN H 192 -48.12 -47.48 21.07
C GLN H 192 -49.44 -48.16 20.72
N ARG H 193 -49.43 -49.48 20.47
CA ARG H 193 -50.64 -50.30 20.26
C ARG H 193 -51.36 -50.63 21.57
N SER H 194 -50.60 -50.82 22.66
CA SER H 194 -51.09 -51.16 24.00
C SER H 194 -52.00 -50.08 24.63
N LYS H 195 -51.83 -48.80 24.24
CA LYS H 195 -52.53 -47.61 24.79
C LYS H 195 -52.32 -47.37 26.30
N LYS H 196 -51.35 -48.03 26.93
CA LYS H 196 -50.89 -47.75 28.32
C LYS H 196 -49.75 -46.73 28.35
N GLY H 197 -49.46 -46.20 29.53
CA GLY H 197 -48.44 -45.17 29.76
C GLY H 197 -47.04 -45.71 30.06
N LYS H 198 -46.90 -46.94 30.56
CA LYS H 198 -45.62 -47.63 30.76
C LYS H 198 -45.63 -48.99 30.06
N LEU H 199 -44.46 -49.52 29.73
CA LEU H 199 -44.29 -50.90 29.27
C LEU H 199 -43.02 -51.48 29.90
N PRO H 200 -43.13 -52.36 30.90
CA PRO H 200 -42.00 -53.10 31.44
C PRO H 200 -41.42 -54.07 30.40
N ILE H 201 -40.10 -54.27 30.51
CA ILE H 201 -39.34 -55.22 29.71
C ILE H 201 -38.83 -56.30 30.65
N VAL H 202 -39.19 -57.56 30.40
CA VAL H 202 -38.96 -58.66 31.34
C VAL H 202 -38.24 -59.84 30.70
N ASN H 203 -37.31 -60.45 31.43
CA ASN H 203 -36.59 -61.65 30.99
C ASN H 203 -37.43 -62.94 31.17
N ASP H 204 -36.82 -64.10 30.91
CA ASP H 204 -37.51 -65.41 30.95
C ASP H 204 -38.08 -65.74 32.34
N CYS H 205 -37.42 -65.27 33.40
CA CYS H 205 -37.84 -65.38 34.80
C CYS H 205 -38.85 -64.29 35.24
N ASP H 206 -39.44 -63.53 34.31
CA ASP H 206 -40.31 -62.38 34.59
C ASP H 206 -39.65 -61.29 35.45
N GLU H 207 -38.33 -61.19 35.41
CA GLU H 207 -37.58 -60.17 36.12
C GLU H 207 -37.40 -58.93 35.25
N LEU H 208 -37.56 -57.77 35.89
CA LEU H 208 -37.53 -56.48 35.22
C LEU H 208 -36.10 -56.13 34.76
N VAL H 209 -35.90 -55.95 33.46
CA VAL H 209 -34.59 -55.53 32.92
C VAL H 209 -34.56 -54.08 32.44
N ALA H 210 -35.71 -53.54 32.03
CA ALA H 210 -35.92 -52.15 31.65
C ALA H 210 -37.41 -51.81 31.72
N ILE H 211 -37.75 -50.53 31.61
CA ILE H 211 -39.12 -50.05 31.38
C ILE H 211 -39.08 -48.90 30.36
N ILE H 212 -40.17 -48.61 29.67
CA ILE H 212 -40.30 -47.45 28.78
C ILE H 212 -41.59 -46.71 29.08
N ALA H 213 -41.67 -45.43 28.71
CA ALA H 213 -42.81 -44.58 29.01
C ALA H 213 -43.36 -43.88 27.76
N ARG H 214 -44.68 -43.75 27.69
CA ARG H 214 -45.40 -43.04 26.63
C ARG H 214 -45.02 -41.56 26.58
N THR H 215 -44.64 -41.00 27.72
CA THR H 215 -44.18 -39.61 27.78
C THR H 215 -42.85 -39.41 27.07
N ASP H 216 -41.97 -40.39 27.00
CA ASP H 216 -40.81 -40.28 26.10
C ASP H 216 -41.20 -40.30 24.63
N LEU H 217 -42.20 -41.09 24.20
CA LEU H 217 -42.71 -40.96 22.83
C LEU H 217 -43.29 -39.57 22.56
N LYS H 218 -44.00 -38.98 23.54
CA LYS H 218 -44.58 -37.64 23.46
C LYS H 218 -43.49 -36.55 23.42
N LYS H 219 -42.43 -36.69 24.20
CA LYS H 219 -41.27 -35.79 24.17
C LYS H 219 -40.58 -35.88 22.81
N ASN H 220 -40.33 -37.08 22.31
CA ASN H 220 -39.87 -37.32 20.96
C ASN H 220 -40.76 -36.60 19.93
N ARG H 221 -42.09 -36.74 20.00
CA ARG H 221 -43.03 -36.11 19.08
C ARG H 221 -42.95 -34.58 19.14
N ASP H 222 -42.95 -34.03 20.35
CA ASP H 222 -43.01 -32.59 20.59
C ASP H 222 -41.68 -31.87 20.36
N TYR H 223 -40.55 -32.58 20.36
CA TYR H 223 -39.20 -32.00 20.18
C TYR H 223 -38.42 -32.68 19.05
N PRO H 224 -38.75 -32.40 17.77
CA PRO H 224 -38.09 -33.03 16.61
C PRO H 224 -36.60 -32.73 16.48
N LEU H 225 -36.15 -31.59 17.00
CA LEU H 225 -34.76 -31.18 16.92
C LEU H 225 -33.90 -31.79 18.02
N ALA H 226 -34.47 -32.49 19.01
CA ALA H 226 -33.75 -32.75 20.25
C ALA H 226 -32.42 -33.47 20.06
N SER H 227 -31.40 -32.96 20.73
CA SER H 227 -30.04 -33.52 20.77
C SER H 227 -29.99 -34.70 21.71
N LYS H 228 -29.92 -35.91 21.16
CA LYS H 228 -29.97 -37.17 21.90
C LYS H 228 -28.80 -38.09 21.61
N ASP H 229 -28.40 -38.90 22.59
CA ASP H 229 -27.49 -40.02 22.38
C ASP H 229 -28.21 -41.26 21.79
N SER H 230 -27.46 -42.33 21.57
CA SER H 230 -27.96 -43.63 21.08
C SER H 230 -29.03 -44.25 21.97
N GLN H 231 -28.93 -44.08 23.30
CA GLN H 231 -29.95 -44.46 24.29
C GLN H 231 -31.17 -43.52 24.34
N LYS H 232 -31.27 -42.56 23.41
CA LYS H 232 -32.34 -41.55 23.33
C LYS H 232 -32.42 -40.61 24.54
N GLN H 233 -31.37 -40.52 25.34
CA GLN H 233 -31.27 -39.55 26.41
C GLN H 233 -30.78 -38.23 25.85
N LEU H 234 -31.16 -37.10 26.45
CA LEU H 234 -30.63 -35.80 26.04
C LEU H 234 -29.12 -35.78 26.20
N LEU H 235 -28.42 -35.17 25.25
CA LEU H 235 -27.00 -34.87 25.39
C LEU H 235 -26.79 -33.80 26.46
N CYS H 236 -25.77 -33.97 27.28
CA CYS H 236 -25.37 -32.98 28.26
C CYS H 236 -23.87 -32.76 28.15
N GLY H 237 -23.49 -31.49 28.19
CA GLY H 237 -22.11 -31.10 28.44
C GLY H 237 -21.87 -30.78 29.89
N ALA H 238 -20.63 -30.77 30.35
CA ALA H 238 -20.25 -30.16 31.61
C ALA H 238 -18.89 -29.48 31.51
N ALA H 239 -18.72 -28.38 32.21
CA ALA H 239 -17.40 -27.79 32.42
C ALA H 239 -16.62 -28.51 33.51
N VAL H 240 -15.30 -28.55 33.39
CA VAL H 240 -14.40 -28.85 34.50
C VAL H 240 -13.20 -27.91 34.40
N GLY H 241 -12.56 -27.62 35.53
CA GLY H 241 -11.27 -26.95 35.54
C GLY H 241 -10.13 -27.90 35.15
N THR H 242 -8.89 -27.48 35.35
CA THR H 242 -7.70 -28.30 35.04
C THR H 242 -6.82 -28.59 36.25
N ARG H 243 -7.39 -28.47 37.46
CA ARG H 243 -6.74 -28.78 38.74
C ARG H 243 -6.67 -30.30 38.97
N GLU H 244 -6.00 -30.74 40.02
CA GLU H 244 -6.17 -32.11 40.50
C GLU H 244 -7.57 -32.38 41.04
N ASP H 245 -8.19 -31.42 41.72
CA ASP H 245 -9.56 -31.53 42.25
C ASP H 245 -10.59 -31.88 41.15
N ASP H 246 -10.33 -31.42 39.91
CA ASP H 246 -11.19 -31.64 38.77
C ASP H 246 -11.21 -33.09 38.29
N LYS H 247 -10.24 -33.92 38.62
CA LYS H 247 -10.28 -35.37 38.30
C LYS H 247 -11.39 -36.10 39.06
N TYR H 248 -11.63 -35.73 40.32
CA TYR H 248 -12.77 -36.26 41.06
C TYR H 248 -14.11 -35.78 40.47
N ARG H 249 -14.24 -34.48 40.17
CA ARG H 249 -15.40 -33.91 39.47
C ARG H 249 -15.69 -34.64 38.16
N LEU H 250 -14.70 -34.80 37.31
CA LEU H 250 -14.80 -35.54 36.06
C LEU H 250 -15.27 -36.99 36.26
N ASP H 251 -14.82 -37.66 37.30
CA ASP H 251 -15.28 -39.02 37.62
C ASP H 251 -16.78 -39.06 37.99
N LEU H 252 -17.24 -38.11 38.79
CA LEU H 252 -18.68 -37.99 39.04
C LEU H 252 -19.46 -37.64 37.76
N LEU H 253 -18.98 -36.72 36.92
CA LEU H 253 -19.69 -36.34 35.70
C LEU H 253 -19.77 -37.50 34.70
N THR H 254 -18.73 -38.31 34.59
CA THR H 254 -18.72 -39.50 33.72
C THR H 254 -19.56 -40.64 34.28
N GLN H 255 -19.66 -40.82 35.60
CA GLN H 255 -20.64 -41.72 36.21
C GLN H 255 -22.07 -41.24 35.97
N ALA H 256 -22.31 -39.92 36.04
CA ALA H 256 -23.61 -39.31 35.73
C ALA H 256 -24.01 -39.41 34.25
N GLY H 257 -23.08 -39.79 33.37
CA GLY H 257 -23.31 -40.06 31.95
C GLY H 257 -23.14 -38.84 31.05
N VAL H 258 -22.33 -37.85 31.43
CA VAL H 258 -22.04 -36.68 30.57
C VAL H 258 -21.42 -37.11 29.25
N ASP H 259 -21.81 -36.47 28.16
CA ASP H 259 -21.39 -36.81 26.80
C ASP H 259 -20.15 -36.06 26.36
N VAL H 260 -20.00 -34.80 26.80
CA VAL H 260 -18.91 -33.92 26.42
C VAL H 260 -18.45 -33.06 27.57
N ILE H 261 -17.15 -32.91 27.70
CA ILE H 261 -16.51 -32.05 28.69
C ILE H 261 -15.95 -30.83 28.00
N VAL H 262 -16.15 -29.65 28.56
CA VAL H 262 -15.39 -28.48 28.20
C VAL H 262 -14.41 -28.14 29.31
N LEU H 263 -13.15 -27.97 28.94
CA LEU H 263 -12.14 -27.50 29.89
C LEU H 263 -12.27 -25.98 30.03
N ASP H 264 -12.61 -25.51 31.21
CA ASP H 264 -12.96 -24.12 31.46
C ASP H 264 -11.74 -23.29 31.86
N SER H 265 -11.26 -22.48 30.93
CA SER H 265 -10.14 -21.55 31.11
C SER H 265 -10.31 -20.36 30.19
N SER H 266 -9.82 -19.18 30.59
CA SER H 266 -9.74 -18.04 29.69
C SER H 266 -8.57 -18.14 28.71
N GLN H 267 -7.57 -18.96 28.99
CA GLN H 267 -6.37 -19.14 28.18
C GLN H 267 -5.99 -20.62 28.23
N GLY H 268 -6.58 -21.39 27.31
CA GLY H 268 -6.47 -22.85 27.26
C GLY H 268 -5.13 -23.41 26.80
N ASN H 269 -4.23 -22.60 26.25
CA ASN H 269 -2.90 -23.02 25.83
C ASN H 269 -1.92 -23.09 27.00
N SER H 270 -2.10 -24.09 27.84
CA SER H 270 -1.31 -24.28 29.05
C SER H 270 -0.90 -25.73 29.22
N VAL H 271 0.22 -25.95 29.89
CA VAL H 271 0.67 -27.28 30.31
C VAL H 271 -0.41 -27.99 31.14
N TYR H 272 -1.11 -27.26 32.02
CA TYR H 272 -2.17 -27.81 32.89
C TYR H 272 -3.35 -28.33 32.07
N GLN H 273 -3.77 -27.57 31.06
CA GLN H 273 -4.84 -28.01 30.20
C GLN H 273 -4.44 -29.14 29.27
N ILE H 274 -3.25 -29.08 28.67
CA ILE H 274 -2.78 -30.16 27.80
C ILE H 274 -2.67 -31.46 28.59
N ALA H 275 -2.11 -31.41 29.80
CA ALA H 275 -2.07 -32.53 30.73
C ALA H 275 -3.48 -33.02 31.09
N MET H 276 -4.46 -32.14 31.30
CA MET H 276 -5.82 -32.56 31.55
C MET H 276 -6.45 -33.26 30.35
N VAL H 277 -6.32 -32.73 29.14
CA VAL H 277 -6.80 -33.42 27.92
C VAL H 277 -6.18 -34.81 27.80
N HIS H 278 -4.85 -34.93 27.95
CA HIS H 278 -4.19 -36.23 27.94
C HIS H 278 -4.76 -37.19 28.98
N TYR H 279 -4.98 -36.74 30.23
CA TYR H 279 -5.60 -37.57 31.26
C TYR H 279 -7.01 -38.03 30.88
N ILE H 280 -7.86 -37.12 30.41
CA ILE H 280 -9.24 -37.47 30.03
C ILE H 280 -9.22 -38.48 28.90
N LYS H 281 -8.43 -38.28 27.85
CA LYS H 281 -8.36 -39.17 26.70
C LYS H 281 -7.78 -40.55 27.03
N GLN H 282 -6.96 -40.69 28.07
CA GLN H 282 -6.53 -41.98 28.57
C GLN H 282 -7.64 -42.66 29.37
N LYS H 283 -8.16 -42.00 30.42
CA LYS H 283 -9.08 -42.64 31.37
C LYS H 283 -10.49 -42.82 30.81
N TYR H 284 -10.99 -41.85 30.06
CA TYR H 284 -12.37 -41.79 29.56
C TYR H 284 -12.36 -41.68 28.03
N PRO H 285 -11.82 -42.64 27.27
CA PRO H 285 -11.56 -42.49 25.84
C PRO H 285 -12.81 -42.25 25.00
N HIS H 286 -13.98 -42.66 25.47
CA HIS H 286 -15.29 -42.41 24.85
C HIS H 286 -15.77 -40.96 24.94
N LEU H 287 -15.22 -40.20 25.88
CA LEU H 287 -15.69 -38.88 26.25
C LEU H 287 -15.16 -37.80 25.30
N GLN H 288 -16.04 -36.96 24.79
CA GLN H 288 -15.64 -35.87 23.93
C GLN H 288 -15.07 -34.72 24.76
N VAL H 289 -13.94 -34.14 24.38
CA VAL H 289 -13.28 -33.05 25.11
C VAL H 289 -13.21 -31.82 24.24
N ILE H 290 -13.70 -30.71 24.74
CA ILE H 290 -13.58 -29.41 24.12
C ILE H 290 -12.50 -28.65 24.85
N GLY H 291 -11.49 -28.26 24.10
CA GLY H 291 -10.39 -27.44 24.56
C GLY H 291 -10.83 -26.03 24.88
N GLY H 292 -10.37 -25.55 26.03
CA GLY H 292 -10.64 -24.25 26.61
C GLY H 292 -10.06 -23.13 25.79
N ASN H 293 -10.35 -21.90 26.20
CA ASN H 293 -10.41 -20.85 25.21
C ASN H 293 -9.09 -20.55 24.50
N VAL H 294 -9.14 -20.47 23.18
CA VAL H 294 -8.02 -20.09 22.33
C VAL H 294 -8.48 -19.00 21.38
N VAL H 295 -7.56 -18.21 20.84
CA VAL H 295 -7.82 -17.18 19.85
C VAL H 295 -6.81 -17.18 18.72
N THR H 296 -5.79 -18.02 18.78
CA THR H 296 -4.74 -18.13 17.76
C THR H 296 -4.61 -19.58 17.29
N ALA H 297 -4.15 -19.77 16.06
CA ALA H 297 -3.84 -21.09 15.55
C ALA H 297 -2.72 -21.76 16.36
N ALA H 298 -1.72 -21.01 16.84
CA ALA H 298 -0.66 -21.55 17.69
C ALA H 298 -1.19 -22.21 18.97
N GLN H 299 -2.16 -21.60 19.64
CA GLN H 299 -2.83 -22.18 20.79
C GLN H 299 -3.67 -23.38 20.39
N ALA H 300 -4.41 -23.29 19.28
CA ALA H 300 -5.24 -24.36 18.78
C ALA H 300 -4.41 -25.61 18.48
N LYS H 301 -3.22 -25.47 17.86
CA LYS H 301 -2.30 -26.57 17.55
C LYS H 301 -1.99 -27.42 18.77
N ASN H 302 -1.56 -26.83 19.87
CA ASN H 302 -1.23 -27.58 21.07
C ASN H 302 -2.38 -28.40 21.64
N LEU H 303 -3.61 -27.88 21.59
CA LEU H 303 -4.78 -28.59 22.06
C LEU H 303 -5.24 -29.67 21.06
N ILE H 304 -5.12 -29.44 19.76
CA ILE H 304 -5.40 -30.46 18.75
C ILE H 304 -4.35 -31.58 18.84
N ASP H 305 -3.08 -31.25 19.06
CA ASP H 305 -2.01 -32.19 19.40
C ASP H 305 -2.29 -32.97 20.69
N ALA H 306 -2.81 -32.31 21.73
CA ALA H 306 -3.22 -32.96 22.98
C ALA H 306 -4.40 -33.92 22.79
N GLY H 307 -5.17 -33.76 21.71
CA GLY H 307 -6.25 -34.64 21.30
C GLY H 307 -7.65 -34.09 21.55
N VAL H 308 -7.87 -32.78 21.67
CA VAL H 308 -9.23 -32.25 21.80
C VAL H 308 -10.11 -32.57 20.59
N ASP H 309 -11.39 -32.76 20.85
CA ASP H 309 -12.41 -33.04 19.87
C ASP H 309 -13.18 -31.82 19.39
N GLY H 310 -12.97 -30.67 20.03
CA GLY H 310 -13.51 -29.36 19.68
C GLY H 310 -12.71 -28.27 20.38
N LEU H 311 -12.89 -27.02 19.99
CA LEU H 311 -12.24 -25.86 20.64
C LEU H 311 -13.24 -24.77 20.94
N ARG H 312 -13.13 -24.10 22.07
CA ARG H 312 -13.78 -22.81 22.31
C ARG H 312 -12.88 -21.67 21.91
N VAL H 313 -13.46 -20.75 21.19
CA VAL H 313 -12.76 -19.60 20.65
C VAL H 313 -13.37 -18.35 21.25
N GLY H 314 -12.53 -17.52 21.81
CA GLY H 314 -12.93 -16.25 22.40
C GLY H 314 -12.10 -15.92 23.61
N MET H 315 -11.61 -14.69 23.71
CA MET H 315 -10.89 -14.24 24.88
C MET H 315 -11.08 -12.76 25.04
N GLY H 316 -11.75 -12.35 26.11
CA GLY H 316 -12.04 -10.96 26.39
C GLY H 316 -13.39 -10.50 25.86
N CYS H 317 -13.81 -10.99 24.70
CA CYS H 317 -15.20 -10.96 24.30
C CYS H 317 -16.03 -11.74 25.33
N GLY H 318 -17.31 -11.41 25.41
CA GLY H 318 -18.17 -11.93 26.46
C GLY H 318 -18.72 -10.77 27.25
N SER H 319 -20.04 -10.63 27.33
CA SER H 319 -20.72 -9.49 27.95
C SER H 319 -20.18 -9.11 29.32
N ILE H 320 -19.94 -10.09 30.19
CA ILE H 320 -19.50 -9.92 31.59
C ILE H 320 -17.97 -9.91 31.75
N CYS H 321 -17.22 -10.09 30.68
CA CYS H 321 -15.79 -10.32 30.75
C CYS H 321 -15.01 -8.99 30.82
N ILE H 322 -13.91 -8.98 31.59
CA ILE H 322 -12.93 -7.88 31.66
C ILE H 322 -11.47 -8.37 31.64
N THR H 323 -11.19 -9.54 31.07
CA THR H 323 -9.79 -10.06 31.02
C THR H 323 -8.87 -9.15 30.21
N GLN H 324 -9.33 -8.51 29.13
CA GLN H 324 -8.50 -7.61 28.32
C GLN H 324 -8.07 -6.35 29.07
N GLU H 325 -8.75 -6.02 30.17
CA GLU H 325 -8.45 -4.83 30.99
C GLU H 325 -7.85 -5.18 32.35
N VAL H 326 -7.86 -6.43 32.79
CA VAL H 326 -7.14 -6.86 34.00
C VAL H 326 -5.83 -7.54 33.62
N MET H 327 -5.91 -8.60 32.82
CA MET H 327 -4.81 -8.99 31.96
C MET H 327 -4.80 -8.04 30.73
N ALA H 328 -3.86 -8.14 29.79
CA ALA H 328 -3.91 -7.41 28.51
C ALA H 328 -4.28 -8.29 27.30
N CYS H 329 -4.55 -9.57 27.52
CA CYS H 329 -4.73 -10.56 26.47
C CYS H 329 -6.12 -10.67 25.92
N GLY H 330 -6.19 -10.94 24.63
CA GLY H 330 -7.38 -11.38 23.94
C GLY H 330 -7.20 -11.24 22.45
N ARG H 331 -8.31 -11.32 21.72
CA ARG H 331 -8.35 -11.01 20.30
C ARG H 331 -9.77 -10.56 19.94
N PRO H 332 -9.96 -9.63 19.00
CA PRO H 332 -11.28 -9.33 18.45
C PRO H 332 -11.92 -10.61 17.93
N GLN H 333 -13.16 -10.86 18.34
CA GLN H 333 -13.72 -12.21 18.27
C GLN H 333 -13.96 -12.69 16.84
N GLY H 334 -14.38 -11.83 15.90
CA GLY H 334 -14.53 -12.23 14.50
C GLY H 334 -13.20 -12.72 13.92
N THR H 335 -12.12 -11.98 14.12
CA THR H 335 -10.79 -12.44 13.72
C THR H 335 -10.40 -13.76 14.39
N ALA H 336 -10.63 -13.92 15.69
CA ALA H 336 -10.30 -15.16 16.39
C ALA H 336 -11.08 -16.37 15.81
N VAL H 337 -12.39 -16.22 15.62
CA VAL H 337 -13.22 -17.27 15.03
C VAL H 337 -12.71 -17.65 13.66
N TYR H 338 -12.50 -16.68 12.76
CA TYR H 338 -11.99 -16.99 11.45
C TYR H 338 -10.60 -17.64 11.48
N LYS H 339 -9.62 -17.08 12.21
CA LYS H 339 -8.25 -17.61 12.25
C LYS H 339 -8.17 -19.02 12.79
N VAL H 340 -8.85 -19.27 13.91
CA VAL H 340 -8.82 -20.57 14.56
C VAL H 340 -9.60 -21.59 13.75
N ALA H 341 -10.79 -21.25 13.25
CA ALA H 341 -11.58 -22.17 12.45
C ALA H 341 -10.90 -22.54 11.14
N GLU H 342 -10.22 -21.61 10.48
CA GLU H 342 -9.52 -21.88 9.23
C GLU H 342 -8.32 -22.82 9.45
N TYR H 343 -7.68 -22.74 10.62
CA TYR H 343 -6.68 -23.71 11.04
C TYR H 343 -7.28 -25.06 11.47
N ALA H 344 -8.21 -25.07 12.42
CA ALA H 344 -8.81 -26.26 12.99
C ALA H 344 -9.56 -27.16 11.98
N ARG H 345 -10.09 -26.60 10.90
CA ARG H 345 -10.78 -27.38 9.85
C ARG H 345 -9.87 -28.35 9.11
N ARG H 346 -8.57 -28.05 9.05
CA ARG H 346 -7.52 -28.90 8.47
C ARG H 346 -7.35 -30.22 9.23
N PHE H 347 -7.75 -30.22 10.50
CA PHE H 347 -7.68 -31.35 11.42
C PHE H 347 -9.05 -31.97 11.71
N GLY H 348 -10.10 -31.45 11.08
CA GLY H 348 -11.49 -31.86 11.29
C GLY H 348 -12.06 -31.52 12.66
N VAL H 349 -11.57 -30.45 13.29
CA VAL H 349 -11.90 -30.07 14.67
C VAL H 349 -12.92 -28.93 14.64
N PRO H 350 -14.16 -29.12 15.16
CA PRO H 350 -15.17 -28.06 15.19
C PRO H 350 -14.82 -26.95 16.17
N ILE H 351 -15.23 -25.75 15.81
CA ILE H 351 -15.03 -24.53 16.59
C ILE H 351 -16.34 -24.09 17.19
N ILE H 352 -16.30 -23.75 18.47
CA ILE H 352 -17.34 -23.01 19.13
C ILE H 352 -16.89 -21.56 19.19
N ALA H 353 -17.69 -20.66 18.64
CA ALA H 353 -17.51 -19.23 18.87
C ALA H 353 -18.17 -18.88 20.20
N ASP H 354 -17.39 -18.46 21.18
CA ASP H 354 -17.83 -18.31 22.55
C ASP H 354 -17.75 -16.85 23.01
N GLY H 355 -18.90 -16.26 23.34
CA GLY H 355 -19.00 -14.96 23.97
C GLY H 355 -18.93 -13.79 23.01
N GLY H 356 -19.64 -12.71 23.34
CA GLY H 356 -19.85 -11.55 22.47
C GLY H 356 -20.99 -11.70 21.46
N ILE H 357 -21.84 -12.72 21.60
CA ILE H 357 -23.02 -12.93 20.76
C ILE H 357 -24.19 -12.14 21.37
N GLN H 358 -24.43 -10.93 20.89
CA GLN H 358 -25.51 -10.06 21.39
C GLN H 358 -26.82 -10.19 20.59
N THR H 359 -26.74 -10.66 19.35
CA THR H 359 -27.82 -10.62 18.36
C THR H 359 -27.75 -11.86 17.47
N VAL H 360 -28.83 -12.20 16.78
CA VAL H 360 -28.84 -13.33 15.83
C VAL H 360 -27.93 -13.12 14.63
N GLY H 361 -27.75 -11.87 14.19
CA GLY H 361 -26.78 -11.49 13.16
C GLY H 361 -25.36 -11.84 13.56
N HIS H 362 -24.99 -11.71 14.83
CA HIS H 362 -23.69 -12.16 15.35
C HIS H 362 -23.55 -13.68 15.33
N VAL H 363 -24.62 -14.44 15.55
CA VAL H 363 -24.62 -15.89 15.37
C VAL H 363 -24.32 -16.23 13.92
N VAL H 364 -25.04 -15.63 12.99
CA VAL H 364 -24.86 -15.89 11.55
C VAL H 364 -23.45 -15.51 11.11
N LYS H 365 -22.92 -14.38 11.57
CA LYS H 365 -21.53 -13.98 11.34
C LYS H 365 -20.54 -14.98 11.90
N ALA H 366 -20.71 -15.41 13.14
CA ALA H 366 -19.85 -16.42 13.76
C ALA H 366 -19.81 -17.70 12.93
N LEU H 367 -20.98 -18.21 12.52
CA LEU H 367 -21.11 -19.40 11.68
C LEU H 367 -20.54 -19.21 10.28
N ALA H 368 -20.78 -18.05 9.67
CA ALA H 368 -20.18 -17.67 8.40
C ALA H 368 -18.66 -17.62 8.45
N LEU H 369 -18.06 -17.09 9.51
CA LEU H 369 -16.62 -17.05 9.74
C LEU H 369 -15.98 -18.40 10.02
N GLY H 370 -16.75 -19.46 10.17
CA GLY H 370 -16.22 -20.81 10.28
C GLY H 370 -16.49 -21.49 11.60
N ALA H 371 -17.16 -20.81 12.55
CA ALA H 371 -17.65 -21.51 13.73
C ALA H 371 -18.63 -22.60 13.33
N SER H 372 -18.50 -23.77 13.94
CA SER H 372 -19.43 -24.88 13.71
C SER H 372 -20.63 -24.72 14.61
N THR H 373 -20.44 -24.21 15.81
CA THR H 373 -21.45 -23.95 16.82
C THR H 373 -21.14 -22.64 17.51
N VAL H 374 -22.11 -22.08 18.21
CA VAL H 374 -22.02 -20.78 18.87
C VAL H 374 -22.50 -20.93 20.30
N MET H 375 -21.71 -20.42 21.22
CA MET H 375 -21.98 -20.48 22.65
C MET H 375 -22.37 -19.10 23.17
N MET H 376 -23.50 -19.05 23.85
CA MET H 376 -24.08 -17.83 24.39
C MET H 376 -24.17 -17.89 25.90
N GLY H 377 -23.80 -16.79 26.52
CA GLY H 377 -24.00 -16.47 27.91
C GLY H 377 -25.16 -15.53 28.10
N SER H 378 -24.89 -14.23 28.02
CA SER H 378 -25.83 -13.13 28.22
C SER H 378 -27.09 -13.23 27.38
N LEU H 379 -27.00 -13.74 26.14
CA LEU H 379 -28.17 -13.88 25.29
C LEU H 379 -29.18 -14.92 25.83
N LEU H 380 -28.76 -15.87 26.66
CA LEU H 380 -29.63 -16.86 27.30
C LEU H 380 -29.85 -16.59 28.79
N ALA H 381 -29.04 -15.75 29.41
CA ALA H 381 -29.31 -15.23 30.74
C ALA H 381 -30.65 -14.47 30.77
N ALA H 382 -31.32 -14.48 31.91
CA ALA H 382 -32.68 -13.92 32.04
C ALA H 382 -33.75 -14.55 31.14
N THR H 383 -33.46 -15.71 30.53
CA THR H 383 -34.53 -16.65 30.21
C THR H 383 -35.00 -17.32 31.49
N THR H 384 -36.16 -17.96 31.40
CA THR H 384 -36.87 -18.65 32.47
C THR H 384 -36.05 -19.82 33.01
N GLU H 385 -35.41 -20.56 32.12
CA GLU H 385 -34.62 -21.75 32.40
C GLU H 385 -33.23 -21.42 32.94
N ALA H 386 -32.77 -20.17 32.87
CA ALA H 386 -31.53 -19.75 33.48
C ALA H 386 -31.61 -19.78 35.03
N PRO H 387 -30.54 -20.16 35.75
CA PRO H 387 -30.54 -20.32 37.20
C PRO H 387 -30.93 -19.08 38.00
N GLY H 388 -31.41 -19.29 39.23
CA GLY H 388 -31.75 -18.21 40.14
C GLY H 388 -33.12 -17.59 39.86
N GLU H 389 -33.31 -16.34 40.28
CA GLU H 389 -34.62 -15.71 40.36
C GLU H 389 -34.62 -14.26 39.85
N TYR H 390 -35.78 -13.84 39.38
CA TYR H 390 -36.00 -12.48 38.91
C TYR H 390 -36.19 -11.52 40.08
N PHE H 391 -35.84 -10.27 39.85
CA PHE H 391 -36.03 -9.15 40.77
C PHE H 391 -36.30 -7.88 39.97
N PHE H 392 -36.83 -6.86 40.62
CA PHE H 392 -37.02 -5.54 40.03
C PHE H 392 -36.05 -4.55 40.69
N SER H 393 -35.16 -3.93 39.89
CA SER H 393 -34.26 -2.86 40.37
C SER H 393 -34.87 -1.49 40.18
N ASP H 394 -35.28 -1.18 38.95
CA ASP H 394 -36.09 0.00 38.59
C ASP H 394 -37.51 -0.48 38.19
N GLY H 395 -38.12 0.07 37.14
CA GLY H 395 -39.32 -0.49 36.52
C GLY H 395 -39.07 -1.71 35.61
N VAL H 396 -37.95 -2.40 35.81
CA VAL H 396 -37.39 -3.42 34.90
C VAL H 396 -37.30 -4.76 35.61
N ARG H 397 -37.83 -5.83 35.02
CA ARG H 397 -37.63 -7.22 35.47
C ARG H 397 -36.27 -7.74 35.02
N LEU H 398 -35.44 -8.12 35.97
CA LEU H 398 -34.04 -8.50 35.78
C LEU H 398 -33.75 -9.86 36.37
N LYS H 399 -32.77 -10.58 35.83
CA LYS H 399 -32.13 -11.75 36.46
C LYS H 399 -30.61 -11.49 36.52
N LYS H 400 -29.94 -12.01 37.55
CA LYS H 400 -28.49 -11.88 37.69
C LYS H 400 -27.75 -12.56 36.53
N TYR H 401 -26.59 -12.05 36.16
CA TYR H 401 -25.69 -12.66 35.18
C TYR H 401 -24.22 -12.36 35.55
N ARG H 402 -23.48 -13.35 36.06
CA ARG H 402 -22.26 -13.13 36.85
C ARG H 402 -20.99 -13.03 36.03
N GLY H 403 -20.68 -14.07 35.28
CA GLY H 403 -19.30 -14.32 34.85
C GLY H 403 -18.52 -15.09 35.91
N MET H 404 -17.84 -16.16 35.50
CA MET H 404 -17.31 -17.18 36.41
C MET H 404 -16.07 -16.76 37.20
N GLY H 405 -15.37 -15.74 36.70
CA GLY H 405 -14.34 -14.99 37.40
C GLY H 405 -14.85 -13.69 38.01
N SER H 406 -16.16 -13.46 38.09
CA SER H 406 -16.69 -12.45 39.01
C SER H 406 -16.35 -12.86 40.45
N LEU H 407 -15.98 -11.93 41.32
CA LEU H 407 -15.54 -12.31 42.66
C LEU H 407 -16.68 -12.84 43.56
N ASP H 408 -17.93 -12.54 43.19
CA ASP H 408 -19.13 -13.12 43.81
C ASP H 408 -19.33 -14.59 43.42
N ALA H 409 -18.99 -14.97 42.17
CA ALA H 409 -18.94 -16.37 41.75
C ALA H 409 -17.75 -17.12 42.37
N MET H 410 -16.61 -16.45 42.54
CA MET H 410 -15.33 -17.11 42.77
C MET H 410 -15.29 -17.87 44.12
N LYS H 426 -5.43 -9.60 46.71
CA LYS H 426 -4.21 -10.25 46.17
C LYS H 426 -4.55 -11.59 45.54
N VAL H 427 -4.89 -12.62 46.34
CA VAL H 427 -4.93 -14.04 45.92
C VAL H 427 -6.11 -14.46 45.02
N LYS H 428 -7.07 -13.56 44.75
CA LYS H 428 -8.21 -13.78 43.84
C LYS H 428 -8.39 -12.59 42.89
N ILE H 429 -7.79 -12.68 41.70
CA ILE H 429 -7.96 -11.69 40.63
C ILE H 429 -9.32 -11.89 39.93
N ALA H 430 -10.18 -10.88 39.98
CA ALA H 430 -11.44 -10.87 39.25
C ALA H 430 -11.22 -10.72 37.73
N GLN H 431 -11.96 -11.53 36.96
CA GLN H 431 -12.01 -11.51 35.49
C GLN H 431 -13.41 -11.21 34.93
N GLY H 432 -14.43 -11.05 35.79
CA GLY H 432 -15.84 -10.86 35.45
C GLY H 432 -16.54 -9.83 36.33
N VAL H 433 -17.83 -9.51 36.13
CA VAL H 433 -18.41 -8.26 36.66
C VAL H 433 -19.82 -8.28 37.26
N SER H 434 -20.49 -9.41 37.48
CA SER H 434 -21.77 -9.43 38.23
C SER H 434 -22.83 -8.46 37.68
N GLY H 435 -23.26 -8.70 36.45
CA GLY H 435 -24.31 -7.93 35.80
C GLY H 435 -25.73 -8.32 36.13
N SER H 436 -26.63 -7.56 35.54
CA SER H 436 -28.06 -7.84 35.45
C SER H 436 -28.49 -7.84 33.98
N ILE H 437 -29.39 -8.76 33.59
CA ILE H 437 -29.96 -8.88 32.25
C ILE H 437 -31.49 -8.87 32.36
N GLN H 438 -32.18 -8.20 31.43
CA GLN H 438 -33.62 -8.04 31.39
C GLN H 438 -34.33 -9.31 30.85
N ASP H 439 -35.50 -9.64 31.40
CA ASP H 439 -36.24 -10.88 31.14
C ASP H 439 -36.49 -11.16 29.64
N LYS H 440 -36.26 -12.40 29.21
CA LYS H 440 -36.40 -12.89 27.83
C LYS H 440 -37.50 -13.93 27.65
N GLY H 441 -38.22 -14.34 28.70
CA GLY H 441 -39.16 -15.46 28.60
C GLY H 441 -38.44 -16.81 28.49
N SER H 442 -38.95 -17.76 27.71
CA SER H 442 -38.50 -19.16 27.71
C SER H 442 -37.57 -19.51 26.56
N ILE H 443 -36.50 -20.28 26.84
CA ILE H 443 -35.66 -20.96 25.84
C ILE H 443 -36.48 -21.70 24.79
N GLN H 444 -37.60 -22.30 25.14
CA GLN H 444 -38.43 -23.04 24.19
C GLN H 444 -39.20 -22.14 23.21
N LYS H 445 -39.22 -20.83 23.42
CA LYS H 445 -39.66 -19.82 22.44
C LYS H 445 -38.50 -19.05 21.83
N PHE H 446 -37.53 -18.65 22.66
CA PHE H 446 -36.38 -17.87 22.25
C PHE H 446 -35.39 -18.62 21.34
N VAL H 447 -35.12 -19.90 21.59
CA VAL H 447 -34.21 -20.66 20.72
C VAL H 447 -34.84 -20.96 19.35
N PRO H 448 -36.14 -21.25 19.23
CA PRO H 448 -36.80 -21.25 17.93
C PRO H 448 -36.80 -19.88 17.21
N TYR H 449 -36.83 -18.77 17.93
CA TYR H 449 -36.54 -17.45 17.34
C TYR H 449 -35.11 -17.32 16.82
N LEU H 450 -34.11 -17.74 17.60
CA LEU H 450 -32.71 -17.78 17.14
C LEU H 450 -32.59 -18.64 15.89
N ILE H 451 -33.13 -19.86 15.89
CA ILE H 451 -33.10 -20.79 14.76
C ILE H 451 -33.70 -20.18 13.52
N ALA H 452 -34.90 -19.61 13.58
CA ALA H 452 -35.51 -19.01 12.42
C ALA H 452 -34.76 -17.73 11.96
N GLY H 453 -34.18 -16.94 12.86
CA GLY H 453 -33.32 -15.82 12.48
C GLY H 453 -32.02 -16.25 11.78
N ILE H 454 -31.40 -17.35 12.22
CA ILE H 454 -30.23 -17.95 11.58
C ILE H 454 -30.57 -18.47 10.20
N GLN H 455 -31.70 -19.17 10.06
CA GLN H 455 -32.19 -19.65 8.77
C GLN H 455 -32.46 -18.50 7.80
N HIS H 456 -33.11 -17.42 8.24
CA HIS H 456 -33.32 -16.25 7.39
C HIS H 456 -32.00 -15.57 7.02
N GLY H 457 -31.04 -15.49 7.94
CA GLY H 457 -29.69 -15.00 7.65
C GLY H 457 -29.00 -15.78 6.56
N CYS H 458 -29.01 -17.10 6.66
CA CYS H 458 -28.49 -17.98 5.62
C CYS H 458 -29.25 -17.83 4.30
N GLN H 459 -30.56 -17.66 4.35
CA GLN H 459 -31.38 -17.44 3.16
C GLN H 459 -30.98 -16.15 2.43
N ASP H 460 -30.86 -15.00 3.11
CA ASP H 460 -30.40 -13.75 2.48
C ASP H 460 -29.02 -13.89 1.85
N ILE H 461 -28.14 -14.66 2.47
CA ILE H 461 -26.84 -15.05 1.96
C ILE H 461 -26.91 -15.99 0.73
N GLY H 462 -27.99 -16.74 0.57
CA GLY H 462 -28.08 -17.80 -0.44
C GLY H 462 -27.44 -19.12 -0.03
N ALA H 463 -27.15 -19.34 1.26
CA ALA H 463 -26.65 -20.63 1.75
C ALA H 463 -27.80 -21.54 2.23
N ARG H 464 -27.96 -22.73 1.61
CA ARG H 464 -28.98 -23.75 1.98
C ARG H 464 -28.73 -24.46 3.31
N SER H 465 -27.54 -24.33 3.86
CA SER H 465 -27.03 -25.13 4.96
C SER H 465 -25.90 -24.36 5.63
N LEU H 466 -25.59 -24.59 6.89
CA LEU H 466 -24.41 -24.04 7.54
C LEU H 466 -23.09 -24.59 6.99
N SER H 467 -23.04 -25.85 6.56
CA SER H 467 -21.84 -26.40 5.92
C SER H 467 -21.63 -25.83 4.52
N VAL H 468 -22.71 -25.58 3.78
CA VAL H 468 -22.71 -24.80 2.53
C VAL H 468 -22.24 -23.37 2.77
N LEU H 469 -22.77 -22.66 3.76
CA LEU H 469 -22.32 -21.33 4.15
C LEU H 469 -20.81 -21.26 4.39
N ARG H 470 -20.27 -22.20 5.18
CA ARG H 470 -18.83 -22.26 5.42
C ARG H 470 -18.02 -22.62 4.19
N SER H 471 -18.48 -23.55 3.36
CA SER H 471 -17.82 -23.84 2.08
C SER H 471 -17.81 -22.63 1.17
N MET H 472 -18.90 -21.85 1.09
CA MET H 472 -18.93 -20.59 0.33
C MET H 472 -17.95 -19.58 0.89
N MET H 473 -17.78 -19.53 2.22
CA MET H 473 -16.80 -18.67 2.85
C MET H 473 -15.36 -19.06 2.52
N TYR H 474 -14.95 -20.32 2.70
CA TYR H 474 -13.59 -20.77 2.40
C TYR H 474 -13.28 -20.72 0.89
N SER H 475 -14.30 -20.93 0.07
CA SER H 475 -14.28 -20.77 -1.39
C SER H 475 -14.02 -19.34 -1.86
N GLY H 476 -14.42 -18.34 -1.06
CA GLY H 476 -14.44 -16.95 -1.46
C GLY H 476 -15.69 -16.54 -2.21
N GLU H 477 -16.67 -17.42 -2.39
CA GLU H 477 -17.97 -17.09 -2.95
C GLU H 477 -18.75 -16.15 -2.03
N LEU H 478 -18.71 -16.41 -0.72
CA LEU H 478 -19.29 -15.54 0.29
C LEU H 478 -18.46 -14.26 0.39
N LYS H 479 -19.11 -13.11 0.30
CA LYS H 479 -18.45 -11.81 0.30
C LYS H 479 -18.84 -11.00 1.51
N PHE H 480 -17.95 -10.15 1.94
CA PHE H 480 -18.05 -9.34 3.12
C PHE H 480 -17.76 -7.89 2.76
N GLU H 481 -18.33 -6.97 3.53
CA GLU H 481 -17.96 -5.57 3.49
C GLU H 481 -17.52 -5.15 4.88
N LYS H 482 -16.46 -4.37 5.02
CA LYS H 482 -16.21 -3.70 6.30
C LYS H 482 -17.26 -2.62 6.53
N ARG H 483 -17.55 -2.33 7.80
CA ARG H 483 -18.38 -1.22 8.25
C ARG H 483 -17.47 -0.21 8.93
N THR H 484 -17.50 1.02 8.46
CA THR H 484 -17.10 2.21 9.25
C THR H 484 -17.94 2.27 10.52
N MET H 485 -17.52 2.97 11.57
CA MET H 485 -18.39 3.13 12.74
C MET H 485 -19.77 3.71 12.36
N SER H 486 -19.80 4.66 11.44
CA SER H 486 -21.05 5.22 10.91
C SER H 486 -21.94 4.22 10.17
N ALA H 487 -21.40 3.17 9.54
CA ALA H 487 -22.20 2.07 9.01
C ALA H 487 -22.79 1.18 10.11
N GLN H 488 -22.13 1.11 11.27
CA GLN H 488 -22.67 0.42 12.45
C GLN H 488 -23.81 1.24 13.05
N ILE H 489 -23.70 2.57 13.09
CA ILE H 489 -24.81 3.48 13.43
C ILE H 489 -25.97 3.35 12.44
N GLU H 490 -25.71 3.35 11.13
CA GLU H 490 -26.73 3.22 10.07
C GLU H 490 -27.44 1.85 10.11
N GLY H 491 -26.72 0.77 10.43
CA GLY H 491 -27.26 -0.58 10.41
C GLY H 491 -28.22 -0.89 11.56
N GLY H 492 -27.95 -0.38 12.76
CA GLY H 492 -28.89 -0.45 13.89
C GLY H 492 -30.08 0.49 13.77
N VAL H 493 -31.05 0.40 14.68
CA VAL H 493 -32.11 1.40 14.79
C VAL H 493 -31.54 2.80 15.08
N HIS H 494 -31.97 3.83 14.36
CA HIS H 494 -31.41 5.19 14.46
C HIS H 494 -32.43 6.26 14.06
N GLY H 495 -32.24 7.52 14.46
CA GLY H 495 -33.09 8.65 14.06
C GLY H 495 -34.53 8.62 14.62
N LEU H 496 -34.81 7.70 15.54
CA LEU H 496 -36.09 7.53 16.25
C LEU H 496 -36.06 8.24 17.60
N HIS H 497 -37.16 8.88 18.00
CA HIS H 497 -37.28 9.44 19.36
C HIS H 497 -37.30 8.34 20.41
N SER H 498 -38.08 7.32 20.14
CA SER H 498 -38.30 6.12 20.97
C SER H 498 -38.62 4.95 20.05
N TYR H 499 -38.49 3.75 20.58
CA TYR H 499 -38.15 2.55 19.82
C TYR H 499 -38.64 1.33 20.61
N GLU H 500 -39.67 0.64 20.11
CA GLU H 500 -40.30 -0.54 20.74
C GLU H 500 -39.81 -1.84 20.09
N LYS H 501 -38.62 -2.33 20.46
CA LYS H 501 -38.12 -3.61 19.93
C LYS H 501 -39.04 -4.77 20.33
N ARG H 502 -39.48 -5.54 19.34
CA ARG H 502 -40.29 -6.75 19.50
C ARG H 502 -39.76 -7.83 18.57
N LEU H 503 -38.61 -8.39 18.93
CA LEU H 503 -38.19 -9.68 18.38
C LEU H 503 -39.19 -10.74 18.91
N TYR H 504 -39.68 -11.63 18.02
CA TYR H 504 -40.54 -12.80 18.30
C TYR H 504 -41.88 -12.62 19.06
#